data_5H7D
#
_entry.id   5H7D
#
_cell.length_a   79.489
_cell.length_b   155.376
_cell.length_c   155.491
_cell.angle_alpha   84.84
_cell.angle_beta   89.68
_cell.angle_gamma   89.56
#
_symmetry.space_group_name_H-M   'P 1'
#
loop_
_entity.id
_entity.type
_entity.pdbx_description
1 polymer 'Putrescine aminotransferase,Immunoglobulin G-binding protein A'
2 polymer Zpa963,Calmodulin
3 non-polymer 'CALCIUM ION'
#
loop_
_entity_poly.entity_id
_entity_poly.type
_entity_poly.pdbx_seq_one_letter_code
_entity_poly.pdbx_strand_id
1 'polypeptide(L)'
;GSHMSASALACSAHALNLIEKRTLDHEEMKALNREVIEYFKEHVNPGFLEYRKSVTAGGDYGAVEWQAGSLNTLVDTQGQ
EFIDCLGGFGIFNVGHRNPVVVSAVQNQLAKQPLHSQELLDPLRAMLAKTLAALTPGKLKYSFFCNSGTESVEAALKLAK
AYQSPRGKFTFIATSGAFHGKSLGALSATAKSTFRKPFMPLLPGFRHVPFGNIEAMRTALNECKKTGDDVAAVILEPIQG
EGGVILPPPGYLTAVRKLCDEFGALMILDEVQTGMGRTGKMFACEHENVQPDILCLAKALGGGVMPIGATIATEEVFSVL
FDNPFLHTTTFGGNPLACAAALATINVLLEQNLPAQAEQKGDMLLDGFRQLAREYPDLVQEARGKGMLMAIEFVDNEIGY
NFASEMFRQRVLVAGTLNNAKTIRIEPPLTLTIEQCELVIKAARKALAAMRQQVAFYEILHLPNLNEEQRNAFIQSLKDD
PSQSANLLAEAKKLNDAQA
;
A,B,C,D,I,J,M,N
2 'polypeptide(L)'
;GSHMKFNKETQEASWEIFTLPNLNGRQVAAFISSLLDDPSQSANLLAEAKKLNQIQAFKEAFSLFDKDGDGTITTKELGT
VMRSLGQNPTEAELQDMINEVDADGNGTIDFPEFLTMMAR
;
E,F,G,H,K,L,O,P
#
# COMPACT_ATOMS: atom_id res chain seq x y z
N SER A 5 -11.66 -31.27 5.74
CA SER A 5 -11.04 -32.40 6.47
C SER A 5 -9.77 -31.91 7.13
N ALA A 6 -8.68 -31.84 6.36
CA ALA A 6 -7.48 -31.08 6.80
C ALA A 6 -7.17 -30.03 5.75
N SER A 7 -6.48 -28.98 6.19
CA SER A 7 -6.05 -27.90 5.31
C SER A 7 -4.83 -28.35 4.50
N ALA A 8 -4.59 -27.64 3.40
CA ALA A 8 -3.42 -27.88 2.58
C ALA A 8 -2.13 -27.71 3.38
N LEU A 9 -2.11 -26.75 4.30
CA LEU A 9 -0.95 -26.51 5.14
C LEU A 9 -0.61 -27.73 6.00
N ALA A 10 -1.62 -28.30 6.63
CA ALA A 10 -1.42 -29.52 7.44
C ALA A 10 -0.88 -30.66 6.58
N CYS A 11 -1.49 -30.87 5.42
CA CYS A 11 -1.05 -31.94 4.52
C CYS A 11 0.42 -31.75 4.12
N SER A 12 0.77 -30.55 3.67
CA SER A 12 2.14 -30.24 3.30
C SER A 12 3.11 -30.48 4.48
N ALA A 13 2.73 -30.01 5.66
CA ALA A 13 3.58 -30.16 6.84
C ALA A 13 3.83 -31.63 7.15
N HIS A 14 2.77 -32.44 7.13
CA HIS A 14 2.91 -33.88 7.31
C HIS A 14 3.86 -34.47 6.25
N ALA A 15 3.68 -34.05 5.01
CA ALA A 15 4.53 -34.57 3.92
C ALA A 15 6.00 -34.23 4.13
N LEU A 16 6.29 -33.02 4.60
CA LEU A 16 7.67 -32.63 4.85
C LEU A 16 8.24 -33.37 6.05
N ASN A 17 7.44 -33.57 7.08
CA ASN A 17 7.84 -34.41 8.21
C ASN A 17 8.23 -35.80 7.73
N LEU A 18 7.52 -36.31 6.73
CA LEU A 18 7.81 -37.63 6.22
C LEU A 18 8.98 -37.64 5.24
N ILE A 19 9.21 -36.53 4.55
CA ILE A 19 10.41 -36.37 3.73
C ILE A 19 11.68 -36.35 4.60
N GLU A 20 11.59 -35.74 5.77
CA GLU A 20 12.76 -35.65 6.65
C GLU A 20 13.08 -36.97 7.36
N LYS A 21 12.12 -37.88 7.45
CA LYS A 21 12.39 -39.17 8.08
C LYS A 21 13.24 -40.06 7.15
N ARG A 22 14.13 -40.84 7.76
CA ARG A 22 14.98 -41.77 7.05
C ARG A 22 14.55 -43.23 7.17
N THR A 23 13.94 -43.58 8.29
CA THR A 23 13.38 -44.91 8.50
C THR A 23 12.01 -44.76 9.15
N LEU A 24 11.23 -45.83 9.08
CA LEU A 24 9.88 -45.85 9.63
C LEU A 24 9.71 -46.99 10.60
N ASP A 25 9.14 -46.69 11.76
CA ASP A 25 8.72 -47.77 12.63
C ASP A 25 7.57 -48.52 12.01
N HIS A 26 7.20 -49.66 12.59
CA HIS A 26 6.20 -50.54 11.99
C HIS A 26 4.80 -49.86 11.88
N GLU A 27 4.39 -49.15 12.93
CA GLU A 27 3.08 -48.55 12.92
C GLU A 27 3.10 -47.28 12.07
N GLU A 28 4.23 -46.58 12.02
CA GLU A 28 4.34 -45.45 11.08
C GLU A 28 4.26 -45.97 9.63
N MET A 29 4.90 -47.13 9.38
CA MET A 29 4.85 -47.74 8.06
C MET A 29 3.44 -48.17 7.66
N LYS A 30 2.75 -48.82 8.57
CA LYS A 30 1.37 -49.27 8.30
C LYS A 30 0.45 -48.07 8.01
N ALA A 31 0.59 -47.02 8.84
CA ALA A 31 -0.21 -45.81 8.60
C ALA A 31 0.14 -45.16 7.25
N LEU A 32 1.42 -45.13 6.91
CA LEU A 32 1.83 -44.48 5.65
C LEU A 32 1.37 -45.29 4.44
N ASN A 33 1.53 -46.61 4.48
CA ASN A 33 1.04 -47.44 3.38
C ASN A 33 -0.46 -47.32 3.21
N ARG A 34 -1.21 -47.34 4.33
CA ARG A 34 -2.65 -47.14 4.27
C ARG A 34 -2.99 -45.78 3.66
N GLU A 35 -2.26 -44.75 4.08
CA GLU A 35 -2.45 -43.40 3.54
C GLU A 35 -2.22 -43.38 2.02
N VAL A 36 -1.11 -43.95 1.57
CA VAL A 36 -0.74 -43.86 0.16
C VAL A 36 -1.72 -44.67 -0.71
N ILE A 37 -2.21 -45.79 -0.19
CA ILE A 37 -3.23 -46.54 -0.92
C ILE A 37 -4.51 -45.71 -1.03
N GLU A 38 -4.91 -45.06 0.07
CA GLU A 38 -6.10 -44.22 0.04
C GLU A 38 -5.97 -43.08 -0.96
N TYR A 39 -4.86 -42.34 -0.88
CA TYR A 39 -4.66 -41.16 -1.75
C TYR A 39 -4.44 -41.55 -3.21
N PHE A 40 -3.88 -42.73 -3.45
CA PHE A 40 -3.85 -43.26 -4.81
C PHE A 40 -5.26 -43.55 -5.31
N LYS A 41 -6.10 -44.10 -4.43
CA LYS A 41 -7.48 -44.41 -4.77
C LYS A 41 -8.30 -43.14 -5.09
N GLU A 42 -8.08 -42.07 -4.34
CA GLU A 42 -8.95 -40.91 -4.36
C GLU A 42 -8.36 -39.66 -5.04
N HIS A 43 -7.07 -39.67 -5.39
CA HIS A 43 -6.43 -38.47 -5.91
C HIS A 43 -5.43 -38.71 -7.03
N VAL A 44 -5.00 -39.96 -7.25
CA VAL A 44 -4.03 -40.25 -8.30
C VAL A 44 -4.73 -41.04 -9.41
N ASN A 45 -4.92 -42.34 -9.17
CA ASN A 45 -5.64 -43.23 -10.08
C ASN A 45 -5.87 -44.58 -9.40
N PRO A 46 -7.13 -45.00 -9.21
CA PRO A 46 -7.39 -46.33 -8.66
C PRO A 46 -7.01 -47.49 -9.62
N GLY A 47 -7.01 -47.17 -10.91
CA GLY A 47 -6.59 -48.16 -11.90
C GLY A 47 -5.20 -48.71 -11.65
N PHE A 48 -4.28 -47.86 -11.19
CA PHE A 48 -2.94 -48.33 -10.86
C PHE A 48 -2.98 -49.42 -9.79
N LEU A 49 -3.84 -49.24 -8.79
CA LEU A 49 -3.98 -50.27 -7.77
C LEU A 49 -4.40 -51.59 -8.40
N GLU A 50 -5.34 -51.53 -9.33
CA GLU A 50 -5.75 -52.79 -9.98
C GLU A 50 -4.63 -53.40 -10.82
N TYR A 51 -3.86 -52.55 -11.51
CA TYR A 51 -2.76 -53.05 -12.35
C TYR A 51 -1.72 -53.79 -11.52
N ARG A 52 -1.25 -53.15 -10.46
CA ARG A 52 -0.25 -53.78 -9.61
C ARG A 52 -0.82 -55.04 -9.00
N LYS A 53 -2.13 -55.08 -8.75
CA LYS A 53 -2.73 -56.35 -8.34
C LYS A 53 -2.55 -57.40 -9.41
N SER A 54 -2.70 -57.03 -10.68
CA SER A 54 -2.54 -58.04 -11.73
C SER A 54 -1.08 -58.45 -11.92
N VAL A 55 -0.13 -57.77 -11.30
CA VAL A 55 1.25 -58.28 -11.41
C VAL A 55 1.83 -58.71 -10.07
N THR A 56 0.98 -59.00 -9.08
CA THR A 56 1.43 -59.40 -7.75
C THR A 56 0.50 -60.45 -7.18
N ALA A 57 0.81 -60.91 -5.97
CA ALA A 57 -0.07 -61.78 -5.20
C ALA A 57 -0.17 -61.26 -3.79
N GLY A 58 -1.40 -61.09 -3.31
CA GLY A 58 -1.65 -60.52 -2.00
C GLY A 58 -1.08 -59.13 -1.85
N GLY A 59 -0.77 -58.79 -0.61
CA GLY A 59 -0.35 -57.44 -0.25
C GLY A 59 0.88 -56.95 -0.99
N ASP A 60 1.47 -57.81 -1.83
CA ASP A 60 2.55 -57.37 -2.69
C ASP A 60 2.12 -56.23 -3.61
N TYR A 61 0.83 -56.19 -3.97
CA TYR A 61 0.38 -55.06 -4.78
C TYR A 61 0.53 -53.71 -4.08
N GLY A 62 0.78 -53.73 -2.77
CA GLY A 62 0.84 -52.50 -1.99
C GLY A 62 2.20 -52.28 -1.38
N ALA A 63 3.26 -52.50 -2.17
CA ALA A 63 4.60 -52.13 -1.79
C ALA A 63 4.79 -50.67 -2.17
N VAL A 64 5.31 -49.89 -1.21
CA VAL A 64 5.49 -48.45 -1.39
C VAL A 64 6.97 -48.15 -1.45
N GLU A 65 7.40 -47.39 -2.46
CA GLU A 65 8.79 -46.98 -2.55
C GLU A 65 9.19 -46.16 -1.33
N TRP A 66 10.47 -46.27 -0.98
CA TRP A 66 11.00 -45.49 0.13
C TRP A 66 12.36 -44.91 -0.20
N GLN A 67 13.34 -45.76 -0.48
CA GLN A 67 14.71 -45.29 -0.61
C GLN A 67 15.52 -46.21 -1.48
N ALA A 68 16.49 -45.63 -2.18
CA ALA A 68 17.49 -46.43 -2.90
C ALA A 68 18.35 -47.22 -1.91
N GLY A 69 18.51 -48.52 -2.16
CA GLY A 69 19.35 -49.35 -1.31
C GLY A 69 20.82 -49.21 -1.65
N SER A 70 21.21 -49.75 -2.80
CA SER A 70 22.56 -49.58 -3.31
C SER A 70 22.44 -49.07 -4.74
N LEU A 71 23.49 -49.23 -5.54
CA LEU A 71 23.42 -48.82 -6.94
C LEU A 71 22.31 -49.56 -7.69
N ASN A 72 22.05 -50.81 -7.34
CA ASN A 72 21.14 -51.66 -8.11
C ASN A 72 19.96 -52.19 -7.31
N THR A 73 19.69 -51.62 -6.13
CA THR A 73 18.62 -52.12 -5.27
C THR A 73 17.72 -50.99 -4.79
N LEU A 74 16.46 -51.32 -4.58
CA LEU A 74 15.45 -50.40 -4.06
C LEU A 74 14.84 -50.98 -2.80
N VAL A 75 14.52 -50.11 -1.84
CA VAL A 75 14.02 -50.52 -0.53
C VAL A 75 12.67 -49.86 -0.31
N ASP A 76 11.65 -50.70 -0.07
CA ASP A 76 10.30 -50.23 0.19
C ASP A 76 10.13 -49.78 1.64
N THR A 77 8.92 -49.39 2.00
CA THR A 77 8.64 -48.89 3.34
C THR A 77 8.75 -49.96 4.43
N GLN A 78 8.86 -51.22 4.03
CA GLN A 78 8.97 -52.33 5.00
C GLN A 78 10.39 -52.85 5.12
N GLY A 79 11.35 -52.18 4.50
CA GLY A 79 12.73 -52.62 4.53
C GLY A 79 13.07 -53.73 3.56
N GLN A 80 12.12 -54.18 2.76
CA GLN A 80 12.38 -55.23 1.77
C GLN A 80 13.22 -54.66 0.63
N GLU A 81 14.28 -55.38 0.28
CA GLU A 81 15.21 -54.94 -0.76
C GLU A 81 14.96 -55.70 -2.05
N PHE A 82 14.94 -54.96 -3.15
CA PHE A 82 14.67 -55.51 -4.48
C PHE A 82 15.86 -55.21 -5.39
N ILE A 83 16.26 -56.21 -6.17
CA ILE A 83 17.18 -55.98 -7.27
C ILE A 83 16.38 -55.38 -8.43
N ASP A 84 16.86 -54.25 -8.96
CA ASP A 84 16.12 -53.51 -9.96
C ASP A 84 16.52 -53.98 -11.35
N CYS A 85 15.71 -54.86 -11.93
CA CYS A 85 15.85 -55.24 -13.33
C CYS A 85 14.90 -54.45 -14.23
N LEU A 86 14.25 -53.43 -13.70
CA LEU A 86 13.39 -52.54 -14.47
C LEU A 86 14.12 -51.26 -14.89
N GLY A 87 14.93 -50.70 -14.01
CA GLY A 87 15.74 -49.53 -14.34
C GLY A 87 14.93 -48.33 -14.79
N GLY A 88 13.70 -48.20 -14.28
CA GLY A 88 12.82 -47.13 -14.72
C GLY A 88 12.62 -47.10 -16.22
N PHE A 89 12.52 -48.29 -16.83
CA PHE A 89 12.36 -48.43 -18.27
C PHE A 89 13.49 -47.73 -19.05
N GLY A 90 14.69 -47.79 -18.49
CA GLY A 90 15.86 -47.21 -19.12
C GLY A 90 16.38 -45.92 -18.51
N ILE A 91 15.97 -45.60 -17.29
CA ILE A 91 16.40 -44.37 -16.62
C ILE A 91 17.73 -44.57 -15.87
N PHE A 92 17.82 -45.65 -15.08
CA PHE A 92 18.91 -45.81 -14.13
C PHE A 92 20.08 -46.59 -14.74
N ASN A 93 20.61 -46.09 -15.83
CA ASN A 93 21.75 -46.75 -16.49
C ASN A 93 22.99 -46.74 -15.61
N VAL A 94 23.17 -45.70 -14.80
CA VAL A 94 24.34 -45.61 -13.93
C VAL A 94 23.96 -45.91 -12.47
N GLY A 95 22.86 -46.64 -12.29
CA GLY A 95 22.43 -47.03 -10.96
C GLY A 95 21.67 -45.96 -10.22
N HIS A 96 21.24 -46.31 -9.01
CA HIS A 96 20.47 -45.42 -8.15
C HIS A 96 21.41 -44.61 -7.27
N ARG A 97 21.14 -43.31 -7.19
CA ARG A 97 21.96 -42.35 -6.41
C ARG A 97 23.43 -42.56 -6.67
N ASN A 98 23.81 -42.44 -7.94
CA ASN A 98 25.20 -42.57 -8.35
C ASN A 98 26.01 -41.45 -7.69
N PRO A 99 27.04 -41.80 -6.88
CA PRO A 99 27.76 -40.79 -6.12
C PRO A 99 28.24 -39.58 -6.93
N VAL A 100 28.72 -39.80 -8.16
CA VAL A 100 29.20 -38.70 -8.98
C VAL A 100 28.03 -37.77 -9.37
N VAL A 101 26.93 -38.35 -9.80
CA VAL A 101 25.78 -37.56 -10.23
C VAL A 101 25.15 -36.83 -9.05
N VAL A 102 24.98 -37.54 -7.93
CA VAL A 102 24.46 -36.92 -6.72
C VAL A 102 25.38 -35.76 -6.28
N SER A 103 26.69 -35.96 -6.41
CA SER A 103 27.64 -34.92 -6.02
C SER A 103 27.51 -33.68 -6.89
N ALA A 104 27.48 -33.86 -8.21
CA ALA A 104 27.33 -32.72 -9.12
C ALA A 104 26.01 -31.98 -8.87
N VAL A 105 24.93 -32.74 -8.69
CA VAL A 105 23.63 -32.13 -8.46
C VAL A 105 23.63 -31.34 -7.13
N GLN A 106 24.31 -31.88 -6.12
CA GLN A 106 24.39 -31.14 -4.86
C GLN A 106 25.23 -29.87 -4.96
N ASN A 107 26.33 -29.92 -5.69
CA ASN A 107 27.15 -28.71 -5.87
C ASN A 107 26.36 -27.61 -6.61
N GLN A 108 25.77 -27.99 -7.74
CA GLN A 108 25.01 -27.00 -8.50
C GLN A 108 23.77 -26.52 -7.73
N LEU A 109 23.18 -27.41 -6.93
CA LEU A 109 22.12 -27.01 -6.01
C LEU A 109 22.63 -25.97 -5.02
N ALA A 110 23.88 -26.13 -4.58
CA ALA A 110 24.49 -25.14 -3.69
C ALA A 110 24.67 -23.79 -4.40
N LYS A 111 24.88 -23.81 -5.72
CA LYS A 111 25.01 -22.54 -6.44
C LYS A 111 23.66 -22.01 -6.94
N GLN A 112 23.05 -22.70 -7.90
CA GLN A 112 21.78 -22.26 -8.47
C GLN A 112 21.07 -23.38 -9.20
N PRO A 113 19.87 -23.77 -8.76
CA PRO A 113 19.17 -24.91 -9.39
C PRO A 113 18.54 -24.58 -10.74
N LEU A 114 17.75 -23.52 -10.82
CA LEU A 114 17.11 -23.09 -12.06
C LEU A 114 17.65 -21.76 -12.52
N HIS A 115 17.71 -21.56 -13.82
CA HIS A 115 18.29 -20.36 -14.43
C HIS A 115 17.24 -19.26 -14.61
N SER A 116 17.73 -18.04 -14.82
CA SER A 116 16.87 -16.87 -14.97
C SER A 116 16.05 -16.88 -16.25
N GLN A 117 16.48 -17.64 -17.26
CA GLN A 117 15.91 -17.69 -18.62
C GLN A 117 16.32 -16.50 -19.46
N GLU A 118 17.07 -15.55 -18.91
CA GLU A 118 17.46 -14.34 -19.61
C GLU A 118 18.96 -14.30 -19.86
N LEU A 119 19.76 -14.47 -18.80
CA LEU A 119 21.21 -14.47 -18.94
C LEU A 119 21.69 -15.80 -19.53
N LEU A 120 22.93 -15.79 -20.01
CA LEU A 120 23.56 -17.01 -20.49
C LEU A 120 23.90 -17.90 -19.32
N ASP A 121 23.38 -19.12 -19.34
CA ASP A 121 23.71 -20.10 -18.30
C ASP A 121 24.83 -20.99 -18.81
N PRO A 122 25.89 -21.18 -18.01
CA PRO A 122 27.10 -21.82 -18.55
C PRO A 122 26.97 -23.33 -18.76
N LEU A 123 26.24 -24.03 -17.88
CA LEU A 123 26.16 -25.48 -18.00
C LEU A 123 25.37 -25.94 -19.22
N ARG A 124 24.49 -25.08 -19.75
CA ARG A 124 23.82 -25.39 -21.01
C ARG A 124 24.84 -25.40 -22.15
N ALA A 125 25.73 -24.41 -22.18
CA ALA A 125 26.78 -24.37 -23.18
C ALA A 125 27.74 -25.56 -23.02
N MET A 126 28.16 -25.84 -21.78
CA MET A 126 29.06 -26.95 -21.53
C MET A 126 28.44 -28.28 -22.00
N LEU A 127 27.15 -28.49 -21.68
CA LEU A 127 26.50 -29.73 -22.04
C LEU A 127 26.29 -29.83 -23.54
N ALA A 128 25.96 -28.72 -24.19
CA ALA A 128 25.82 -28.72 -25.65
C ALA A 128 27.14 -29.08 -26.33
N LYS A 129 28.24 -28.52 -25.83
CA LYS A 129 29.57 -28.82 -26.38
C LYS A 129 29.90 -30.30 -26.16
N THR A 130 29.66 -30.79 -24.95
CA THR A 130 29.92 -32.19 -24.64
C THR A 130 29.13 -33.12 -25.56
N LEU A 131 27.84 -32.84 -25.75
CA LEU A 131 27.01 -33.67 -26.61
C LEU A 131 27.46 -33.59 -28.07
N ALA A 132 27.92 -32.42 -28.51
CA ALA A 132 28.48 -32.32 -29.86
C ALA A 132 29.72 -33.20 -30.00
N ALA A 133 30.56 -33.23 -28.96
CA ALA A 133 31.73 -34.11 -28.97
C ALA A 133 31.36 -35.58 -28.94
N LEU A 134 30.24 -35.91 -28.30
CA LEU A 134 29.86 -37.31 -28.06
C LEU A 134 29.02 -37.91 -29.17
N THR A 135 28.39 -37.09 -30.02
CA THR A 135 27.45 -37.61 -31.03
C THR A 135 28.14 -37.82 -32.38
N PRO A 136 27.66 -38.80 -33.15
CA PRO A 136 28.28 -39.08 -34.45
C PRO A 136 28.15 -37.94 -35.45
N GLY A 137 29.21 -37.77 -36.24
CA GLY A 137 29.15 -36.91 -37.42
C GLY A 137 28.83 -35.46 -37.15
N LYS A 138 27.89 -34.92 -37.92
CA LYS A 138 27.58 -33.49 -37.94
C LYS A 138 26.55 -33.05 -36.92
N LEU A 139 26.08 -33.96 -36.07
CA LEU A 139 25.22 -33.57 -34.95
C LEU A 139 25.95 -32.55 -34.08
N LYS A 140 25.42 -31.34 -34.03
CA LYS A 140 26.19 -30.21 -33.51
C LYS A 140 25.43 -29.33 -32.52
N TYR A 141 24.15 -29.09 -32.77
CA TYR A 141 23.35 -28.20 -31.92
C TYR A 141 22.37 -28.97 -31.07
N SER A 142 22.20 -28.54 -29.82
CA SER A 142 21.32 -29.23 -28.87
C SER A 142 20.25 -28.29 -28.34
N PHE A 143 19.04 -28.83 -28.22
CA PHE A 143 17.93 -28.17 -27.52
C PHE A 143 17.56 -29.01 -26.33
N PHE A 144 17.45 -28.37 -25.15
CA PHE A 144 17.22 -29.09 -23.91
C PHE A 144 15.80 -28.89 -23.41
N CYS A 145 15.15 -29.98 -23.04
CA CYS A 145 13.80 -29.98 -22.49
C CYS A 145 13.82 -30.90 -21.26
N ASN A 146 12.66 -31.40 -20.87
CA ASN A 146 12.54 -32.14 -19.61
C ASN A 146 12.09 -33.58 -19.74
N SER A 147 11.76 -34.05 -20.93
CA SER A 147 11.23 -35.41 -21.08
C SER A 147 11.49 -35.94 -22.47
N GLY A 148 11.30 -37.24 -22.64
CA GLY A 148 11.44 -37.87 -23.94
C GLY A 148 10.42 -37.36 -24.95
N THR A 149 9.16 -37.28 -24.52
CA THR A 149 8.10 -36.81 -25.40
C THR A 149 8.37 -35.37 -25.86
N GLU A 150 8.93 -34.54 -24.97
CA GLU A 150 9.28 -33.18 -25.36
C GLU A 150 10.42 -33.18 -26.38
N SER A 151 11.39 -34.09 -26.21
CA SER A 151 12.47 -34.20 -27.18
C SER A 151 11.93 -34.59 -28.56
N VAL A 152 10.99 -35.52 -28.59
CA VAL A 152 10.38 -35.90 -29.87
C VAL A 152 9.58 -34.73 -30.44
N GLU A 153 8.90 -33.96 -29.58
CA GLU A 153 8.19 -32.78 -30.05
C GLU A 153 9.14 -31.79 -30.72
N ALA A 154 10.29 -31.53 -30.09
CA ALA A 154 11.29 -30.64 -30.68
C ALA A 154 11.83 -31.19 -31.99
N ALA A 155 12.02 -32.51 -32.07
CA ALA A 155 12.46 -33.13 -33.31
C ALA A 155 11.44 -32.89 -34.43
N LEU A 156 10.17 -33.16 -34.15
CA LEU A 156 9.12 -32.95 -35.14
C LEU A 156 9.04 -31.49 -35.57
N LYS A 157 9.18 -30.56 -34.62
CA LYS A 157 9.08 -29.15 -34.96
C LYS A 157 10.28 -28.68 -35.79
N LEU A 158 11.47 -29.19 -35.49
CA LEU A 158 12.64 -28.92 -36.33
C LEU A 158 12.40 -29.41 -37.75
N ALA A 159 11.93 -30.65 -37.88
CA ALA A 159 11.64 -31.20 -39.21
C ALA A 159 10.60 -30.38 -39.96
N LYS A 160 9.57 -29.93 -39.25
CA LYS A 160 8.51 -29.14 -39.87
C LYS A 160 9.03 -27.77 -40.33
N ALA A 161 9.76 -27.09 -39.45
CA ALA A 161 10.30 -25.77 -39.80
C ALA A 161 11.30 -25.87 -40.96
N TYR A 162 11.96 -27.01 -41.09
CA TYR A 162 12.93 -27.18 -42.19
C TYR A 162 12.23 -27.56 -43.50
N GLN A 163 11.19 -28.39 -43.43
CA GLN A 163 10.61 -29.00 -44.62
C GLN A 163 9.36 -28.31 -45.15
N SER A 164 8.65 -27.55 -44.31
CA SER A 164 7.48 -26.83 -44.77
C SER A 164 7.79 -25.80 -45.87
N PRO A 165 8.89 -25.02 -45.77
CA PRO A 165 9.24 -24.16 -46.92
C PRO A 165 9.65 -24.93 -48.16
N ARG A 166 9.84 -26.24 -48.04
CA ARG A 166 10.19 -27.09 -49.18
C ARG A 166 9.03 -27.94 -49.65
N GLY A 167 7.81 -27.67 -49.17
CA GLY A 167 6.62 -28.36 -49.63
C GLY A 167 6.46 -29.79 -49.18
N LYS A 168 7.02 -30.14 -48.02
CA LYS A 168 6.93 -31.50 -47.49
C LYS A 168 6.33 -31.44 -46.08
N PHE A 169 5.30 -32.25 -45.86
CA PHE A 169 4.51 -32.17 -44.63
C PHE A 169 4.24 -33.49 -43.92
N THR A 170 4.34 -34.62 -44.61
CA THR A 170 3.92 -35.90 -44.06
C THR A 170 5.06 -36.58 -43.33
N PHE A 171 4.73 -37.31 -42.26
CA PHE A 171 5.72 -38.02 -41.46
C PHE A 171 5.49 -39.52 -41.52
N ILE A 172 6.58 -40.27 -41.63
CA ILE A 172 6.54 -41.73 -41.63
C ILE A 172 7.10 -42.24 -40.31
N ALA A 173 6.32 -43.03 -39.60
CA ALA A 173 6.77 -43.77 -38.43
C ALA A 173 6.60 -45.26 -38.70
N THR A 174 6.85 -46.08 -37.68
CA THR A 174 6.71 -47.52 -37.81
C THR A 174 5.70 -48.07 -36.81
N SER A 175 5.03 -49.15 -37.18
CA SER A 175 4.16 -49.85 -36.23
C SER A 175 4.97 -50.41 -35.07
N GLY A 176 4.33 -50.49 -33.91
CA GLY A 176 5.02 -50.88 -32.69
C GLY A 176 5.94 -49.83 -32.11
N ALA A 177 6.04 -48.66 -32.74
CA ALA A 177 6.90 -47.60 -32.23
C ALA A 177 6.25 -46.88 -31.06
N PHE A 178 7.10 -46.33 -30.20
CA PHE A 178 6.66 -45.45 -29.11
C PHE A 178 7.59 -44.25 -29.07
N HIS A 179 7.01 -43.05 -29.17
CA HIS A 179 7.79 -41.82 -29.18
C HIS A 179 7.27 -40.78 -28.19
N GLY A 180 6.35 -41.16 -27.31
CA GLY A 180 5.77 -40.23 -26.34
C GLY A 180 4.27 -40.09 -26.50
N LYS A 181 3.69 -39.42 -25.52
CA LYS A 181 2.25 -39.33 -25.37
C LYS A 181 1.70 -37.92 -25.46
N SER A 182 2.55 -36.90 -25.56
CA SER A 182 2.07 -35.59 -25.96
C SER A 182 1.56 -35.68 -27.40
N LEU A 183 0.53 -34.90 -27.71
CA LEU A 183 -0.23 -35.07 -28.94
C LEU A 183 0.64 -35.11 -30.19
N GLY A 184 1.62 -34.22 -30.26
CA GLY A 184 2.57 -34.24 -31.37
C GLY A 184 3.30 -35.57 -31.45
N ALA A 185 3.99 -35.93 -30.38
CA ALA A 185 4.68 -37.22 -30.33
C ALA A 185 3.70 -38.38 -30.47
N LEU A 186 2.49 -38.23 -29.92
CA LEU A 186 1.50 -39.30 -30.00
C LEU A 186 1.07 -39.57 -31.44
N SER A 187 1.16 -38.55 -32.31
CA SER A 187 0.89 -38.79 -33.72
C SER A 187 1.88 -39.78 -34.33
N ALA A 188 3.09 -39.84 -33.78
CA ALA A 188 4.12 -40.76 -34.26
C ALA A 188 4.05 -42.12 -33.56
N THR A 189 3.85 -42.12 -32.24
CA THR A 189 3.56 -43.34 -31.50
C THR A 189 2.50 -44.17 -32.24
N ALA A 190 2.60 -45.49 -32.13
CA ALA A 190 1.85 -46.38 -33.01
C ALA A 190 0.79 -47.26 -32.34
N LYS A 191 0.74 -47.31 -31.01
CA LYS A 191 -0.17 -48.24 -30.35
C LYS A 191 -1.61 -47.72 -30.37
N SER A 192 -2.48 -48.45 -31.07
CA SER A 192 -3.91 -48.13 -31.18
C SER A 192 -4.56 -47.61 -29.91
N THR A 193 -4.45 -48.35 -28.83
CA THR A 193 -5.13 -47.97 -27.59
C THR A 193 -4.62 -46.65 -27.02
N PHE A 194 -3.36 -46.31 -27.31
CA PHE A 194 -2.83 -45.02 -26.88
C PHE A 194 -3.37 -43.85 -27.69
N ARG A 195 -3.83 -44.10 -28.91
CA ARG A 195 -4.14 -43.02 -29.85
C ARG A 195 -5.63 -42.81 -30.12
N LYS A 196 -6.39 -43.89 -30.28
CA LYS A 196 -7.79 -43.78 -30.68
C LYS A 196 -8.64 -42.78 -29.86
N PRO A 197 -8.56 -42.80 -28.51
CA PRO A 197 -9.42 -41.90 -27.75
C PRO A 197 -9.10 -40.40 -27.93
N PHE A 198 -7.95 -40.07 -28.52
CA PHE A 198 -7.54 -38.69 -28.67
C PHE A 198 -7.50 -38.23 -30.13
N MET A 199 -8.03 -39.04 -31.05
CA MET A 199 -8.13 -38.63 -32.44
C MET A 199 -9.24 -37.61 -32.58
N PRO A 200 -9.09 -36.63 -33.49
CA PRO A 200 -7.99 -36.51 -34.46
C PRO A 200 -6.67 -35.99 -33.90
N LEU A 201 -5.58 -36.58 -34.37
CA LEU A 201 -4.23 -36.14 -34.07
C LEU A 201 -3.69 -35.33 -35.25
N LEU A 202 -2.38 -35.12 -35.28
CA LEU A 202 -1.77 -34.39 -36.39
C LEU A 202 -2.03 -35.08 -37.72
N PRO A 203 -2.39 -34.32 -38.75
CA PRO A 203 -2.55 -34.92 -40.07
C PRO A 203 -1.23 -35.31 -40.71
N GLY A 204 -1.30 -36.23 -41.67
CA GLY A 204 -0.17 -36.63 -42.46
C GLY A 204 0.87 -37.50 -41.78
N PHE A 205 0.44 -38.35 -40.83
CA PHE A 205 1.33 -39.34 -40.22
C PHE A 205 0.98 -40.73 -40.72
N ARG A 206 1.99 -41.44 -41.19
CA ARG A 206 1.81 -42.78 -41.75
C ARG A 206 2.75 -43.74 -41.05
N HIS A 207 2.39 -45.02 -41.04
CA HIS A 207 3.20 -46.05 -40.40
C HIS A 207 3.45 -47.21 -41.35
N VAL A 208 4.67 -47.74 -41.30
CA VAL A 208 5.07 -48.90 -42.09
C VAL A 208 5.64 -49.94 -41.12
N PRO A 209 5.70 -51.21 -41.55
CA PRO A 209 6.27 -52.24 -40.66
C PRO A 209 7.73 -51.94 -40.31
N PHE A 210 8.08 -52.15 -39.04
CA PHE A 210 9.43 -51.89 -38.57
C PHE A 210 10.38 -52.96 -39.09
N GLY A 211 11.53 -52.54 -39.60
CA GLY A 211 12.53 -53.46 -40.11
C GLY A 211 12.34 -53.88 -41.55
N ASN A 212 11.36 -53.29 -42.24
CA ASN A 212 11.00 -53.67 -43.61
C ASN A 212 11.34 -52.49 -44.53
N ILE A 213 12.53 -52.52 -45.11
CA ILE A 213 13.02 -51.42 -45.90
C ILE A 213 12.19 -51.20 -47.18
N GLU A 214 11.67 -52.27 -47.76
CA GLU A 214 10.89 -52.15 -48.99
C GLU A 214 9.52 -51.52 -48.72
N ALA A 215 8.91 -51.83 -47.58
CA ALA A 215 7.67 -51.17 -47.19
C ALA A 215 7.87 -49.66 -47.05
N MET A 216 8.96 -49.26 -46.43
CA MET A 216 9.23 -47.84 -46.23
C MET A 216 9.52 -47.15 -47.56
N ARG A 217 10.33 -47.79 -48.40
CA ARG A 217 10.56 -47.26 -49.74
C ARG A 217 9.24 -47.09 -50.50
N THR A 218 8.34 -48.07 -50.38
CA THR A 218 7.03 -47.96 -50.98
C THR A 218 6.28 -46.73 -50.45
N ALA A 219 6.31 -46.51 -49.14
CA ALA A 219 5.59 -45.38 -48.55
C ALA A 219 6.14 -44.05 -49.07
N LEU A 220 7.47 -43.91 -49.11
CA LEU A 220 8.05 -42.67 -49.62
C LEU A 220 7.75 -42.46 -51.10
N ASN A 221 7.83 -43.52 -51.89
CA ASN A 221 7.60 -43.39 -53.34
C ASN A 221 6.13 -43.05 -53.64
N GLU A 222 5.21 -43.68 -52.93
CA GLU A 222 3.79 -43.37 -53.11
C GLU A 222 3.48 -41.96 -52.65
N CYS A 223 4.07 -41.54 -51.53
CA CYS A 223 3.88 -40.18 -51.05
C CYS A 223 4.40 -39.16 -52.07
N LYS A 224 5.49 -39.48 -52.75
CA LYS A 224 6.01 -38.59 -53.77
C LYS A 224 5.10 -38.57 -55.00
N LYS A 225 4.58 -39.73 -55.37
CA LYS A 225 3.69 -39.82 -56.54
C LYS A 225 2.40 -38.99 -56.34
N THR A 226 1.89 -38.95 -55.12
CA THR A 226 0.63 -38.29 -54.86
C THR A 226 0.77 -36.85 -54.38
N GLY A 227 2.01 -36.35 -54.30
CA GLY A 227 2.24 -34.99 -53.85
C GLY A 227 2.22 -34.78 -52.35
N ASP A 228 2.26 -35.86 -51.58
CA ASP A 228 2.36 -35.79 -50.12
C ASP A 228 3.77 -36.13 -49.65
N ASP A 229 4.76 -35.45 -50.23
CA ASP A 229 6.16 -35.79 -50.01
C ASP A 229 6.52 -35.79 -48.53
N VAL A 230 7.34 -36.75 -48.13
CA VAL A 230 7.64 -36.99 -46.74
C VAL A 230 8.70 -35.99 -46.25
N ALA A 231 8.39 -35.34 -45.13
CA ALA A 231 9.32 -34.41 -44.49
C ALA A 231 10.39 -35.16 -43.69
N ALA A 232 9.99 -36.18 -42.94
CA ALA A 232 10.92 -36.89 -42.08
C ALA A 232 10.46 -38.31 -41.82
N VAL A 233 11.43 -39.18 -41.54
CA VAL A 233 11.17 -40.52 -41.03
C VAL A 233 11.69 -40.55 -39.59
N ILE A 234 10.86 -41.06 -38.68
CA ILE A 234 11.24 -41.18 -37.28
C ILE A 234 11.11 -42.64 -36.86
N LEU A 235 12.14 -43.14 -36.18
CA LEU A 235 12.13 -44.51 -35.70
C LEU A 235 13.10 -44.68 -34.55
N GLU A 236 12.84 -45.71 -33.75
CA GLU A 236 13.81 -46.15 -32.76
C GLU A 236 14.80 -47.11 -33.44
N PRO A 237 16.09 -47.07 -33.05
CA PRO A 237 17.02 -48.05 -33.60
C PRO A 237 16.67 -49.48 -33.20
N ILE A 238 16.12 -49.63 -31.99
CA ILE A 238 15.55 -50.88 -31.51
C ILE A 238 14.28 -50.50 -30.75
N GLN A 239 13.16 -51.12 -31.10
CA GLN A 239 11.88 -50.77 -30.48
C GLN A 239 11.84 -51.33 -29.07
N GLY A 240 11.88 -50.44 -28.08
CA GLY A 240 11.87 -50.88 -26.68
C GLY A 240 10.47 -51.33 -26.26
N GLU A 241 9.50 -50.48 -26.39
CA GLU A 241 8.13 -50.73 -26.01
C GLU A 241 7.42 -51.75 -26.90
N GLY A 242 7.95 -51.97 -28.11
CA GLY A 242 7.45 -53.01 -28.99
C GLY A 242 7.81 -54.41 -28.56
N GLY A 243 8.61 -54.56 -27.52
CA GLY A 243 9.05 -55.87 -27.04
C GLY A 243 10.51 -56.14 -27.31
N VAL A 244 11.32 -55.09 -27.40
CA VAL A 244 12.73 -55.19 -27.76
C VAL A 244 12.82 -55.90 -29.12
N ILE A 245 12.42 -55.18 -30.15
CA ILE A 245 12.38 -55.71 -31.52
C ILE A 245 13.64 -55.28 -32.24
N LEU A 246 14.42 -56.26 -32.71
CA LEU A 246 15.68 -56.01 -33.40
C LEU A 246 15.46 -55.97 -34.91
N PRO A 247 15.90 -54.89 -35.57
CA PRO A 247 15.78 -54.84 -37.03
C PRO A 247 16.85 -55.71 -37.69
N PRO A 248 16.63 -56.16 -38.93
CA PRO A 248 17.66 -56.89 -39.66
C PRO A 248 18.94 -56.07 -39.79
N PRO A 249 20.10 -56.72 -39.72
CA PRO A 249 21.37 -56.02 -39.94
C PRO A 249 21.36 -55.17 -41.22
N GLY A 250 21.80 -53.93 -41.10
CA GLY A 250 21.82 -53.01 -42.21
C GLY A 250 20.55 -52.18 -42.40
N TYR A 251 19.53 -52.43 -41.60
CA TYR A 251 18.28 -51.69 -41.74
C TYR A 251 18.48 -50.19 -41.54
N LEU A 252 19.18 -49.81 -40.47
CA LEU A 252 19.40 -48.39 -40.17
C LEU A 252 20.19 -47.71 -41.29
N THR A 253 21.22 -48.40 -41.80
CA THR A 253 21.99 -47.88 -42.92
C THR A 253 21.09 -47.65 -44.14
N ALA A 254 20.23 -48.63 -44.43
CA ALA A 254 19.34 -48.52 -45.58
C ALA A 254 18.32 -47.39 -45.40
N VAL A 255 17.86 -47.18 -44.18
CA VAL A 255 16.95 -46.08 -43.90
C VAL A 255 17.65 -44.74 -44.12
N ARG A 256 18.89 -44.63 -43.65
CA ARG A 256 19.68 -43.42 -43.87
C ARG A 256 19.82 -43.15 -45.38
N LYS A 257 20.20 -44.19 -46.14
CA LYS A 257 20.35 -44.05 -47.57
C LYS A 257 19.04 -43.64 -48.24
N LEU A 258 17.93 -44.20 -47.77
CA LEU A 258 16.61 -43.90 -48.34
C LEU A 258 16.22 -42.44 -48.08
N CYS A 259 16.40 -41.98 -46.85
CA CYS A 259 16.14 -40.58 -46.53
C CYS A 259 17.02 -39.65 -47.37
N ASP A 260 18.29 -40.01 -47.53
CA ASP A 260 19.17 -39.23 -48.40
C ASP A 260 18.65 -39.19 -49.83
N GLU A 261 18.09 -40.32 -50.29
CA GLU A 261 17.62 -40.40 -51.67
C GLU A 261 16.39 -39.52 -51.91
N PHE A 262 15.42 -39.61 -51.01
CA PHE A 262 14.17 -38.86 -51.18
C PHE A 262 14.23 -37.45 -50.62
N GLY A 263 15.34 -37.06 -49.98
CA GLY A 263 15.41 -35.75 -49.36
C GLY A 263 14.53 -35.60 -48.12
N ALA A 264 14.32 -36.70 -47.39
CA ALA A 264 13.65 -36.66 -46.11
C ALA A 264 14.66 -36.66 -44.97
N LEU A 265 14.27 -36.10 -43.84
CA LEU A 265 15.12 -36.11 -42.65
C LEU A 265 14.96 -37.41 -41.88
N MET A 266 16.06 -37.87 -41.28
CA MET A 266 16.03 -39.05 -40.44
C MET A 266 16.07 -38.61 -38.98
N ILE A 267 15.02 -38.95 -38.24
CA ILE A 267 14.93 -38.69 -36.82
C ILE A 267 15.08 -40.01 -36.08
N LEU A 268 16.17 -40.15 -35.33
CA LEU A 268 16.40 -41.33 -34.51
C LEU A 268 15.97 -41.08 -33.08
N ASP A 269 15.02 -41.88 -32.60
CA ASP A 269 14.54 -41.78 -31.24
C ASP A 269 15.35 -42.74 -30.37
N GLU A 270 16.35 -42.20 -29.68
CA GLU A 270 17.19 -42.98 -28.77
C GLU A 270 16.89 -42.66 -27.32
N VAL A 271 15.65 -42.31 -27.02
CA VAL A 271 15.23 -42.00 -25.66
C VAL A 271 15.48 -43.20 -24.73
N GLN A 272 15.24 -44.40 -25.25
CA GLN A 272 15.40 -45.61 -24.46
C GLN A 272 16.73 -46.33 -24.71
N THR A 273 17.19 -46.39 -25.95
CA THR A 273 18.40 -47.11 -26.29
C THR A 273 19.67 -46.29 -26.04
N GLY A 274 19.55 -45.00 -25.77
CA GLY A 274 20.71 -44.15 -25.62
C GLY A 274 21.41 -44.31 -24.29
N MET A 275 22.56 -43.63 -24.19
CA MET A 275 23.38 -43.61 -22.98
C MET A 275 23.87 -45.00 -22.56
N GLY A 276 24.37 -45.74 -23.55
CA GLY A 276 25.15 -46.95 -23.30
C GLY A 276 24.38 -48.24 -23.11
N ARG A 277 23.05 -48.21 -23.18
CA ARG A 277 22.27 -49.40 -22.81
C ARG A 277 22.48 -50.58 -23.77
N THR A 278 22.63 -50.29 -25.06
CA THR A 278 22.74 -51.35 -26.06
C THR A 278 24.19 -51.78 -26.33
N GLY A 279 25.10 -51.46 -25.42
CA GLY A 279 26.49 -51.83 -25.56
C GLY A 279 27.38 -50.75 -26.12
N LYS A 280 26.79 -49.74 -26.73
CA LYS A 280 27.51 -48.55 -27.20
C LYS A 280 26.76 -47.33 -26.73
N MET A 281 27.40 -46.17 -26.78
CA MET A 281 26.81 -44.94 -26.25
C MET A 281 25.43 -44.69 -26.89
N PHE A 282 25.36 -44.86 -28.21
CA PHE A 282 24.08 -44.78 -28.91
C PHE A 282 23.94 -45.99 -29.81
N ALA A 283 22.72 -46.46 -29.99
CA ALA A 283 22.47 -47.67 -30.78
C ALA A 283 22.87 -47.45 -32.24
N CYS A 284 22.70 -46.21 -32.72
CA CYS A 284 23.08 -45.89 -34.11
C CYS A 284 24.57 -46.08 -34.38
N GLU A 285 25.38 -46.18 -33.34
CA GLU A 285 26.80 -46.42 -33.53
C GLU A 285 27.13 -47.87 -33.88
N HIS A 286 26.15 -48.78 -33.73
CA HIS A 286 26.39 -50.17 -34.12
C HIS A 286 26.61 -50.29 -35.63
N GLU A 287 25.97 -49.42 -36.41
CA GLU A 287 26.14 -49.41 -37.86
C GLU A 287 26.82 -48.14 -38.37
N ASN A 288 27.31 -47.30 -37.45
CA ASN A 288 27.90 -46.00 -37.79
C ASN A 288 26.95 -45.18 -38.69
N VAL A 289 25.76 -44.96 -38.17
CA VAL A 289 24.73 -44.19 -38.86
C VAL A 289 24.53 -42.87 -38.11
N GLN A 290 24.60 -41.77 -38.84
CA GLN A 290 24.33 -40.45 -38.26
C GLN A 290 22.98 -39.95 -38.76
N PRO A 291 22.01 -39.74 -37.86
CA PRO A 291 20.75 -39.14 -38.29
C PRO A 291 20.87 -37.63 -38.46
N ASP A 292 19.81 -37.03 -38.99
CA ASP A 292 19.74 -35.58 -39.01
C ASP A 292 19.36 -35.03 -37.63
N ILE A 293 18.51 -35.77 -36.92
CA ILE A 293 18.03 -35.36 -35.59
C ILE A 293 18.07 -36.58 -34.68
N LEU A 294 18.60 -36.40 -33.47
CA LEU A 294 18.76 -37.45 -32.47
C LEU A 294 18.05 -37.03 -31.19
N CYS A 295 17.25 -37.94 -30.63
CA CYS A 295 16.46 -37.69 -29.43
C CYS A 295 17.00 -38.47 -28.25
N LEU A 296 17.23 -37.77 -27.14
CA LEU A 296 17.75 -38.35 -25.90
C LEU A 296 16.89 -37.93 -24.73
N ALA A 297 16.80 -38.83 -23.74
CA ALA A 297 16.18 -38.52 -22.45
C ALA A 297 16.50 -39.63 -21.46
N LYS A 298 15.61 -39.84 -20.50
CA LYS A 298 15.74 -40.89 -19.51
C LYS A 298 17.12 -40.94 -18.86
N ALA A 299 17.94 -41.88 -19.32
CA ALA A 299 19.25 -42.13 -18.74
C ALA A 299 20.17 -40.90 -18.77
N LEU A 300 19.88 -39.94 -19.64
CA LEU A 300 20.71 -38.74 -19.69
C LEU A 300 20.62 -37.93 -18.41
N GLY A 301 19.58 -38.16 -17.62
CA GLY A 301 19.45 -37.55 -16.29
C GLY A 301 20.17 -38.25 -15.17
N GLY A 302 20.81 -39.36 -15.46
CA GLY A 302 21.58 -40.11 -14.45
C GLY A 302 20.77 -40.71 -13.34
N GLY A 303 19.48 -40.89 -13.55
CA GLY A 303 18.59 -41.36 -12.50
C GLY A 303 18.42 -40.39 -11.34
N VAL A 304 18.79 -39.13 -11.55
CA VAL A 304 18.63 -38.09 -10.54
C VAL A 304 17.72 -36.96 -11.03
N MET A 305 17.91 -36.50 -12.28
CA MET A 305 17.16 -35.38 -12.82
C MET A 305 16.31 -35.80 -14.04
N PRO A 306 15.20 -35.09 -14.26
CA PRO A 306 14.53 -35.15 -15.55
C PRO A 306 15.20 -34.25 -16.58
N ILE A 307 15.39 -34.76 -17.79
CA ILE A 307 16.04 -34.02 -18.86
C ILE A 307 15.70 -34.66 -20.19
N GLY A 308 15.71 -33.85 -21.24
CA GLY A 308 15.65 -34.34 -22.59
C GLY A 308 16.52 -33.47 -23.47
N ALA A 309 17.00 -34.05 -24.57
CA ALA A 309 17.86 -33.34 -25.50
C ALA A 309 17.52 -33.73 -26.94
N THR A 310 17.44 -32.73 -27.80
CA THR A 310 17.26 -32.93 -29.23
C THR A 310 18.48 -32.34 -29.93
N ILE A 311 19.32 -33.20 -30.50
CA ILE A 311 20.54 -32.79 -31.18
C ILE A 311 20.32 -32.86 -32.68
N ALA A 312 20.81 -31.87 -33.41
CA ALA A 312 20.65 -31.84 -34.84
C ALA A 312 21.87 -31.24 -35.50
N THR A 313 21.99 -31.51 -36.80
CA THR A 313 22.99 -30.86 -37.63
C THR A 313 22.71 -29.36 -37.73
N GLU A 314 23.76 -28.58 -37.95
CA GLU A 314 23.60 -27.14 -38.16
C GLU A 314 22.66 -26.84 -39.34
N GLU A 315 22.71 -27.69 -40.37
CA GLU A 315 21.85 -27.50 -41.53
C GLU A 315 20.38 -27.45 -41.14
N VAL A 316 19.96 -28.34 -40.25
CA VAL A 316 18.57 -28.40 -39.83
C VAL A 316 18.29 -27.44 -38.67
N PHE A 317 19.19 -27.43 -37.68
CA PHE A 317 18.98 -26.62 -36.49
C PHE A 317 18.98 -25.12 -36.81
N SER A 318 19.61 -24.72 -37.90
CA SER A 318 19.69 -23.31 -38.28
C SER A 318 18.31 -22.66 -38.51
N VAL A 319 17.25 -23.45 -38.58
CA VAL A 319 15.91 -22.87 -38.74
C VAL A 319 15.44 -22.11 -37.51
N LEU A 320 16.22 -22.15 -36.43
CA LEU A 320 15.91 -21.41 -35.20
C LEU A 320 16.88 -20.27 -34.92
N PHE A 321 17.76 -19.96 -35.87
CA PHE A 321 18.77 -18.92 -35.64
C PHE A 321 18.19 -17.52 -35.76
N ASP A 322 17.34 -17.29 -36.76
CA ASP A 322 16.75 -15.97 -36.95
C ASP A 322 15.80 -15.56 -35.82
N ASN A 323 15.12 -16.55 -35.24
CA ASN A 323 14.19 -16.31 -34.14
C ASN A 323 14.43 -17.38 -33.08
N PRO A 324 15.27 -17.07 -32.09
CA PRO A 324 15.62 -18.08 -31.09
C PRO A 324 14.47 -18.47 -30.15
N PHE A 325 13.38 -17.73 -30.18
CA PHE A 325 12.21 -18.04 -29.36
C PHE A 325 11.15 -18.83 -30.12
N LEU A 326 11.46 -19.22 -31.36
CA LEU A 326 10.52 -20.00 -32.15
C LEU A 326 10.10 -21.30 -31.46
N HIS A 327 11.03 -21.93 -30.74
CA HIS A 327 10.71 -23.06 -29.89
C HIS A 327 11.49 -22.96 -28.60
N THR A 328 10.77 -22.94 -27.48
CA THR A 328 11.37 -22.88 -26.15
C THR A 328 10.59 -23.83 -25.24
N THR A 329 11.05 -23.95 -24.00
CA THR A 329 10.37 -24.72 -22.99
C THR A 329 10.77 -24.18 -21.63
N THR A 330 9.83 -24.22 -20.70
CA THR A 330 9.94 -23.44 -19.46
C THR A 330 11.22 -23.78 -18.69
N PHE A 331 11.45 -25.06 -18.40
CA PHE A 331 12.56 -25.44 -17.53
C PHE A 331 13.78 -25.96 -18.28
N GLY A 332 13.68 -26.10 -19.60
CA GLY A 332 14.71 -26.78 -20.39
C GLY A 332 16.12 -26.27 -20.20
N GLY A 333 17.05 -27.20 -19.97
CA GLY A 333 18.45 -26.86 -19.79
C GLY A 333 18.80 -26.20 -18.48
N ASN A 334 18.00 -26.47 -17.43
CA ASN A 334 18.28 -25.87 -16.13
C ASN A 334 19.59 -26.43 -15.57
N PRO A 335 20.29 -25.63 -14.74
CA PRO A 335 21.62 -26.06 -14.26
C PRO A 335 21.65 -27.41 -13.54
N LEU A 336 20.61 -27.74 -12.79
CA LEU A 336 20.58 -29.03 -12.09
C LEU A 336 20.60 -30.18 -13.08
N ALA A 337 19.70 -30.14 -14.06
CA ALA A 337 19.64 -31.19 -15.07
C ALA A 337 20.94 -31.29 -15.87
N CYS A 338 21.51 -30.15 -16.25
CA CYS A 338 22.76 -30.15 -16.99
C CYS A 338 23.90 -30.76 -16.17
N ALA A 339 23.97 -30.40 -14.88
CA ALA A 339 24.97 -30.99 -14.00
C ALA A 339 24.82 -32.51 -13.95
N ALA A 340 23.57 -32.97 -13.77
CA ALA A 340 23.31 -34.41 -13.78
C ALA A 340 23.83 -35.04 -15.08
N ALA A 341 23.46 -34.46 -16.22
CA ALA A 341 23.82 -35.04 -17.50
C ALA A 341 25.33 -35.13 -17.71
N LEU A 342 26.04 -34.04 -17.39
CA LEU A 342 27.49 -34.04 -17.52
C LEU A 342 28.11 -35.11 -16.60
N ALA A 343 27.58 -35.24 -15.39
CA ALA A 343 28.05 -36.29 -14.48
C ALA A 343 27.84 -37.69 -15.08
N THR A 344 26.69 -37.89 -15.74
CA THR A 344 26.39 -39.20 -16.29
C THR A 344 27.32 -39.54 -17.46
N ILE A 345 27.55 -38.57 -18.35
CA ILE A 345 28.47 -38.76 -19.45
C ILE A 345 29.87 -39.09 -18.91
N ASN A 346 30.30 -38.38 -17.87
CA ASN A 346 31.58 -38.65 -17.25
C ASN A 346 31.65 -40.08 -16.69
N VAL A 347 30.62 -40.49 -15.95
CA VAL A 347 30.60 -41.82 -15.34
C VAL A 347 30.65 -42.90 -16.43
N LEU A 348 29.81 -42.74 -17.46
CA LEU A 348 29.75 -43.73 -18.53
C LEU A 348 31.08 -43.86 -19.25
N LEU A 349 31.75 -42.74 -19.51
CA LEU A 349 33.02 -42.83 -20.23
C LEU A 349 34.17 -43.30 -19.36
N GLU A 350 34.20 -42.92 -18.10
CA GLU A 350 35.32 -43.26 -17.22
C GLU A 350 35.29 -44.72 -16.78
N GLN A 351 34.11 -45.27 -16.56
CA GLN A 351 33.98 -46.67 -16.17
C GLN A 351 33.64 -47.58 -17.35
N ASN A 352 33.68 -47.03 -18.57
CA ASN A 352 33.35 -47.76 -19.80
C ASN A 352 32.11 -48.65 -19.62
N LEU A 353 31.05 -48.04 -19.11
CA LEU A 353 29.82 -48.76 -18.86
C LEU A 353 29.13 -49.34 -20.12
N PRO A 354 29.29 -48.74 -21.31
CA PRO A 354 28.75 -49.42 -22.50
C PRO A 354 29.31 -50.83 -22.71
N ALA A 355 30.64 -50.98 -22.68
CA ALA A 355 31.26 -52.29 -22.86
C ALA A 355 30.78 -53.29 -21.79
N GLN A 356 30.75 -52.84 -20.54
CA GLN A 356 30.19 -53.64 -19.46
C GLN A 356 28.77 -54.08 -19.79
N ALA A 357 27.98 -53.15 -20.33
CA ALA A 357 26.60 -53.47 -20.72
C ALA A 357 26.57 -54.56 -21.80
N GLU A 358 27.55 -54.54 -22.70
CA GLU A 358 27.63 -55.62 -23.70
C GLU A 358 27.95 -56.96 -23.04
N GLN A 359 28.90 -56.98 -22.11
CA GLN A 359 29.31 -58.23 -21.48
C GLN A 359 28.18 -58.81 -20.62
N LYS A 360 27.72 -58.04 -19.64
CA LYS A 360 26.64 -58.48 -18.77
C LYS A 360 25.37 -58.79 -19.55
N GLY A 361 25.13 -58.02 -20.62
CA GLY A 361 24.00 -58.32 -21.48
C GLY A 361 24.10 -59.68 -22.15
N ASP A 362 25.27 -59.96 -22.73
CA ASP A 362 25.50 -61.28 -23.31
C ASP A 362 25.29 -62.40 -22.29
N MET A 363 25.78 -62.18 -21.07
CA MET A 363 25.68 -63.21 -20.04
C MET A 363 24.22 -63.45 -19.65
N LEU A 364 23.49 -62.38 -19.33
CA LEU A 364 22.09 -62.52 -18.94
C LEU A 364 21.24 -63.12 -20.06
N LEU A 365 21.49 -62.70 -21.30
CA LEU A 365 20.72 -63.24 -22.42
C LEU A 365 21.04 -64.71 -22.68
N ASP A 366 22.30 -65.12 -22.43
CA ASP A 366 22.63 -66.53 -22.48
C ASP A 366 21.80 -67.32 -21.45
N GLY A 367 21.80 -66.85 -20.21
CA GLY A 367 20.98 -67.49 -19.18
C GLY A 367 19.51 -67.57 -19.57
N PHE A 368 18.96 -66.47 -20.05
CA PHE A 368 17.54 -66.42 -20.42
C PHE A 368 17.23 -67.36 -21.59
N ARG A 369 18.15 -67.49 -22.53
CA ARG A 369 17.92 -68.41 -23.65
C ARG A 369 17.98 -69.86 -23.19
N GLN A 370 18.87 -70.17 -22.25
CA GLN A 370 18.91 -71.53 -21.71
C GLN A 370 17.60 -71.85 -20.98
N LEU A 371 17.13 -70.93 -20.13
CA LEU A 371 15.84 -71.10 -19.50
C LEU A 371 14.71 -71.20 -20.53
N ALA A 372 14.88 -70.51 -21.66
CA ALA A 372 13.89 -70.56 -22.72
C ALA A 372 13.78 -71.95 -23.34
N ARG A 373 14.91 -72.61 -23.56
CA ARG A 373 14.86 -73.98 -24.08
C ARG A 373 14.38 -74.98 -23.01
N GLU A 374 14.68 -74.69 -21.73
CA GLU A 374 14.22 -75.59 -20.69
C GLU A 374 12.72 -75.46 -20.41
N TYR A 375 12.14 -74.30 -20.72
CA TYR A 375 10.71 -74.05 -20.45
C TYR A 375 9.99 -73.57 -21.71
N PRO A 376 9.90 -74.43 -22.74
CA PRO A 376 9.14 -74.02 -23.93
C PRO A 376 7.63 -73.98 -23.71
N ASP A 377 7.15 -74.60 -22.64
CA ASP A 377 5.73 -74.54 -22.29
C ASP A 377 5.31 -73.16 -21.79
N LEU A 378 6.26 -72.32 -21.38
CA LEU A 378 5.97 -71.01 -20.83
C LEU A 378 6.64 -69.88 -21.62
N VAL A 379 7.87 -70.09 -22.07
CA VAL A 379 8.64 -69.06 -22.75
C VAL A 379 8.62 -69.32 -24.25
N GLN A 380 8.24 -68.30 -25.01
CA GLN A 380 8.29 -68.37 -26.47
C GLN A 380 9.72 -68.10 -26.98
N GLU A 381 10.31 -67.00 -26.54
CA GLU A 381 11.67 -66.63 -26.94
C GLU A 381 12.19 -65.53 -26.04
N ALA A 382 13.51 -65.46 -25.93
CA ALA A 382 14.20 -64.36 -25.23
C ALA A 382 15.08 -63.63 -26.22
N ARG A 383 15.09 -62.32 -26.13
CA ARG A 383 15.84 -61.47 -27.07
C ARG A 383 16.39 -60.26 -26.36
N GLY A 384 17.37 -59.62 -26.96
CA GLY A 384 17.96 -58.43 -26.38
C GLY A 384 19.19 -57.97 -27.14
N LYS A 385 19.68 -56.80 -26.74
CA LYS A 385 20.95 -56.25 -27.22
C LYS A 385 21.52 -55.40 -26.10
N GLY A 386 22.77 -55.68 -25.73
CA GLY A 386 23.33 -55.07 -24.53
C GLY A 386 22.45 -55.39 -23.33
N MET A 387 22.14 -54.36 -22.55
CA MET A 387 21.29 -54.53 -21.37
C MET A 387 19.86 -54.07 -21.60
N LEU A 388 19.40 -54.16 -22.84
CA LEU A 388 17.99 -53.98 -23.19
C LEU A 388 17.49 -55.34 -23.66
N MET A 389 16.78 -56.05 -22.80
CA MET A 389 16.36 -57.40 -23.12
C MET A 389 14.88 -57.60 -22.82
N ALA A 390 14.35 -58.71 -23.32
CA ALA A 390 12.95 -59.04 -23.10
C ALA A 390 12.76 -60.55 -23.20
N ILE A 391 11.75 -61.04 -22.49
CA ILE A 391 11.32 -62.43 -22.56
C ILE A 391 9.84 -62.41 -22.96
N GLU A 392 9.53 -62.99 -24.12
CA GLU A 392 8.16 -63.11 -24.57
C GLU A 392 7.62 -64.48 -24.16
N PHE A 393 6.44 -64.48 -23.54
CA PHE A 393 5.82 -65.71 -23.06
C PHE A 393 4.72 -66.15 -24.02
N VAL A 394 4.08 -67.28 -23.70
CA VAL A 394 3.06 -67.84 -24.56
C VAL A 394 1.76 -67.01 -24.54
N ASP A 395 1.31 -66.67 -23.33
CA ASP A 395 0.18 -65.75 -23.18
C ASP A 395 0.55 -64.58 -22.31
N ASN A 396 -0.39 -63.69 -22.07
CA ASN A 396 -0.22 -62.56 -21.15
C ASN A 396 -0.33 -63.02 -19.71
N GLU A 397 -1.21 -63.97 -19.42
CA GLU A 397 -1.33 -64.51 -18.07
C GLU A 397 -0.01 -65.11 -17.58
N ILE A 398 0.69 -65.79 -18.48
CA ILE A 398 1.96 -66.42 -18.13
C ILE A 398 3.00 -65.38 -17.75
N GLY A 399 3.22 -64.40 -18.62
CA GLY A 399 4.14 -63.30 -18.30
C GLY A 399 3.71 -62.54 -17.05
N TYR A 400 2.40 -62.44 -16.81
CA TYR A 400 1.90 -61.85 -15.59
C TYR A 400 2.39 -62.62 -14.36
N ASN A 401 2.16 -63.94 -14.37
CA ASN A 401 2.64 -64.79 -13.27
C ASN A 401 4.16 -64.74 -13.14
N PHE A 402 4.88 -64.50 -14.25
CA PHE A 402 6.32 -64.35 -14.17
C PHE A 402 6.70 -63.07 -13.43
N ALA A 403 6.08 -61.96 -13.81
CA ALA A 403 6.34 -60.69 -13.12
C ALA A 403 6.02 -60.81 -11.63
N SER A 404 4.90 -61.48 -11.31
CA SER A 404 4.51 -61.66 -9.91
C SER A 404 5.52 -62.52 -9.16
N GLU A 405 5.93 -63.64 -9.76
CA GLU A 405 6.85 -64.57 -9.09
C GLU A 405 8.24 -63.94 -8.92
N MET A 406 8.65 -63.09 -9.86
CA MET A 406 9.90 -62.36 -9.71
C MET A 406 9.77 -61.29 -8.63
N PHE A 407 8.60 -60.66 -8.52
CA PHE A 407 8.38 -59.66 -7.48
C PHE A 407 8.43 -60.30 -6.09
N ARG A 408 7.92 -61.52 -5.98
CA ARG A 408 7.95 -62.20 -4.68
C ARG A 408 9.37 -62.58 -4.29
N GLN A 409 10.22 -62.88 -5.26
CA GLN A 409 11.64 -63.11 -5.00
C GLN A 409 12.45 -61.82 -4.97
N ARG A 410 11.77 -60.68 -4.88
CA ARG A 410 12.41 -59.37 -4.73
C ARG A 410 13.36 -59.06 -5.88
N VAL A 411 12.92 -59.39 -7.10
CA VAL A 411 13.56 -58.93 -8.32
C VAL A 411 12.52 -58.15 -9.11
N LEU A 412 12.83 -56.89 -9.42
CA LEU A 412 11.88 -55.98 -10.05
C LEU A 412 11.90 -56.13 -11.57
N VAL A 413 10.73 -56.47 -12.14
CA VAL A 413 10.55 -56.52 -13.59
C VAL A 413 9.18 -55.94 -13.92
N ALA A 414 9.00 -55.55 -15.18
CA ALA A 414 7.73 -55.00 -15.63
C ALA A 414 7.53 -55.30 -17.10
N GLY A 415 6.27 -55.17 -17.53
CA GLY A 415 5.87 -55.38 -18.92
C GLY A 415 6.27 -54.24 -19.85
N THR A 416 5.87 -54.40 -21.11
CA THR A 416 6.13 -53.41 -22.17
C THR A 416 4.83 -52.87 -22.71
N LEU A 417 4.79 -51.53 -22.86
CA LEU A 417 3.54 -50.83 -23.15
C LEU A 417 2.84 -51.32 -24.42
N ASN A 418 3.60 -51.69 -25.43
CA ASN A 418 3.03 -52.14 -26.70
C ASN A 418 2.98 -53.65 -26.85
N ASN A 419 3.46 -54.42 -25.87
CA ASN A 419 3.47 -55.87 -26.00
C ASN A 419 3.06 -56.49 -24.67
N ALA A 420 1.88 -57.11 -24.64
CA ALA A 420 1.31 -57.62 -23.40
C ALA A 420 1.87 -58.98 -22.98
N LYS A 421 2.48 -59.71 -23.90
CA LYS A 421 3.04 -61.03 -23.59
C LYS A 421 4.52 -60.95 -23.21
N THR A 422 5.13 -59.77 -23.29
CA THR A 422 6.55 -59.61 -23.13
C THR A 422 6.87 -58.91 -21.81
N ILE A 423 7.88 -59.42 -21.10
CA ILE A 423 8.43 -58.79 -19.92
C ILE A 423 9.83 -58.30 -20.23
N ARG A 424 10.09 -57.05 -19.92
CA ARG A 424 11.39 -56.46 -20.21
C ARG A 424 12.35 -56.66 -19.05
N ILE A 425 13.61 -56.86 -19.40
CA ILE A 425 14.72 -56.88 -18.44
C ILE A 425 15.62 -55.73 -18.82
N GLU A 426 15.65 -54.70 -17.97
CA GLU A 426 16.37 -53.45 -18.24
C GLU A 426 17.06 -52.98 -16.97
N PRO A 427 18.01 -53.77 -16.45
CA PRO A 427 18.66 -53.42 -15.19
C PRO A 427 19.72 -52.34 -15.41
N PRO A 428 20.22 -51.73 -14.31
CA PRO A 428 21.30 -50.77 -14.47
C PRO A 428 22.53 -51.39 -15.11
N LEU A 429 23.32 -50.56 -15.78
CA LEU A 429 24.57 -51.04 -16.35
C LEU A 429 25.60 -51.37 -15.28
N THR A 430 25.37 -50.90 -14.06
CA THR A 430 26.24 -51.17 -12.92
C THR A 430 25.91 -52.47 -12.20
N LEU A 431 24.95 -53.24 -12.73
CA LEU A 431 24.58 -54.50 -12.10
C LEU A 431 25.80 -55.41 -12.00
N THR A 432 26.02 -55.95 -10.81
CA THR A 432 27.21 -56.76 -10.60
C THR A 432 26.96 -58.21 -11.02
N ILE A 433 28.04 -58.93 -11.28
CA ILE A 433 27.98 -60.30 -11.76
C ILE A 433 27.23 -61.21 -10.77
N GLU A 434 27.49 -61.02 -9.48
CA GLU A 434 26.74 -61.76 -8.46
C GLU A 434 25.24 -61.56 -8.61
N GLN A 435 24.82 -60.31 -8.82
CA GLN A 435 23.41 -60.02 -9.02
C GLN A 435 22.90 -60.56 -10.36
N CYS A 436 23.78 -60.66 -11.36
CA CYS A 436 23.40 -61.28 -12.62
C CYS A 436 23.02 -62.75 -12.40
N GLU A 437 23.90 -63.50 -11.72
CA GLU A 437 23.58 -64.88 -11.41
C GLU A 437 22.34 -64.99 -10.51
N LEU A 438 22.20 -64.08 -9.56
CA LEU A 438 21.00 -64.07 -8.71
C LEU A 438 19.72 -63.86 -9.52
N VAL A 439 19.79 -63.02 -10.55
CA VAL A 439 18.62 -62.76 -11.38
C VAL A 439 18.30 -63.98 -12.27
N ILE A 440 19.34 -64.64 -12.77
CA ILE A 440 19.12 -65.86 -13.54
C ILE A 440 18.46 -66.94 -12.68
N LYS A 441 18.98 -67.14 -11.46
CA LYS A 441 18.41 -68.12 -10.55
C LYS A 441 16.96 -67.76 -10.20
N ALA A 442 16.71 -66.46 -9.95
CA ALA A 442 15.35 -66.01 -9.66
C ALA A 442 14.42 -66.32 -10.82
N ALA A 443 14.87 -66.10 -12.05
CA ALA A 443 14.05 -66.44 -13.21
C ALA A 443 13.78 -67.95 -13.27
N ARG A 444 14.77 -68.76 -12.89
CA ARG A 444 14.58 -70.20 -12.90
C ARG A 444 13.51 -70.62 -11.90
N LYS A 445 13.62 -70.15 -10.66
CA LYS A 445 12.62 -70.48 -9.65
C LYS A 445 11.23 -69.97 -10.04
N ALA A 446 11.19 -68.80 -10.67
CA ALA A 446 9.93 -68.27 -11.20
C ALA A 446 9.29 -69.25 -12.20
N LEU A 447 10.05 -69.64 -13.22
CA LEU A 447 9.52 -70.53 -14.24
C LEU A 447 9.12 -71.89 -13.65
N ALA A 448 9.89 -72.39 -12.69
CA ALA A 448 9.56 -73.64 -12.02
C ALA A 448 8.21 -73.53 -11.31
N ALA A 449 8.06 -72.49 -10.50
CA ALA A 449 6.79 -72.25 -9.80
C ALA A 449 5.64 -72.11 -10.77
N MET A 450 5.87 -71.48 -11.91
CA MET A 450 4.80 -71.29 -12.91
C MET A 450 4.41 -72.63 -13.55
N ARG A 451 5.39 -73.49 -13.83
CA ARG A 451 5.07 -74.80 -14.40
C ARG A 451 4.29 -75.65 -13.39
N GLN A 452 4.78 -75.72 -12.18
CA GLN A 452 4.05 -76.41 -11.11
C GLN A 452 2.68 -75.80 -10.94
N GLN A 453 2.53 -74.50 -11.13
CA GLN A 453 1.26 -73.80 -11.01
C GLN A 453 0.26 -74.24 -12.08
N VAL A 454 0.66 -74.18 -13.34
CA VAL A 454 -0.22 -74.58 -14.44
C VAL A 454 -0.61 -76.06 -14.29
N ALA A 455 0.33 -76.88 -13.84
CA ALA A 455 -0.01 -78.25 -13.46
C ALA A 455 -1.10 -78.27 -12.39
N PHE A 456 -0.95 -77.44 -11.37
CA PHE A 456 -1.91 -77.39 -10.26
C PHE A 456 -3.31 -76.99 -10.72
N TYR A 457 -3.39 -76.05 -11.65
CA TYR A 457 -4.71 -75.65 -12.18
C TYR A 457 -5.31 -76.76 -13.05
N GLU A 458 -4.53 -77.30 -13.98
CA GLU A 458 -5.03 -78.35 -14.84
C GLU A 458 -5.53 -79.55 -14.01
N ILE A 459 -4.83 -79.88 -12.95
CA ILE A 459 -5.28 -80.95 -12.07
C ILE A 459 -6.54 -80.52 -11.32
N LEU A 460 -6.66 -79.23 -11.03
CA LEU A 460 -7.82 -78.74 -10.29
C LEU A 460 -9.10 -78.71 -11.13
N HIS A 461 -8.97 -78.58 -12.45
CA HIS A 461 -10.12 -78.37 -13.31
C HIS A 461 -10.66 -79.65 -13.99
N LEU A 462 -9.98 -80.79 -13.84
CA LEU A 462 -10.47 -82.02 -14.44
C LEU A 462 -11.84 -82.40 -13.88
N PRO A 463 -12.88 -82.52 -14.75
CA PRO A 463 -14.24 -82.74 -14.25
C PRO A 463 -14.55 -84.18 -13.88
N ASN A 464 -13.88 -85.13 -14.55
CA ASN A 464 -14.10 -86.56 -14.29
C ASN A 464 -13.22 -87.08 -13.13
N LEU A 465 -13.33 -86.41 -11.99
CA LEU A 465 -12.57 -86.75 -10.81
C LEU A 465 -13.36 -86.40 -9.58
N ASN A 466 -13.52 -87.35 -8.66
CA ASN A 466 -14.16 -87.06 -7.38
C ASN A 466 -13.21 -86.24 -6.51
N GLU A 467 -13.61 -86.02 -5.26
CA GLU A 467 -12.85 -85.11 -4.40
C GLU A 467 -11.68 -85.80 -3.76
N GLU A 468 -11.79 -87.10 -3.47
CA GLU A 468 -10.77 -87.80 -2.70
C GLU A 468 -9.44 -87.92 -3.46
N GLN A 469 -9.51 -88.47 -4.67
CA GLN A 469 -8.28 -88.64 -5.46
C GLN A 469 -7.75 -87.31 -5.97
N ARG A 470 -8.58 -86.27 -6.07
CA ARG A 470 -8.08 -84.93 -6.35
C ARG A 470 -7.25 -84.42 -5.18
N ASN A 471 -7.79 -84.57 -3.96
CA ASN A 471 -7.02 -84.20 -2.77
C ASN A 471 -5.71 -84.97 -2.70
N ALA A 472 -5.75 -86.25 -3.04
CA ALA A 472 -4.53 -87.05 -3.07
C ALA A 472 -3.57 -86.52 -4.14
N PHE A 473 -4.10 -86.17 -5.32
CA PHE A 473 -3.25 -85.69 -6.39
C PHE A 473 -2.56 -84.37 -6.07
N ILE A 474 -3.31 -83.39 -5.58
CA ILE A 474 -2.65 -82.10 -5.24
C ILE A 474 -1.82 -82.25 -3.99
N GLN A 475 -2.20 -83.11 -3.07
CA GLN A 475 -1.37 -83.41 -1.92
C GLN A 475 0.01 -83.89 -2.36
N SER A 476 0.03 -84.92 -3.21
CA SER A 476 1.28 -85.41 -3.78
C SER A 476 1.98 -84.32 -4.58
N LEU A 477 1.22 -83.51 -5.32
CA LEU A 477 1.81 -82.42 -6.07
C LEU A 477 2.60 -81.47 -5.18
N LYS A 478 2.09 -81.21 -3.98
CA LYS A 478 2.80 -80.37 -3.02
C LYS A 478 4.01 -81.08 -2.42
N ASP A 479 3.85 -82.34 -2.06
CA ASP A 479 4.89 -83.03 -1.28
C ASP A 479 6.08 -83.50 -2.16
N ASP A 480 5.84 -83.70 -3.45
CA ASP A 480 6.88 -84.03 -4.40
C ASP A 480 6.72 -83.20 -5.67
N PRO A 481 7.31 -82.00 -5.75
CA PRO A 481 7.11 -81.14 -6.93
C PRO A 481 7.77 -81.64 -8.23
N SER A 482 8.86 -82.38 -8.11
CA SER A 482 9.57 -82.87 -9.30
C SER A 482 8.84 -83.93 -10.10
N GLN A 483 7.92 -84.63 -9.44
CA GLN A 483 6.99 -85.55 -10.09
C GLN A 483 5.83 -84.81 -10.75
N SER A 484 5.79 -83.48 -10.70
CA SER A 484 4.69 -82.70 -11.25
C SER A 484 4.22 -83.17 -12.63
N ALA A 485 5.16 -83.41 -13.54
CA ALA A 485 4.81 -83.84 -14.89
C ALA A 485 4.06 -85.16 -14.89
N ASN A 486 4.55 -86.11 -14.10
CA ASN A 486 3.96 -87.47 -14.15
C ASN A 486 2.54 -87.49 -13.61
N LEU A 487 2.35 -86.96 -12.41
CA LEU A 487 1.05 -87.00 -11.74
C LEU A 487 -0.05 -86.33 -12.56
N LEU A 488 0.29 -85.19 -13.21
CA LEU A 488 -0.67 -84.55 -14.08
C LEU A 488 -1.09 -85.51 -15.17
N ALA A 489 -0.11 -86.16 -15.81
CA ALA A 489 -0.43 -87.20 -16.79
C ALA A 489 -1.35 -88.26 -16.13
N GLU A 490 -0.95 -88.73 -14.94
CA GLU A 490 -1.77 -89.69 -14.24
C GLU A 490 -3.19 -89.18 -14.03
N ALA A 491 -3.32 -87.91 -13.62
CA ALA A 491 -4.63 -87.32 -13.44
C ALA A 491 -5.48 -87.48 -14.71
N LYS A 492 -4.96 -87.03 -15.85
CA LYS A 492 -5.73 -87.20 -17.07
C LYS A 492 -5.87 -88.67 -17.47
N LYS A 493 -4.85 -89.46 -17.17
CA LYS A 493 -4.94 -90.92 -17.34
C LYS A 493 -6.24 -91.49 -16.71
N LEU A 494 -6.61 -90.91 -15.56
CA LEU A 494 -7.84 -91.30 -14.89
C LEU A 494 -9.03 -90.46 -15.31
N ASN A 495 -8.81 -89.21 -15.69
CA ASN A 495 -9.93 -88.36 -16.13
C ASN A 495 -10.52 -88.88 -17.44
N ASP A 496 -9.73 -89.61 -18.23
CA ASP A 496 -10.22 -90.21 -19.46
C ASP A 496 -10.96 -91.54 -19.18
N ALA A 497 -10.52 -92.28 -18.18
CA ALA A 497 -11.00 -93.62 -17.93
C ALA A 497 -12.35 -93.68 -17.25
N GLN A 498 -12.99 -92.54 -16.96
CA GLN A 498 -14.34 -92.54 -16.40
C GLN A 498 -15.22 -91.49 -17.07
N ALA A 499 -14.94 -91.19 -18.34
CA ALA A 499 -15.60 -90.07 -19.04
C ALA A 499 -17.04 -90.40 -19.40
N SER B 5 36.37 -30.60 -30.82
CA SER B 5 37.74 -30.20 -30.37
C SER B 5 38.36 -31.30 -29.52
N ALA B 6 37.91 -31.39 -28.27
CA ALA B 6 38.36 -32.38 -27.30
C ALA B 6 37.35 -33.52 -27.21
N SER B 7 37.75 -34.61 -26.56
CA SER B 7 36.87 -35.73 -26.31
C SER B 7 35.76 -35.37 -25.33
N ALA B 8 34.67 -36.11 -25.42
CA ALA B 8 33.54 -35.90 -24.51
C ALA B 8 33.94 -36.06 -23.05
N LEU B 9 34.87 -36.97 -22.77
CA LEU B 9 35.35 -37.16 -21.41
C LEU B 9 36.03 -35.91 -20.87
N ALA B 10 36.91 -35.32 -21.67
CA ALA B 10 37.59 -34.08 -21.27
C ALA B 10 36.58 -32.96 -21.02
N CYS B 11 35.62 -32.79 -21.94
CA CYS B 11 34.61 -31.76 -21.78
C CYS B 11 33.82 -31.95 -20.48
N SER B 12 33.33 -33.17 -20.25
CA SER B 12 32.59 -33.46 -19.02
C SER B 12 33.44 -33.18 -17.78
N ALA B 13 34.71 -33.62 -17.80
CA ALA B 13 35.58 -33.42 -16.65
C ALA B 13 35.78 -31.92 -16.36
N HIS B 14 36.05 -31.13 -17.39
CA HIS B 14 36.13 -29.70 -17.23
C HIS B 14 34.85 -29.11 -16.64
N ALA B 15 33.71 -29.57 -17.15
CA ALA B 15 32.42 -29.08 -16.65
C ALA B 15 32.22 -29.39 -15.17
N LEU B 16 32.62 -30.60 -14.74
CA LEU B 16 32.48 -30.95 -13.33
C LEU B 16 33.44 -30.16 -12.45
N ASN B 17 34.67 -29.94 -12.94
CA ASN B 17 35.60 -29.07 -12.24
C ASN B 17 35.00 -27.67 -12.04
N LEU B 18 34.23 -27.21 -13.02
CA LEU B 18 33.65 -25.88 -12.92
C LEU B 18 32.38 -25.87 -12.06
N ILE B 19 31.68 -26.99 -12.01
CA ILE B 19 30.55 -27.14 -11.10
C ILE B 19 31.01 -27.13 -9.64
N GLU B 20 32.16 -27.74 -9.38
CA GLU B 20 32.68 -27.81 -8.01
C GLU B 20 33.25 -26.47 -7.51
N LYS B 21 33.59 -25.57 -8.42
CA LYS B 21 34.10 -24.26 -8.02
C LYS B 21 33.00 -23.38 -7.46
N ARG B 22 33.35 -22.59 -6.45
CA ARG B 22 32.39 -21.69 -5.79
C ARG B 22 32.61 -20.22 -6.17
N THR B 23 33.87 -19.85 -6.44
CA THR B 23 34.19 -18.51 -6.92
C THR B 23 35.20 -18.63 -8.04
N LEU B 24 35.31 -17.56 -8.82
CA LEU B 24 36.23 -17.50 -9.95
C LEU B 24 37.11 -16.30 -9.81
N ASP B 25 38.41 -16.47 -10.01
CA ASP B 25 39.21 -15.29 -10.31
C ASP B 25 38.81 -14.76 -11.69
N HIS B 26 39.27 -13.53 -11.97
CA HIS B 26 38.93 -12.80 -13.17
C HIS B 26 39.49 -13.49 -14.43
N GLU B 27 40.67 -14.10 -14.41
CA GLU B 27 41.11 -14.82 -15.61
C GLU B 27 40.30 -16.12 -15.82
N GLU B 28 39.91 -16.73 -14.71
CA GLU B 28 38.94 -17.83 -14.74
C GLU B 28 37.59 -17.33 -15.29
N MET B 29 37.17 -16.16 -14.84
CA MET B 29 35.90 -15.58 -15.24
C MET B 29 35.90 -15.25 -16.73
N LYS B 30 36.96 -14.58 -17.19
CA LYS B 30 37.09 -14.19 -18.57
C LYS B 30 37.17 -15.42 -19.46
N ALA B 31 37.94 -16.42 -19.06
CA ALA B 31 38.02 -17.66 -19.83
C ALA B 31 36.65 -18.36 -19.90
N LEU B 32 35.91 -18.37 -18.79
CA LEU B 32 34.62 -19.03 -18.77
C LEU B 32 33.59 -18.28 -19.61
N ASN B 33 33.56 -16.96 -19.49
CA ASN B 33 32.65 -16.16 -20.31
C ASN B 33 32.94 -16.32 -21.80
N ARG B 34 34.22 -16.29 -22.16
CA ARG B 34 34.61 -16.51 -23.55
C ARG B 34 34.16 -17.90 -24.02
N GLU B 35 34.35 -18.91 -23.16
CA GLU B 35 33.93 -20.27 -23.49
C GLU B 35 32.42 -20.35 -23.73
N VAL B 36 31.63 -19.77 -22.82
CA VAL B 36 30.18 -19.91 -22.92
C VAL B 36 29.63 -19.12 -24.12
N ILE B 37 30.25 -17.99 -24.43
CA ILE B 37 29.85 -17.26 -25.64
C ILE B 37 30.15 -18.11 -26.88
N GLU B 38 31.33 -18.73 -26.92
CA GLU B 38 31.69 -19.58 -28.06
C GLU B 38 30.70 -20.75 -28.20
N TYR B 39 30.46 -21.47 -27.12
CA TYR B 39 29.60 -22.66 -27.18
C TYR B 39 28.13 -22.30 -27.41
N PHE B 40 27.71 -21.13 -26.98
CA PHE B 40 26.39 -20.62 -27.35
C PHE B 40 26.34 -20.35 -28.85
N LYS B 41 27.42 -19.78 -29.39
CA LYS B 41 27.46 -19.45 -30.81
C LYS B 41 27.47 -20.70 -31.70
N GLU B 42 28.15 -21.75 -31.26
CA GLU B 42 28.37 -22.93 -32.09
C GLU B 42 27.59 -24.17 -31.73
N HIS B 43 26.88 -24.17 -30.61
CA HIS B 43 26.21 -25.40 -30.15
C HIS B 43 24.84 -25.18 -29.53
N VAL B 44 24.48 -23.94 -29.19
CA VAL B 44 23.17 -23.67 -28.58
C VAL B 44 22.32 -22.90 -29.59
N ASN B 45 22.58 -21.60 -29.71
CA ASN B 45 21.92 -20.73 -30.69
C ASN B 45 22.60 -19.37 -30.73
N PRO B 46 23.17 -18.97 -31.87
CA PRO B 46 23.74 -17.60 -31.97
C PRO B 46 22.66 -16.49 -31.93
N GLY B 47 21.45 -16.85 -32.32
CA GLY B 47 20.35 -15.90 -32.27
C GLY B 47 20.14 -15.32 -30.87
N PHE B 48 20.31 -16.16 -29.85
CA PHE B 48 20.17 -15.68 -28.48
C PHE B 48 21.18 -14.56 -28.19
N LEU B 49 22.42 -14.74 -28.67
CA LEU B 49 23.42 -13.71 -28.48
C LEU B 49 22.97 -12.41 -29.12
N GLU B 50 22.40 -12.50 -30.33
CA GLU B 50 21.93 -11.27 -30.98
C GLU B 50 20.78 -10.62 -30.20
N TYR B 51 19.88 -11.44 -29.66
CA TYR B 51 18.73 -10.92 -28.92
C TYR B 51 19.19 -10.14 -27.69
N ARG B 52 20.03 -10.76 -26.87
CA ARG B 52 20.53 -10.06 -25.69
C ARG B 52 21.31 -8.82 -26.07
N LYS B 53 21.95 -8.85 -27.24
CA LYS B 53 22.56 -7.62 -27.74
C LYS B 53 21.49 -6.54 -27.92
N SER B 54 20.33 -6.92 -28.44
CA SER B 54 19.29 -5.90 -28.64
C SER B 54 18.66 -5.46 -27.31
N VAL B 55 18.92 -6.14 -26.20
CA VAL B 55 18.35 -5.65 -24.95
C VAL B 55 19.42 -5.22 -23.95
N THR B 56 20.62 -4.91 -24.42
CA THR B 56 21.72 -4.51 -23.54
C THR B 56 22.56 -3.42 -24.18
N ALA B 57 23.58 -2.97 -23.47
CA ALA B 57 24.57 -2.04 -24.01
C ALA B 57 25.96 -2.55 -23.71
N GLY B 58 26.78 -2.66 -24.75
CA GLY B 58 28.12 -3.23 -24.63
C GLY B 58 28.13 -4.64 -24.09
N GLY B 59 29.24 -4.97 -23.45
CA GLY B 59 29.47 -6.34 -22.98
C GLY B 59 28.44 -6.85 -22.01
N ASP B 60 27.46 -6.01 -21.67
CA ASP B 60 26.33 -6.46 -20.86
C ASP B 60 25.56 -7.57 -21.55
N TYR B 61 25.60 -7.62 -22.88
CA TYR B 61 24.97 -8.75 -23.58
C TYR B 61 25.59 -10.09 -23.19
N GLY B 62 26.76 -10.08 -22.56
CA GLY B 62 27.48 -11.29 -22.25
C GLY B 62 27.65 -11.49 -20.76
N ALA B 63 26.57 -11.27 -20.00
CA ALA B 63 26.54 -11.61 -18.59
C ALA B 63 26.17 -13.08 -18.46
N VAL B 64 26.94 -13.81 -17.67
CA VAL B 64 26.77 -15.25 -17.51
C VAL B 64 26.30 -15.53 -16.10
N GLU B 65 25.24 -16.34 -15.99
CA GLU B 65 24.77 -16.75 -14.68
C GLU B 65 25.84 -17.52 -13.91
N TRP B 66 25.80 -17.38 -12.59
CA TRP B 66 26.70 -18.11 -11.73
C TRP B 66 25.99 -18.67 -10.52
N GLN B 67 25.41 -17.81 -9.69
CA GLN B 67 24.83 -18.29 -8.45
C GLN B 67 23.72 -17.37 -7.98
N ALA B 68 22.76 -17.93 -7.27
CA ALA B 68 21.79 -17.13 -6.54
C ALA B 68 22.47 -16.33 -5.43
N GLY B 69 22.18 -15.03 -5.37
CA GLY B 69 22.73 -14.18 -4.32
C GLY B 69 21.97 -14.31 -3.02
N SER B 70 20.76 -13.78 -2.99
CA SER B 70 19.87 -13.95 -1.86
C SER B 70 18.55 -14.51 -2.39
N LEU B 71 17.48 -14.35 -1.65
CA LEU B 71 16.17 -14.78 -2.12
C LEU B 71 15.76 -14.07 -3.42
N ASN B 72 16.16 -12.81 -3.57
CA ASN B 72 15.68 -11.98 -4.67
C ASN B 72 16.79 -11.44 -5.56
N THR B 73 18.00 -11.99 -5.46
CA THR B 73 19.14 -11.48 -6.23
C THR B 73 19.87 -12.61 -6.93
N LEU B 74 20.44 -12.28 -8.08
CA LEU B 74 21.26 -13.20 -8.87
C LEU B 74 22.63 -12.62 -9.09
N VAL B 75 23.65 -13.47 -9.09
CA VAL B 75 25.03 -13.04 -9.18
C VAL B 75 25.67 -13.72 -10.39
N ASP B 76 26.18 -12.89 -11.30
CA ASP B 76 26.84 -13.37 -12.51
C ASP B 76 28.28 -13.78 -12.21
N THR B 77 29.00 -14.18 -13.26
CA THR B 77 30.37 -14.65 -13.12
C THR B 77 31.36 -13.56 -12.71
N GLN B 78 30.92 -12.30 -12.75
CA GLN B 78 31.79 -11.17 -12.38
C GLN B 78 31.48 -10.63 -10.99
N GLY B 79 30.61 -11.29 -10.25
CA GLY B 79 30.22 -10.84 -8.93
C GLY B 79 29.17 -9.75 -8.92
N GLN B 80 28.69 -9.32 -10.09
CA GLN B 80 27.65 -8.30 -10.14
C GLN B 80 26.33 -8.88 -9.67
N GLU B 81 25.65 -8.16 -8.78
CA GLU B 81 24.39 -8.60 -8.19
C GLU B 81 23.23 -7.88 -8.84
N PHE B 82 22.19 -8.63 -9.16
CA PHE B 82 21.00 -8.14 -9.82
C PHE B 82 19.78 -8.42 -8.95
N ILE B 83 18.89 -7.44 -8.84
CA ILE B 83 17.57 -7.67 -8.28
C ILE B 83 16.72 -8.33 -9.38
N ASP B 84 16.10 -9.45 -9.06
CA ASP B 84 15.37 -10.24 -10.04
C ASP B 84 13.91 -9.79 -10.07
N CYS B 85 13.59 -8.92 -11.04
CA CYS B 85 12.20 -8.57 -11.32
C CYS B 85 11.62 -9.38 -12.49
N LEU B 86 12.34 -10.41 -12.92
CA LEU B 86 11.87 -11.31 -13.96
C LEU B 86 11.27 -12.60 -13.38
N GLY B 87 11.89 -13.12 -12.33
CA GLY B 87 11.35 -14.30 -11.64
C GLY B 87 11.18 -15.51 -12.53
N GLY B 88 12.03 -15.65 -13.55
CA GLY B 88 11.89 -16.73 -14.51
C GLY B 88 10.51 -16.80 -15.14
N PHE B 89 9.93 -15.62 -15.42
CA PHE B 89 8.59 -15.52 -16.01
C PHE B 89 7.54 -16.22 -15.15
N GLY B 90 7.72 -16.13 -13.84
CA GLY B 90 6.79 -16.71 -12.88
C GLY B 90 7.25 -17.98 -12.20
N ILE B 91 8.54 -18.30 -12.23
CA ILE B 91 9.07 -19.50 -11.60
C ILE B 91 9.40 -19.26 -10.11
N PHE B 92 10.09 -18.18 -9.81
CA PHE B 92 10.67 -17.98 -8.49
C PHE B 92 9.74 -17.20 -7.56
N ASN B 93 8.54 -17.73 -7.37
CA ASN B 93 7.57 -17.08 -6.48
C ASN B 93 8.04 -17.05 -5.03
N VAL B 94 8.78 -18.07 -4.61
CA VAL B 94 9.28 -18.12 -3.23
C VAL B 94 10.78 -17.82 -3.19
N GLY B 95 11.27 -17.10 -4.20
CA GLY B 95 12.67 -16.67 -4.22
C GLY B 95 13.62 -17.74 -4.71
N HIS B 96 14.89 -17.36 -4.77
CA HIS B 96 15.96 -18.24 -5.23
C HIS B 96 16.54 -19.02 -4.07
N ARG B 97 16.73 -20.32 -4.26
CA ARG B 97 17.24 -21.24 -3.23
C ARG B 97 16.52 -21.02 -1.89
N ASN B 98 15.21 -21.16 -1.92
CA ASN B 98 14.39 -21.03 -0.72
C ASN B 98 14.79 -22.12 0.27
N PRO B 99 15.25 -21.74 1.47
CA PRO B 99 15.79 -22.73 2.42
C PRO B 99 14.90 -23.95 2.66
N VAL B 100 13.59 -23.74 2.74
CA VAL B 100 12.67 -24.85 2.98
C VAL B 100 12.66 -25.81 1.78
N VAL B 101 12.56 -25.25 0.58
CA VAL B 101 12.50 -26.07 -0.63
C VAL B 101 13.83 -26.78 -0.87
N VAL B 102 14.93 -26.05 -0.72
CA VAL B 102 16.27 -26.65 -0.85
C VAL B 102 16.44 -27.77 0.17
N SER B 103 15.92 -27.57 1.38
CA SER B 103 16.04 -28.58 2.44
C SER B 103 15.27 -29.85 2.06
N ALA B 104 14.02 -29.69 1.65
CA ALA B 104 13.21 -30.85 1.26
C ALA B 104 13.85 -31.60 0.10
N VAL B 105 14.31 -30.86 -0.91
CA VAL B 105 14.95 -31.47 -2.07
C VAL B 105 16.22 -32.21 -1.66
N GLN B 106 16.96 -31.65 -0.72
CA GLN B 106 18.19 -32.29 -0.23
C GLN B 106 17.88 -33.59 0.53
N ASN B 107 16.84 -33.58 1.37
CA ASN B 107 16.48 -34.77 2.11
C ASN B 107 16.03 -35.89 1.16
N GLN B 108 15.11 -35.56 0.25
CA GLN B 108 14.63 -36.58 -0.67
C GLN B 108 15.74 -37.04 -1.62
N LEU B 109 16.65 -36.14 -1.98
CA LEU B 109 17.85 -36.54 -2.72
C LEU B 109 18.67 -37.53 -1.94
N ALA B 110 18.74 -37.34 -0.62
CA ALA B 110 19.44 -38.32 0.23
C ALA B 110 18.71 -39.67 0.22
N LYS B 111 17.40 -39.65 0.04
CA LYS B 111 16.57 -40.86 0.09
C LYS B 111 16.44 -41.51 -1.28
N GLN B 112 15.81 -40.86 -2.25
CA GLN B 112 15.69 -41.37 -3.60
C GLN B 112 15.16 -40.27 -4.54
N PRO B 113 15.94 -39.92 -5.59
CA PRO B 113 15.53 -38.81 -6.46
C PRO B 113 14.40 -39.16 -7.44
N LEU B 114 14.57 -40.26 -8.19
CA LEU B 114 13.58 -40.70 -9.15
C LEU B 114 12.99 -42.03 -8.75
N HIS B 115 11.72 -42.24 -9.07
CA HIS B 115 10.99 -43.46 -8.69
C HIS B 115 11.13 -44.56 -9.73
N SER B 116 10.79 -45.78 -9.33
CA SER B 116 10.91 -46.95 -10.22
C SER B 116 9.89 -46.93 -11.36
N GLN B 117 8.81 -46.17 -11.19
CA GLN B 117 7.65 -46.08 -12.10
C GLN B 117 6.72 -47.27 -11.99
N GLU B 118 7.04 -48.24 -11.14
CA GLU B 118 6.23 -49.46 -10.98
C GLU B 118 5.59 -49.52 -9.61
N LEU B 119 6.38 -49.33 -8.55
CA LEU B 119 5.87 -49.33 -7.19
C LEU B 119 5.21 -48.01 -6.87
N LEU B 120 4.40 -48.00 -5.80
CA LEU B 120 3.75 -46.78 -5.36
C LEU B 120 4.76 -45.87 -4.71
N ASP B 121 4.87 -44.66 -5.23
CA ASP B 121 5.74 -43.66 -4.63
C ASP B 121 4.87 -42.77 -3.72
N PRO B 122 5.30 -42.57 -2.47
CA PRO B 122 4.41 -41.91 -1.51
C PRO B 122 4.23 -40.40 -1.73
N LEU B 123 5.26 -39.70 -2.19
CA LEU B 123 5.16 -38.25 -2.34
C LEU B 123 4.20 -37.84 -3.46
N ARG B 124 3.98 -38.72 -4.43
CA ARG B 124 2.97 -38.45 -5.45
C ARG B 124 1.57 -38.45 -4.83
N ALA B 125 1.30 -39.43 -3.95
CA ALA B 125 0.03 -39.47 -3.25
C ALA B 125 -0.12 -38.27 -2.31
N MET B 126 0.93 -37.96 -1.55
CA MET B 126 0.89 -36.81 -0.65
C MET B 126 0.62 -35.52 -1.40
N LEU B 127 1.30 -35.32 -2.53
CA LEU B 127 1.12 -34.09 -3.29
C LEU B 127 -0.26 -34.02 -3.94
N ALA B 128 -0.74 -35.15 -4.43
CA ALA B 128 -2.09 -35.19 -5.00
C ALA B 128 -3.15 -34.82 -3.94
N LYS B 129 -2.99 -35.36 -2.73
CA LYS B 129 -3.91 -35.03 -1.64
C LYS B 129 -3.83 -33.55 -1.27
N THR B 130 -2.60 -33.04 -1.15
CA THR B 130 -2.40 -31.62 -0.84
C THR B 130 -3.08 -30.72 -1.89
N LEU B 131 -2.86 -31.03 -3.17
CA LEU B 131 -3.46 -30.23 -4.24
C LEU B 131 -4.97 -30.34 -4.24
N ALA B 132 -5.51 -31.50 -3.91
CA ALA B 132 -6.96 -31.63 -3.77
C ALA B 132 -7.48 -30.73 -2.66
N ALA B 133 -6.74 -30.66 -1.54
CA ALA B 133 -7.11 -29.77 -0.44
C ALA B 133 -6.99 -28.30 -0.82
N LEU B 134 -6.05 -27.97 -1.71
CA LEU B 134 -5.73 -26.58 -2.03
C LEU B 134 -6.55 -26.01 -3.18
N THR B 135 -7.17 -26.87 -4.01
CA THR B 135 -7.86 -26.39 -5.22
C THR B 135 -9.35 -26.20 -4.97
N PRO B 136 -9.97 -25.23 -5.67
CA PRO B 136 -11.39 -24.96 -5.47
C PRO B 136 -12.29 -26.12 -5.84
N GLY B 137 -13.36 -26.30 -5.06
CA GLY B 137 -14.45 -27.18 -5.44
C GLY B 137 -14.08 -28.64 -5.64
N LYS B 138 -14.52 -29.19 -6.77
CA LYS B 138 -14.45 -30.62 -7.02
C LYS B 138 -13.15 -31.07 -7.69
N LEU B 139 -12.20 -30.15 -7.91
CA LEU B 139 -10.89 -30.54 -8.39
C LEU B 139 -10.24 -31.53 -7.43
N LYS B 140 -10.03 -32.75 -7.90
CA LYS B 140 -9.75 -33.85 -6.99
C LYS B 140 -8.56 -34.71 -7.41
N TYR B 141 -8.40 -34.98 -8.70
CA TYR B 141 -7.35 -35.86 -9.19
C TYR B 141 -6.25 -35.09 -9.90
N SER B 142 -5.01 -35.50 -9.68
CA SER B 142 -3.85 -34.81 -10.24
C SER B 142 -3.02 -35.76 -11.09
N PHE B 143 -2.54 -35.23 -12.21
CA PHE B 143 -1.54 -35.89 -13.06
C PHE B 143 -0.28 -35.03 -13.08
N PHE B 144 0.86 -35.63 -12.82
CA PHE B 144 2.11 -34.88 -12.69
C PHE B 144 3.02 -35.09 -13.90
N CYS B 145 3.54 -34.00 -14.42
CA CYS B 145 4.47 -34.01 -15.54
C CYS B 145 5.63 -33.07 -15.19
N ASN B 146 6.33 -32.57 -16.19
CA ASN B 146 7.56 -31.81 -15.96
C ASN B 146 7.55 -30.37 -16.45
N SER B 147 6.49 -29.92 -17.13
CA SER B 147 6.49 -28.58 -17.69
C SER B 147 5.08 -28.08 -17.87
N GLY B 148 4.95 -26.78 -18.12
CA GLY B 148 3.65 -26.18 -18.38
C GLY B 148 3.00 -26.73 -19.63
N THR B 149 3.78 -26.81 -20.71
CA THR B 149 3.25 -27.32 -21.98
C THR B 149 2.76 -28.77 -21.84
N GLU B 150 3.45 -29.56 -21.02
CA GLU B 150 3.01 -30.92 -20.76
C GLU B 150 1.69 -30.94 -19.98
N SER B 151 1.56 -30.02 -19.02
CA SER B 151 0.30 -29.91 -18.28
C SER B 151 -0.85 -29.56 -19.20
N VAL B 152 -0.63 -28.64 -20.13
CA VAL B 152 -1.66 -28.30 -21.10
C VAL B 152 -1.96 -29.49 -22.02
N GLU B 153 -0.92 -30.25 -22.39
CA GLU B 153 -1.14 -31.45 -23.19
C GLU B 153 -2.05 -32.44 -22.46
N ALA B 154 -1.78 -32.66 -21.17
CA ALA B 154 -2.61 -33.56 -20.37
C ALA B 154 -4.04 -33.04 -20.26
N ALA B 155 -4.19 -31.72 -20.12
CA ALA B 155 -5.52 -31.12 -20.08
C ALA B 155 -6.29 -31.40 -21.38
N LEU B 156 -5.65 -31.14 -22.52
CA LEU B 156 -6.28 -31.38 -23.80
C LEU B 156 -6.64 -32.86 -23.99
N LYS B 157 -5.77 -33.75 -23.54
CA LYS B 157 -6.04 -35.18 -23.72
C LYS B 157 -7.18 -35.65 -22.81
N LEU B 158 -7.25 -35.11 -21.59
CA LEU B 158 -8.39 -35.38 -20.72
C LEU B 158 -9.69 -34.93 -21.37
N ALA B 159 -9.69 -33.70 -21.88
CA ALA B 159 -10.89 -33.17 -22.56
C ALA B 159 -11.28 -34.04 -23.75
N LYS B 160 -10.30 -34.49 -24.53
CA LYS B 160 -10.58 -35.32 -25.70
C LYS B 160 -11.14 -36.67 -25.31
N ALA B 161 -10.50 -37.33 -24.34
CA ALA B 161 -10.97 -38.64 -23.90
C ALA B 161 -12.36 -38.56 -23.29
N TYR B 162 -12.71 -37.41 -22.71
CA TYR B 162 -14.03 -37.25 -22.12
C TYR B 162 -15.09 -36.90 -23.16
N GLN B 163 -14.73 -36.09 -24.15
CA GLN B 163 -15.72 -35.50 -25.06
C GLN B 163 -15.86 -36.22 -26.40
N SER B 164 -14.84 -36.96 -26.83
CA SER B 164 -14.95 -37.70 -28.08
C SER B 164 -16.07 -38.76 -28.08
N PRO B 165 -16.24 -39.54 -26.98
CA PRO B 165 -17.41 -40.43 -26.94
C PRO B 165 -18.74 -39.69 -26.90
N ARG B 166 -18.72 -38.36 -26.69
CA ARG B 166 -19.92 -37.54 -26.70
C ARG B 166 -20.05 -36.71 -27.98
N GLY B 167 -19.23 -36.98 -28.99
CA GLY B 167 -19.36 -36.33 -30.28
C GLY B 167 -18.91 -34.89 -30.34
N LYS B 168 -17.96 -34.50 -29.50
CA LYS B 168 -17.45 -33.13 -29.46
C LYS B 168 -15.93 -33.17 -29.62
N PHE B 169 -15.43 -32.37 -30.56
CA PHE B 169 -14.02 -32.45 -30.97
C PHE B 169 -13.29 -31.11 -31.04
N THR B 170 -14.00 -30.00 -31.17
CA THR B 170 -13.36 -28.71 -31.45
C THR B 170 -13.00 -27.99 -30.16
N PHE B 171 -11.90 -27.25 -30.18
CA PHE B 171 -11.42 -26.51 -29.02
C PHE B 171 -11.42 -25.01 -29.29
N ILE B 172 -11.88 -24.23 -28.31
CA ILE B 172 -11.88 -22.79 -28.38
C ILE B 172 -10.81 -22.23 -27.45
N ALA B 173 -9.90 -21.44 -28.00
CA ALA B 173 -8.94 -20.67 -27.23
C ALA B 173 -9.16 -19.19 -27.51
N THR B 174 -8.27 -18.35 -27.00
CA THR B 174 -8.37 -16.91 -27.20
C THR B 174 -7.14 -16.37 -27.88
N SER B 175 -7.32 -15.31 -28.66
CA SER B 175 -6.16 -14.61 -29.24
C SER B 175 -5.30 -14.00 -28.14
N GLY B 176 -4.01 -13.90 -28.41
CA GLY B 176 -3.06 -13.46 -27.41
C GLY B 176 -2.74 -14.47 -26.33
N ALA B 177 -3.35 -15.66 -26.39
CA ALA B 177 -3.10 -16.70 -25.39
C ALA B 177 -1.78 -17.40 -25.65
N PHE B 178 -1.19 -17.91 -24.59
CA PHE B 178 -0.02 -18.78 -24.67
C PHE B 178 -0.24 -19.96 -23.74
N HIS B 179 -0.14 -21.17 -24.29
CA HIS B 179 -0.36 -22.39 -23.51
C HIS B 179 0.76 -23.42 -23.69
N GLY B 180 1.86 -23.04 -24.31
CA GLY B 180 2.97 -23.95 -24.54
C GLY B 180 3.28 -24.11 -26.02
N LYS B 181 4.39 -24.78 -26.28
CA LYS B 181 4.96 -24.89 -27.61
C LYS B 181 5.06 -26.31 -28.14
N SER B 182 4.73 -27.31 -27.33
CA SER B 182 4.51 -28.64 -27.88
C SER B 182 3.27 -28.59 -28.79
N LEU B 183 3.29 -29.40 -29.85
CA LEU B 183 2.34 -29.27 -30.94
C LEU B 183 0.89 -29.25 -30.48
N GLY B 184 0.54 -30.12 -29.54
CA GLY B 184 -0.79 -30.11 -28.95
C GLY B 184 -1.11 -28.78 -28.32
N ALA B 185 -0.28 -28.37 -27.35
CA ALA B 185 -0.46 -27.07 -26.70
C ALA B 185 -0.33 -25.93 -27.71
N LEU B 186 0.55 -26.09 -28.70
CA LEU B 186 0.74 -25.05 -29.69
C LEU B 186 -0.51 -24.82 -30.53
N SER B 187 -1.35 -25.85 -30.67
CA SER B 187 -2.63 -25.66 -31.35
C SER B 187 -3.52 -24.67 -30.60
N ALA B 188 -3.34 -24.56 -29.28
CA ALA B 188 -4.12 -23.63 -28.46
C ALA B 188 -3.46 -22.25 -28.36
N THR B 189 -2.14 -22.23 -28.16
CA THR B 189 -1.35 -21.00 -28.27
C THR B 189 -1.76 -20.22 -29.51
N ALA B 190 -1.71 -18.89 -29.43
CA ALA B 190 -2.33 -18.04 -30.44
C ALA B 190 -1.39 -17.17 -31.28
N LYS B 191 -0.11 -17.10 -30.93
CA LYS B 191 0.78 -16.16 -31.63
C LYS B 191 1.19 -16.71 -32.99
N SER B 192 0.78 -16.00 -34.04
CA SER B 192 1.08 -16.35 -35.43
C SER B 192 2.51 -16.87 -35.68
N THR B 193 3.50 -16.10 -35.27
CA THR B 193 4.89 -16.46 -35.54
C THR B 193 5.29 -17.77 -34.85
N PHE B 194 4.65 -18.08 -33.73
CA PHE B 194 4.91 -19.34 -33.05
C PHE B 194 4.32 -20.55 -33.77
N ARG B 195 3.28 -20.34 -34.59
CA ARG B 195 2.49 -21.44 -35.13
C ARG B 195 2.68 -21.69 -36.62
N LYS B 196 2.73 -20.64 -37.43
CA LYS B 196 2.75 -20.78 -38.89
C LYS B 196 3.81 -21.77 -39.43
N PRO B 197 5.08 -21.73 -38.95
CA PRO B 197 6.07 -22.65 -39.53
C PRO B 197 5.82 -24.13 -39.24
N PHE B 198 4.92 -24.44 -38.31
CA PHE B 198 4.66 -25.82 -37.91
C PHE B 198 3.25 -26.29 -38.28
N MET B 199 2.53 -25.52 -39.09
CA MET B 199 1.23 -25.94 -39.58
C MET B 199 1.45 -26.99 -40.67
N PRO B 200 0.54 -27.99 -40.75
CA PRO B 200 -0.71 -28.12 -40.00
C PRO B 200 -0.55 -28.60 -38.55
N LEU B 201 -1.32 -28.01 -37.66
CA LEU B 201 -1.41 -28.42 -36.28
C LEU B 201 -2.68 -29.25 -36.07
N LEU B 202 -3.09 -29.44 -34.82
CA LEU B 202 -4.32 -30.17 -34.55
C LEU B 202 -5.53 -29.53 -35.20
N PRO B 203 -6.39 -30.32 -35.83
CA PRO B 203 -7.62 -29.76 -36.42
C PRO B 203 -8.64 -29.34 -35.35
N GLY B 204 -9.51 -28.44 -35.73
CA GLY B 204 -10.62 -28.01 -34.89
C GLY B 204 -10.28 -27.10 -33.73
N PHE B 205 -9.26 -26.25 -33.88
CA PHE B 205 -8.95 -25.24 -32.88
C PHE B 205 -9.33 -23.86 -33.38
N ARG B 206 -10.11 -23.14 -32.58
CA ARG B 206 -10.61 -21.82 -32.94
C ARG B 206 -10.24 -20.82 -31.85
N HIS B 207 -10.15 -19.56 -32.22
CA HIS B 207 -9.80 -18.49 -31.28
C HIS B 207 -10.81 -17.37 -31.34
N VAL B 208 -11.13 -16.82 -30.18
CA VAL B 208 -12.01 -15.66 -30.05
C VAL B 208 -11.27 -14.59 -29.25
N PRO B 209 -11.72 -13.32 -29.33
CA PRO B 209 -11.06 -12.27 -28.56
C PRO B 209 -11.14 -12.53 -27.07
N PHE B 210 -10.03 -12.30 -26.36
CA PHE B 210 -9.97 -12.51 -24.93
C PHE B 210 -10.76 -11.45 -24.19
N GLY B 211 -11.58 -11.88 -23.22
CA GLY B 211 -12.37 -10.94 -22.41
C GLY B 211 -13.69 -10.56 -23.04
N ASN B 212 -14.07 -11.19 -24.17
CA ASN B 212 -15.26 -10.83 -24.92
C ASN B 212 -16.23 -12.02 -24.83
N ILE B 213 -17.14 -11.96 -23.88
CA ILE B 213 -18.03 -13.08 -23.62
C ILE B 213 -19.00 -13.33 -24.78
N GLU B 214 -19.41 -12.28 -25.47
CA GLU B 214 -20.36 -12.43 -26.56
C GLU B 214 -19.71 -13.09 -27.78
N ALA B 215 -18.44 -12.76 -28.05
CA ALA B 215 -17.71 -13.44 -29.11
C ALA B 215 -17.63 -14.95 -28.84
N MET B 216 -17.33 -15.32 -27.60
CA MET B 216 -17.20 -16.72 -27.26
C MET B 216 -18.54 -17.44 -27.33
N ARG B 217 -19.60 -16.80 -26.82
CA ARG B 217 -20.95 -17.35 -26.97
C ARG B 217 -21.28 -17.56 -28.45
N THR B 218 -20.91 -16.60 -29.29
CA THR B 218 -21.12 -16.74 -30.72
C THR B 218 -20.39 -17.97 -31.27
N ALA B 219 -19.13 -18.16 -30.86
CA ALA B 219 -18.35 -19.29 -31.34
C ALA B 219 -18.99 -20.62 -30.93
N LEU B 220 -19.40 -20.72 -29.67
CA LEU B 220 -20.03 -21.95 -29.20
C LEU B 220 -21.35 -22.22 -29.91
N ASN B 221 -22.16 -21.19 -30.10
CA ASN B 221 -23.46 -21.36 -30.74
C ASN B 221 -23.32 -21.75 -32.21
N GLU B 222 -22.39 -21.12 -32.91
CA GLU B 222 -22.15 -21.46 -34.31
C GLU B 222 -21.59 -22.87 -34.43
N CYS B 223 -20.68 -23.25 -33.54
CA CYS B 223 -20.14 -24.61 -33.54
C CYS B 223 -21.25 -25.64 -33.31
N LYS B 224 -22.22 -25.31 -32.46
CA LYS B 224 -23.33 -26.22 -32.24
C LYS B 224 -24.24 -26.29 -33.47
N LYS B 225 -24.48 -25.15 -34.11
CA LYS B 225 -25.34 -25.12 -35.29
C LYS B 225 -24.76 -25.94 -36.45
N THR B 226 -23.44 -25.96 -36.58
CA THR B 226 -22.79 -26.64 -37.70
C THR B 226 -22.36 -28.06 -37.38
N GLY B 227 -22.64 -28.55 -36.17
CA GLY B 227 -22.24 -29.89 -35.79
C GLY B 227 -20.79 -30.05 -35.38
N ASP B 228 -20.09 -28.94 -35.15
CA ASP B 228 -18.72 -28.98 -34.64
C ASP B 228 -18.68 -28.61 -33.18
N ASP B 229 -19.52 -29.29 -32.38
CA ASP B 229 -19.71 -28.92 -30.98
C ASP B 229 -18.39 -28.87 -30.22
N VAL B 230 -18.27 -27.89 -29.34
CA VAL B 230 -17.02 -27.62 -28.66
C VAL B 230 -16.84 -28.60 -27.50
N ALA B 231 -15.67 -29.23 -27.45
CA ALA B 231 -15.32 -30.12 -26.36
C ALA B 231 -14.87 -29.34 -25.13
N ALA B 232 -14.05 -28.30 -25.31
CA ALA B 232 -13.51 -27.57 -24.18
C ALA B 232 -13.16 -26.15 -24.59
N VAL B 233 -13.20 -25.25 -23.61
CA VAL B 233 -12.66 -23.90 -23.72
C VAL B 233 -11.45 -23.82 -22.81
N ILE B 234 -10.34 -23.31 -23.35
CA ILE B 234 -9.10 -23.15 -22.59
C ILE B 234 -8.71 -21.67 -22.61
N LEU B 235 -8.37 -21.15 -21.43
CA LEU B 235 -7.92 -19.77 -21.32
C LEU B 235 -7.10 -19.58 -20.07
N GLU B 236 -6.27 -18.55 -20.09
CA GLU B 236 -5.61 -18.07 -18.88
C GLU B 236 -6.56 -17.11 -18.15
N PRO B 237 -6.56 -17.11 -16.82
CA PRO B 237 -7.37 -16.12 -16.11
C PRO B 237 -6.87 -14.69 -16.38
N ILE B 238 -5.56 -14.55 -16.54
CA ILE B 238 -4.94 -13.31 -16.98
C ILE B 238 -3.84 -13.67 -17.96
N GLN B 239 -3.87 -13.07 -19.15
CA GLN B 239 -2.90 -13.41 -20.19
C GLN B 239 -1.53 -12.84 -19.85
N GLY B 240 -0.58 -13.71 -19.57
CA GLY B 240 0.77 -13.30 -19.24
C GLY B 240 1.54 -12.74 -20.41
N GLU B 241 1.73 -13.55 -21.44
CA GLU B 241 2.52 -13.14 -22.60
C GLU B 241 1.80 -12.14 -23.49
N GLY B 242 0.48 -11.98 -23.32
CA GLY B 242 -0.25 -10.94 -24.02
C GLY B 242 0.02 -9.54 -23.54
N GLY B 243 0.80 -9.39 -22.46
CA GLY B 243 1.09 -8.09 -21.88
C GLY B 243 0.37 -7.87 -20.56
N VAL B 244 0.10 -8.97 -19.84
CA VAL B 244 -0.66 -8.93 -18.60
C VAL B 244 -2.02 -8.29 -18.89
N ILE B 245 -2.86 -9.02 -19.61
CA ILE B 245 -4.16 -8.53 -20.04
C ILE B 245 -5.22 -8.97 -19.04
N LEU B 246 -5.92 -7.99 -18.46
CA LEU B 246 -6.94 -8.25 -17.45
C LEU B 246 -8.31 -8.30 -18.10
N PRO B 247 -9.07 -9.38 -17.89
CA PRO B 247 -10.43 -9.45 -18.44
C PRO B 247 -11.38 -8.59 -17.61
N PRO B 248 -12.50 -8.15 -18.20
CA PRO B 248 -13.50 -7.42 -17.44
C PRO B 248 -13.99 -8.23 -16.24
N PRO B 249 -14.29 -7.56 -15.11
CA PRO B 249 -14.86 -8.26 -13.96
C PRO B 249 -16.06 -9.12 -14.31
N GLY B 250 -16.04 -10.36 -13.84
CA GLY B 250 -17.11 -11.30 -14.14
C GLY B 250 -16.92 -12.14 -15.39
N TYR B 251 -15.85 -11.90 -16.14
CA TYR B 251 -15.60 -12.67 -17.37
C TYR B 251 -15.45 -14.15 -17.09
N LEU B 252 -14.62 -14.50 -16.10
CA LEU B 252 -14.40 -15.91 -15.78
C LEU B 252 -15.69 -16.59 -15.32
N THR B 253 -16.49 -15.89 -14.52
CA THR B 253 -17.78 -16.42 -14.10
C THR B 253 -18.69 -16.67 -15.30
N ALA B 254 -18.73 -15.72 -16.24
CA ALA B 254 -19.56 -15.86 -17.42
C ALA B 254 -19.07 -17.01 -18.31
N VAL B 255 -17.76 -17.20 -18.39
CA VAL B 255 -17.21 -18.30 -19.18
C VAL B 255 -17.60 -19.63 -18.55
N ARG B 256 -17.51 -19.75 -17.22
CA ARG B 256 -17.96 -20.95 -16.54
C ARG B 256 -19.44 -21.21 -16.81
N LYS B 257 -20.26 -20.19 -16.67
CA LYS B 257 -21.70 -20.36 -16.95
C LYS B 257 -21.95 -20.80 -18.39
N LEU B 258 -21.18 -20.25 -19.32
CA LEU B 258 -21.34 -20.59 -20.73
C LEU B 258 -20.95 -22.05 -21.00
N CYS B 259 -19.81 -22.47 -20.46
CA CYS B 259 -19.39 -23.87 -20.58
C CYS B 259 -20.42 -24.81 -19.97
N ASP B 260 -20.96 -24.44 -18.81
CA ASP B 260 -22.03 -25.23 -18.20
C ASP B 260 -23.24 -25.32 -19.12
N GLU B 261 -23.55 -24.22 -19.81
CA GLU B 261 -24.74 -24.17 -20.66
C GLU B 261 -24.58 -25.08 -21.89
N PHE B 262 -23.44 -24.98 -22.56
CA PHE B 262 -23.22 -25.75 -23.79
C PHE B 262 -22.66 -27.14 -23.53
N GLY B 263 -22.39 -27.51 -22.28
CA GLY B 263 -21.78 -28.79 -21.99
C GLY B 263 -20.35 -28.93 -22.45
N ALA B 264 -19.60 -27.83 -22.46
CA ALA B 264 -18.18 -27.84 -22.75
C ALA B 264 -17.38 -27.80 -21.45
N LEU B 265 -16.18 -28.34 -21.49
CA LEU B 265 -15.29 -28.29 -20.34
C LEU B 265 -14.52 -26.99 -20.29
N MET B 266 -14.28 -26.50 -19.08
CA MET B 266 -13.50 -25.30 -18.85
C MET B 266 -12.09 -25.69 -18.40
N ILE B 267 -11.10 -25.32 -19.19
CA ILE B 267 -9.69 -25.58 -18.88
C ILE B 267 -9.06 -24.24 -18.55
N LEU B 268 -8.65 -24.09 -17.29
CA LEU B 268 -7.97 -22.89 -16.84
C LEU B 268 -6.47 -23.11 -16.83
N ASP B 269 -5.75 -22.31 -17.60
CA ASP B 269 -4.29 -22.38 -17.67
C ASP B 269 -3.72 -21.40 -16.65
N GLU B 270 -3.35 -21.91 -15.48
CA GLU B 270 -2.76 -21.10 -14.41
C GLU B 270 -1.26 -21.40 -14.27
N VAL B 271 -0.61 -21.77 -15.37
CA VAL B 271 0.82 -22.06 -15.35
C VAL B 271 1.61 -20.83 -14.87
N GLN B 272 1.18 -19.65 -15.27
CA GLN B 272 1.86 -18.42 -14.89
C GLN B 272 1.22 -17.69 -13.70
N THR B 273 -0.09 -17.66 -13.65
CA THR B 273 -0.79 -16.92 -12.59
C THR B 273 -0.92 -17.69 -11.29
N GLY B 274 -0.62 -18.99 -11.30
CA GLY B 274 -0.82 -19.83 -10.15
C GLY B 274 0.25 -19.64 -9.08
N MET B 275 0.02 -20.31 -7.95
CA MET B 275 0.94 -20.31 -6.80
C MET B 275 1.16 -18.91 -6.22
N GLY B 276 0.06 -18.18 -6.04
CA GLY B 276 0.05 -16.97 -5.25
C GLY B 276 0.44 -15.68 -5.94
N ARG B 277 0.76 -15.71 -7.24
CA ARG B 277 1.34 -14.54 -7.88
C ARG B 277 0.35 -13.37 -7.97
N THR B 278 -0.93 -13.68 -8.22
CA THR B 278 -1.93 -12.64 -8.42
C THR B 278 -2.63 -12.20 -7.14
N GLY B 279 -2.03 -12.49 -5.98
CA GLY B 279 -2.58 -12.09 -4.71
C GLY B 279 -3.38 -13.18 -4.01
N LYS B 280 -3.81 -14.20 -4.74
CA LYS B 280 -4.41 -15.39 -4.18
C LYS B 280 -3.71 -16.61 -4.76
N MET B 281 -3.97 -17.77 -4.14
CA MET B 281 -3.30 -19.00 -4.52
C MET B 281 -3.44 -19.29 -6.01
N PHE B 282 -4.64 -19.12 -6.53
CA PHE B 282 -4.89 -19.21 -7.96
C PHE B 282 -5.75 -18.02 -8.37
N ALA B 283 -5.58 -17.57 -9.60
CA ALA B 283 -6.29 -16.38 -10.08
C ALA B 283 -7.80 -16.63 -10.12
N CYS B 284 -8.19 -17.87 -10.40
CA CYS B 284 -9.62 -18.23 -10.44
C CYS B 284 -10.30 -18.03 -9.09
N GLU B 285 -9.54 -17.91 -8.00
CA GLU B 285 -10.14 -17.65 -6.70
C GLU B 285 -10.59 -16.20 -6.53
N HIS B 286 -10.19 -15.31 -7.42
CA HIS B 286 -10.68 -13.93 -7.35
C HIS B 286 -12.20 -13.84 -7.58
N GLU B 287 -12.73 -14.74 -8.39
CA GLU B 287 -14.17 -14.78 -8.66
C GLU B 287 -14.83 -16.05 -8.14
N ASN B 288 -14.09 -16.87 -7.38
CA ASN B 288 -14.59 -18.19 -6.95
C ASN B 288 -15.14 -18.99 -8.12
N VAL B 289 -14.28 -19.21 -9.11
CA VAL B 289 -14.60 -20.01 -10.28
C VAL B 289 -13.81 -21.31 -10.21
N GLN B 290 -14.51 -22.42 -10.34
CA GLN B 290 -13.86 -23.73 -10.38
C GLN B 290 -13.94 -24.26 -11.80
N PRO B 291 -12.78 -24.47 -12.47
CA PRO B 291 -12.81 -25.08 -13.79
C PRO B 291 -12.99 -26.59 -13.67
N ASP B 292 -13.17 -27.23 -14.83
CA ASP B 292 -13.16 -28.69 -14.87
C ASP B 292 -11.72 -29.21 -14.82
N ILE B 293 -10.79 -28.48 -15.44
CA ILE B 293 -9.38 -28.86 -15.49
C ILE B 293 -8.55 -27.62 -15.20
N LEU B 294 -7.54 -27.78 -14.34
CA LEU B 294 -6.65 -26.71 -13.92
C LEU B 294 -5.21 -27.10 -14.20
N CYS B 295 -4.46 -26.19 -14.81
CA CYS B 295 -3.08 -26.43 -15.22
C CYS B 295 -2.12 -25.61 -14.37
N LEU B 296 -1.11 -26.28 -13.81
CA LEU B 296 -0.10 -25.67 -12.97
C LEU B 296 1.28 -26.06 -13.42
N ALA B 297 2.24 -25.17 -13.25
CA ALA B 297 3.65 -25.45 -13.44
C ALA B 297 4.49 -24.32 -12.86
N LYS B 298 5.67 -24.10 -13.42
CA LYS B 298 6.57 -23.02 -13.02
C LYS B 298 6.78 -22.96 -11.52
N ALA B 299 6.08 -22.03 -10.88
CA ALA B 299 6.23 -21.76 -9.45
C ALA B 299 5.95 -22.97 -8.58
N LEU B 300 5.23 -23.97 -9.11
CA LEU B 300 4.95 -25.16 -8.33
C LEU B 300 6.22 -25.92 -7.99
N GLY B 301 7.30 -25.67 -8.74
CA GLY B 301 8.59 -26.27 -8.45
C GLY B 301 9.42 -25.56 -7.41
N GLY B 302 8.92 -24.44 -6.86
CA GLY B 302 9.63 -23.71 -5.84
C GLY B 302 10.93 -23.07 -6.29
N GLY B 303 11.10 -22.87 -7.60
CA GLY B 303 12.34 -22.36 -8.13
C GLY B 303 13.53 -23.29 -7.95
N VAL B 304 13.26 -24.56 -7.66
CA VAL B 304 14.31 -25.58 -7.53
C VAL B 304 14.15 -26.70 -8.55
N MET B 305 12.92 -27.20 -8.72
CA MET B 305 12.66 -28.35 -9.58
C MET B 305 11.72 -28.01 -10.72
N PRO B 306 11.85 -28.73 -11.85
CA PRO B 306 10.81 -28.67 -12.89
C PRO B 306 9.64 -29.59 -12.55
N ILE B 307 8.42 -29.09 -12.72
CA ILE B 307 7.22 -29.87 -12.42
C ILE B 307 6.04 -29.26 -13.14
N GLY B 308 5.04 -30.09 -13.43
CA GLY B 308 3.75 -29.63 -13.90
C GLY B 308 2.67 -30.50 -13.31
N ALA B 309 1.47 -29.96 -13.22
CA ALA B 309 0.33 -30.66 -12.63
C ALA B 309 -0.94 -30.32 -13.38
N THR B 310 -1.73 -31.33 -13.70
CA THR B 310 -3.05 -31.17 -14.29
C THR B 310 -4.06 -31.76 -13.32
N ILE B 311 -4.87 -30.89 -12.71
CA ILE B 311 -5.86 -31.31 -11.74
C ILE B 311 -7.23 -31.27 -12.39
N ALA B 312 -8.06 -32.27 -12.11
CA ALA B 312 -9.39 -32.33 -12.70
C ALA B 312 -10.38 -32.92 -11.73
N THR B 313 -11.65 -32.68 -12.00
CA THR B 313 -12.74 -33.33 -11.26
C THR B 313 -12.72 -34.83 -11.55
N GLU B 314 -13.22 -35.60 -10.60
CA GLU B 314 -13.36 -37.04 -10.79
C GLU B 314 -14.21 -37.38 -12.02
N GLU B 315 -15.22 -36.55 -12.30
CA GLU B 315 -16.08 -36.78 -13.44
C GLU B 315 -15.29 -36.86 -14.75
N VAL B 316 -14.33 -35.95 -14.93
CA VAL B 316 -13.55 -35.96 -16.16
C VAL B 316 -12.32 -36.86 -16.03
N PHE B 317 -11.63 -36.81 -14.89
CA PHE B 317 -10.41 -37.59 -14.72
C PHE B 317 -10.67 -39.10 -14.76
N SER B 318 -11.91 -39.52 -14.48
CA SER B 318 -12.24 -40.94 -14.48
C SER B 318 -12.03 -41.62 -15.84
N VAL B 319 -11.81 -40.86 -16.89
CA VAL B 319 -11.53 -41.46 -18.21
C VAL B 319 -10.20 -42.19 -18.26
N LEU B 320 -9.40 -42.11 -17.19
CA LEU B 320 -8.12 -42.81 -17.10
C LEU B 320 -8.14 -43.93 -16.07
N PHE B 321 -9.29 -44.26 -15.50
CA PHE B 321 -9.35 -45.27 -14.45
C PHE B 321 -9.26 -46.68 -14.99
N ASP B 322 -9.95 -46.96 -16.10
CA ASP B 322 -9.95 -48.29 -16.70
C ASP B 322 -8.57 -48.68 -17.25
N ASN B 323 -7.83 -47.70 -17.75
CA ASN B 323 -6.51 -47.93 -18.31
C ASN B 323 -5.59 -46.84 -17.79
N PRO B 324 -4.87 -47.10 -16.69
CA PRO B 324 -4.05 -46.06 -16.07
C PRO B 324 -2.83 -45.66 -16.90
N PHE B 325 -2.51 -46.41 -17.95
CA PHE B 325 -1.40 -46.09 -18.83
C PHE B 325 -1.84 -45.34 -20.08
N LEU B 326 -3.11 -44.97 -20.15
CA LEU B 326 -3.63 -44.23 -21.30
C LEU B 326 -2.88 -42.92 -21.53
N HIS B 327 -2.47 -42.27 -20.45
CA HIS B 327 -1.59 -41.10 -20.53
C HIS B 327 -0.57 -41.17 -19.41
N THR B 328 0.71 -41.17 -19.77
CA THR B 328 1.81 -41.18 -18.82
C THR B 328 2.89 -40.23 -19.32
N THR B 329 3.94 -40.08 -18.53
CA THR B 329 5.09 -39.30 -18.91
C THR B 329 6.29 -39.80 -18.11
N THR B 330 7.46 -39.76 -18.73
CA THR B 330 8.61 -40.51 -18.25
C THR B 330 8.96 -40.15 -16.80
N PHE B 331 9.16 -38.86 -16.51
CA PHE B 331 9.63 -38.48 -15.19
C PHE B 331 8.55 -37.95 -14.26
N GLY B 332 7.32 -37.83 -14.74
CA GLY B 332 6.26 -37.16 -14.00
C GLY B 332 6.02 -37.65 -12.58
N GLY B 333 5.97 -36.70 -11.64
CA GLY B 333 5.72 -37.04 -10.25
C GLY B 333 6.89 -37.65 -9.52
N ASN B 334 8.12 -37.39 -9.97
CA ASN B 334 9.29 -37.94 -9.31
C ASN B 334 9.43 -37.37 -7.90
N PRO B 335 10.03 -38.12 -6.97
CA PRO B 335 10.11 -37.66 -5.58
C PRO B 335 10.77 -36.29 -5.37
N LEU B 336 11.79 -35.96 -6.16
CA LEU B 336 12.40 -34.63 -6.03
C LEU B 336 11.41 -33.52 -6.33
N ALA B 337 10.73 -33.62 -7.47
CA ALA B 337 9.76 -32.60 -7.85
C ALA B 337 8.63 -32.49 -6.83
N CYS B 338 8.14 -33.64 -6.37
CA CYS B 338 7.07 -33.63 -5.37
C CYS B 338 7.52 -32.98 -4.06
N ALA B 339 8.74 -33.31 -3.62
CA ALA B 339 9.29 -32.67 -2.42
C ALA B 339 9.34 -31.17 -2.59
N ALA B 340 9.85 -30.71 -3.73
CA ALA B 340 9.90 -29.28 -4.03
C ALA B 340 8.49 -28.67 -3.94
N ALA B 341 7.52 -29.31 -4.58
CA ALA B 341 6.16 -28.76 -4.63
C ALA B 341 5.54 -28.66 -3.24
N LEU B 342 5.65 -29.73 -2.45
CA LEU B 342 5.11 -29.72 -1.09
C LEU B 342 5.77 -28.63 -0.25
N ALA B 343 7.08 -28.50 -0.38
CA ALA B 343 7.78 -27.43 0.35
C ALA B 343 7.27 -26.06 -0.08
N THR B 344 6.99 -25.89 -1.37
CA THR B 344 6.54 -24.60 -1.87
C THR B 344 5.14 -24.26 -1.36
N ILE B 345 4.24 -25.22 -1.39
CA ILE B 345 2.90 -25.02 -0.85
C ILE B 345 2.99 -24.67 0.64
N ASN B 346 3.86 -25.37 1.37
CA ASN B 346 4.05 -25.08 2.78
C ASN B 346 4.54 -23.65 3.00
N VAL B 347 5.56 -23.23 2.24
CA VAL B 347 6.12 -21.89 2.38
C VAL B 347 5.05 -20.83 2.08
N LEU B 348 4.33 -21.02 0.97
CA LEU B 348 3.30 -20.05 0.58
C LEU B 348 2.21 -19.93 1.65
N LEU B 349 1.80 -21.04 2.23
CA LEU B 349 0.73 -20.98 3.22
C LEU B 349 1.20 -20.46 4.58
N GLU B 350 2.41 -20.83 5.01
CA GLU B 350 2.86 -20.40 6.34
C GLU B 350 3.25 -18.94 6.40
N GLN B 351 3.81 -18.42 5.33
CA GLN B 351 4.19 -17.00 5.28
C GLN B 351 3.15 -16.13 4.61
N ASN B 352 1.99 -16.71 4.28
CA ASN B 352 0.91 -16.03 3.57
C ASN B 352 1.44 -15.15 2.45
N LEU B 353 2.27 -15.74 1.61
CA LEU B 353 2.86 -15.04 0.49
C LEU B 353 1.86 -14.49 -0.56
N PRO B 354 0.68 -15.10 -0.75
CA PRO B 354 -0.31 -14.44 -1.62
C PRO B 354 -0.69 -13.03 -1.16
N ALA B 355 -1.05 -12.87 0.11
CA ALA B 355 -1.42 -11.55 0.62
C ALA B 355 -0.27 -10.56 0.48
N GLN B 356 0.94 -10.99 0.83
CA GLN B 356 2.13 -10.17 0.62
C GLN B 356 2.24 -9.75 -0.84
N ALA B 357 1.96 -10.68 -1.76
CA ALA B 357 1.99 -10.38 -3.18
C ALA B 357 0.97 -9.31 -3.54
N GLU B 358 -0.19 -9.33 -2.88
CA GLU B 358 -1.17 -8.26 -3.10
C GLU B 358 -0.65 -6.91 -2.62
N GLN B 359 -0.06 -6.86 -1.43
CA GLN B 359 0.44 -5.60 -0.89
C GLN B 359 1.59 -5.03 -1.72
N LYS B 360 2.66 -5.80 -1.85
CA LYS B 360 3.81 -5.37 -2.64
C LYS B 360 3.44 -5.08 -4.10
N GLY B 361 2.50 -5.86 -4.62
CA GLY B 361 1.99 -5.59 -5.97
C GLY B 361 1.31 -4.25 -6.07
N ASP B 362 0.43 -3.94 -5.13
CA ASP B 362 -0.21 -2.62 -5.08
C ASP B 362 0.82 -1.51 -5.00
N MET B 363 1.86 -1.70 -4.19
CA MET B 363 2.88 -0.67 -4.04
C MET B 363 3.64 -0.44 -5.35
N LEU B 364 4.17 -1.52 -5.92
CA LEU B 364 4.92 -1.42 -7.17
C LEU B 364 4.07 -0.84 -8.31
N LEU B 365 2.81 -1.27 -8.41
CA LEU B 365 1.94 -0.75 -9.45
C LEU B 365 1.59 0.71 -9.24
N ASP B 366 1.47 1.13 -7.98
CA ASP B 366 1.31 2.57 -7.69
C ASP B 366 2.51 3.35 -8.21
N GLY B 367 3.72 2.90 -7.86
CA GLY B 367 4.93 3.55 -8.38
C GLY B 367 4.95 3.62 -9.90
N PHE B 368 4.67 2.49 -10.54
CA PHE B 368 4.71 2.42 -12.00
C PHE B 368 3.66 3.31 -12.65
N ARG B 369 2.49 3.43 -12.04
CA ARG B 369 1.46 4.32 -12.58
C ARG B 369 1.85 5.78 -12.45
N GLN B 370 2.49 6.13 -11.32
CA GLN B 370 2.96 7.50 -11.16
C GLN B 370 4.03 7.83 -12.21
N LEU B 371 5.00 6.92 -12.38
CA LEU B 371 5.98 7.08 -13.45
C LEU B 371 5.31 7.14 -14.82
N ALA B 372 4.19 6.43 -14.98
CA ALA B 372 3.48 6.41 -16.25
C ALA B 372 2.89 7.78 -16.57
N ARG B 373 2.29 8.44 -15.58
CA ARG B 373 1.80 9.80 -15.86
C ARG B 373 2.91 10.81 -15.94
N GLU B 374 4.02 10.58 -15.27
CA GLU B 374 5.16 11.51 -15.40
C GLU B 374 5.88 11.38 -16.74
N TYR B 375 5.79 10.21 -17.39
CA TYR B 375 6.46 9.96 -18.65
C TYR B 375 5.47 9.42 -19.69
N PRO B 376 4.49 10.25 -20.10
CA PRO B 376 3.57 9.79 -21.16
C PRO B 376 4.22 9.75 -22.54
N ASP B 377 5.37 10.39 -22.70
CA ASP B 377 6.12 10.34 -23.96
C ASP B 377 6.77 8.98 -24.20
N LEU B 378 6.90 8.16 -23.16
CA LEU B 378 7.54 6.85 -23.26
C LEU B 378 6.64 5.71 -22.82
N VAL B 379 5.85 5.91 -21.78
CA VAL B 379 4.99 4.86 -21.23
C VAL B 379 3.56 5.08 -21.70
N GLN B 380 2.96 4.05 -22.27
CA GLN B 380 1.56 4.09 -22.64
C GLN B 380 0.65 3.84 -21.43
N GLU B 381 0.93 2.75 -20.70
CA GLU B 381 0.21 2.46 -19.47
C GLU B 381 0.91 1.33 -18.72
N ALA B 382 0.69 1.29 -17.41
CA ALA B 382 1.15 0.21 -16.56
C ALA B 382 -0.06 -0.52 -15.98
N ARG B 383 0.02 -1.85 -15.95
CA ARG B 383 -1.08 -2.68 -15.49
C ARG B 383 -0.52 -3.85 -14.69
N GLY B 384 -1.41 -4.50 -13.95
CA GLY B 384 -1.00 -5.65 -13.18
C GLY B 384 -2.06 -6.11 -12.22
N LYS B 385 -1.77 -7.25 -11.60
CA LYS B 385 -2.60 -7.83 -10.54
C LYS B 385 -1.67 -8.62 -9.64
N GLY B 386 -1.69 -8.32 -8.35
CA GLY B 386 -0.69 -8.89 -7.44
C GLY B 386 0.70 -8.55 -7.93
N MET B 387 1.57 -9.56 -7.99
CA MET B 387 2.94 -9.38 -8.43
C MET B 387 3.14 -9.85 -9.88
N LEU B 388 2.07 -9.79 -10.68
CA LEU B 388 2.15 -9.99 -12.11
C LEU B 388 1.83 -8.67 -12.77
N MET B 389 2.87 -7.93 -13.19
CA MET B 389 2.67 -6.60 -13.73
C MET B 389 3.38 -6.46 -15.07
N ALA B 390 3.07 -5.37 -15.76
CA ALA B 390 3.69 -5.06 -17.02
C ALA B 390 3.60 -3.57 -17.27
N ILE B 391 4.57 -3.07 -18.03
CA ILE B 391 4.58 -1.69 -18.51
C ILE B 391 4.62 -1.75 -20.03
N GLU B 392 3.58 -1.20 -20.67
CA GLU B 392 3.54 -1.12 -22.12
C GLU B 392 4.05 0.24 -22.54
N PHE B 393 4.98 0.25 -23.50
CA PHE B 393 5.59 1.49 -23.96
C PHE B 393 5.00 1.91 -25.30
N VAL B 394 5.47 3.04 -25.79
CA VAL B 394 4.96 3.60 -27.05
C VAL B 394 5.47 2.79 -28.25
N ASP B 395 6.77 2.48 -28.26
CA ASP B 395 7.36 1.64 -29.29
C ASP B 395 7.97 0.39 -28.71
N ASN B 396 8.49 -0.46 -29.58
CA ASN B 396 9.28 -1.63 -29.14
C ASN B 396 10.70 -1.21 -28.80
N GLU B 397 11.26 -0.30 -29.58
CA GLU B 397 12.58 0.26 -29.31
C GLU B 397 12.62 0.91 -27.92
N ILE B 398 11.53 1.60 -27.53
CA ILE B 398 11.47 2.26 -26.24
C ILE B 398 11.55 1.24 -25.10
N GLY B 399 10.66 0.25 -25.13
CA GLY B 399 10.72 -0.82 -24.14
C GLY B 399 12.05 -1.57 -24.16
N TYR B 400 12.66 -1.67 -25.33
CA TYR B 400 13.99 -2.26 -25.46
C TYR B 400 15.02 -1.45 -24.64
N ASN B 401 15.06 -0.14 -24.88
CA ASN B 401 15.93 0.73 -24.11
C ASN B 401 15.62 0.70 -22.62
N PHE B 402 14.36 0.46 -22.26
CA PHE B 402 14.02 0.33 -20.85
C PHE B 402 14.64 -0.93 -20.26
N ALA B 403 14.48 -2.06 -20.93
CA ALA B 403 15.10 -3.30 -20.47
C ALA B 403 16.62 -3.14 -20.35
N SER B 404 17.23 -2.48 -21.33
CA SER B 404 18.68 -2.28 -21.30
C SER B 404 19.10 -1.39 -20.12
N GLU B 405 18.38 -0.27 -19.94
CA GLU B 405 18.73 0.66 -18.88
C GLU B 405 18.51 0.07 -17.50
N MET B 406 17.50 -0.80 -17.36
CA MET B 406 17.29 -1.49 -16.10
C MET B 406 18.38 -2.54 -15.87
N PHE B 407 18.83 -3.19 -16.95
CA PHE B 407 19.90 -4.17 -16.82
C PHE B 407 21.21 -3.50 -16.41
N ARG B 408 21.45 -2.29 -16.90
CA ARG B 408 22.64 -1.54 -16.53
C ARG B 408 22.63 -1.15 -15.04
N GLN B 409 21.45 -0.88 -14.50
CA GLN B 409 21.29 -0.60 -13.08
C GLN B 409 21.11 -1.87 -12.25
N ARG B 410 21.40 -3.03 -12.86
CA ARG B 410 21.38 -4.32 -12.16
C ARG B 410 20.01 -4.64 -11.59
N VAL B 411 18.99 -4.34 -12.38
CA VAL B 411 17.62 -4.82 -12.11
C VAL B 411 17.20 -5.63 -13.33
N LEU B 412 16.83 -6.89 -13.09
CA LEU B 412 16.47 -7.81 -14.16
C LEU B 412 15.02 -7.67 -14.59
N VAL B 413 14.82 -7.39 -15.87
CA VAL B 413 13.48 -7.36 -16.49
C VAL B 413 13.60 -7.96 -17.88
N ALA B 414 12.46 -8.37 -18.43
CA ALA B 414 12.44 -8.94 -19.77
C ALA B 414 11.10 -8.70 -20.43
N GLY B 415 11.08 -8.86 -21.75
CA GLY B 415 9.85 -8.69 -22.54
C GLY B 415 8.88 -9.85 -22.44
N THR B 416 7.81 -9.75 -23.21
CA THR B 416 6.75 -10.76 -23.24
C THR B 416 6.60 -11.36 -24.62
N LEU B 417 6.49 -12.69 -24.67
CA LEU B 417 6.59 -13.43 -25.93
C LEU B 417 5.58 -12.98 -26.99
N ASN B 418 4.38 -12.61 -26.56
CA ASN B 418 3.35 -12.21 -27.51
C ASN B 418 3.18 -10.70 -27.62
N ASN B 419 3.96 -9.92 -26.88
CA ASN B 419 3.78 -8.46 -26.89
C ASN B 419 5.14 -7.79 -26.92
N ALA B 420 5.48 -7.16 -28.06
CA ALA B 420 6.81 -6.61 -28.27
C ALA B 420 7.00 -5.23 -27.62
N LYS B 421 5.90 -4.54 -27.31
CA LYS B 421 5.99 -3.21 -26.69
C LYS B 421 5.95 -3.27 -25.16
N THR B 422 5.74 -4.45 -24.60
CA THR B 422 5.47 -4.60 -23.18
C THR B 422 6.65 -5.27 -22.48
N ILE B 423 7.00 -4.74 -21.31
CA ILE B 423 8.02 -5.32 -20.44
C ILE B 423 7.32 -5.80 -19.18
N ARG B 424 7.56 -7.05 -18.81
CA ARG B 424 6.92 -7.60 -17.62
C ARG B 424 7.74 -7.33 -16.37
N ILE B 425 7.04 -7.09 -15.26
CA ILE B 425 7.64 -7.04 -13.94
C ILE B 425 7.02 -8.19 -13.15
N GLU B 426 7.84 -9.20 -12.86
CA GLU B 426 7.38 -10.44 -12.23
C GLU B 426 8.41 -10.89 -11.19
N PRO B 427 8.62 -10.06 -10.14
CA PRO B 427 9.63 -10.39 -9.14
C PRO B 427 9.13 -11.47 -8.19
N PRO B 428 10.03 -12.06 -7.39
CA PRO B 428 9.56 -13.02 -6.38
C PRO B 428 8.58 -12.39 -5.41
N LEU B 429 7.71 -13.23 -4.85
CA LEU B 429 6.75 -12.74 -3.87
C LEU B 429 7.43 -12.36 -2.57
N THR B 430 8.67 -12.82 -2.37
CA THR B 430 9.50 -12.53 -1.22
C THR B 430 10.31 -11.25 -1.38
N LEU B 431 10.09 -10.49 -2.44
CA LEU B 431 10.78 -9.22 -2.64
C LEU B 431 10.53 -8.28 -1.45
N THR B 432 11.58 -7.68 -0.93
CA THR B 432 11.44 -6.82 0.22
C THR B 432 11.02 -5.40 -0.17
N ILE B 433 10.47 -4.68 0.78
CA ILE B 433 10.02 -3.32 0.55
C ILE B 433 11.16 -2.40 0.12
N GLU B 434 12.32 -2.58 0.75
CA GLU B 434 13.53 -1.87 0.35
C GLU B 434 13.82 -2.07 -1.14
N GLN B 435 13.76 -3.32 -1.58
CA GLN B 435 14.02 -3.62 -2.99
C GLN B 435 12.89 -3.11 -3.88
N CYS B 436 11.67 -3.01 -3.35
CA CYS B 436 10.57 -2.38 -4.09
C CYS B 436 10.90 -0.91 -4.39
N GLU B 437 11.30 -0.18 -3.36
CA GLU B 437 11.70 1.21 -3.56
C GLU B 437 12.90 1.31 -4.52
N LEU B 438 13.85 0.39 -4.37
CA LEU B 438 15.02 0.40 -5.24
C LEU B 438 14.63 0.19 -6.71
N VAL B 439 13.67 -0.70 -6.95
CA VAL B 439 13.28 -0.96 -8.35
C VAL B 439 12.45 0.20 -8.89
N ILE B 440 11.65 0.85 -8.06
CA ILE B 440 10.92 2.05 -8.52
C ILE B 440 11.91 3.15 -8.90
N LYS B 441 12.90 3.39 -8.05
CA LYS B 441 13.91 4.42 -8.38
C LYS B 441 14.69 4.04 -9.64
N ALA B 442 15.03 2.76 -9.78
CA ALA B 442 15.71 2.29 -10.99
C ALA B 442 14.87 2.56 -12.23
N ALA B 443 13.57 2.31 -12.14
CA ALA B 443 12.67 2.62 -13.26
C ALA B 443 12.66 4.12 -13.55
N ARG B 444 12.72 4.93 -12.50
CA ARG B 444 12.72 6.38 -12.69
C ARG B 444 13.98 6.83 -13.47
N LYS B 445 15.15 6.37 -13.04
CA LYS B 445 16.37 6.74 -13.71
C LYS B 445 16.40 6.22 -15.14
N ALA B 446 15.87 5.01 -15.35
CA ALA B 446 15.74 4.45 -16.69
C ALA B 446 14.91 5.38 -17.59
N LEU B 447 13.71 5.74 -17.15
CA LEU B 447 12.85 6.59 -17.97
C LEU B 447 13.49 7.95 -18.21
N ALA B 448 14.19 8.50 -17.22
CA ALA B 448 14.89 9.77 -17.40
C ALA B 448 15.93 9.67 -18.51
N ALA B 449 16.80 8.65 -18.44
CA ALA B 449 17.80 8.45 -19.48
C ALA B 449 17.15 8.27 -20.87
N MET B 450 16.02 7.56 -20.90
CA MET B 450 15.36 7.32 -22.17
C MET B 450 14.74 8.58 -22.75
N ARG B 451 14.21 9.45 -21.88
CA ARG B 451 13.70 10.74 -22.35
C ARG B 451 14.81 11.58 -22.92
N GLN B 452 15.95 11.66 -22.20
CA GLN B 452 17.11 12.35 -22.75
C GLN B 452 17.46 11.82 -24.16
N GLN B 453 17.37 10.49 -24.31
CA GLN B 453 17.77 9.89 -25.59
C GLN B 453 16.80 10.23 -26.72
N VAL B 454 15.51 10.03 -26.48
CA VAL B 454 14.50 10.30 -27.52
C VAL B 454 14.51 11.79 -27.89
N ALA B 455 14.74 12.66 -26.90
CA ALA B 455 14.95 14.07 -27.20
C ALA B 455 16.16 14.25 -28.12
N PHE B 456 17.24 13.54 -27.82
CA PHE B 456 18.46 13.68 -28.59
C PHE B 456 18.27 13.26 -30.06
N TYR B 457 17.50 12.23 -30.30
CA TYR B 457 17.20 11.85 -31.70
C TYR B 457 16.27 12.84 -32.40
N GLU B 458 15.16 13.15 -31.73
CA GLU B 458 14.15 14.04 -32.30
C GLU B 458 14.74 15.38 -32.67
N ILE B 459 15.69 15.87 -31.89
CA ILE B 459 16.39 17.10 -32.23
C ILE B 459 17.22 16.92 -33.52
N LEU B 460 17.71 15.72 -33.79
CA LEU B 460 18.48 15.51 -35.00
C LEU B 460 17.66 15.44 -36.24
N HIS B 461 16.40 15.02 -36.19
CA HIS B 461 15.61 14.92 -37.45
C HIS B 461 14.78 16.13 -37.84
N LEU B 462 14.70 17.14 -36.98
CA LEU B 462 13.92 18.35 -37.27
C LEU B 462 14.48 19.02 -38.56
N PRO B 463 13.65 19.23 -39.58
CA PRO B 463 14.16 19.72 -40.86
C PRO B 463 14.45 21.23 -40.94
N ASN B 464 13.65 22.03 -40.29
CA ASN B 464 13.66 23.49 -40.49
C ASN B 464 14.59 24.18 -39.50
N LEU B 465 15.87 23.87 -39.60
CA LEU B 465 16.90 24.60 -38.82
C LEU B 465 18.27 24.26 -39.41
N ASN B 466 19.18 25.22 -39.32
CA ASN B 466 20.44 25.13 -40.04
C ASN B 466 21.36 24.10 -39.42
N GLU B 467 22.51 23.91 -40.06
CA GLU B 467 23.41 22.81 -39.71
C GLU B 467 24.13 23.05 -38.36
N GLU B 468 24.32 24.32 -38.01
CA GLU B 468 24.95 24.67 -36.75
C GLU B 468 23.95 24.97 -35.64
N GLN B 469 22.70 25.28 -35.97
CA GLN B 469 21.70 25.54 -34.93
C GLN B 469 21.40 24.29 -34.09
N ARG B 470 21.48 23.13 -34.71
CA ARG B 470 21.34 21.88 -33.97
C ARG B 470 22.50 21.69 -32.98
N ASN B 471 23.71 21.94 -33.44
CA ASN B 471 24.89 21.64 -32.64
C ASN B 471 24.91 22.37 -31.31
N ALA B 472 24.35 23.59 -31.29
CA ALA B 472 24.15 24.29 -30.02
C ALA B 472 23.19 23.49 -29.11
N PHE B 473 22.12 22.95 -29.71
CA PHE B 473 21.15 22.20 -28.97
C PHE B 473 21.73 20.88 -28.43
N ILE B 474 22.45 20.12 -29.26
CA ILE B 474 23.12 18.92 -28.81
C ILE B 474 24.12 19.19 -27.69
N GLN B 475 24.95 20.21 -27.94
CA GLN B 475 25.91 20.66 -26.94
C GLN B 475 25.24 20.93 -25.60
N SER B 476 24.30 21.85 -25.60
CA SER B 476 23.56 22.19 -24.35
C SER B 476 22.88 20.94 -23.74
N LEU B 477 22.41 20.03 -24.60
CA LEU B 477 21.85 18.81 -24.09
C LEU B 477 22.87 17.99 -23.30
N LYS B 478 24.09 17.92 -23.82
CA LYS B 478 25.09 16.96 -23.24
C LYS B 478 25.75 17.53 -22.01
N ASP B 479 26.40 18.70 -22.13
CA ASP B 479 27.17 19.17 -20.92
C ASP B 479 26.27 19.85 -19.91
N ASP B 480 25.09 20.29 -20.34
CA ASP B 480 24.08 20.78 -19.37
C ASP B 480 22.75 19.99 -19.58
N PRO B 481 22.73 18.65 -19.22
CA PRO B 481 21.52 17.83 -19.42
C PRO B 481 20.40 17.98 -18.36
N SER B 482 19.83 19.17 -18.37
CA SER B 482 18.76 19.58 -17.43
C SER B 482 17.57 20.18 -18.16
N GLN B 483 17.81 21.21 -18.96
CA GLN B 483 16.91 21.56 -20.10
C GLN B 483 16.80 20.29 -20.99
N SER B 484 15.71 19.54 -20.75
CA SER B 484 15.58 18.23 -21.42
C SER B 484 14.28 18.13 -22.18
N ALA B 485 13.17 17.88 -21.50
CA ALA B 485 11.86 17.89 -22.19
C ALA B 485 11.57 19.31 -22.68
N ASN B 486 11.75 20.28 -21.79
CA ASN B 486 11.63 21.68 -22.12
C ASN B 486 12.62 22.11 -23.21
N LEU B 487 13.80 21.50 -23.26
CA LEU B 487 14.73 21.77 -24.36
C LEU B 487 14.17 21.33 -25.68
N LEU B 488 13.66 20.10 -25.72
CA LEU B 488 13.04 19.55 -26.93
C LEU B 488 11.92 20.51 -27.39
N ALA B 489 11.16 21.01 -26.39
CA ALA B 489 10.26 22.09 -26.64
C ALA B 489 10.91 23.25 -27.36
N GLU B 490 12.04 23.71 -26.87
CA GLU B 490 12.74 24.83 -27.56
C GLU B 490 13.02 24.45 -29.02
N ALA B 491 13.57 23.26 -29.23
CA ALA B 491 13.91 22.79 -30.57
C ALA B 491 12.74 22.91 -31.53
N LYS B 492 11.63 22.29 -31.17
CA LYS B 492 10.43 22.40 -32.05
C LYS B 492 9.89 23.81 -32.09
N LYS B 493 10.02 24.56 -31.01
CA LYS B 493 9.55 25.94 -30.98
C LYS B 493 10.29 26.78 -32.00
N LEU B 494 11.50 26.41 -32.37
CA LEU B 494 12.19 27.08 -33.48
C LEU B 494 11.89 26.41 -34.81
N ASN B 495 11.69 25.09 -34.81
CA ASN B 495 11.43 24.36 -36.05
C ASN B 495 10.08 24.77 -36.65
N ASP B 496 9.05 24.94 -35.84
CA ASP B 496 7.72 25.26 -36.33
C ASP B 496 7.62 26.73 -36.77
N ALA B 497 8.40 27.60 -36.14
CA ALA B 497 8.48 29.01 -36.57
C ALA B 497 9.26 29.15 -37.91
N GLN B 498 10.27 28.29 -38.05
CA GLN B 498 11.05 28.25 -39.28
C GLN B 498 10.42 27.43 -40.38
N ALA B 499 9.23 26.84 -40.11
CA ALA B 499 8.55 25.99 -41.08
C ALA B 499 8.05 26.77 -42.32
N LYS C 8 -13.68 -66.47 -10.45
CA LYS C 8 -12.38 -67.14 -10.62
C LYS C 8 -11.33 -66.51 -9.76
N GLU C 9 -11.72 -65.63 -8.84
CA GLU C 9 -10.90 -65.21 -7.73
C GLU C 9 -10.59 -66.33 -6.73
N THR C 10 -11.31 -67.44 -6.87
CA THR C 10 -11.01 -68.65 -6.13
C THR C 10 -9.59 -69.14 -6.46
N GLN C 11 -9.16 -68.96 -7.69
CA GLN C 11 -7.90 -69.50 -8.17
C GLN C 11 -6.67 -68.87 -7.47
N GLU C 12 -6.64 -67.55 -7.43
CA GLU C 12 -5.54 -66.85 -6.77
C GLU C 12 -5.45 -67.24 -5.31
N ALA C 13 -6.58 -67.25 -4.61
CA ALA C 13 -6.60 -67.60 -3.18
C ALA C 13 -6.05 -69.03 -3.02
N SER C 14 -6.56 -69.96 -3.82
CA SER C 14 -6.15 -71.35 -3.69
C SER C 14 -4.66 -71.54 -3.92
N TRP C 15 -4.11 -70.82 -4.89
CA TRP C 15 -2.67 -70.94 -5.18
C TRP C 15 -1.82 -70.28 -4.10
N GLU C 16 -2.29 -69.16 -3.54
CA GLU C 16 -1.56 -68.53 -2.46
C GLU C 16 -1.55 -69.40 -1.22
N ILE C 17 -2.67 -70.12 -0.97
CA ILE C 17 -2.69 -71.12 0.10
C ILE C 17 -1.70 -72.26 -0.24
N PHE C 18 -1.64 -72.62 -1.52
CA PHE C 18 -0.85 -73.76 -1.92
C PHE C 18 0.65 -73.53 -1.71
N THR C 19 1.11 -72.31 -1.99
CA THR C 19 2.54 -72.03 -1.96
C THR C 19 3.07 -71.64 -0.60
N LEU C 20 2.23 -71.64 0.43
CA LEU C 20 2.71 -71.30 1.77
C LEU C 20 3.81 -72.25 2.22
N PRO C 21 5.02 -71.72 2.50
CA PRO C 21 6.22 -72.60 2.51
C PRO C 21 6.26 -73.61 3.63
N ASN C 22 5.62 -73.33 4.77
CA ASN C 22 5.76 -74.19 5.95
C ASN C 22 4.65 -75.23 6.11
N LEU C 23 3.64 -75.23 5.23
CA LEU C 23 2.59 -76.24 5.24
C LEU C 23 2.99 -77.42 4.37
N ASN C 24 2.57 -78.60 4.76
CA ASN C 24 2.74 -79.79 3.94
C ASN C 24 1.50 -80.01 3.08
N GLY C 25 1.54 -81.08 2.30
CA GLY C 25 0.52 -81.33 1.27
C GLY C 25 -0.87 -81.58 1.82
N ARG C 26 -0.95 -82.27 2.93
CA ARG C 26 -2.26 -82.62 3.51
C ARG C 26 -2.99 -81.38 4.00
N GLN C 27 -2.26 -80.43 4.58
CA GLN C 27 -2.88 -79.20 5.07
C GLN C 27 -3.36 -78.29 3.95
N VAL C 28 -2.51 -78.03 3.00
CA VAL C 28 -2.90 -77.26 1.81
C VAL C 28 -4.05 -77.96 1.07
N ALA C 29 -4.04 -79.29 1.09
CA ALA C 29 -5.12 -80.05 0.46
C ALA C 29 -6.46 -79.84 1.18
N ALA C 30 -6.43 -79.93 2.50
CA ALA C 30 -7.63 -79.68 3.31
C ALA C 30 -8.17 -78.27 3.00
N PHE C 31 -7.29 -77.28 3.07
CA PHE C 31 -7.70 -75.90 2.79
C PHE C 31 -8.29 -75.75 1.40
N ILE C 32 -7.63 -76.33 0.40
CA ILE C 32 -8.07 -76.13 -0.98
C ILE C 32 -9.41 -76.78 -1.22
N SER C 33 -9.57 -78.03 -0.80
CA SER C 33 -10.87 -78.72 -1.00
C SER C 33 -11.98 -78.03 -0.26
N SER C 34 -11.73 -77.62 0.99
CA SER C 34 -12.70 -76.83 1.74
C SER C 34 -13.02 -75.51 1.01
N LEU C 35 -12.06 -74.97 0.26
CA LEU C 35 -12.30 -73.75 -0.50
C LEU C 35 -13.16 -74.00 -1.77
N LEU C 36 -12.89 -75.13 -2.43
CA LEU C 36 -13.65 -75.48 -3.61
C LEU C 36 -15.11 -75.79 -3.27
N ASP C 37 -15.35 -76.36 -2.09
CA ASP C 37 -16.71 -76.64 -1.70
C ASP C 37 -17.52 -75.34 -1.40
N ASP C 38 -16.84 -74.33 -0.89
CA ASP C 38 -17.45 -73.04 -0.57
C ASP C 38 -16.51 -71.91 -0.95
N PRO C 39 -16.54 -71.47 -2.21
CA PRO C 39 -15.66 -70.36 -2.60
C PRO C 39 -15.93 -69.04 -1.89
N SER C 40 -17.18 -68.82 -1.45
CA SER C 40 -17.54 -67.63 -0.67
C SER C 40 -16.87 -67.55 0.73
N GLN C 41 -15.79 -68.32 0.92
CA GLN C 41 -14.99 -68.33 2.09
C GLN C 41 -13.51 -68.13 1.80
N SER C 42 -13.14 -67.76 0.56
CA SER C 42 -11.76 -67.64 0.19
C SER C 42 -10.95 -66.77 1.15
N ALA C 43 -11.48 -65.60 1.47
CA ALA C 43 -10.78 -64.66 2.35
C ALA C 43 -10.56 -65.26 3.74
N ASN C 44 -11.47 -66.14 4.18
CA ASN C 44 -11.38 -66.67 5.53
C ASN C 44 -10.30 -67.74 5.64
N LEU C 45 -10.42 -68.80 4.81
CA LEU C 45 -9.43 -69.88 4.85
C LEU C 45 -8.04 -69.35 4.56
N LEU C 46 -7.91 -68.51 3.54
CA LEU C 46 -6.63 -67.87 3.23
C LEU C 46 -6.05 -67.17 4.45
N ALA C 47 -6.91 -66.58 5.28
CA ALA C 47 -6.44 -66.04 6.55
C ALA C 47 -5.93 -67.14 7.47
N GLU C 48 -6.81 -68.08 7.82
CA GLU C 48 -6.45 -69.12 8.77
C GLU C 48 -5.36 -70.06 8.22
N ALA C 49 -5.20 -70.09 6.90
CA ALA C 49 -4.04 -70.76 6.32
C ALA C 49 -2.77 -69.98 6.64
N LYS C 50 -2.73 -68.70 6.31
CA LYS C 50 -1.53 -67.87 6.56
C LYS C 50 -1.13 -67.96 8.03
N LYS C 51 -2.08 -67.66 8.93
CA LYS C 51 -1.84 -67.81 10.35
C LYS C 51 -1.24 -69.17 10.69
N LEU C 52 -1.84 -70.23 10.16
CA LEU C 52 -1.34 -71.57 10.44
C LEU C 52 0.12 -71.71 9.99
N ASN C 53 0.39 -71.25 8.76
CA ASN C 53 1.76 -71.18 8.26
C ASN C 53 2.65 -70.59 9.36
N GLN C 54 2.29 -69.38 9.80
CA GLN C 54 3.06 -68.68 10.80
C GLN C 54 3.33 -69.53 12.03
N ILE C 55 2.30 -70.16 12.59
CA ILE C 55 2.52 -70.91 13.83
C ILE C 55 3.43 -72.10 13.59
N GLN C 56 3.31 -72.72 12.43
CA GLN C 56 4.24 -73.80 12.08
C GLN C 56 5.69 -73.33 12.08
N ALA C 57 5.91 -72.12 11.51
CA ALA C 57 7.25 -71.57 11.47
C ALA C 57 7.91 -71.49 12.87
N PHE C 58 7.08 -71.38 13.89
CA PHE C 58 7.61 -71.34 15.25
C PHE C 58 7.85 -72.72 15.83
N LYS C 59 6.97 -73.67 15.47
CA LYS C 59 7.16 -75.08 15.81
C LYS C 59 8.60 -75.54 15.54
N GLU C 60 9.16 -75.07 14.44
CA GLU C 60 10.53 -75.36 14.05
C GLU C 60 11.54 -75.16 15.18
N ALA C 61 11.56 -73.94 15.75
CA ALA C 61 12.46 -73.66 16.86
C ALA C 61 12.22 -74.64 18.01
N PHE C 62 10.96 -74.91 18.30
CA PHE C 62 10.61 -75.87 19.32
C PHE C 62 11.22 -77.24 19.06
N SER C 63 11.10 -77.70 17.82
CA SER C 63 11.65 -78.98 17.44
C SER C 63 13.13 -79.04 17.78
N LEU C 64 13.82 -77.91 17.67
CA LEU C 64 15.25 -77.88 17.97
C LEU C 64 15.55 -78.09 19.46
N PHE C 65 14.69 -77.60 20.33
CA PHE C 65 14.91 -77.83 21.73
C PHE C 65 14.36 -79.19 22.17
N ASP C 66 13.28 -79.64 21.51
CA ASP C 66 12.53 -80.82 21.94
C ASP C 66 13.08 -82.06 21.22
N LYS C 67 14.29 -82.44 21.60
CA LYS C 67 15.08 -83.45 20.89
C LYS C 67 14.33 -84.78 20.73
N ASP C 68 13.57 -85.20 21.74
CA ASP C 68 12.86 -86.46 21.68
C ASP C 68 11.44 -86.33 21.12
N GLY C 69 11.03 -85.11 20.75
CA GLY C 69 9.78 -84.91 20.05
C GLY C 69 8.51 -85.20 20.85
N ASP C 70 8.60 -85.24 22.17
CA ASP C 70 7.45 -85.59 22.99
C ASP C 70 6.56 -84.39 23.34
N GLY C 71 6.84 -83.24 22.73
CA GLY C 71 5.99 -82.07 22.89
C GLY C 71 6.25 -81.26 24.16
N THR C 72 7.21 -81.67 24.98
CA THR C 72 7.57 -80.90 26.16
C THR C 72 9.08 -80.79 26.25
N ILE C 73 9.56 -79.64 26.73
CA ILE C 73 10.97 -79.38 26.87
C ILE C 73 11.40 -79.49 28.33
N THR C 74 12.45 -80.26 28.57
CA THR C 74 12.98 -80.48 29.89
C THR C 74 14.23 -79.64 30.15
N THR C 75 14.67 -79.63 31.40
CA THR C 75 15.95 -79.06 31.77
C THR C 75 17.09 -79.77 31.04
N LYS C 76 16.94 -81.08 30.76
CA LYS C 76 17.96 -81.79 30.02
C LYS C 76 18.08 -81.33 28.57
N GLU C 77 16.93 -81.08 27.95
CA GLU C 77 16.92 -80.69 26.53
C GLU C 77 17.35 -79.25 26.40
N LEU C 78 16.69 -78.34 27.14
CA LEU C 78 17.22 -76.99 27.34
C LEU C 78 18.72 -77.07 27.52
N GLY C 79 19.16 -77.88 28.49
CA GLY C 79 20.56 -77.98 28.84
C GLY C 79 21.45 -78.31 27.65
N THR C 80 21.10 -79.33 26.88
CA THR C 80 21.93 -79.68 25.73
C THR C 80 21.88 -78.58 24.68
N VAL C 81 20.84 -77.78 24.59
CA VAL C 81 20.85 -76.66 23.67
C VAL C 81 21.80 -75.57 24.15
N MET C 82 21.66 -75.16 25.42
CA MET C 82 22.57 -74.16 26.00
C MET C 82 24.03 -74.62 25.87
N ARG C 83 24.30 -75.88 26.19
CA ARG C 83 25.62 -76.43 26.03
C ARG C 83 26.03 -76.51 24.57
N SER C 84 25.09 -76.67 23.66
CA SER C 84 25.37 -76.54 22.23
C SER C 84 25.84 -75.13 21.89
N LEU C 85 25.31 -74.13 22.58
CA LEU C 85 25.81 -72.77 22.38
C LEU C 85 27.22 -72.49 22.88
N GLY C 86 27.95 -73.50 23.36
CA GLY C 86 29.20 -73.29 24.03
C GLY C 86 29.09 -72.79 25.48
N GLN C 87 27.87 -72.77 26.02
CA GLN C 87 27.64 -72.42 27.40
C GLN C 87 27.80 -73.65 28.30
N ASN C 88 27.73 -73.44 29.61
CA ASN C 88 27.79 -74.55 30.56
C ASN C 88 26.86 -74.26 31.74
N PRO C 89 25.55 -74.36 31.52
CA PRO C 89 24.61 -74.04 32.59
C PRO C 89 24.59 -75.07 33.69
N THR C 90 24.25 -74.66 34.89
CA THR C 90 24.03 -75.57 35.99
C THR C 90 22.56 -75.94 36.06
N GLU C 91 22.25 -77.02 36.78
CA GLU C 91 20.88 -77.39 37.03
C GLU C 91 20.14 -76.30 37.78
N ALA C 92 20.81 -75.55 38.64
CA ALA C 92 20.21 -74.40 39.29
C ALA C 92 19.85 -73.31 38.27
N GLU C 93 20.78 -73.02 37.35
CA GLU C 93 20.51 -72.04 36.31
C GLU C 93 19.35 -72.47 35.41
N LEU C 94 19.40 -73.70 34.92
CA LEU C 94 18.32 -74.22 34.07
C LEU C 94 16.99 -74.19 34.83
N GLN C 95 17.00 -74.57 36.09
CA GLN C 95 15.81 -74.56 36.92
C GLN C 95 15.25 -73.14 37.09
N ASP C 96 16.13 -72.15 37.26
CA ASP C 96 15.68 -70.77 37.34
C ASP C 96 15.07 -70.31 36.02
N MET C 97 15.74 -70.59 34.91
CA MET C 97 15.21 -70.24 33.59
C MET C 97 13.81 -70.78 33.40
N ILE C 98 13.60 -72.07 33.70
CA ILE C 98 12.27 -72.65 33.55
C ILE C 98 11.29 -72.00 34.54
N ASN C 99 11.72 -71.81 35.79
CA ASN C 99 10.87 -71.22 36.81
C ASN C 99 10.36 -69.82 36.44
N GLU C 100 11.13 -69.08 35.64
CA GLU C 100 10.75 -67.71 35.31
C GLU C 100 9.49 -67.62 34.45
N VAL C 101 9.22 -68.64 33.64
CA VAL C 101 8.08 -68.62 32.72
C VAL C 101 7.13 -69.78 32.96
N ASP C 102 7.39 -70.62 33.96
CA ASP C 102 6.57 -71.77 34.28
C ASP C 102 5.20 -71.36 34.83
N ALA C 103 4.29 -70.96 33.93
CA ALA C 103 2.99 -70.43 34.33
C ALA C 103 2.19 -71.44 35.16
N ASP C 104 2.31 -72.72 34.82
CA ASP C 104 1.51 -73.77 35.43
C ASP C 104 2.27 -74.56 36.50
N GLY C 105 3.52 -74.19 36.76
CA GLY C 105 4.31 -74.84 37.80
C GLY C 105 4.50 -76.34 37.66
N ASN C 106 4.54 -76.86 36.44
CA ASN C 106 4.81 -78.28 36.24
C ASN C 106 6.29 -78.59 35.99
N GLY C 107 7.14 -77.56 35.93
CA GLY C 107 8.59 -77.75 35.86
C GLY C 107 9.15 -77.96 34.46
N THR C 108 8.30 -77.99 33.45
CA THR C 108 8.71 -78.14 32.06
C THR C 108 8.13 -76.98 31.27
N ILE C 109 8.60 -76.83 30.03
CA ILE C 109 8.19 -75.73 29.16
C ILE C 109 7.31 -76.28 28.07
N ASP C 110 6.09 -75.78 27.98
CA ASP C 110 5.20 -76.17 26.89
C ASP C 110 5.37 -75.17 25.75
N PHE C 111 4.44 -75.23 24.78
CA PHE C 111 4.45 -74.35 23.62
C PHE C 111 4.44 -72.85 23.96
N PRO C 112 3.37 -72.37 24.63
CA PRO C 112 3.33 -70.93 24.89
C PRO C 112 4.54 -70.48 25.70
N GLU C 113 4.78 -71.07 26.86
CA GLU C 113 5.94 -70.75 27.71
C GLU C 113 7.22 -70.59 26.89
N PHE C 114 7.36 -71.31 25.80
CA PHE C 114 8.42 -71.06 24.84
C PHE C 114 8.19 -69.77 24.06
N LEU C 115 6.94 -69.54 23.65
CA LEU C 115 6.63 -68.28 22.98
C LEU C 115 6.88 -67.08 23.90
N THR C 116 6.66 -67.27 25.17
CA THR C 116 6.88 -66.26 26.22
C THR C 116 8.36 -66.11 26.50
N MET C 117 9.12 -67.21 26.49
CA MET C 117 10.56 -67.13 26.66
C MET C 117 11.17 -66.31 25.55
N MET C 118 10.80 -66.61 24.32
CA MET C 118 11.22 -65.76 23.18
C MET C 118 10.68 -64.35 23.33
N ALA C 119 9.47 -64.21 23.88
CA ALA C 119 8.90 -62.89 24.14
C ALA C 119 9.65 -62.16 25.25
N ARG C 120 9.96 -62.86 26.32
CA ARG C 120 10.69 -62.29 27.44
C ARG C 120 12.18 -62.32 27.18
N LYS D 8 20.31 3.56 -39.86
CA LYS D 8 20.06 2.81 -38.62
C LYS D 8 21.32 2.79 -37.77
N GLU D 9 22.44 2.53 -38.43
CA GLU D 9 23.72 2.41 -37.72
C GLU D 9 24.31 3.77 -37.48
N THR D 10 23.99 4.75 -38.34
CA THR D 10 24.37 6.14 -38.09
C THR D 10 23.79 6.62 -36.76
N GLN D 11 22.59 6.14 -36.42
CA GLN D 11 21.97 6.53 -35.15
C GLN D 11 22.68 5.85 -33.98
N GLU D 12 22.91 4.55 -34.06
CA GLU D 12 23.60 3.83 -32.99
C GLU D 12 24.98 4.45 -32.71
N ALA D 13 25.73 4.73 -33.79
CA ALA D 13 26.94 5.52 -33.66
C ALA D 13 26.68 6.84 -32.95
N SER D 14 25.62 7.54 -33.37
CA SER D 14 25.32 8.86 -32.83
C SER D 14 25.12 8.83 -31.30
N TRP D 15 24.46 7.78 -30.82
CA TRP D 15 24.21 7.66 -29.41
C TRP D 15 25.41 7.16 -28.66
N GLU D 16 26.17 6.24 -29.25
CA GLU D 16 27.40 5.75 -28.59
C GLU D 16 28.42 6.86 -28.41
N ILE D 17 28.56 7.72 -29.40
CA ILE D 17 29.42 8.89 -29.23
C ILE D 17 28.80 9.86 -28.23
N PHE D 18 27.47 9.97 -28.24
CA PHE D 18 26.83 10.91 -27.31
C PHE D 18 27.04 10.53 -25.82
N THR D 19 27.06 9.23 -25.55
CA THR D 19 27.10 8.76 -24.17
C THR D 19 28.50 8.65 -23.59
N LEU D 20 29.55 8.96 -24.37
CA LEU D 20 30.88 8.93 -23.81
C LEU D 20 31.03 9.85 -22.63
N PRO D 21 31.46 9.34 -21.48
CA PRO D 21 31.45 10.15 -20.25
C PRO D 21 32.41 11.36 -20.24
N ASN D 22 33.50 11.32 -21.02
CA ASN D 22 34.51 12.36 -20.89
C ASN D 22 34.59 13.24 -22.13
N LEU D 23 33.45 13.69 -22.63
CA LEU D 23 33.38 14.69 -23.71
C LEU D 23 32.26 15.65 -23.38
N ASN D 24 32.46 16.93 -23.68
CA ASN D 24 31.38 17.88 -23.53
C ASN D 24 30.59 18.00 -24.85
N GLY D 25 29.54 18.83 -24.83
CA GLY D 25 28.63 18.95 -25.92
C GLY D 25 29.20 19.41 -27.24
N ARG D 26 30.20 20.31 -27.18
CA ARG D 26 30.70 20.92 -28.42
C ARG D 26 31.32 19.89 -29.39
N GLN D 27 32.11 19.02 -28.85
CA GLN D 27 32.79 18.02 -29.73
C GLN D 27 31.87 16.93 -30.10
N VAL D 28 31.07 16.40 -29.18
CA VAL D 28 30.07 15.37 -29.58
C VAL D 28 29.14 15.94 -30.67
N ALA D 29 28.82 17.23 -30.57
CA ALA D 29 27.97 17.85 -31.58
C ALA D 29 28.69 17.96 -32.92
N ALA D 30 29.95 18.41 -32.89
CA ALA D 30 30.78 18.47 -34.10
C ALA D 30 30.83 17.08 -34.76
N PHE D 31 31.15 16.06 -33.96
CA PHE D 31 31.18 14.70 -34.46
C PHE D 31 29.85 14.26 -35.07
N ILE D 32 28.75 14.53 -34.36
CA ILE D 32 27.40 14.26 -34.86
C ILE D 32 27.18 14.90 -36.26
N SER D 33 27.73 16.10 -36.44
CA SER D 33 27.69 16.72 -37.75
C SER D 33 28.48 15.88 -38.77
N SER D 34 29.68 15.48 -38.40
CA SER D 34 30.52 14.71 -39.30
C SER D 34 29.86 13.36 -39.67
N LEU D 35 29.06 12.82 -38.74
CA LEU D 35 28.42 11.54 -38.95
C LEU D 35 27.15 11.70 -39.76
N LEU D 36 26.42 12.79 -39.59
CA LEU D 36 25.22 13.00 -40.43
C LEU D 36 25.63 13.27 -41.87
N ASP D 37 26.75 13.94 -42.06
CA ASP D 37 27.23 14.15 -43.43
C ASP D 37 27.82 12.88 -44.02
N ASP D 38 28.29 11.95 -43.18
CA ASP D 38 28.93 10.73 -43.66
C ASP D 38 28.47 9.53 -42.83
N PRO D 39 27.37 8.89 -43.25
CA PRO D 39 27.05 7.55 -42.72
C PRO D 39 28.09 6.48 -43.07
N SER D 40 28.99 6.75 -44.01
CA SER D 40 29.97 5.79 -44.48
C SER D 40 31.21 5.77 -43.59
N GLN D 41 31.71 6.95 -43.21
CA GLN D 41 32.84 7.07 -42.30
C GLN D 41 32.43 7.05 -40.84
N SER D 42 31.84 5.92 -40.46
CA SER D 42 31.22 5.78 -39.12
C SER D 42 32.17 5.10 -38.13
N ALA D 43 32.31 3.79 -38.24
CA ALA D 43 33.04 3.00 -37.26
C ALA D 43 34.49 3.45 -37.04
N ASN D 44 35.07 4.07 -38.03
CA ASN D 44 36.37 4.70 -37.93
C ASN D 44 36.32 6.03 -37.22
N LEU D 45 35.40 6.91 -37.63
CA LEU D 45 35.11 8.13 -36.88
C LEU D 45 34.72 7.76 -35.44
N LEU D 46 33.83 6.78 -35.30
CA LEU D 46 33.49 6.24 -33.99
C LEU D 46 34.73 5.79 -33.21
N ALA D 47 35.64 5.11 -33.89
CA ALA D 47 36.84 4.61 -33.25
C ALA D 47 37.72 5.74 -32.69
N GLU D 48 38.02 6.72 -33.53
CA GLU D 48 38.90 7.81 -33.09
C GLU D 48 38.20 8.71 -32.07
N ALA D 49 36.87 8.77 -32.10
CA ALA D 49 36.12 9.45 -31.05
C ALA D 49 36.27 8.75 -29.70
N LYS D 50 36.01 7.44 -29.68
CA LYS D 50 36.24 6.62 -28.49
C LYS D 50 37.66 6.82 -27.93
N LYS D 51 38.65 6.65 -28.78
CA LYS D 51 40.04 6.94 -28.42
C LYS D 51 40.16 8.32 -27.78
N LEU D 52 39.59 9.34 -28.43
CA LEU D 52 39.61 10.70 -27.91
C LEU D 52 39.07 10.74 -26.48
N ASN D 53 37.96 10.06 -26.22
CA ASN D 53 37.49 9.93 -24.85
C ASN D 53 38.58 9.36 -23.94
N GLN D 54 39.27 8.32 -24.40
CA GLN D 54 40.37 7.79 -23.60
C GLN D 54 41.39 8.88 -23.25
N ILE D 55 41.77 9.71 -24.23
CA ILE D 55 42.72 10.76 -23.95
C ILE D 55 42.17 11.75 -22.92
N GLN D 56 40.88 12.15 -23.06
CA GLN D 56 40.34 13.11 -22.12
C GLN D 56 40.36 12.60 -20.67
N ALA D 57 39.91 11.38 -20.49
CA ALA D 57 39.88 10.81 -19.12
C ALA D 57 41.31 10.66 -18.61
N PHE D 58 42.23 10.21 -19.46
CA PHE D 58 43.63 10.13 -19.07
C PHE D 58 44.14 11.51 -18.59
N LYS D 59 43.71 12.57 -19.30
CA LYS D 59 44.07 13.93 -18.98
C LYS D 59 43.59 14.24 -17.57
N GLU D 60 42.33 13.92 -17.29
CA GLU D 60 41.75 14.19 -15.96
C GLU D 60 42.56 13.54 -14.86
N ALA D 61 42.72 12.21 -14.94
CA ALA D 61 43.46 11.47 -13.90
C ALA D 61 44.84 12.08 -13.68
N PHE D 62 45.52 12.36 -14.80
CA PHE D 62 46.81 13.01 -14.76
C PHE D 62 46.76 14.32 -13.99
N SER D 63 45.78 15.15 -14.30
CA SER D 63 45.62 16.41 -13.59
C SER D 63 45.57 16.19 -12.08
N LEU D 64 44.87 15.14 -11.66
CA LEU D 64 44.79 14.86 -10.23
C LEU D 64 46.05 14.23 -9.69
N PHE D 65 47.01 13.94 -10.57
CA PHE D 65 48.33 13.48 -10.19
C PHE D 65 49.34 14.66 -10.09
N ASP D 66 48.97 15.85 -10.54
CA ASP D 66 49.72 17.11 -10.41
C ASP D 66 49.20 17.98 -9.23
N LYS D 67 49.70 17.70 -8.04
CA LYS D 67 49.17 18.27 -6.81
C LYS D 67 49.10 19.79 -6.79
N ASP D 68 50.11 20.47 -7.35
CA ASP D 68 50.10 21.95 -7.26
C ASP D 68 49.51 22.60 -8.50
N GLY D 69 49.04 21.79 -9.44
CA GLY D 69 48.33 22.27 -10.61
C GLY D 69 49.12 23.09 -11.59
N ASP D 70 50.45 23.00 -11.56
CA ASP D 70 51.26 23.86 -12.43
C ASP D 70 51.52 23.26 -13.80
N GLY D 71 50.85 22.15 -14.11
CA GLY D 71 50.92 21.54 -15.42
C GLY D 71 52.13 20.66 -15.66
N THR D 72 53.00 20.50 -14.66
CA THR D 72 54.15 19.61 -14.80
C THR D 72 54.28 18.79 -13.54
N ILE D 73 54.75 17.56 -13.70
CA ILE D 73 54.89 16.63 -12.61
C ILE D 73 56.30 16.36 -12.23
N THR D 74 56.60 16.51 -10.96
CA THR D 74 57.97 16.37 -10.44
C THR D 74 58.12 15.04 -9.73
N THR D 75 59.36 14.74 -9.41
CA THR D 75 59.70 13.56 -8.65
C THR D 75 59.00 13.54 -7.27
N LYS D 76 58.81 14.70 -6.65
CA LYS D 76 58.10 14.68 -5.36
C LYS D 76 56.64 14.48 -5.53
N GLU D 77 56.05 15.04 -6.57
CA GLU D 77 54.59 14.78 -6.77
C GLU D 77 54.34 13.28 -7.08
N LEU D 78 55.15 12.80 -8.03
CA LEU D 78 55.24 11.38 -8.31
C LEU D 78 55.32 10.64 -7.01
N GLY D 79 56.43 10.88 -6.32
CA GLY D 79 56.74 10.41 -4.97
C GLY D 79 55.57 10.46 -4.03
N THR D 80 54.81 11.56 -4.05
CA THR D 80 53.64 11.65 -3.21
C THR D 80 52.64 10.54 -3.55
N VAL D 81 52.35 10.38 -4.84
CA VAL D 81 51.41 9.35 -5.25
C VAL D 81 51.96 7.94 -4.96
N MET D 82 53.20 7.68 -5.33
CA MET D 82 53.83 6.38 -5.08
C MET D 82 53.81 6.06 -3.60
N ARG D 83 54.21 7.00 -2.75
CA ARG D 83 54.17 6.76 -1.31
C ARG D 83 52.72 6.55 -0.83
N SER D 84 51.80 7.33 -1.41
CA SER D 84 50.41 7.20 -1.04
C SER D 84 49.85 5.82 -1.38
N LEU D 85 50.25 5.25 -2.49
CA LEU D 85 49.80 3.89 -2.81
C LEU D 85 50.59 2.82 -2.06
N GLY D 86 50.97 3.09 -0.83
CA GLY D 86 51.65 2.12 0.03
C GLY D 86 53.11 1.83 -0.32
N GLN D 87 53.66 2.56 -1.30
CA GLN D 87 55.03 2.29 -1.73
C GLN D 87 55.96 3.27 -1.02
N ASN D 88 57.27 3.05 -1.21
CA ASN D 88 58.29 3.89 -0.62
C ASN D 88 59.45 4.07 -1.61
N PRO D 89 59.23 4.87 -2.66
CA PRO D 89 60.27 5.02 -3.68
C PRO D 89 61.44 5.84 -3.17
N THR D 90 62.61 5.55 -3.76
CA THR D 90 63.79 6.33 -3.49
C THR D 90 63.92 7.46 -4.48
N GLU D 91 64.77 8.44 -4.16
CA GLU D 91 64.97 9.56 -5.09
C GLU D 91 65.45 9.05 -6.47
N ALA D 92 66.36 8.08 -6.42
CA ALA D 92 66.92 7.53 -7.65
C ALA D 92 65.85 6.79 -8.50
N GLU D 93 64.96 6.08 -7.83
CA GLU D 93 63.88 5.39 -8.56
C GLU D 93 62.96 6.38 -9.28
N LEU D 94 62.53 7.43 -8.56
CA LEU D 94 61.69 8.45 -9.16
C LEU D 94 62.38 9.10 -10.35
N GLN D 95 63.68 9.39 -10.20
CA GLN D 95 64.45 10.02 -11.28
C GLN D 95 64.57 9.10 -12.48
N ASP D 96 64.78 7.79 -12.26
CA ASP D 96 64.80 6.84 -13.37
C ASP D 96 63.47 6.82 -14.10
N MET D 97 62.36 6.70 -13.35
CA MET D 97 61.03 6.71 -13.96
C MET D 97 60.87 7.93 -14.88
N ILE D 98 61.20 9.11 -14.40
CA ILE D 98 61.03 10.29 -15.23
C ILE D 98 61.98 10.28 -16.42
N ASN D 99 63.23 9.90 -16.17
CA ASN D 99 64.25 9.83 -17.21
C ASN D 99 63.87 8.91 -18.37
N GLU D 100 63.06 7.89 -18.10
CA GLU D 100 62.72 6.94 -19.16
C GLU D 100 61.85 7.56 -20.27
N VAL D 101 61.07 8.57 -19.93
CA VAL D 101 60.12 9.18 -20.87
C VAL D 101 60.36 10.68 -21.05
N ASP D 102 61.39 11.23 -20.39
CA ASP D 102 61.71 12.65 -20.47
C ASP D 102 62.23 13.02 -21.85
N ALA D 103 61.33 13.16 -22.82
CA ALA D 103 61.70 13.43 -24.20
C ALA D 103 62.54 14.70 -24.35
N ASP D 104 62.23 15.72 -23.55
CA ASP D 104 62.87 17.02 -23.67
C ASP D 104 63.95 17.27 -22.64
N GLY D 105 64.23 16.28 -21.78
CA GLY D 105 65.28 16.39 -20.79
C GLY D 105 65.19 17.55 -19.82
N ASN D 106 63.97 17.99 -19.48
CA ASN D 106 63.82 19.04 -18.48
C ASN D 106 63.59 18.50 -17.06
N GLY D 107 63.52 17.17 -16.91
CA GLY D 107 63.47 16.55 -15.59
C GLY D 107 62.09 16.44 -14.96
N THR D 108 61.06 16.95 -15.62
CA THR D 108 59.70 16.86 -15.16
C THR D 108 58.85 16.22 -16.26
N ILE D 109 57.62 15.85 -15.92
CA ILE D 109 56.72 15.18 -16.83
C ILE D 109 55.64 16.13 -17.25
N ASP D 110 55.51 16.36 -18.54
CA ASP D 110 54.40 17.15 -19.06
C ASP D 110 53.25 16.19 -19.38
N PHE D 111 52.27 16.69 -20.06
CA PHE D 111 51.07 15.96 -20.46
C PHE D 111 51.39 14.68 -21.29
N PRO D 112 51.98 14.86 -22.51
CA PRO D 112 52.19 13.68 -23.33
C PRO D 112 53.08 12.66 -22.62
N GLU D 113 54.30 13.05 -22.23
CA GLU D 113 55.25 12.17 -21.55
C GLU D 113 54.57 11.26 -20.54
N PHE D 114 53.56 11.79 -19.83
CA PHE D 114 52.74 10.95 -18.98
C PHE D 114 51.95 9.94 -19.82
N LEU D 115 51.36 10.40 -20.94
CA LEU D 115 50.73 9.42 -21.83
C LEU D 115 51.75 8.34 -22.32
N THR D 116 53.01 8.75 -22.49
CA THR D 116 54.04 7.84 -22.92
C THR D 116 54.44 6.86 -21.81
N MET D 117 54.44 7.32 -20.58
CA MET D 117 54.61 6.44 -19.43
C MET D 117 53.52 5.36 -19.44
N MET D 118 52.29 5.76 -19.72
CA MET D 118 51.21 4.77 -19.73
C MET D 118 51.38 3.80 -20.90
N ALA D 119 51.71 4.32 -22.08
CA ALA D 119 51.92 3.49 -23.27
C ALA D 119 53.02 2.45 -23.07
N SER E 5 -35.80 -63.35 -61.45
CA SER E 5 -37.01 -62.49 -61.60
C SER E 5 -37.21 -62.05 -63.05
N ALA E 6 -36.85 -60.79 -63.33
CA ALA E 6 -36.87 -60.23 -64.65
C ALA E 6 -35.45 -59.95 -65.15
N SER E 7 -35.30 -59.90 -66.46
CA SER E 7 -34.01 -59.50 -67.05
C SER E 7 -33.88 -57.99 -67.04
N ALA E 8 -32.66 -57.52 -67.10
CA ALA E 8 -32.41 -56.07 -67.29
C ALA E 8 -33.01 -55.60 -68.62
N LEU E 9 -32.90 -56.44 -69.64
CA LEU E 9 -33.43 -56.13 -70.96
C LEU E 9 -34.94 -55.95 -70.90
N ALA E 10 -35.64 -56.87 -70.23
CA ALA E 10 -37.08 -56.74 -70.06
C ALA E 10 -37.46 -55.44 -69.35
N CYS E 11 -36.77 -55.14 -68.25
CA CYS E 11 -37.04 -53.92 -67.50
C CYS E 11 -36.85 -52.68 -68.37
N SER E 12 -35.72 -52.60 -69.06
CA SER E 12 -35.45 -51.48 -69.96
C SER E 12 -36.54 -51.35 -71.04
N ALA E 13 -36.91 -52.48 -71.64
CA ALA E 13 -37.92 -52.46 -72.70
C ALA E 13 -39.26 -51.93 -72.18
N HIS E 14 -39.68 -52.42 -71.02
CA HIS E 14 -40.89 -51.90 -70.38
C HIS E 14 -40.78 -50.39 -70.15
N ALA E 15 -39.63 -49.96 -69.65
CA ALA E 15 -39.42 -48.53 -69.36
C ALA E 15 -39.53 -47.69 -70.62
N LEU E 16 -38.96 -48.16 -71.73
CA LEU E 16 -39.05 -47.41 -72.98
C LEU E 16 -40.48 -47.40 -73.53
N ASN E 17 -41.17 -48.53 -73.40
CA ASN E 17 -42.60 -48.57 -73.76
C ASN E 17 -43.38 -47.51 -72.98
N LEU E 18 -42.99 -47.29 -71.72
CA LEU E 18 -43.70 -46.32 -70.90
C LEU E 18 -43.24 -44.90 -71.17
N ILE E 19 -41.99 -44.72 -71.62
CA ILE E 19 -41.54 -43.41 -72.07
C ILE E 19 -42.27 -42.98 -73.35
N GLU E 20 -42.56 -43.94 -74.23
CA GLU E 20 -43.24 -43.60 -75.48
C GLU E 20 -44.72 -43.30 -75.29
N LYS E 21 -45.33 -43.75 -74.19
CA LYS E 21 -46.73 -43.46 -73.94
C LYS E 21 -46.92 -42.00 -73.55
N ARG E 22 -48.03 -41.41 -73.99
CA ARG E 22 -48.40 -40.05 -73.66
C ARG E 22 -49.49 -39.91 -72.61
N THR E 23 -50.40 -40.87 -72.57
CA THR E 23 -51.44 -40.94 -71.54
C THR E 23 -51.55 -42.37 -71.06
N LEU E 24 -52.19 -42.54 -69.90
CA LEU E 24 -52.36 -43.84 -69.28
C LEU E 24 -53.82 -44.13 -69.01
N ASP E 25 -54.28 -45.30 -69.38
CA ASP E 25 -55.58 -45.74 -68.92
C ASP E 25 -55.56 -45.97 -67.43
N HIS E 26 -56.74 -46.18 -66.84
CA HIS E 26 -56.88 -46.31 -65.40
C HIS E 26 -56.10 -47.52 -64.82
N GLU E 27 -56.20 -48.66 -65.51
CA GLU E 27 -55.52 -49.84 -64.98
C GLU E 27 -54.02 -49.76 -65.27
N GLU E 28 -53.64 -49.10 -66.37
CA GLU E 28 -52.22 -48.91 -66.63
C GLU E 28 -51.58 -48.02 -65.55
N MET E 29 -52.32 -46.97 -65.14
CA MET E 29 -51.84 -46.10 -64.09
C MET E 29 -51.84 -46.79 -62.75
N LYS E 30 -52.83 -47.64 -62.45
CA LYS E 30 -52.83 -48.40 -61.20
C LYS E 30 -51.57 -49.29 -61.08
N ALA E 31 -51.28 -50.01 -62.20
CA ALA E 31 -50.10 -50.84 -62.21
C ALA E 31 -48.83 -50.01 -62.13
N LEU E 32 -48.78 -48.87 -62.82
CA LEU E 32 -47.57 -48.05 -62.83
C LEU E 32 -47.31 -47.42 -61.48
N ASN E 33 -48.35 -46.87 -60.85
CA ASN E 33 -48.19 -46.32 -59.49
C ASN E 33 -47.75 -47.40 -58.50
N ARG E 34 -48.38 -48.58 -58.59
CA ARG E 34 -47.98 -49.68 -57.72
C ARG E 34 -46.51 -50.06 -57.96
N GLU E 35 -46.10 -50.11 -59.22
CA GLU E 35 -44.72 -50.41 -59.59
C GLU E 35 -43.76 -49.38 -59.01
N VAL E 36 -44.07 -48.09 -59.18
CA VAL E 36 -43.14 -47.04 -58.75
C VAL E 36 -43.03 -47.00 -57.23
N ILE E 37 -44.13 -47.27 -56.53
CA ILE E 37 -44.05 -47.35 -55.08
C ILE E 37 -43.17 -48.53 -54.66
N GLU E 38 -43.34 -49.67 -55.33
CA GLU E 38 -42.51 -50.84 -55.01
C GLU E 38 -41.03 -50.57 -55.24
N TYR E 39 -40.70 -50.05 -56.43
CA TYR E 39 -39.30 -49.81 -56.78
C TYR E 39 -38.67 -48.67 -55.97
N PHE E 40 -39.47 -47.72 -55.54
CA PHE E 40 -38.99 -46.73 -54.58
C PHE E 40 -38.68 -47.40 -53.25
N LYS E 41 -39.52 -48.33 -52.84
CA LYS E 41 -39.33 -49.05 -51.58
C LYS E 41 -38.04 -49.92 -51.61
N GLU E 42 -37.78 -50.56 -52.75
CA GLU E 42 -36.75 -51.59 -52.82
C GLU E 42 -35.48 -51.21 -53.57
N HIS E 43 -35.45 -50.04 -54.22
CA HIS E 43 -34.31 -49.68 -55.06
C HIS E 43 -33.91 -48.22 -55.02
N VAL E 44 -34.77 -47.34 -54.48
CA VAL E 44 -34.45 -45.92 -54.41
C VAL E 44 -34.21 -45.53 -52.95
N ASN E 45 -35.31 -45.37 -52.21
CA ASN E 45 -35.28 -45.07 -50.78
C ASN E 45 -36.69 -45.15 -50.20
N PRO E 46 -36.94 -46.07 -49.24
CA PRO E 46 -38.25 -46.11 -48.59
C PRO E 46 -38.54 -44.87 -47.70
N GLY E 47 -37.47 -44.24 -47.22
CA GLY E 47 -37.63 -43.03 -46.45
C GLY E 47 -38.40 -41.95 -47.16
N PHE E 48 -38.20 -41.82 -48.47
CA PHE E 48 -38.97 -40.84 -49.25
C PHE E 48 -40.46 -41.10 -49.15
N LEU E 49 -40.86 -42.38 -49.19
CA LEU E 49 -42.27 -42.71 -49.03
C LEU E 49 -42.78 -42.20 -47.69
N GLU E 50 -41.99 -42.39 -46.64
CA GLU E 50 -42.45 -41.89 -45.34
C GLU E 50 -42.52 -40.35 -45.29
N TYR E 51 -41.56 -39.69 -45.93
CA TYR E 51 -41.54 -38.23 -45.94
C TYR E 51 -42.78 -37.66 -46.61
N ARG E 52 -43.07 -38.14 -47.81
CA ARG E 52 -44.24 -37.65 -48.54
C ARG E 52 -45.50 -37.98 -47.77
N LYS E 53 -45.49 -39.08 -47.00
CA LYS E 53 -46.61 -39.33 -46.10
C LYS E 53 -46.73 -38.22 -45.08
N SER E 54 -45.61 -37.73 -44.55
CA SER E 54 -45.70 -36.66 -43.56
C SER E 54 -46.10 -35.32 -44.18
N VAL E 55 -46.13 -35.20 -45.50
CA VAL E 55 -46.64 -33.94 -46.05
C VAL E 55 -47.92 -34.12 -46.85
N THR E 56 -48.65 -35.21 -46.62
CA THR E 56 -49.89 -35.49 -47.37
C THR E 56 -50.91 -36.14 -46.44
N ALA E 57 -52.08 -36.42 -47.00
CA ALA E 57 -53.10 -37.22 -46.31
C ALA E 57 -53.62 -38.27 -47.26
N GLY E 58 -53.63 -39.52 -46.80
CA GLY E 58 -54.02 -40.64 -47.63
C GLY E 58 -53.16 -40.79 -48.85
N GLY E 59 -53.76 -41.39 -49.87
CA GLY E 59 -53.04 -41.76 -51.09
C GLY E 59 -52.38 -40.60 -51.80
N ASP E 60 -52.56 -39.38 -51.28
CA ASP E 60 -51.83 -38.24 -51.81
C ASP E 60 -50.33 -38.44 -51.71
N TYR E 61 -49.87 -39.21 -50.71
CA TYR E 61 -48.43 -39.48 -50.64
C TYR E 61 -47.91 -40.23 -51.87
N GLY E 62 -48.82 -40.79 -52.67
CA GLY E 62 -48.41 -41.61 -53.80
C GLY E 62 -48.84 -41.03 -55.12
N ALA E 63 -48.65 -39.73 -55.29
CA ALA E 63 -48.82 -39.07 -56.57
C ALA E 63 -47.51 -39.22 -57.33
N VAL E 64 -47.62 -39.65 -58.59
CA VAL E 64 -46.45 -39.92 -59.43
C VAL E 64 -46.42 -38.89 -60.53
N GLU E 65 -45.25 -38.28 -60.74
CA GLU E 65 -45.09 -37.35 -61.84
C GLU E 65 -45.33 -38.02 -63.19
N TRP E 66 -45.83 -37.24 -64.13
CA TRP E 66 -46.05 -37.75 -65.48
C TRP E 66 -45.61 -36.76 -66.54
N GLN E 67 -46.21 -35.56 -66.54
CA GLN E 67 -45.95 -34.64 -67.64
C GLN E 67 -46.19 -33.22 -67.21
N ALA E 68 -45.46 -32.30 -67.82
CA ALA E 68 -45.72 -30.86 -67.65
C ALA E 68 -47.07 -30.51 -68.25
N GLY E 69 -47.90 -29.79 -67.50
CA GLY E 69 -49.20 -29.35 -68.00
C GLY E 69 -49.09 -28.12 -68.87
N SER E 70 -48.80 -26.98 -68.24
CA SER E 70 -48.55 -25.74 -68.96
C SER E 70 -47.21 -25.21 -68.46
N LEU E 71 -46.97 -23.92 -68.65
CA LEU E 71 -45.74 -23.31 -68.13
C LEU E 71 -45.64 -23.45 -66.61
N ASN E 72 -46.77 -23.41 -65.91
CA ASN E 72 -46.76 -23.34 -64.45
C ASN E 72 -47.50 -24.49 -63.78
N THR E 73 -47.81 -25.56 -64.51
CA THR E 73 -48.59 -26.67 -63.97
C THR E 73 -47.92 -28.01 -64.26
N LEU E 74 -48.12 -28.95 -63.35
CA LEU E 74 -47.63 -30.32 -63.49
C LEU E 74 -48.78 -31.29 -63.39
N VAL E 75 -48.72 -32.37 -64.17
CA VAL E 75 -49.80 -33.34 -64.25
C VAL E 75 -49.26 -34.71 -63.86
N ASP E 76 -49.89 -35.30 -62.84
CA ASP E 76 -49.51 -36.62 -62.36
C ASP E 76 -50.10 -37.72 -63.23
N THR E 77 -49.87 -38.97 -62.83
CA THR E 77 -50.35 -40.11 -63.60
C THR E 77 -51.87 -40.26 -63.56
N GLN E 78 -52.55 -39.48 -62.75
CA GLN E 78 -54.01 -39.53 -62.62
C GLN E 78 -54.71 -38.41 -63.38
N GLY E 79 -53.94 -37.58 -64.10
CA GLY E 79 -54.50 -36.44 -64.78
C GLY E 79 -54.73 -35.24 -63.89
N GLN E 80 -54.41 -35.33 -62.60
CA GLN E 80 -54.57 -34.22 -61.69
C GLN E 80 -53.53 -33.15 -61.98
N GLU E 81 -54.00 -31.90 -62.08
CA GLU E 81 -53.13 -30.77 -62.42
C GLU E 81 -52.82 -29.97 -61.17
N PHE E 82 -51.55 -29.61 -61.02
CA PHE E 82 -51.04 -28.86 -59.87
C PHE E 82 -50.40 -27.58 -60.35
N ILE E 83 -50.70 -26.47 -59.65
CA ILE E 83 -49.94 -25.25 -59.84
C ILE E 83 -48.62 -25.40 -59.07
N ASP E 84 -47.51 -25.14 -59.76
CA ASP E 84 -46.19 -25.37 -59.19
C ASP E 84 -45.71 -24.12 -58.48
N CYS E 85 -45.86 -24.09 -57.16
CA CYS E 85 -45.26 -23.05 -56.34
C CYS E 85 -43.95 -23.52 -55.71
N LEU E 86 -43.43 -24.67 -56.14
CA LEU E 86 -42.14 -25.18 -55.70
C LEU E 86 -41.02 -24.85 -56.68
N GLY E 87 -41.30 -24.93 -57.98
CA GLY E 87 -40.33 -24.57 -59.00
C GLY E 87 -39.04 -25.33 -58.93
N GLY E 88 -39.08 -26.57 -58.46
CA GLY E 88 -37.87 -27.37 -58.27
C GLY E 88 -36.83 -26.66 -57.41
N PHE E 89 -37.31 -25.98 -56.36
CA PHE E 89 -36.45 -25.23 -55.44
C PHE E 89 -35.59 -24.21 -56.19
N GLY E 90 -36.18 -23.60 -57.21
CA GLY E 90 -35.52 -22.56 -57.99
C GLY E 90 -35.03 -22.98 -59.36
N ILE E 91 -35.52 -24.09 -59.89
CA ILE E 91 -35.10 -24.57 -61.21
C ILE E 91 -35.93 -23.95 -62.34
N PHE E 92 -37.26 -23.94 -62.18
CA PHE E 92 -38.16 -23.60 -63.29
C PHE E 92 -38.52 -22.13 -63.30
N ASN E 93 -37.50 -21.29 -63.38
CA ASN E 93 -37.73 -19.84 -63.41
C ASN E 93 -38.49 -19.41 -64.67
N VAL E 94 -38.27 -20.10 -65.78
CA VAL E 94 -38.95 -19.76 -67.03
C VAL E 94 -40.05 -20.77 -67.35
N GLY E 95 -40.56 -21.44 -66.31
CA GLY E 95 -41.65 -22.38 -66.48
C GLY E 95 -41.22 -23.75 -66.95
N HIS E 96 -42.21 -24.63 -67.09
CA HIS E 96 -41.98 -26.00 -67.53
C HIS E 96 -42.09 -26.09 -69.04
N ARG E 97 -41.13 -26.80 -69.64
CA ARG E 97 -41.05 -26.97 -71.10
C ARG E 97 -41.24 -25.65 -71.82
N ASN E 98 -40.37 -24.70 -71.50
CA ASN E 98 -40.42 -23.38 -72.12
C ASN E 98 -40.13 -23.54 -73.62
N PRO E 99 -41.06 -23.11 -74.49
CA PRO E 99 -40.91 -23.37 -75.93
C PRO E 99 -39.55 -22.97 -76.52
N VAL E 100 -39.00 -21.85 -76.09
CA VAL E 100 -37.71 -21.40 -76.62
C VAL E 100 -36.59 -22.37 -76.19
N VAL E 101 -36.58 -22.74 -74.91
CA VAL E 101 -35.54 -23.62 -74.40
C VAL E 101 -35.67 -25.02 -75.00
N VAL E 102 -36.90 -25.54 -75.06
CA VAL E 102 -37.15 -26.83 -75.67
C VAL E 102 -36.71 -26.81 -77.14
N SER E 103 -36.96 -25.69 -77.82
CA SER E 103 -36.59 -25.57 -79.23
C SER E 103 -35.07 -25.62 -79.41
N ALA E 104 -34.35 -24.81 -78.63
CA ALA E 104 -32.89 -24.80 -78.72
C ALA E 104 -32.30 -26.18 -78.40
N VAL E 105 -32.82 -26.83 -77.36
CA VAL E 105 -32.33 -28.13 -76.96
C VAL E 105 -32.60 -29.16 -78.08
N GLN E 106 -33.76 -29.06 -78.72
CA GLN E 106 -34.04 -29.97 -79.83
C GLN E 106 -33.16 -29.73 -81.05
N ASN E 107 -32.89 -28.48 -81.37
CA ASN E 107 -31.99 -28.20 -82.50
C ASN E 107 -30.57 -28.74 -82.25
N GLN E 108 -30.02 -28.41 -81.08
CA GLN E 108 -28.68 -28.89 -80.75
C GLN E 108 -28.65 -30.41 -80.61
N LEU E 109 -29.73 -31.00 -80.12
CA LEU E 109 -29.88 -32.45 -80.13
C LEU E 109 -29.82 -33.00 -81.54
N ALA E 110 -30.42 -32.27 -82.49
CA ALA E 110 -30.35 -32.68 -83.89
C ALA E 110 -28.91 -32.60 -84.42
N LYS E 111 -28.10 -31.69 -83.88
CA LYS E 111 -26.70 -31.61 -84.32
C LYS E 111 -25.77 -32.51 -83.50
N GLN E 112 -25.59 -32.18 -82.23
CA GLN E 112 -24.70 -32.95 -81.36
C GLN E 112 -24.96 -32.67 -79.89
N PRO E 113 -25.35 -33.69 -79.11
CA PRO E 113 -25.69 -33.44 -77.69
C PRO E 113 -24.47 -33.25 -76.79
N LEU E 114 -23.51 -34.17 -76.84
CA LEU E 114 -22.30 -34.09 -76.04
C LEU E 114 -21.07 -33.91 -76.92
N HIS E 115 -20.09 -33.18 -76.42
CA HIS E 115 -18.88 -32.84 -77.16
C HIS E 115 -17.80 -33.90 -77.01
N SER E 116 -16.82 -33.85 -77.91
CA SER E 116 -15.73 -34.83 -77.94
C SER E 116 -14.78 -34.70 -76.75
N GLN E 117 -14.77 -33.54 -76.09
CA GLN E 117 -13.84 -33.17 -75.00
C GLN E 117 -12.45 -32.80 -75.51
N GLU E 118 -12.22 -32.89 -76.82
CA GLU E 118 -10.90 -32.61 -77.40
C GLU E 118 -10.94 -31.36 -78.28
N LEU E 119 -11.86 -31.33 -79.23
CA LEU E 119 -11.98 -30.18 -80.13
C LEU E 119 -12.67 -29.01 -79.41
N LEU E 120 -12.54 -27.83 -79.99
CA LEU E 120 -13.22 -26.66 -79.47
C LEU E 120 -14.71 -26.76 -79.76
N ASP E 121 -15.52 -26.70 -78.72
CA ASP E 121 -16.96 -26.70 -78.90
C ASP E 121 -17.47 -25.27 -78.87
N PRO E 122 -18.28 -24.87 -79.86
CA PRO E 122 -18.59 -23.44 -80.01
C PRO E 122 -19.57 -22.89 -78.96
N LEU E 123 -20.54 -23.68 -78.53
CA LEU E 123 -21.53 -23.18 -77.60
C LEU E 123 -20.96 -22.89 -76.21
N ARG E 124 -19.87 -23.54 -75.85
CA ARG E 124 -19.18 -23.22 -74.61
C ARG E 124 -18.58 -21.80 -74.69
N ALA E 125 -17.97 -21.47 -75.82
CA ALA E 125 -17.44 -20.14 -76.04
C ALA E 125 -18.58 -19.09 -76.07
N MET E 126 -19.65 -19.39 -76.81
CA MET E 126 -20.77 -18.48 -76.88
C MET E 126 -21.37 -18.22 -75.50
N LEU E 127 -21.54 -19.28 -74.70
CA LEU E 127 -22.14 -19.12 -73.38
C LEU E 127 -21.21 -18.37 -72.43
N ALA E 128 -19.91 -18.65 -72.53
CA ALA E 128 -18.93 -17.93 -71.69
C ALA E 128 -18.96 -16.43 -72.02
N LYS E 129 -19.02 -16.09 -73.30
CA LYS E 129 -19.08 -14.68 -73.71
C LYS E 129 -20.38 -14.04 -73.21
N THR E 130 -21.50 -14.73 -73.39
CA THR E 130 -22.78 -14.22 -72.91
C THR E 130 -22.76 -13.95 -71.41
N LEU E 131 -22.23 -14.91 -70.63
CA LEU E 131 -22.17 -14.75 -69.19
C LEU E 131 -21.24 -13.61 -68.79
N ALA E 132 -20.14 -13.43 -69.53
CA ALA E 132 -19.27 -12.28 -69.27
C ALA E 132 -20.02 -10.97 -69.51
N ALA E 133 -20.84 -10.93 -70.56
CA ALA E 133 -21.66 -9.75 -70.83
C ALA E 133 -22.72 -9.53 -69.76
N LEU E 134 -23.22 -10.61 -69.16
CA LEU E 134 -24.37 -10.54 -68.26
C LEU E 134 -23.97 -10.32 -66.80
N THR E 135 -22.71 -10.59 -66.42
CA THR E 135 -22.30 -10.53 -65.01
C THR E 135 -21.68 -9.18 -64.66
N PRO E 136 -21.84 -8.75 -63.41
CA PRO E 136 -21.31 -7.45 -63.00
C PRO E 136 -19.78 -7.37 -63.05
N GLY E 137 -19.29 -6.20 -63.45
CA GLY E 137 -17.87 -5.87 -63.30
C GLY E 137 -16.93 -6.77 -64.06
N LYS E 138 -15.89 -7.22 -63.36
CA LYS E 138 -14.76 -7.93 -63.97
C LYS E 138 -14.94 -9.44 -64.06
N LEU E 139 -16.10 -9.95 -63.66
CA LEU E 139 -16.41 -11.37 -63.89
C LEU E 139 -16.32 -11.68 -65.38
N LYS E 140 -15.37 -12.53 -65.74
CA LYS E 140 -14.98 -12.64 -67.15
C LYS E 140 -14.86 -14.07 -67.64
N TYR E 141 -14.34 -14.97 -66.82
CA TYR E 141 -14.10 -16.36 -67.23
C TYR E 141 -15.09 -17.30 -66.58
N SER E 142 -15.55 -18.30 -67.34
CA SER E 142 -16.55 -19.24 -66.86
C SER E 142 -16.03 -20.67 -66.96
N PHE E 143 -16.34 -21.46 -65.93
CA PHE E 143 -16.13 -22.91 -65.93
C PHE E 143 -17.49 -23.57 -65.81
N PHE E 144 -17.77 -24.54 -66.68
CA PHE E 144 -19.08 -25.17 -66.74
C PHE E 144 -19.04 -26.59 -66.18
N CYS E 145 -20.01 -26.89 -65.33
CA CYS E 145 -20.17 -28.20 -64.73
C CYS E 145 -21.65 -28.57 -64.83
N ASN E 146 -22.12 -29.48 -63.99
CA ASN E 146 -23.46 -30.02 -64.13
C ASN E 146 -24.40 -29.79 -62.94
N SER E 147 -23.92 -29.18 -61.86
CA SER E 147 -24.77 -29.01 -60.68
C SER E 147 -24.28 -27.84 -59.85
N GLY E 148 -25.12 -27.42 -58.89
CA GLY E 148 -24.75 -26.36 -57.98
C GLY E 148 -23.57 -26.73 -57.10
N THR E 149 -23.60 -27.93 -56.54
CA THR E 149 -22.53 -28.39 -55.67
C THR E 149 -21.19 -28.44 -56.42
N GLU E 150 -21.24 -28.81 -57.70
CA GLU E 150 -20.03 -28.80 -58.52
C GLU E 150 -19.53 -27.37 -58.75
N SER E 151 -20.45 -26.44 -58.94
CA SER E 151 -20.07 -25.04 -59.10
C SER E 151 -19.37 -24.52 -57.84
N VAL E 152 -19.91 -24.87 -56.68
CA VAL E 152 -19.27 -24.47 -55.44
C VAL E 152 -17.90 -25.16 -55.28
N GLU E 153 -17.79 -26.41 -55.71
CA GLU E 153 -16.50 -27.10 -55.68
C GLU E 153 -15.47 -26.35 -56.52
N ALA E 154 -15.85 -25.94 -57.73
CA ALA E 154 -14.95 -25.20 -58.60
C ALA E 154 -14.58 -23.85 -57.99
N ALA E 155 -15.55 -23.20 -57.33
CA ALA E 155 -15.26 -21.94 -56.63
C ALA E 155 -14.21 -22.14 -55.55
N LEU E 156 -14.41 -23.16 -54.70
CA LEU E 156 -13.45 -23.45 -53.64
C LEU E 156 -12.07 -23.77 -54.19
N LYS E 157 -12.02 -24.52 -55.30
CA LYS E 157 -10.73 -24.92 -55.86
C LYS E 157 -10.01 -23.71 -56.50
N LEU E 158 -10.77 -22.82 -57.13
CA LEU E 158 -10.20 -21.57 -57.62
C LEU E 158 -9.60 -20.76 -56.48
N ALA E 159 -10.36 -20.61 -55.40
CA ALA E 159 -9.88 -19.86 -54.24
C ALA E 159 -8.61 -20.50 -53.65
N LYS E 160 -8.58 -21.83 -53.58
CA LYS E 160 -7.43 -22.54 -53.02
C LYS E 160 -6.20 -22.37 -53.93
N ALA E 161 -6.37 -22.57 -55.22
CA ALA E 161 -5.25 -22.43 -56.15
C ALA E 161 -4.71 -21.00 -56.17
N TYR E 162 -5.58 -20.02 -55.89
CA TYR E 162 -5.13 -18.63 -55.87
C TYR E 162 -4.46 -18.26 -54.54
N GLN E 163 -4.96 -18.79 -53.43
CA GLN E 163 -4.56 -18.32 -52.11
C GLN E 163 -3.52 -19.17 -51.42
N SER E 164 -3.40 -20.45 -51.78
CA SER E 164 -2.38 -21.30 -51.18
C SER E 164 -0.94 -20.81 -51.43
N PRO E 165 -0.59 -20.35 -52.66
CA PRO E 165 0.74 -19.74 -52.80
C PRO E 165 0.92 -18.44 -52.02
N ARG E 166 -0.15 -17.90 -51.46
CA ARG E 166 -0.09 -16.70 -50.64
C ARG E 166 -0.26 -17.00 -49.16
N GLY E 167 -0.19 -18.27 -48.77
CA GLY E 167 -0.22 -18.64 -47.36
C GLY E 167 -1.57 -18.52 -46.67
N LYS E 168 -2.66 -18.65 -47.41
CA LYS E 168 -4.01 -18.53 -46.86
C LYS E 168 -4.79 -19.79 -47.19
N PHE E 169 -5.38 -20.41 -46.17
CA PHE E 169 -6.00 -21.72 -46.32
C PHE E 169 -7.41 -21.87 -45.75
N THR E 170 -7.82 -20.99 -44.83
CA THR E 170 -9.06 -21.17 -44.10
C THR E 170 -10.22 -20.50 -44.82
N PHE E 171 -11.41 -21.09 -44.73
CA PHE E 171 -12.60 -20.57 -45.36
C PHE E 171 -13.65 -20.18 -44.33
N ILE E 172 -14.30 -19.06 -44.56
CA ILE E 172 -15.39 -18.58 -43.71
C ILE E 172 -16.70 -18.72 -44.46
N ALA E 173 -17.64 -19.44 -43.85
CA ALA E 173 -19.01 -19.51 -44.32
C ALA E 173 -19.92 -18.95 -43.22
N THR E 174 -21.23 -19.07 -43.43
CA THR E 174 -22.20 -18.59 -42.47
C THR E 174 -23.11 -19.72 -42.00
N SER E 175 -23.58 -19.63 -40.76
CA SER E 175 -24.58 -20.56 -40.27
C SER E 175 -25.87 -20.42 -41.05
N GLY E 176 -26.60 -21.52 -41.17
CA GLY E 176 -27.80 -21.56 -42.00
C GLY E 176 -27.54 -21.60 -43.49
N ALA E 177 -26.27 -21.57 -43.92
CA ALA E 177 -25.94 -21.60 -45.33
C ALA E 177 -26.08 -23.00 -45.91
N PHE E 178 -26.36 -23.06 -47.20
CA PHE E 178 -26.33 -24.31 -47.96
C PHE E 178 -25.60 -24.06 -49.27
N HIS E 179 -24.56 -24.86 -49.52
CA HIS E 179 -23.75 -24.71 -50.72
C HIS E 179 -23.55 -26.02 -51.47
N GLY E 180 -24.26 -27.07 -51.10
CA GLY E 180 -24.11 -28.37 -51.74
C GLY E 180 -23.69 -29.45 -50.77
N LYS E 181 -23.74 -30.68 -51.26
CA LYS E 181 -23.56 -31.86 -50.42
C LYS E 181 -22.37 -32.72 -50.83
N SER E 182 -21.68 -32.39 -51.91
CA SER E 182 -20.37 -32.98 -52.15
C SER E 182 -19.41 -32.50 -51.04
N LEU E 183 -18.48 -33.36 -50.65
CA LEU E 183 -17.70 -33.16 -49.45
C LEU E 183 -17.04 -31.79 -49.37
N GLY E 184 -16.47 -31.33 -50.48
CA GLY E 184 -15.90 -29.99 -50.54
C GLY E 184 -16.95 -28.93 -50.22
N ALA E 185 -18.02 -28.91 -51.00
CA ALA E 185 -19.11 -27.97 -50.74
C ALA E 185 -19.74 -28.21 -49.37
N LEU E 186 -19.81 -29.47 -48.93
CA LEU E 186 -20.40 -29.79 -47.64
C LEU E 186 -19.60 -29.19 -46.49
N SER E 187 -18.30 -28.98 -46.70
CA SER E 187 -17.50 -28.30 -45.68
C SER E 187 -17.99 -26.86 -45.45
N ALA E 188 -18.58 -26.26 -46.48
CA ALA E 188 -19.11 -24.89 -46.39
C ALA E 188 -20.56 -24.87 -45.92
N THR E 189 -21.39 -25.78 -46.45
CA THR E 189 -22.75 -25.98 -45.94
C THR E 189 -22.73 -26.06 -44.41
N ALA E 190 -23.79 -25.58 -43.77
CA ALA E 190 -23.77 -25.33 -42.34
C ALA E 190 -24.71 -26.20 -41.49
N LYS E 191 -25.60 -26.97 -42.09
CA LYS E 191 -26.59 -27.71 -41.30
C LYS E 191 -25.96 -28.93 -40.65
N SER E 192 -25.93 -28.93 -39.31
CA SER E 192 -25.38 -30.03 -38.49
C SER E 192 -25.72 -31.43 -39.00
N THR E 193 -27.00 -31.71 -39.19
CA THR E 193 -27.43 -33.05 -39.58
C THR E 193 -26.90 -33.46 -40.95
N PHE E 194 -26.63 -32.48 -41.81
CA PHE E 194 -26.04 -32.77 -43.11
C PHE E 194 -24.56 -33.12 -43.03
N ARG E 195 -23.88 -32.69 -41.97
CA ARG E 195 -22.42 -32.75 -41.91
C ARG E 195 -21.87 -33.79 -40.94
N LYS E 196 -22.44 -33.88 -39.74
CA LYS E 196 -21.88 -34.73 -38.69
C LYS E 196 -21.56 -36.18 -39.13
N PRO E 197 -22.47 -36.88 -39.84
CA PRO E 197 -22.16 -38.28 -40.18
C PRO E 197 -20.98 -38.46 -41.15
N PHE E 198 -20.53 -37.38 -41.79
CA PHE E 198 -19.47 -37.46 -42.78
C PHE E 198 -18.18 -36.76 -42.34
N MET E 199 -18.09 -36.37 -41.07
CA MET E 199 -16.87 -35.80 -40.54
C MET E 199 -15.85 -36.90 -40.34
N PRO E 200 -14.55 -36.60 -40.54
CA PRO E 200 -13.98 -35.28 -40.83
C PRO E 200 -14.17 -34.79 -42.27
N LEU E 201 -14.46 -33.51 -42.41
CA LEU E 201 -14.54 -32.83 -43.69
C LEU E 201 -13.24 -32.05 -43.92
N LEU E 202 -13.26 -31.12 -44.88
CA LEU E 202 -12.10 -30.31 -45.14
C LEU E 202 -11.70 -29.50 -43.91
N PRO E 203 -10.40 -29.44 -43.60
CA PRO E 203 -9.95 -28.60 -42.48
C PRO E 203 -10.03 -27.12 -42.80
N GLY E 204 -10.08 -26.32 -41.74
CA GLY E 204 -10.04 -24.87 -41.85
C GLY E 204 -11.28 -24.19 -42.36
N PHE E 205 -12.46 -24.74 -42.06
CA PHE E 205 -13.73 -24.08 -42.39
C PHE E 205 -14.39 -23.58 -41.11
N ARG E 206 -14.77 -22.31 -41.13
CA ARG E 206 -15.38 -21.66 -39.98
C ARG E 206 -16.69 -21.02 -40.40
N HIS E 207 -17.60 -20.85 -39.44
CA HIS E 207 -18.89 -20.24 -39.70
C HIS E 207 -19.17 -19.09 -38.73
N VAL E 208 -19.78 -18.04 -39.26
CA VAL E 208 -20.19 -16.88 -38.47
C VAL E 208 -21.69 -16.65 -38.72
N PRO E 209 -22.36 -15.91 -37.83
CA PRO E 209 -23.78 -15.64 -38.06
C PRO E 209 -24.01 -14.86 -39.36
N PHE E 210 -25.04 -15.26 -40.10
CA PHE E 210 -25.36 -14.60 -41.36
C PHE E 210 -25.97 -13.23 -41.11
N GLY E 211 -25.48 -12.23 -41.84
CA GLY E 211 -25.99 -10.87 -41.71
C GLY E 211 -25.33 -10.04 -40.62
N ASN E 212 -24.30 -10.58 -39.97
CA ASN E 212 -23.63 -9.95 -38.83
C ASN E 212 -22.21 -9.57 -39.27
N ILE E 213 -22.04 -8.35 -39.73
CA ILE E 213 -20.76 -7.91 -40.28
C ILE E 213 -19.64 -7.89 -39.23
N GLU E 214 -19.98 -7.57 -37.99
CA GLU E 214 -18.98 -7.49 -36.94
C GLU E 214 -18.48 -8.88 -36.54
N ALA E 215 -19.37 -9.87 -36.54
CA ALA E 215 -18.94 -11.25 -36.29
C ALA E 215 -17.94 -11.71 -37.35
N MET E 216 -18.22 -11.40 -38.61
CA MET E 216 -17.33 -11.80 -39.70
C MET E 216 -15.99 -11.07 -39.62
N ARG E 217 -16.03 -9.77 -39.35
CA ARG E 217 -14.80 -9.01 -39.14
C ARG E 217 -13.98 -9.62 -37.99
N THR E 218 -14.66 -10.02 -36.91
CA THR E 218 -13.98 -10.69 -35.81
C THR E 218 -13.30 -11.97 -36.28
N ALA E 219 -14.00 -12.79 -37.08
CA ALA E 219 -13.43 -14.04 -37.55
C ALA E 219 -12.18 -13.80 -38.40
N LEU E 220 -12.26 -12.86 -39.33
CA LEU E 220 -11.10 -12.56 -40.16
C LEU E 220 -9.92 -12.02 -39.35
N ASN E 221 -10.21 -11.14 -38.40
CA ASN E 221 -9.14 -10.52 -37.61
C ASN E 221 -8.46 -11.54 -36.69
N GLU E 222 -9.26 -12.42 -36.08
CA GLU E 222 -8.69 -13.47 -35.24
C GLU E 222 -7.89 -14.47 -36.07
N CYS E 223 -8.41 -14.82 -37.25
CA CYS E 223 -7.67 -15.72 -38.15
C CYS E 223 -6.34 -15.10 -38.56
N LYS E 224 -6.30 -13.78 -38.75
CA LYS E 224 -5.04 -13.13 -39.10
C LYS E 224 -4.09 -13.12 -37.90
N LYS E 225 -4.63 -12.89 -36.71
CA LYS E 225 -3.80 -12.84 -35.49
C LYS E 225 -3.12 -14.20 -35.22
N THR E 226 -3.81 -15.29 -35.53
CA THR E 226 -3.31 -16.62 -35.20
C THR E 226 -2.57 -17.28 -36.36
N GLY E 227 -2.44 -16.59 -37.48
CA GLY E 227 -1.75 -17.15 -38.64
C GLY E 227 -2.58 -18.10 -39.49
N ASP E 228 -3.89 -18.13 -39.27
CA ASP E 228 -4.80 -18.93 -40.11
C ASP E 228 -5.57 -18.02 -41.07
N ASP E 229 -4.83 -17.19 -41.81
CA ASP E 229 -5.44 -16.17 -42.64
C ASP E 229 -6.46 -16.75 -43.63
N VAL E 230 -7.55 -16.02 -43.81
CA VAL E 230 -8.69 -16.49 -44.58
C VAL E 230 -8.42 -16.35 -46.07
N ALA E 231 -8.61 -17.43 -46.81
CA ALA E 231 -8.48 -17.44 -48.26
C ALA E 231 -9.72 -16.84 -48.93
N ALA E 232 -10.91 -17.21 -48.46
CA ALA E 232 -12.13 -16.75 -49.11
C ALA E 232 -13.29 -16.75 -48.12
N VAL E 233 -14.26 -15.89 -48.40
CA VAL E 233 -15.56 -15.90 -47.73
C VAL E 233 -16.60 -16.32 -48.76
N ILE E 234 -17.44 -17.28 -48.40
CA ILE E 234 -18.50 -17.75 -49.27
C ILE E 234 -19.84 -17.56 -48.57
N LEU E 235 -20.81 -17.01 -49.29
CA LEU E 235 -22.14 -16.80 -48.75
C LEU E 235 -23.15 -16.67 -49.86
N GLU E 236 -24.41 -16.97 -49.52
CA GLU E 236 -25.52 -16.66 -50.40
C GLU E 236 -25.94 -15.20 -50.16
N PRO E 237 -26.36 -14.48 -51.22
CA PRO E 237 -26.87 -13.14 -50.99
C PRO E 237 -28.14 -13.13 -50.16
N ILE E 238 -28.95 -14.17 -50.31
CA ILE E 238 -30.12 -14.43 -49.47
C ILE E 238 -30.14 -15.93 -49.25
N GLN E 239 -30.20 -16.36 -47.98
CA GLN E 239 -30.16 -17.78 -47.67
C GLN E 239 -31.49 -18.41 -48.03
N GLY E 240 -31.48 -19.25 -49.06
CA GLY E 240 -32.70 -19.91 -49.52
C GLY E 240 -33.12 -21.02 -48.57
N GLU E 241 -32.22 -21.98 -48.36
CA GLU E 241 -32.49 -23.12 -47.51
C GLU E 241 -32.57 -22.79 -46.03
N GLY E 242 -32.02 -21.63 -45.63
CA GLY E 242 -32.16 -21.16 -44.26
C GLY E 242 -33.54 -20.65 -43.92
N GLY E 243 -34.45 -20.60 -44.89
CA GLY E 243 -35.79 -20.07 -44.67
C GLY E 243 -36.04 -18.73 -45.32
N VAL E 244 -35.31 -18.44 -46.40
CA VAL E 244 -35.37 -17.16 -47.08
C VAL E 244 -35.01 -16.07 -46.07
N ILE E 245 -33.75 -16.03 -45.68
CA ILE E 245 -33.24 -15.11 -44.66
C ILE E 245 -32.63 -13.90 -45.37
N LEU E 246 -33.18 -12.71 -45.08
CA LEU E 246 -32.73 -11.47 -45.71
C LEU E 246 -31.69 -10.78 -44.83
N PRO E 247 -30.52 -10.45 -45.38
CA PRO E 247 -29.52 -9.73 -44.60
C PRO E 247 -29.89 -8.25 -44.47
N PRO E 248 -29.39 -7.57 -43.43
CA PRO E 248 -29.61 -6.13 -43.31
C PRO E 248 -29.10 -5.39 -44.55
N PRO E 249 -29.81 -4.32 -44.98
CA PRO E 249 -29.33 -3.52 -46.10
C PRO E 249 -27.87 -3.09 -45.94
N GLY E 250 -27.09 -3.28 -47.01
CA GLY E 250 -25.68 -2.95 -46.98
C GLY E 250 -24.76 -4.05 -46.53
N TYR E 251 -25.30 -5.19 -46.11
CA TYR E 251 -24.47 -6.30 -45.65
C TYR E 251 -23.52 -6.80 -46.73
N LEU E 252 -24.03 -7.02 -47.94
CA LEU E 252 -23.20 -7.52 -49.03
C LEU E 252 -22.09 -6.53 -49.39
N THR E 253 -22.42 -5.23 -49.40
CA THR E 253 -21.41 -4.21 -49.65
C THR E 253 -20.33 -4.24 -48.58
N ALA E 254 -20.73 -4.38 -47.31
CA ALA E 254 -19.77 -4.42 -46.21
C ALA E 254 -18.89 -5.67 -46.29
N VAL E 255 -19.46 -6.79 -46.72
CA VAL E 255 -18.69 -8.02 -46.88
C VAL E 255 -17.66 -7.84 -48.00
N ARG E 256 -18.07 -7.23 -49.11
CA ARG E 256 -17.13 -6.93 -50.19
C ARG E 256 -15.98 -6.05 -49.68
N LYS E 257 -16.32 -4.98 -48.95
CA LYS E 257 -15.29 -4.10 -48.42
C LYS E 257 -14.36 -4.84 -47.46
N LEU E 258 -14.92 -5.74 -46.65
CA LEU E 258 -14.13 -6.50 -45.69
C LEU E 258 -13.15 -7.44 -46.39
N CYS E 259 -13.64 -8.17 -47.39
CA CYS E 259 -12.77 -9.04 -48.18
C CYS E 259 -11.66 -8.24 -48.86
N ASP E 260 -12.01 -7.07 -49.40
CA ASP E 260 -11.00 -6.20 -49.98
C ASP E 260 -9.96 -5.78 -48.95
N GLU E 261 -10.40 -5.55 -47.72
CA GLU E 261 -9.50 -5.08 -46.67
C GLU E 261 -8.51 -6.17 -46.24
N PHE E 262 -9.02 -7.37 -46.01
CA PHE E 262 -8.17 -8.47 -45.54
C PHE E 262 -7.49 -9.24 -46.65
N GLY E 263 -7.78 -8.92 -47.92
CA GLY E 263 -7.22 -9.68 -49.02
C GLY E 263 -7.79 -11.08 -49.15
N ALA E 264 -9.04 -11.26 -48.76
CA ALA E 264 -9.76 -12.53 -48.98
C ALA E 264 -10.65 -12.40 -50.21
N LEU E 265 -10.90 -13.54 -50.85
CA LEU E 265 -11.81 -13.58 -51.99
C LEU E 265 -13.26 -13.69 -51.53
N MET E 266 -14.15 -13.05 -52.28
CA MET E 266 -15.58 -13.14 -52.02
C MET E 266 -16.21 -14.09 -53.04
N ILE E 267 -16.78 -15.18 -52.52
CA ILE E 267 -17.50 -16.15 -53.33
C ILE E 267 -18.98 -15.98 -53.04
N LEU E 268 -19.74 -15.56 -54.06
CA LEU E 268 -21.18 -15.44 -53.94
C LEU E 268 -21.86 -16.65 -54.53
N ASP E 269 -22.64 -17.35 -53.69
CA ASP E 269 -23.38 -18.53 -54.12
C ASP E 269 -24.77 -18.08 -54.53
N GLU E 270 -24.96 -17.93 -55.84
CA GLU E 270 -26.25 -17.55 -56.41
C GLU E 270 -26.92 -18.71 -57.13
N VAL E 271 -26.65 -19.94 -56.66
CA VAL E 271 -27.24 -21.13 -57.25
C VAL E 271 -28.78 -21.05 -57.20
N GLN E 272 -29.31 -20.51 -56.10
CA GLN E 272 -30.74 -20.41 -55.93
C GLN E 272 -31.32 -19.03 -56.27
N THR E 273 -30.62 -17.98 -55.89
CA THR E 273 -31.13 -16.61 -56.11
C THR E 273 -30.87 -16.09 -57.52
N GLY E 274 -30.06 -16.80 -58.31
CA GLY E 274 -29.69 -16.33 -59.62
C GLY E 274 -30.78 -16.51 -60.66
N MET E 275 -30.52 -15.94 -61.84
CA MET E 275 -31.42 -16.02 -63.01
C MET E 275 -32.79 -15.42 -62.73
N GLY E 276 -32.78 -14.22 -62.15
CA GLY E 276 -33.96 -13.37 -62.09
C GLY E 276 -34.93 -13.61 -60.96
N ARG E 277 -34.67 -14.55 -60.06
CA ARG E 277 -35.68 -14.94 -59.08
C ARG E 277 -35.97 -13.82 -58.07
N THR E 278 -34.94 -13.07 -57.67
CA THR E 278 -35.10 -12.05 -56.64
C THR E 278 -35.46 -10.67 -57.21
N GLY E 279 -35.95 -10.63 -58.45
CA GLY E 279 -36.33 -9.37 -59.07
C GLY E 279 -35.28 -8.77 -59.97
N LYS E 280 -34.04 -9.22 -59.84
CA LYS E 280 -32.96 -8.83 -60.76
C LYS E 280 -32.25 -10.08 -61.21
N MET E 281 -31.46 -9.99 -62.27
CA MET E 281 -30.78 -11.15 -62.84
C MET E 281 -29.98 -11.89 -61.76
N PHE E 282 -29.23 -11.15 -60.95
CA PHE E 282 -28.53 -11.73 -59.80
C PHE E 282 -28.84 -10.89 -58.58
N ALA E 283 -28.89 -11.53 -57.43
CA ALA E 283 -29.24 -10.84 -56.19
C ALA E 283 -28.18 -9.81 -55.84
N CYS E 284 -26.92 -10.08 -56.18
CA CYS E 284 -25.83 -9.13 -55.91
C CYS E 284 -26.02 -7.81 -56.64
N GLU E 285 -26.89 -7.75 -57.63
CA GLU E 285 -27.16 -6.50 -58.33
C GLU E 285 -28.06 -5.56 -57.54
N HIS E 286 -28.69 -6.05 -56.46
CA HIS E 286 -29.50 -5.16 -55.62
C HIS E 286 -28.65 -4.09 -54.94
N GLU E 287 -27.39 -4.43 -54.62
CA GLU E 287 -26.47 -3.48 -54.02
C GLU E 287 -25.29 -3.13 -54.93
N ASN E 288 -25.32 -3.57 -56.19
CA ASN E 288 -24.22 -3.40 -57.14
C ASN E 288 -22.89 -3.89 -56.52
N VAL E 289 -22.89 -5.15 -56.13
CA VAL E 289 -21.72 -5.80 -55.56
C VAL E 289 -21.19 -6.83 -56.55
N GLN E 290 -19.91 -6.74 -56.85
CA GLN E 290 -19.26 -7.72 -57.72
C GLN E 290 -18.36 -8.61 -56.88
N PRO E 291 -18.64 -9.92 -56.82
CA PRO E 291 -17.73 -10.82 -56.13
C PRO E 291 -16.52 -11.17 -56.98
N ASP E 292 -15.56 -11.86 -56.37
CA ASP E 292 -14.46 -12.42 -57.13
C ASP E 292 -14.90 -13.68 -57.88
N ILE E 293 -15.78 -14.46 -57.27
CA ILE E 293 -16.27 -15.70 -57.86
C ILE E 293 -17.79 -15.77 -57.66
N LEU E 294 -18.50 -16.13 -58.71
CA LEU E 294 -19.97 -16.22 -58.72
C LEU E 294 -20.38 -17.63 -59.14
N CYS E 295 -21.31 -18.20 -58.38
CA CYS E 295 -21.78 -19.57 -58.60
C CYS E 295 -23.21 -19.57 -59.10
N LEU E 296 -23.44 -20.28 -60.21
CA LEU E 296 -24.76 -20.39 -60.83
C LEU E 296 -25.09 -21.84 -61.10
N ALA E 297 -26.39 -22.17 -61.02
CA ALA E 297 -26.90 -23.46 -61.44
C ALA E 297 -28.42 -23.40 -61.54
N LYS E 298 -29.08 -24.54 -61.32
CA LYS E 298 -30.53 -24.64 -61.29
C LYS E 298 -31.19 -23.97 -62.50
N ALA E 299 -31.71 -22.76 -62.27
CA ALA E 299 -32.46 -22.03 -63.29
C ALA E 299 -31.67 -21.77 -64.56
N LEU E 300 -30.34 -21.84 -64.49
CA LEU E 300 -29.53 -21.61 -65.68
C LEU E 300 -29.78 -22.69 -66.74
N GLY E 301 -30.32 -23.84 -66.31
CA GLY E 301 -30.69 -24.90 -67.24
C GLY E 301 -32.04 -24.75 -67.91
N GLY E 302 -32.78 -23.69 -67.56
CA GLY E 302 -34.08 -23.45 -68.16
C GLY E 302 -35.14 -24.47 -67.83
N GLY E 303 -34.95 -25.23 -66.76
CA GLY E 303 -35.86 -26.32 -66.44
C GLY E 303 -35.87 -27.45 -67.45
N VAL E 304 -34.85 -27.51 -68.29
CA VAL E 304 -34.71 -28.59 -69.27
C VAL E 304 -33.42 -29.40 -69.05
N MET E 305 -32.30 -28.71 -68.83
CA MET E 305 -31.01 -29.36 -68.73
C MET E 305 -30.35 -29.14 -67.38
N PRO E 306 -29.49 -30.08 -66.94
CA PRO E 306 -28.63 -29.80 -65.79
C PRO E 306 -27.38 -29.02 -66.21
N ILE E 307 -27.02 -28.01 -65.44
CA ILE E 307 -25.87 -27.19 -65.73
C ILE E 307 -25.43 -26.45 -64.47
N GLY E 308 -24.15 -26.14 -64.41
CA GLY E 308 -23.62 -25.24 -63.40
C GLY E 308 -22.53 -24.40 -64.02
N ALA E 309 -22.30 -23.21 -63.44
CA ALA E 309 -21.30 -22.30 -63.96
C ALA E 309 -20.61 -21.59 -62.79
N THR E 310 -19.28 -21.52 -62.87
CA THR E 310 -18.48 -20.77 -61.93
C THR E 310 -17.76 -19.66 -62.70
N ILE E 311 -18.16 -18.41 -62.48
CA ILE E 311 -17.59 -17.27 -63.18
C ILE E 311 -16.64 -16.56 -62.23
N ALA E 312 -15.50 -16.12 -62.75
CA ALA E 312 -14.51 -15.43 -61.93
C ALA E 312 -13.81 -14.36 -62.74
N THR E 313 -13.18 -13.44 -62.02
CA THR E 313 -12.31 -12.44 -62.62
C THR E 313 -11.09 -13.12 -63.24
N GLU E 314 -10.52 -12.48 -64.26
CA GLU E 314 -9.29 -12.98 -64.86
C GLU E 314 -8.17 -13.12 -63.84
N GLU E 315 -8.13 -12.20 -62.87
CA GLU E 315 -7.11 -12.24 -61.83
C GLU E 315 -7.11 -13.58 -61.09
N VAL E 316 -8.29 -14.08 -60.76
CA VAL E 316 -8.40 -15.33 -60.03
C VAL E 316 -8.40 -16.53 -60.97
N PHE E 317 -9.17 -16.44 -62.07
CA PHE E 317 -9.31 -17.56 -62.99
C PHE E 317 -8.00 -17.91 -63.67
N SER E 318 -7.07 -16.96 -63.76
CA SER E 318 -5.79 -17.18 -64.43
C SER E 318 -4.96 -18.30 -63.79
N VAL E 319 -5.33 -18.77 -62.61
CA VAL E 319 -4.61 -19.88 -61.98
C VAL E 319 -4.77 -21.20 -62.73
N LEU E 320 -5.63 -21.23 -63.76
CA LEU E 320 -5.83 -22.40 -64.58
C LEU E 320 -5.30 -22.24 -66.00
N PHE E 321 -4.58 -21.15 -66.28
CA PHE E 321 -4.12 -20.91 -67.65
C PHE E 321 -2.90 -21.76 -68.01
N ASP E 322 -1.96 -21.91 -67.09
CA ASP E 322 -0.76 -22.70 -67.35
C ASP E 322 -1.06 -24.20 -67.53
N ASN E 323 -2.08 -24.69 -66.82
CA ASN E 323 -2.47 -26.09 -66.90
C ASN E 323 -3.99 -26.13 -66.99
N PRO E 324 -4.53 -26.18 -68.22
CA PRO E 324 -5.99 -26.13 -68.37
C PRO E 324 -6.72 -27.37 -67.87
N PHE E 325 -5.99 -28.44 -67.57
CA PHE E 325 -6.59 -29.66 -67.04
C PHE E 325 -6.52 -29.74 -65.52
N LEU E 326 -6.06 -28.67 -64.88
CA LEU E 326 -5.97 -28.65 -63.42
C LEU E 326 -7.31 -28.88 -62.74
N HIS E 327 -8.39 -28.38 -63.35
CA HIS E 327 -9.74 -28.70 -62.92
C HIS E 327 -10.62 -28.90 -64.15
N THR E 328 -11.23 -30.08 -64.24
CA THR E 328 -12.14 -30.42 -65.32
C THR E 328 -13.32 -31.18 -64.73
N THR E 329 -14.28 -31.50 -65.58
CA THR E 329 -15.42 -32.31 -65.20
C THR E 329 -15.96 -32.99 -66.45
N THR E 330 -16.47 -34.21 -66.28
CA THR E 330 -16.71 -35.10 -67.40
C THR E 330 -17.64 -34.48 -68.44
N PHE E 331 -18.82 -34.02 -68.02
CA PHE E 331 -19.83 -33.56 -68.98
C PHE E 331 -19.90 -32.03 -69.10
N GLY E 332 -19.13 -31.31 -68.29
CA GLY E 332 -19.27 -29.85 -68.20
C GLY E 332 -19.22 -29.09 -69.49
N GLY E 333 -20.19 -28.21 -69.70
CA GLY E 333 -20.26 -27.38 -70.89
C GLY E 333 -20.68 -28.10 -72.14
N ASN E 334 -21.43 -29.20 -72.01
CA ASN E 334 -21.89 -29.94 -73.17
C ASN E 334 -22.85 -29.08 -74.00
N PRO E 335 -22.91 -29.32 -75.32
CA PRO E 335 -23.74 -28.45 -76.19
C PRO E 335 -25.22 -28.37 -75.79
N LEU E 336 -25.80 -29.45 -75.31
CA LEU E 336 -27.21 -29.42 -74.89
C LEU E 336 -27.42 -28.44 -73.76
N ALA E 337 -26.61 -28.56 -72.70
CA ALA E 337 -26.73 -27.67 -71.56
C ALA E 337 -26.49 -26.21 -71.96
N CYS E 338 -25.47 -25.97 -72.79
CA CYS E 338 -25.18 -24.61 -73.23
C CYS E 338 -26.35 -24.03 -74.04
N ALA E 339 -26.93 -24.83 -74.93
CA ALA E 339 -28.09 -24.39 -75.69
C ALA E 339 -29.23 -24.00 -74.76
N ALA E 340 -29.50 -24.86 -73.76
CA ALA E 340 -30.53 -24.55 -72.76
C ALA E 340 -30.23 -23.20 -72.09
N ALA E 341 -28.99 -23.02 -71.63
CA ALA E 341 -28.63 -21.81 -70.89
C ALA E 341 -28.80 -20.55 -71.73
N LEU E 342 -28.29 -20.59 -72.97
CA LEU E 342 -28.43 -19.45 -73.87
C LEU E 342 -29.89 -19.12 -74.12
N ALA E 343 -30.71 -20.15 -74.34
CA ALA E 343 -32.15 -19.95 -74.50
C ALA E 343 -32.76 -19.30 -73.25
N THR E 344 -32.30 -19.71 -72.06
CA THR E 344 -32.85 -19.18 -70.83
C THR E 344 -32.50 -17.70 -70.65
N ILE E 345 -31.25 -17.35 -70.90
CA ILE E 345 -30.83 -15.96 -70.83
C ILE E 345 -31.64 -15.11 -71.82
N ASN E 346 -31.84 -15.64 -73.03
CA ASN E 346 -32.63 -14.93 -74.03
C ASN E 346 -34.08 -14.71 -73.54
N VAL E 347 -34.70 -15.76 -73.02
CA VAL E 347 -36.08 -15.65 -72.55
C VAL E 347 -36.19 -14.63 -71.42
N LEU E 348 -35.28 -14.72 -70.45
CA LEU E 348 -35.32 -13.82 -69.32
C LEU E 348 -35.15 -12.36 -69.74
N LEU E 349 -34.24 -12.11 -70.67
CA LEU E 349 -34.02 -10.72 -71.10
C LEU E 349 -35.13 -10.19 -72.01
N GLU E 350 -35.65 -11.03 -72.89
CA GLU E 350 -36.64 -10.57 -73.88
C GLU E 350 -38.01 -10.33 -73.25
N GLN E 351 -38.40 -11.13 -72.27
CA GLN E 351 -39.67 -10.97 -71.59
C GLN E 351 -39.53 -10.23 -70.27
N ASN E 352 -38.34 -9.70 -69.99
CA ASN E 352 -38.04 -8.98 -68.74
C ASN E 352 -38.64 -9.69 -67.53
N LEU E 353 -38.36 -10.99 -67.43
CA LEU E 353 -38.89 -11.79 -66.33
C LEU E 353 -38.40 -11.39 -64.93
N PRO E 354 -37.19 -10.79 -64.78
CA PRO E 354 -36.85 -10.28 -63.44
C PRO E 354 -37.85 -9.24 -62.90
N ALA E 355 -38.18 -8.23 -63.70
CA ALA E 355 -39.13 -7.20 -63.27
C ALA E 355 -40.50 -7.82 -62.93
N GLN E 356 -40.96 -8.71 -63.80
CA GLN E 356 -42.19 -9.46 -63.52
C GLN E 356 -42.09 -10.17 -62.17
N ALA E 357 -40.94 -10.78 -61.91
CA ALA E 357 -40.71 -11.47 -60.63
C ALA E 357 -40.83 -10.49 -59.46
N GLU E 358 -40.36 -9.26 -59.65
CA GLU E 358 -40.53 -8.25 -58.60
C GLU E 358 -42.01 -7.92 -58.37
N GLN E 359 -42.77 -7.74 -59.44
CA GLN E 359 -44.17 -7.35 -59.33
C GLN E 359 -44.99 -8.48 -58.69
N LYS E 360 -44.98 -9.65 -59.32
CA LYS E 360 -45.73 -10.80 -58.81
C LYS E 360 -45.27 -11.19 -57.41
N GLY E 361 -43.97 -11.03 -57.15
CA GLY E 361 -43.45 -11.28 -55.81
C GLY E 361 -44.04 -10.34 -54.78
N ASP E 362 -44.07 -9.04 -55.09
CA ASP E 362 -44.69 -8.07 -54.20
C ASP E 362 -46.16 -8.42 -53.93
N MET E 363 -46.87 -8.83 -54.99
CA MET E 363 -48.29 -9.15 -54.83
C MET E 363 -48.48 -10.36 -53.91
N LEU E 364 -47.80 -11.45 -54.22
CA LEU E 364 -47.94 -12.68 -53.43
C LEU E 364 -47.52 -12.47 -51.97
N LEU E 365 -46.44 -11.71 -51.76
CA LEU E 365 -46.01 -11.45 -50.40
C LEU E 365 -47.00 -10.55 -49.64
N ASP E 366 -47.63 -9.62 -50.36
CA ASP E 366 -48.71 -8.86 -49.75
C ASP E 366 -49.85 -9.77 -49.27
N GLY E 367 -50.30 -10.65 -50.16
CA GLY E 367 -51.33 -11.60 -49.77
C GLY E 367 -50.92 -12.45 -48.57
N PHE E 368 -49.71 -13.00 -48.61
CA PHE E 368 -49.22 -13.84 -47.52
C PHE E 368 -49.11 -13.09 -46.20
N ARG E 369 -48.73 -11.82 -46.26
CA ARG E 369 -48.66 -11.03 -45.03
C ARG E 369 -50.04 -10.74 -44.46
N GLN E 370 -51.02 -10.50 -45.34
CA GLN E 370 -52.39 -10.31 -44.87
C GLN E 370 -52.91 -11.58 -44.21
N LEU E 371 -52.71 -12.73 -44.85
CA LEU E 371 -53.06 -14.00 -44.23
C LEU E 371 -52.30 -14.21 -42.92
N ALA E 372 -51.07 -13.68 -42.85
CA ALA E 372 -50.27 -13.80 -41.64
C ALA E 372 -50.90 -13.04 -40.47
N ARG E 373 -51.41 -11.84 -40.71
CA ARG E 373 -52.07 -11.11 -39.65
C ARG E 373 -53.45 -11.72 -39.32
N GLU E 374 -54.11 -12.33 -40.31
CA GLU E 374 -55.40 -12.94 -40.03
C GLU E 374 -55.26 -14.26 -39.27
N TYR E 375 -54.11 -14.94 -39.38
CA TYR E 375 -53.90 -16.24 -38.74
C TYR E 375 -52.61 -16.22 -37.91
N PRO E 376 -52.56 -15.41 -36.84
CA PRO E 376 -51.37 -15.43 -35.98
C PRO E 376 -51.26 -16.70 -35.13
N ASP E 377 -52.36 -17.46 -35.01
CA ASP E 377 -52.34 -18.72 -34.29
C ASP E 377 -51.57 -19.81 -35.05
N LEU E 378 -51.36 -19.62 -36.35
CA LEU E 378 -50.67 -20.60 -37.18
C LEU E 378 -49.43 -20.05 -37.86
N VAL E 379 -49.47 -18.81 -38.32
CA VAL E 379 -48.37 -18.21 -39.07
C VAL E 379 -47.58 -17.29 -38.15
N GLN E 380 -46.27 -17.48 -38.10
CA GLN E 380 -45.39 -16.58 -37.37
C GLN E 380 -45.07 -15.33 -38.19
N GLU E 381 -44.62 -15.53 -39.43
CA GLU E 381 -44.30 -14.42 -40.32
C GLU E 381 -44.14 -14.92 -41.74
N ALA E 382 -44.35 -14.04 -42.70
CA ALA E 382 -44.07 -14.30 -44.11
C ALA E 382 -43.01 -13.34 -44.60
N ARG E 383 -42.08 -13.84 -45.40
CA ARG E 383 -40.96 -13.03 -45.89
C ARG E 383 -40.60 -13.47 -47.29
N GLY E 384 -39.87 -12.61 -48.01
CA GLY E 384 -39.45 -12.93 -49.35
C GLY E 384 -38.79 -11.75 -50.03
N LYS E 385 -38.26 -12.02 -51.22
CA LYS E 385 -37.72 -11.01 -52.11
C LYS E 385 -37.90 -11.52 -53.53
N GLY E 386 -38.52 -10.70 -54.37
CA GLY E 386 -38.93 -11.17 -55.68
C GLY E 386 -39.84 -12.39 -55.53
N MET E 387 -39.52 -13.44 -56.30
CA MET E 387 -40.29 -14.68 -56.26
C MET E 387 -39.58 -15.77 -55.46
N LEU E 388 -38.78 -15.37 -54.48
CA LEU E 388 -38.20 -16.28 -53.49
C LEU E 388 -38.84 -15.92 -52.16
N MET E 389 -39.83 -16.69 -51.73
CA MET E 389 -40.57 -16.34 -50.52
C MET E 389 -40.68 -17.54 -49.60
N ALA E 390 -41.12 -17.27 -48.37
CA ALA E 390 -41.31 -18.31 -47.38
C ALA E 390 -42.32 -17.88 -46.35
N ILE E 391 -43.01 -18.84 -45.76
CA ILE E 391 -43.93 -18.65 -44.66
C ILE E 391 -43.45 -19.52 -43.52
N GLU E 392 -43.08 -18.89 -42.40
CA GLU E 392 -42.67 -19.61 -41.21
C GLU E 392 -43.89 -19.78 -40.29
N PHE E 393 -44.12 -21.00 -39.83
CA PHE E 393 -45.24 -21.30 -38.97
C PHE E 393 -44.80 -21.42 -37.52
N VAL E 394 -45.76 -21.69 -36.63
CA VAL E 394 -45.47 -21.75 -35.21
C VAL E 394 -44.68 -23.02 -34.84
N ASP E 395 -45.14 -24.16 -35.34
CA ASP E 395 -44.38 -25.42 -35.20
C ASP E 395 -44.13 -26.04 -36.56
N ASN E 396 -43.49 -27.20 -36.55
CA ASN E 396 -43.28 -27.98 -37.76
C ASN E 396 -44.53 -28.73 -38.17
N GLU E 397 -45.30 -29.21 -37.19
CA GLU E 397 -46.56 -29.88 -37.50
C GLU E 397 -47.53 -28.96 -38.26
N ILE E 398 -47.55 -27.68 -37.88
CA ILE E 398 -48.42 -26.72 -38.53
C ILE E 398 -48.04 -26.53 -40.00
N GLY E 399 -46.78 -26.22 -40.25
CA GLY E 399 -46.31 -26.10 -41.63
C GLY E 399 -46.50 -27.40 -42.42
N TYR E 400 -46.39 -28.55 -41.73
CA TYR E 400 -46.67 -29.83 -42.35
C TYR E 400 -48.12 -29.88 -42.86
N ASN E 401 -49.06 -29.59 -41.97
CA ASN E 401 -50.47 -29.55 -42.34
C ASN E 401 -50.74 -28.51 -43.43
N PHE E 402 -49.95 -27.43 -43.47
CA PHE E 402 -50.10 -26.47 -44.54
C PHE E 402 -49.68 -27.04 -45.88
N ALA E 403 -48.51 -27.69 -45.92
CA ALA E 403 -48.06 -28.34 -47.15
C ALA E 403 -49.08 -29.37 -47.62
N SER E 404 -49.63 -30.15 -46.68
CA SER E 404 -50.62 -31.17 -47.02
C SER E 404 -51.89 -30.54 -47.57
N GLU E 405 -52.40 -29.51 -46.90
CA GLU E 405 -53.65 -28.87 -47.31
C GLU E 405 -53.50 -28.16 -48.66
N MET E 406 -52.32 -27.62 -48.93
CA MET E 406 -52.05 -27.03 -50.24
C MET E 406 -51.94 -28.11 -51.31
N PHE E 407 -51.37 -29.26 -50.95
CA PHE E 407 -51.28 -30.37 -51.90
C PHE E 407 -52.66 -30.91 -52.27
N ARG E 408 -53.57 -30.93 -51.29
CA ARG E 408 -54.93 -31.40 -51.59
C ARG E 408 -55.68 -30.43 -52.49
N GLN E 409 -55.38 -29.15 -52.39
CA GLN E 409 -55.93 -28.14 -53.32
C GLN E 409 -55.11 -28.02 -54.59
N ARG E 410 -54.22 -28.98 -54.84
CA ARG E 410 -53.45 -29.04 -56.08
C ARG E 410 -52.58 -27.80 -56.29
N VAL E 411 -51.98 -27.32 -55.21
CA VAL E 411 -50.93 -26.31 -55.28
C VAL E 411 -49.69 -26.92 -54.63
N LEU E 412 -48.59 -26.95 -55.41
CA LEU E 412 -47.37 -27.62 -54.98
C LEU E 412 -46.49 -26.69 -54.14
N VAL E 413 -46.20 -27.11 -52.90
CA VAL E 413 -45.26 -26.40 -52.02
C VAL E 413 -44.42 -27.43 -51.29
N ALA E 414 -43.29 -26.99 -50.76
CA ALA E 414 -42.39 -27.86 -50.01
C ALA E 414 -41.62 -27.08 -48.98
N GLY E 415 -41.05 -27.82 -48.02
CA GLY E 415 -40.25 -27.25 -46.94
C GLY E 415 -38.84 -26.82 -47.38
N THR E 416 -38.09 -26.35 -46.39
CA THR E 416 -36.70 -25.92 -46.59
C THR E 416 -35.75 -26.77 -45.76
N LEU E 417 -34.67 -27.22 -46.39
CA LEU E 417 -33.80 -28.24 -45.80
C LEU E 417 -33.22 -27.83 -44.45
N ASN E 418 -32.95 -26.54 -44.26
CA ASN E 418 -32.37 -26.07 -43.01
C ASN E 418 -33.38 -25.48 -42.04
N ASN E 419 -34.66 -25.42 -42.41
CA ASN E 419 -35.67 -24.83 -41.53
C ASN E 419 -36.93 -25.66 -41.58
N ALA E 420 -37.24 -26.34 -40.47
CA ALA E 420 -38.34 -27.28 -40.43
C ALA E 420 -39.71 -26.64 -40.25
N LYS E 421 -39.75 -25.41 -39.76
CA LYS E 421 -41.02 -24.70 -39.56
C LYS E 421 -41.42 -23.85 -40.75
N THR E 422 -40.58 -23.78 -41.77
CA THR E 422 -40.77 -22.86 -42.88
C THR E 422 -41.16 -23.61 -44.14
N ILE E 423 -42.15 -23.08 -44.86
CA ILE E 423 -42.53 -23.58 -46.17
C ILE E 423 -42.19 -22.53 -47.20
N ARG E 424 -41.48 -22.94 -48.24
CA ARG E 424 -41.05 -22.03 -49.28
C ARG E 424 -42.10 -21.90 -50.37
N ILE E 425 -42.20 -20.68 -50.91
CA ILE E 425 -43.00 -20.41 -52.11
C ILE E 425 -42.02 -19.92 -53.16
N GLU E 426 -41.81 -20.75 -54.18
CA GLU E 426 -40.80 -20.50 -55.21
C GLU E 426 -41.39 -20.87 -56.58
N PRO E 427 -42.44 -20.18 -57.00
CA PRO E 427 -43.10 -20.54 -58.26
C PRO E 427 -42.31 -20.01 -59.46
N PRO E 428 -42.64 -20.47 -60.68
CA PRO E 428 -41.99 -19.91 -61.85
C PRO E 428 -42.22 -18.41 -61.97
N LEU E 429 -41.29 -17.73 -62.62
CA LEU E 429 -41.45 -16.31 -62.87
C LEU E 429 -42.54 -16.03 -63.90
N THR E 430 -42.95 -17.06 -64.65
CA THR E 430 -44.00 -16.96 -65.63
C THR E 430 -45.40 -17.19 -65.04
N LEU E 431 -45.49 -17.33 -63.71
CA LEU E 431 -46.78 -17.52 -63.07
C LEU E 431 -47.71 -16.35 -63.39
N THR E 432 -48.92 -16.67 -63.83
CA THR E 432 -49.82 -15.63 -64.26
C THR E 432 -50.59 -15.07 -63.06
N ILE E 433 -51.13 -13.86 -63.24
CA ILE E 433 -51.82 -13.15 -62.18
C ILE E 433 -53.03 -13.95 -61.67
N GLU E 434 -53.77 -14.57 -62.59
CA GLU E 434 -54.87 -15.43 -62.22
C GLU E 434 -54.40 -16.53 -61.25
N GLN E 435 -53.29 -17.17 -61.59
CA GLN E 435 -52.74 -18.21 -60.72
C GLN E 435 -52.20 -17.63 -59.42
N CYS E 436 -51.73 -16.38 -59.44
CA CYS E 436 -51.32 -15.72 -58.20
C CYS E 436 -52.50 -15.60 -57.23
N GLU E 437 -53.63 -15.07 -57.72
CA GLU E 437 -54.81 -15.01 -56.87
C GLU E 437 -55.30 -16.40 -56.45
N LEU E 438 -55.22 -17.36 -57.36
CA LEU E 438 -55.60 -18.74 -57.01
C LEU E 438 -54.72 -19.31 -55.89
N VAL E 439 -53.44 -18.97 -55.89
CA VAL E 439 -52.54 -19.46 -54.85
C VAL E 439 -52.82 -18.76 -53.51
N ILE E 440 -53.14 -17.47 -53.57
CA ILE E 440 -53.51 -16.76 -52.34
C ILE E 440 -54.78 -17.36 -51.74
N LYS E 441 -55.79 -17.60 -52.57
CA LYS E 441 -57.04 -18.20 -52.10
C LYS E 441 -56.79 -19.61 -51.54
N ALA E 442 -55.96 -20.38 -52.23
CA ALA E 442 -55.60 -21.72 -51.75
C ALA E 442 -54.95 -21.66 -50.38
N ALA E 443 -54.04 -20.68 -50.18
CA ALA E 443 -53.42 -20.52 -48.87
C ALA E 443 -54.47 -20.16 -47.82
N ARG E 444 -55.46 -19.35 -48.19
CA ARG E 444 -56.50 -18.98 -47.23
C ARG E 444 -57.31 -20.21 -46.81
N LYS E 445 -57.76 -20.98 -47.77
CA LYS E 445 -58.54 -22.21 -47.46
C LYS E 445 -57.70 -23.18 -46.64
N ALA E 446 -56.41 -23.27 -46.94
CA ALA E 446 -55.50 -24.10 -46.16
C ALA E 446 -55.49 -23.66 -44.69
N LEU E 447 -55.23 -22.38 -44.46
CA LEU E 447 -55.14 -21.88 -43.08
C LEU E 447 -56.48 -22.05 -42.35
N ALA E 448 -57.58 -21.83 -43.07
CA ALA E 448 -58.91 -22.03 -42.46
C ALA E 448 -59.10 -23.46 -42.02
N ALA E 449 -58.82 -24.41 -42.91
CA ALA E 449 -58.93 -25.84 -42.57
C ALA E 449 -58.02 -26.19 -41.40
N MET E 450 -56.84 -25.59 -41.34
CA MET E 450 -55.90 -25.89 -40.24
C MET E 450 -56.43 -25.35 -38.91
N ARG E 451 -57.02 -24.16 -38.92
CA ARG E 451 -57.57 -23.61 -37.68
C ARG E 451 -58.75 -24.46 -37.18
N GLN E 452 -59.67 -24.76 -38.09
CA GLN E 452 -60.78 -25.67 -37.76
C GLN E 452 -60.23 -27.00 -37.30
N GLN E 453 -59.11 -27.45 -37.83
CA GLN E 453 -58.51 -28.72 -37.46
C GLN E 453 -57.98 -28.70 -36.03
N VAL E 454 -57.17 -27.70 -35.69
CA VAL E 454 -56.62 -27.60 -34.34
C VAL E 454 -57.75 -27.46 -33.32
N ALA E 455 -58.81 -26.71 -33.69
CA ALA E 455 -60.01 -26.69 -32.86
C ALA E 455 -60.57 -28.11 -32.67
N PHE E 456 -60.65 -28.86 -33.76
CA PHE E 456 -61.22 -30.22 -33.71
C PHE E 456 -60.41 -31.14 -32.80
N TYR E 457 -59.08 -31.02 -32.81
CA TYR E 457 -58.26 -31.85 -31.94
C TYR E 457 -58.40 -31.42 -30.48
N GLU E 458 -58.30 -30.12 -30.22
CA GLU E 458 -58.42 -29.62 -28.85
C GLU E 458 -59.77 -30.04 -28.24
N ILE E 459 -60.83 -30.00 -29.03
CA ILE E 459 -62.11 -30.47 -28.54
C ILE E 459 -62.08 -31.99 -28.34
N LEU E 460 -61.33 -32.69 -29.17
CA LEU E 460 -61.27 -34.15 -29.08
C LEU E 460 -60.49 -34.64 -27.85
N HIS E 461 -59.54 -33.85 -27.35
CA HIS E 461 -58.68 -34.29 -26.25
C HIS E 461 -59.10 -33.85 -24.86
N LEU E 462 -60.14 -33.02 -24.74
CA LEU E 462 -60.61 -32.60 -23.42
C LEU E 462 -61.06 -33.81 -22.58
N PRO E 463 -60.43 -34.04 -21.41
CA PRO E 463 -60.73 -35.27 -20.65
C PRO E 463 -61.99 -35.20 -19.81
N ASN E 464 -62.36 -33.98 -19.37
CA ASN E 464 -63.55 -33.80 -18.56
C ASN E 464 -64.83 -33.61 -19.41
N LEU E 465 -65.05 -34.58 -20.29
CA LEU E 465 -66.19 -34.56 -21.19
C LEU E 465 -66.61 -35.98 -21.48
N ASN E 466 -67.89 -36.29 -21.29
CA ASN E 466 -68.41 -37.61 -21.68
C ASN E 466 -68.52 -37.69 -23.20
N GLU E 467 -69.11 -38.77 -23.70
CA GLU E 467 -69.09 -39.03 -25.14
C GLU E 467 -70.21 -38.27 -25.84
N GLU E 468 -71.34 -38.06 -25.17
CA GLU E 468 -72.52 -37.50 -25.83
C GLU E 468 -72.30 -36.04 -26.24
N GLN E 469 -71.91 -35.19 -25.28
CA GLN E 469 -71.70 -33.77 -25.60
C GLN E 469 -70.46 -33.57 -26.44
N ARG E 470 -69.51 -34.49 -26.43
CA ARG E 470 -68.39 -34.42 -27.37
C ARG E 470 -68.90 -34.66 -28.79
N ASN E 471 -69.72 -35.71 -28.97
CA ASN E 471 -70.32 -35.93 -30.29
C ASN E 471 -71.15 -34.72 -30.73
N ALA E 472 -71.85 -34.10 -29.79
CA ALA E 472 -72.59 -32.88 -30.11
C ALA E 472 -71.63 -31.77 -30.52
N PHE E 473 -70.53 -31.61 -29.79
CA PHE E 473 -69.60 -30.53 -30.09
C PHE E 473 -68.93 -30.68 -31.46
N ILE E 474 -68.43 -31.87 -31.78
CA ILE E 474 -67.78 -32.02 -33.10
C ILE E 474 -68.84 -32.07 -34.19
N GLN E 475 -70.02 -32.58 -33.90
CA GLN E 475 -71.13 -32.51 -34.84
C GLN E 475 -71.41 -31.07 -35.24
N SER E 476 -71.61 -30.20 -34.24
CA SER E 476 -71.83 -28.78 -34.52
C SER E 476 -70.62 -28.17 -35.20
N LEU E 477 -69.41 -28.56 -34.78
CA LEU E 477 -68.20 -28.03 -35.38
C LEU E 477 -68.15 -28.31 -36.88
N LYS E 478 -68.66 -29.48 -37.31
CA LYS E 478 -68.76 -29.78 -38.71
C LYS E 478 -69.88 -29.00 -39.41
N ASP E 479 -71.03 -28.90 -38.76
CA ASP E 479 -72.20 -28.33 -39.44
C ASP E 479 -72.18 -26.79 -39.52
N ASP E 480 -71.46 -26.16 -38.60
CA ASP E 480 -71.23 -24.73 -38.61
C ASP E 480 -69.77 -24.42 -38.33
N PRO E 481 -68.89 -24.37 -39.34
CA PRO E 481 -67.44 -24.16 -39.09
C PRO E 481 -67.07 -22.77 -38.56
N SER E 482 -67.82 -21.73 -38.99
CA SER E 482 -67.50 -20.37 -38.58
C SER E 482 -67.70 -20.09 -37.06
N GLN E 483 -68.52 -20.94 -36.42
CA GLN E 483 -68.73 -20.88 -35.00
C GLN E 483 -67.67 -21.60 -34.22
N SER E 484 -66.74 -22.31 -34.87
CA SER E 484 -65.79 -23.18 -34.18
C SER E 484 -65.14 -22.53 -32.95
N ALA E 485 -64.67 -21.30 -33.15
CA ALA E 485 -63.98 -20.55 -32.11
C ALA E 485 -64.83 -20.40 -30.86
N ASN E 486 -66.11 -20.13 -31.02
CA ASN E 486 -67.00 -20.11 -29.85
C ASN E 486 -67.13 -21.50 -29.22
N LEU E 487 -67.44 -22.52 -30.05
CA LEU E 487 -67.73 -23.83 -29.47
C LEU E 487 -66.54 -24.42 -28.72
N LEU E 488 -65.33 -24.19 -29.26
CA LEU E 488 -64.14 -24.62 -28.54
C LEU E 488 -64.10 -23.98 -27.17
N ALA E 489 -64.32 -22.66 -27.14
CA ALA E 489 -64.43 -21.97 -25.85
C ALA E 489 -65.50 -22.65 -24.98
N GLU E 490 -66.68 -22.90 -25.57
CA GLU E 490 -67.74 -23.56 -24.85
C GLU E 490 -67.28 -24.91 -24.31
N ALA E 491 -66.59 -25.69 -25.16
CA ALA E 491 -66.06 -26.97 -24.73
C ALA E 491 -65.23 -26.82 -23.46
N LYS E 492 -64.26 -25.91 -23.49
CA LYS E 492 -63.43 -25.66 -22.33
C LYS E 492 -64.23 -25.08 -21.17
N LYS E 493 -65.22 -24.23 -21.49
CA LYS E 493 -66.14 -23.71 -20.52
C LYS E 493 -66.76 -24.85 -19.67
N LEU E 494 -67.03 -25.97 -20.33
CA LEU E 494 -67.59 -27.12 -19.65
C LEU E 494 -66.52 -28.07 -19.14
N ASN E 495 -65.36 -28.13 -19.80
CA ASN E 495 -64.29 -29.00 -19.32
C ASN E 495 -63.72 -28.51 -18.00
N ASP E 496 -63.88 -27.22 -17.70
CA ASP E 496 -63.46 -26.69 -16.42
C ASP E 496 -64.52 -26.93 -15.33
N ALA E 497 -65.80 -26.91 -15.69
CA ALA E 497 -66.88 -26.94 -14.74
C ALA E 497 -67.17 -28.31 -14.16
N GLN E 498 -66.42 -29.35 -14.53
CA GLN E 498 -66.59 -30.67 -13.94
C GLN E 498 -65.24 -31.32 -13.62
N ALA E 499 -64.24 -30.49 -13.34
CA ALA E 499 -62.85 -30.99 -13.19
C ALA E 499 -62.65 -31.74 -11.88
N SER F 5 -18.53 -6.51 -74.96
CA SER F 5 -18.75 -5.85 -76.28
C SER F 5 -20.21 -5.47 -76.46
N ALA F 6 -21.01 -6.49 -76.77
CA ALA F 6 -22.45 -6.36 -76.97
C ALA F 6 -23.20 -6.78 -75.71
N SER F 7 -24.50 -6.47 -75.67
CA SER F 7 -25.35 -6.87 -74.58
C SER F 7 -25.56 -8.38 -74.54
N ALA F 8 -25.89 -8.89 -73.37
CA ALA F 8 -26.15 -10.31 -73.20
C ALA F 8 -27.29 -10.79 -74.12
N LEU F 9 -28.29 -9.94 -74.33
CA LEU F 9 -29.38 -10.30 -75.22
C LEU F 9 -28.91 -10.53 -76.65
N ALA F 10 -28.08 -9.63 -77.16
CA ALA F 10 -27.51 -9.78 -78.50
C ALA F 10 -26.70 -11.07 -78.60
N CYS F 11 -25.83 -11.32 -77.63
CA CYS F 11 -25.01 -12.53 -77.63
C CYS F 11 -25.88 -13.78 -77.66
N SER F 12 -26.87 -13.85 -76.76
CA SER F 12 -27.78 -15.00 -76.72
C SER F 12 -28.50 -15.17 -78.07
N ALA F 13 -29.00 -14.08 -78.63
CA ALA F 13 -29.74 -14.14 -79.90
C ALA F 13 -28.84 -14.70 -81.01
N HIS F 14 -27.62 -14.17 -81.12
CA HIS F 14 -26.66 -14.70 -82.09
C HIS F 14 -26.44 -16.20 -81.88
N ALA F 15 -26.27 -16.59 -80.62
CA ALA F 15 -26.03 -18.00 -80.29
C ALA F 15 -27.20 -18.89 -80.74
N LEU F 16 -28.43 -18.42 -80.53
CA LEU F 16 -29.59 -19.21 -80.93
C LEU F 16 -29.72 -19.27 -82.45
N ASN F 17 -29.43 -18.16 -83.12
CA ASN F 17 -29.37 -18.17 -84.59
C ASN F 17 -28.38 -19.23 -85.08
N LEU F 18 -27.28 -19.39 -84.36
CA LEU F 18 -26.26 -20.34 -84.78
C LEU F 18 -26.62 -21.78 -84.39
N ILE F 19 -27.40 -21.94 -83.32
CA ILE F 19 -27.92 -23.25 -82.96
C ILE F 19 -28.94 -23.73 -83.99
N GLU F 20 -29.73 -22.81 -84.54
CA GLU F 20 -30.74 -23.19 -85.52
C GLU F 20 -30.16 -23.51 -86.90
N LYS F 21 -28.94 -23.06 -87.18
CA LYS F 21 -28.31 -23.36 -88.46
C LYS F 21 -27.85 -24.81 -88.52
N ARG F 22 -27.97 -25.41 -89.70
CA ARG F 22 -27.58 -26.82 -89.92
C ARG F 22 -26.27 -26.96 -90.69
N THR F 23 -25.99 -26.01 -91.59
CA THR F 23 -24.74 -25.98 -92.31
C THR F 23 -24.23 -24.55 -92.34
N LEU F 24 -22.94 -24.40 -92.62
CA LEU F 24 -22.31 -23.10 -92.69
C LEU F 24 -21.63 -22.94 -94.03
N ASP F 25 -21.84 -21.80 -94.67
CA ASP F 25 -20.88 -21.44 -95.71
C ASP F 25 -19.53 -21.13 -95.06
N HIS F 26 -18.52 -21.02 -95.92
CA HIS F 26 -17.13 -20.81 -95.52
C HIS F 26 -16.91 -19.46 -94.87
N GLU F 27 -17.58 -18.38 -95.28
CA GLU F 27 -17.41 -17.11 -94.54
C GLU F 27 -18.12 -17.15 -93.18
N GLU F 28 -19.23 -17.89 -93.14
CA GLU F 28 -19.87 -18.24 -91.88
C GLU F 28 -18.94 -19.08 -91.03
N MET F 29 -18.29 -20.05 -91.64
CA MET F 29 -17.40 -20.98 -90.93
C MET F 29 -16.19 -20.23 -90.38
N LYS F 30 -15.55 -19.42 -91.23
CA LYS F 30 -14.38 -18.65 -90.84
C LYS F 30 -14.74 -17.66 -89.74
N ALA F 31 -15.87 -16.97 -89.87
CA ALA F 31 -16.31 -16.05 -88.84
C ALA F 31 -16.56 -16.78 -87.51
N LEU F 32 -17.19 -17.97 -87.58
CA LEU F 32 -17.49 -18.70 -86.37
C LEU F 32 -16.22 -19.25 -85.71
N ASN F 33 -15.31 -19.80 -86.50
CA ASN F 33 -14.05 -20.28 -85.96
C ASN F 33 -13.25 -19.15 -85.31
N ARG F 34 -13.19 -18.01 -85.98
CA ARG F 34 -12.51 -16.84 -85.41
C ARG F 34 -13.17 -16.43 -84.10
N GLU F 35 -14.50 -16.42 -84.08
CA GLU F 35 -15.23 -16.08 -82.86
C GLU F 35 -14.91 -17.05 -81.71
N VAL F 36 -14.95 -18.35 -81.98
CA VAL F 36 -14.76 -19.32 -80.91
C VAL F 36 -13.32 -19.31 -80.40
N ILE F 37 -12.37 -19.06 -81.29
CA ILE F 37 -10.98 -18.92 -80.84
C ILE F 37 -10.85 -17.70 -79.93
N GLU F 38 -11.48 -16.59 -80.33
CA GLU F 38 -11.42 -15.37 -79.50
C GLU F 38 -12.04 -15.62 -78.13
N TYR F 39 -13.25 -16.17 -78.10
CA TYR F 39 -13.95 -16.36 -76.83
C TYR F 39 -13.32 -17.45 -75.95
N PHE F 40 -12.67 -18.42 -76.57
CA PHE F 40 -11.86 -19.36 -75.81
C PHE F 40 -10.66 -18.63 -75.17
N LYS F 41 -10.05 -17.73 -75.93
CA LYS F 41 -8.89 -17.01 -75.44
C LYS F 41 -9.25 -16.05 -74.30
N GLU F 42 -10.42 -15.44 -74.36
CA GLU F 42 -10.78 -14.38 -73.41
C GLU F 42 -11.83 -14.73 -72.38
N HIS F 43 -12.45 -15.89 -72.47
CA HIS F 43 -13.57 -16.23 -71.57
C HIS F 43 -13.61 -17.69 -71.11
N VAL F 44 -12.86 -18.57 -71.75
CA VAL F 44 -12.85 -19.99 -71.36
C VAL F 44 -11.50 -20.32 -70.73
N ASN F 45 -10.49 -20.52 -71.58
CA ASN F 45 -9.11 -20.76 -71.16
C ASN F 45 -8.18 -20.70 -72.36
N PRO F 46 -7.21 -19.77 -72.38
CA PRO F 46 -6.22 -19.75 -73.46
C PRO F 46 -5.26 -20.95 -73.42
N GLY F 47 -5.09 -21.52 -72.23
CA GLY F 47 -4.25 -22.70 -72.09
C GLY F 47 -4.70 -23.84 -72.97
N PHE F 48 -6.00 -24.01 -73.12
CA PHE F 48 -6.52 -25.07 -74.00
C PHE F 48 -6.02 -24.88 -75.43
N LEU F 49 -6.02 -23.62 -75.90
CA LEU F 49 -5.53 -23.34 -77.23
C LEU F 49 -4.07 -23.77 -77.35
N GLU F 50 -3.28 -23.46 -76.33
CA GLU F 50 -1.87 -23.87 -76.39
C GLU F 50 -1.72 -25.40 -76.39
N TYR F 51 -2.54 -26.09 -75.62
CA TYR F 51 -2.47 -27.55 -75.54
C TYR F 51 -2.75 -28.18 -76.89
N ARG F 52 -3.88 -27.81 -77.50
CA ARG F 52 -4.21 -28.35 -78.80
C ARG F 52 -3.14 -27.98 -79.83
N LYS F 53 -2.50 -26.84 -79.65
CA LYS F 53 -1.34 -26.54 -80.50
C LYS F 53 -0.27 -27.61 -80.32
N SER F 54 -0.03 -28.03 -79.09
CA SER F 54 0.99 -29.05 -78.89
C SER F 54 0.56 -30.43 -79.39
N VAL F 55 -0.71 -30.63 -79.73
CA VAL F 55 -1.07 -31.94 -80.25
C VAL F 55 -1.57 -31.87 -81.70
N THR F 56 -1.21 -30.82 -82.44
CA THR F 56 -1.65 -30.66 -83.82
C THR F 56 -0.55 -30.04 -84.66
N ALA F 57 -0.84 -29.85 -85.95
CA ALA F 57 0.08 -29.13 -86.85
C ALA F 57 -0.71 -28.09 -87.62
N GLY F 58 -0.23 -26.86 -87.56
CA GLY F 58 -0.91 -25.72 -88.17
C GLY F 58 -2.32 -25.53 -87.65
N GLY F 59 -3.16 -24.95 -88.51
CA GLY F 59 -4.51 -24.57 -88.12
C GLY F 59 -5.37 -25.71 -87.65
N ASP F 60 -4.83 -26.92 -87.66
CA ASP F 60 -5.52 -28.06 -87.06
C ASP F 60 -5.78 -27.85 -85.59
N TYR F 61 -4.96 -27.05 -84.92
CA TYR F 61 -5.26 -26.72 -83.52
C TYR F 61 -6.60 -26.00 -83.36
N GLY F 62 -7.17 -25.50 -84.44
CA GLY F 62 -8.38 -24.72 -84.38
C GLY F 62 -9.53 -25.37 -85.13
N ALA F 63 -9.69 -26.68 -84.92
CA ALA F 63 -10.86 -27.39 -85.41
C ALA F 63 -11.99 -27.22 -84.40
N VAL F 64 -13.16 -26.85 -84.89
CA VAL F 64 -14.31 -26.56 -84.04
C VAL F 64 -15.36 -27.62 -84.28
N GLU F 65 -15.88 -28.19 -83.20
CA GLU F 65 -16.96 -29.15 -83.33
C GLU F 65 -18.20 -28.52 -83.97
N TRP F 66 -18.94 -29.35 -84.68
CA TRP F 66 -20.18 -28.91 -85.29
C TRP F 66 -21.29 -29.94 -85.11
N GLN F 67 -21.09 -31.14 -85.63
CA GLN F 67 -22.18 -32.12 -85.60
C GLN F 67 -21.64 -33.53 -85.65
N ALA F 68 -22.38 -34.46 -85.07
CA ALA F 68 -22.12 -35.88 -85.26
C ALA F 68 -22.34 -36.27 -86.70
N GLY F 69 -21.36 -36.98 -87.29
CA GLY F 69 -21.49 -37.45 -88.65
C GLY F 69 -22.32 -38.73 -88.74
N SER F 70 -21.77 -39.83 -88.26
CA SER F 70 -22.49 -41.08 -88.16
C SER F 70 -22.38 -41.55 -86.71
N LEU F 71 -22.58 -42.85 -86.48
CA LEU F 71 -22.41 -43.39 -85.14
C LEU F 71 -20.98 -43.20 -84.62
N ASN F 72 -20.00 -43.25 -85.52
CA ASN F 72 -18.60 -43.27 -85.12
C ASN F 72 -17.77 -42.14 -85.69
N THR F 73 -18.42 -41.09 -86.23
CA THR F 73 -17.71 -40.00 -86.87
C THR F 73 -18.20 -38.65 -86.35
N LEU F 74 -17.29 -37.68 -86.33
CA LEU F 74 -17.59 -36.31 -85.95
C LEU F 74 -17.21 -35.37 -87.08
N VAL F 75 -18.01 -34.32 -87.26
CA VAL F 75 -17.82 -33.38 -88.36
C VAL F 75 -17.64 -31.99 -87.78
N ASP F 76 -16.50 -31.38 -88.12
CA ASP F 76 -16.17 -30.03 -87.67
C ASP F 76 -16.88 -28.97 -88.53
N THR F 77 -16.61 -27.71 -88.24
CA THR F 77 -17.26 -26.61 -88.94
C THR F 77 -16.84 -26.48 -90.41
N GLN F 78 -15.82 -27.23 -90.82
CA GLN F 78 -15.35 -27.18 -92.21
C GLN F 78 -15.80 -28.39 -93.02
N GLY F 79 -16.64 -29.24 -92.44
CA GLY F 79 -17.10 -30.44 -93.12
C GLY F 79 -16.14 -31.61 -93.05
N GLN F 80 -14.99 -31.44 -92.39
CA GLN F 80 -14.04 -32.54 -92.27
C GLN F 80 -14.59 -33.59 -91.31
N GLU F 81 -14.53 -34.85 -91.73
CA GLU F 81 -15.06 -35.97 -90.95
C GLU F 81 -13.93 -36.72 -90.28
N PHE F 82 -14.13 -37.05 -89.01
CA PHE F 82 -13.15 -37.73 -88.18
C PHE F 82 -13.75 -39.03 -87.66
N ILE F 83 -12.96 -40.10 -87.70
CA ILE F 83 -13.31 -41.31 -86.99
C ILE F 83 -12.96 -41.10 -85.50
N ASP F 84 -13.92 -41.36 -84.63
CA ASP F 84 -13.76 -41.06 -83.21
C ASP F 84 -13.18 -42.28 -82.50
N CYS F 85 -11.87 -42.28 -82.29
CA CYS F 85 -11.22 -43.28 -81.45
C CYS F 85 -10.98 -42.76 -80.04
N LEU F 86 -11.57 -41.60 -79.69
CA LEU F 86 -11.51 -41.05 -78.35
C LEU F 86 -12.75 -41.37 -77.53
N GLY F 87 -13.92 -41.33 -78.16
CA GLY F 87 -15.16 -41.70 -77.49
C GLY F 87 -15.47 -40.90 -76.25
N GLY F 88 -15.02 -39.64 -76.21
CA GLY F 88 -15.19 -38.82 -75.02
C GLY F 88 -14.63 -39.46 -73.76
N PHE F 89 -13.48 -40.14 -73.91
CA PHE F 89 -12.83 -40.85 -72.80
C PHE F 89 -13.76 -41.87 -72.15
N GLY F 90 -14.57 -42.51 -72.98
CA GLY F 90 -15.49 -43.55 -72.52
C GLY F 90 -16.95 -43.15 -72.44
N ILE F 91 -17.35 -42.07 -73.09
CA ILE F 91 -18.73 -41.61 -73.06
C ILE F 91 -19.58 -42.29 -74.16
N PHE F 92 -19.07 -42.33 -75.39
CA PHE F 92 -19.86 -42.72 -76.54
C PHE F 92 -19.75 -44.21 -76.84
N ASN F 93 -20.09 -45.03 -75.85
CA ASN F 93 -20.04 -46.48 -76.03
C ASN F 93 -21.03 -46.97 -77.09
N VAL F 94 -22.17 -46.31 -77.21
CA VAL F 94 -23.18 -46.71 -78.20
C VAL F 94 -23.20 -45.71 -79.36
N GLY F 95 -22.08 -45.03 -79.59
CA GLY F 95 -21.96 -44.13 -80.73
C GLY F 95 -22.57 -42.76 -80.50
N HIS F 96 -22.44 -41.92 -81.52
CA HIS F 96 -22.95 -40.55 -81.47
C HIS F 96 -24.38 -40.51 -82.00
N ARG F 97 -25.25 -39.80 -81.29
CA ARG F 97 -26.67 -39.69 -81.63
C ARG F 97 -27.28 -41.06 -81.95
N ASN F 98 -27.17 -41.97 -81.00
CA ASN F 98 -27.73 -43.31 -81.14
C ASN F 98 -29.25 -43.19 -81.29
N PRO F 99 -29.82 -43.68 -82.41
CA PRO F 99 -31.25 -43.45 -82.67
C PRO F 99 -32.18 -43.83 -81.51
N VAL F 100 -31.89 -44.93 -80.82
CA VAL F 100 -32.74 -45.36 -79.71
C VAL F 100 -32.67 -44.34 -78.56
N VAL F 101 -31.46 -43.92 -78.20
CA VAL F 101 -31.27 -43.00 -77.09
C VAL F 101 -31.84 -41.62 -77.44
N VAL F 102 -31.56 -41.14 -78.65
CA VAL F 102 -32.11 -39.88 -79.11
C VAL F 102 -33.64 -39.93 -79.10
N SER F 103 -34.21 -41.08 -79.49
CA SER F 103 -35.66 -41.24 -79.51
C SER F 103 -36.26 -41.15 -78.11
N ALA F 104 -35.68 -41.91 -77.16
CA ALA F 104 -36.18 -41.88 -75.79
C ALA F 104 -36.07 -40.47 -75.19
N VAL F 105 -34.93 -39.81 -75.42
CA VAL F 105 -34.73 -38.47 -74.90
C VAL F 105 -35.74 -37.50 -75.51
N GLN F 106 -36.04 -37.68 -76.78
CA GLN F 106 -37.01 -36.83 -77.46
C GLN F 106 -38.43 -37.03 -76.91
N ASN F 107 -38.82 -38.29 -76.67
CA ASN F 107 -40.13 -38.56 -76.11
C ASN F 107 -40.28 -37.97 -74.72
N GLN F 108 -39.32 -38.24 -73.84
CA GLN F 108 -39.39 -37.71 -72.49
C GLN F 108 -39.28 -36.19 -72.47
N LEU F 109 -38.52 -35.63 -73.41
CA LEU F 109 -38.51 -34.18 -73.58
C LEU F 109 -39.88 -33.66 -73.96
N ALA F 110 -40.61 -34.43 -74.77
CA ALA F 110 -41.99 -34.05 -75.10
C ALA F 110 -42.89 -34.11 -73.86
N LYS F 111 -42.57 -34.98 -72.92
CA LYS F 111 -43.38 -35.21 -71.72
C LYS F 111 -42.95 -34.28 -70.58
N GLN F 112 -41.75 -34.43 -70.05
CA GLN F 112 -41.23 -33.57 -69.00
C GLN F 112 -39.71 -33.81 -68.80
N PRO F 113 -38.88 -32.77 -68.99
CA PRO F 113 -37.44 -32.97 -68.92
C PRO F 113 -36.88 -33.11 -67.49
N LEU F 114 -37.23 -32.17 -66.61
CA LEU F 114 -36.80 -32.20 -65.22
C LEU F 114 -37.97 -32.41 -64.28
N HIS F 115 -37.72 -33.09 -63.17
CA HIS F 115 -38.77 -33.43 -62.21
C HIS F 115 -38.94 -32.35 -61.15
N SER F 116 -40.07 -32.39 -60.44
CA SER F 116 -40.37 -31.39 -59.40
C SER F 116 -39.47 -31.50 -58.18
N GLN F 117 -38.87 -32.67 -57.98
CA GLN F 117 -38.05 -33.05 -56.81
C GLN F 117 -38.87 -33.36 -55.57
N GLU F 118 -40.20 -33.26 -55.68
CA GLU F 118 -41.10 -33.53 -54.56
C GLU F 118 -41.94 -34.78 -54.82
N LEU F 119 -42.59 -34.84 -55.96
CA LEU F 119 -43.41 -36.01 -56.31
C LEU F 119 -42.52 -37.16 -56.76
N LEU F 120 -43.09 -38.36 -56.76
CA LEU F 120 -42.37 -39.53 -57.25
C LEU F 120 -42.26 -39.47 -58.75
N ASP F 121 -41.03 -39.53 -59.24
CA ASP F 121 -40.80 -39.58 -60.68
C ASP F 121 -40.60 -41.04 -61.08
N PRO F 122 -41.31 -41.51 -62.11
CA PRO F 122 -41.31 -42.94 -62.39
C PRO F 122 -40.02 -43.49 -63.02
N LEU F 123 -39.36 -42.70 -63.85
CA LEU F 123 -38.17 -43.20 -64.53
C LEU F 123 -36.99 -43.42 -63.58
N ARG F 124 -36.97 -42.73 -62.45
CA ARG F 124 -35.97 -42.99 -61.43
C ARG F 124 -36.17 -44.39 -60.83
N ALA F 125 -37.41 -44.74 -60.54
CA ALA F 125 -37.74 -46.07 -60.04
C ALA F 125 -37.42 -47.15 -61.09
N MET F 126 -37.83 -46.90 -62.34
CA MET F 126 -37.57 -47.85 -63.42
C MET F 126 -36.07 -48.08 -63.59
N LEU F 127 -35.29 -46.99 -63.58
CA LEU F 127 -33.85 -47.13 -63.78
C LEU F 127 -33.17 -47.80 -62.60
N ALA F 128 -33.64 -47.50 -61.39
CA ALA F 128 -33.09 -48.16 -60.20
C ALA F 128 -33.36 -49.68 -60.26
N LYS F 129 -34.57 -50.06 -60.66
CA LYS F 129 -34.89 -51.47 -60.79
C LYS F 129 -34.03 -52.14 -61.88
N THR F 130 -33.91 -51.48 -63.03
CA THR F 130 -33.08 -52.01 -64.11
C THR F 130 -31.64 -52.22 -63.65
N LEU F 131 -31.07 -51.23 -62.97
CA LEU F 131 -29.70 -51.34 -62.49
C LEU F 131 -29.54 -52.43 -61.45
N ALA F 132 -30.55 -52.61 -60.61
CA ALA F 132 -30.52 -53.73 -59.65
C ALA F 132 -30.50 -55.07 -60.40
N ALA F 133 -31.28 -55.16 -61.48
CA ALA F 133 -31.27 -56.37 -62.29
C ALA F 133 -29.94 -56.59 -63.01
N LEU F 134 -29.26 -55.50 -63.37
CA LEU F 134 -28.06 -55.55 -64.21
C LEU F 134 -26.76 -55.71 -63.42
N THR F 135 -26.77 -55.40 -62.12
CA THR F 135 -25.53 -55.39 -61.33
C THR F 135 -25.33 -56.73 -60.60
N PRO F 136 -24.07 -57.12 -60.39
CA PRO F 136 -23.79 -58.39 -59.72
C PRO F 136 -24.26 -58.44 -58.28
N GLY F 137 -24.76 -59.61 -57.88
CA GLY F 137 -25.00 -59.90 -56.47
C GLY F 137 -26.02 -58.99 -55.79
N LYS F 138 -25.65 -58.50 -54.62
CA LYS F 138 -26.55 -57.79 -53.73
C LYS F 138 -26.63 -56.29 -53.99
N LEU F 139 -25.94 -55.78 -55.01
CA LEU F 139 -26.11 -54.38 -55.40
C LEU F 139 -27.55 -54.12 -55.74
N LYS F 140 -28.20 -53.25 -54.96
CA LYS F 140 -29.66 -53.18 -54.96
C LYS F 140 -30.21 -51.76 -55.04
N TYR F 141 -29.57 -50.82 -54.35
CA TYR F 141 -30.08 -49.45 -54.29
C TYR F 141 -29.20 -48.50 -55.08
N SER F 142 -29.84 -47.55 -55.77
CA SER F 142 -29.14 -46.61 -56.63
C SER F 142 -29.40 -45.17 -56.22
N PHE F 143 -28.35 -44.35 -56.26
CA PHE F 143 -28.45 -42.91 -56.12
C PHE F 143 -27.97 -42.27 -57.41
N PHE F 144 -28.76 -41.35 -57.94
CA PHE F 144 -28.47 -40.75 -59.25
C PHE F 144 -27.98 -39.32 -59.12
N CYS F 145 -26.90 -39.02 -59.82
CA CYS F 145 -26.32 -37.68 -59.85
C CYS F 145 -26.01 -37.35 -61.31
N ASN F 146 -25.10 -36.43 -61.56
CA ASN F 146 -24.87 -35.92 -62.90
C ASN F 146 -23.47 -36.15 -63.46
N SER F 147 -22.54 -36.70 -62.69
CA SER F 147 -21.17 -36.85 -63.17
C SER F 147 -20.47 -37.98 -62.44
N GLY F 148 -19.32 -38.37 -62.98
CA GLY F 148 -18.51 -39.41 -62.33
C GLY F 148 -18.01 -38.99 -60.96
N THR F 149 -17.48 -37.76 -60.89
CA THR F 149 -16.95 -37.27 -59.62
C THR F 149 -18.05 -37.20 -58.55
N GLU F 150 -19.28 -36.88 -58.96
CA GLU F 150 -20.40 -36.88 -58.03
C GLU F 150 -20.73 -38.29 -57.56
N SER F 151 -20.64 -39.27 -58.47
CA SER F 151 -20.86 -40.66 -58.10
C SER F 151 -19.83 -41.11 -57.07
N VAL F 152 -18.57 -40.74 -57.27
CA VAL F 152 -17.54 -41.08 -56.30
C VAL F 152 -17.78 -40.36 -54.98
N GLU F 153 -18.26 -39.11 -55.03
CA GLU F 153 -18.60 -38.40 -53.80
C GLU F 153 -19.68 -39.14 -53.02
N ALA F 154 -20.73 -39.60 -53.71
CA ALA F 154 -21.79 -40.34 -53.06
C ALA F 154 -21.26 -41.66 -52.49
N ALA F 155 -20.34 -42.31 -53.21
CA ALA F 155 -19.73 -43.54 -52.69
C ALA F 155 -18.97 -43.27 -51.38
N LEU F 156 -18.14 -42.23 -51.37
CA LEU F 156 -17.39 -41.89 -50.18
C LEU F 156 -18.32 -41.54 -49.02
N LYS F 157 -19.40 -40.82 -49.30
CA LYS F 157 -20.32 -40.42 -48.23
C LYS F 157 -21.08 -41.62 -47.68
N LEU F 158 -21.47 -42.55 -48.55
CA LEU F 158 -22.07 -43.81 -48.08
C LEU F 158 -21.11 -44.56 -47.17
N ALA F 159 -19.86 -44.70 -47.60
CA ALA F 159 -18.85 -45.39 -46.79
C ALA F 159 -18.66 -44.69 -45.43
N LYS F 160 -18.63 -43.36 -45.44
CA LYS F 160 -18.44 -42.61 -44.20
C LYS F 160 -19.63 -42.78 -43.26
N ALA F 161 -20.84 -42.63 -43.78
CA ALA F 161 -22.04 -42.76 -42.95
C ALA F 161 -22.17 -44.18 -42.39
N TYR F 162 -21.64 -45.17 -43.11
CA TYR F 162 -21.71 -46.54 -42.63
C TYR F 162 -20.62 -46.86 -41.62
N GLN F 163 -19.42 -46.31 -41.82
CA GLN F 163 -18.24 -46.74 -41.05
C GLN F 163 -17.88 -45.83 -39.89
N SER F 164 -18.29 -44.56 -39.91
CA SER F 164 -18.01 -43.67 -38.79
C SER F 164 -18.64 -44.13 -37.46
N PRO F 165 -19.91 -44.62 -37.46
CA PRO F 165 -20.42 -45.19 -36.21
C PRO F 165 -19.71 -46.47 -35.79
N ARG F 166 -18.86 -47.03 -36.65
CA ARG F 166 -18.07 -48.21 -36.33
C ARG F 166 -16.60 -47.87 -36.08
N GLY F 167 -16.27 -46.60 -35.95
CA GLY F 167 -14.92 -46.18 -35.59
C GLY F 167 -13.87 -46.32 -36.67
N LYS F 168 -14.27 -46.23 -37.93
CA LYS F 168 -13.36 -46.36 -39.06
C LYS F 168 -13.50 -45.12 -39.94
N PHE F 169 -12.36 -44.48 -40.25
CA PHE F 169 -12.37 -43.19 -40.93
C PHE F 169 -11.44 -43.06 -42.14
N THR F 170 -10.42 -43.90 -42.25
CA THR F 170 -9.38 -43.72 -43.25
C THR F 170 -9.73 -44.45 -44.55
N PHE F 171 -9.33 -43.87 -45.67
CA PHE F 171 -9.60 -44.44 -46.98
C PHE F 171 -8.31 -44.81 -47.70
N ILE F 172 -8.30 -45.97 -48.34
CA ILE F 172 -7.17 -46.44 -49.12
C ILE F 172 -7.53 -46.37 -50.60
N ALA F 173 -6.71 -45.67 -51.37
CA ALA F 173 -6.79 -45.66 -52.82
C ALA F 173 -5.46 -46.20 -53.37
N THR F 174 -5.30 -46.12 -54.68
CA THR F 174 -4.08 -46.58 -55.34
C THR F 174 -3.41 -45.46 -56.11
N SER F 175 -2.09 -45.53 -56.22
CA SER F 175 -1.36 -44.59 -57.07
C SER F 175 -1.75 -44.78 -58.53
N GLY F 176 -1.70 -43.70 -59.29
CA GLY F 176 -2.17 -43.71 -60.66
C GLY F 176 -3.67 -43.74 -60.83
N ALA F 177 -4.43 -43.75 -59.73
CA ALA F 177 -5.88 -43.77 -59.79
C ALA F 177 -6.44 -42.39 -60.12
N PHE F 178 -7.61 -42.38 -60.76
CA PHE F 178 -8.37 -41.16 -60.99
C PHE F 178 -9.82 -41.43 -60.64
N HIS F 179 -10.38 -40.62 -59.74
CA HIS F 179 -11.75 -40.80 -59.29
C HIS F 179 -12.58 -39.51 -59.35
N GLY F 180 -12.04 -38.47 -59.98
CA GLY F 180 -12.73 -37.19 -60.07
C GLY F 180 -11.95 -36.06 -59.44
N LYS F 181 -12.44 -34.86 -59.66
CA LYS F 181 -11.74 -33.64 -59.30
C LYS F 181 -12.47 -32.76 -58.30
N SER F 182 -13.68 -33.11 -57.91
CA SER F 182 -14.29 -32.50 -56.74
C SER F 182 -13.47 -32.92 -55.50
N LEU F 183 -13.38 -32.01 -54.53
CA LEU F 183 -12.43 -32.15 -53.44
C LEU F 183 -12.50 -33.50 -52.73
N GLY F 184 -13.72 -33.98 -52.48
CA GLY F 184 -13.90 -35.31 -51.91
C GLY F 184 -13.27 -36.38 -52.79
N ALA F 185 -13.71 -36.46 -54.03
CA ALA F 185 -13.15 -37.42 -54.97
C ALA F 185 -11.65 -37.15 -55.21
N LEU F 186 -11.26 -35.87 -55.20
CA LEU F 186 -9.86 -35.52 -55.41
C LEU F 186 -8.96 -36.06 -54.31
N SER F 187 -9.51 -36.23 -53.10
CA SER F 187 -8.74 -36.86 -52.04
C SER F 187 -8.36 -38.31 -52.39
N ALA F 188 -9.16 -38.96 -53.23
CA ALA F 188 -8.88 -40.34 -53.66
C ALA F 188 -8.03 -40.38 -54.92
N THR F 189 -8.33 -39.51 -55.90
CA THR F 189 -7.46 -39.31 -57.06
C THR F 189 -6.00 -39.18 -56.61
N ALA F 190 -5.08 -39.66 -57.44
CA ALA F 190 -3.70 -39.86 -57.02
C ALA F 190 -2.66 -38.99 -57.71
N LYS F 191 -3.01 -38.26 -58.76
CA LYS F 191 -2.00 -37.51 -59.51
C LYS F 191 -1.58 -36.25 -58.78
N SER F 192 -0.31 -36.19 -58.39
CA SER F 192 0.29 -35.06 -57.68
C SER F 192 -0.14 -33.68 -58.19
N THR F 193 0.02 -33.44 -59.48
CA THR F 193 -0.28 -32.13 -60.04
C THR F 193 -1.75 -31.77 -59.92
N PHE F 194 -2.62 -32.77 -59.88
CA PHE F 194 -4.04 -32.51 -59.69
C PHE F 194 -4.39 -32.11 -58.25
N ARG F 195 -3.54 -32.49 -57.29
CA ARG F 195 -3.90 -32.38 -55.87
C ARG F 195 -3.15 -31.31 -55.11
N LYS F 196 -1.85 -31.18 -55.33
CA LYS F 196 -1.01 -30.27 -54.53
C LYS F 196 -1.56 -28.83 -54.39
N PRO F 197 -2.02 -28.18 -55.48
CA PRO F 197 -2.48 -26.80 -55.33
C PRO F 197 -3.74 -26.63 -54.46
N PHE F 198 -4.44 -27.72 -54.16
CA PHE F 198 -5.67 -27.66 -53.41
C PHE F 198 -5.58 -28.33 -52.04
N MET F 199 -4.38 -28.67 -51.60
CA MET F 199 -4.17 -29.21 -50.27
C MET F 199 -4.29 -28.06 -49.27
N PRO F 200 -4.82 -28.35 -48.06
CA PRO F 200 -5.22 -29.66 -47.56
C PRO F 200 -6.55 -30.20 -48.11
N LEU F 201 -6.57 -31.49 -48.40
CA LEU F 201 -7.78 -32.20 -48.79
C LEU F 201 -8.32 -32.97 -47.59
N LEU F 202 -9.21 -33.92 -47.85
CA LEU F 202 -9.76 -34.73 -46.77
C LEU F 202 -8.67 -35.48 -46.02
N PRO F 203 -8.72 -35.49 -44.69
CA PRO F 203 -7.75 -36.27 -43.91
C PRO F 203 -7.99 -37.77 -44.02
N GLY F 204 -6.93 -38.53 -43.76
CA GLY F 204 -7.01 -39.97 -43.70
C GLY F 204 -7.14 -40.71 -45.02
N PHE F 205 -6.56 -40.16 -46.09
CA PHE F 205 -6.50 -40.85 -47.38
C PHE F 205 -5.09 -41.33 -47.65
N ARG F 206 -4.95 -42.62 -47.97
CA ARG F 206 -3.67 -43.25 -48.23
C ARG F 206 -3.70 -43.93 -49.58
N HIS F 207 -2.52 -44.10 -50.17
CA HIS F 207 -2.39 -44.75 -51.46
C HIS F 207 -1.35 -45.87 -51.43
N VAL F 208 -1.66 -46.97 -52.10
CA VAL F 208 -0.74 -48.09 -52.25
C VAL F 208 -0.58 -48.38 -53.74
N PRO F 209 0.48 -49.10 -54.12
CA PRO F 209 0.66 -49.43 -55.54
C PRO F 209 -0.50 -50.25 -56.09
N PHE F 210 -0.95 -49.90 -57.30
CA PHE F 210 -2.06 -50.61 -57.93
C PHE F 210 -1.63 -51.99 -58.39
N GLY F 211 -2.46 -52.99 -58.09
CA GLY F 211 -2.18 -54.37 -58.51
C GLY F 211 -1.29 -55.14 -57.54
N ASN F 212 -0.96 -54.55 -56.39
CA ASN F 212 -0.03 -55.14 -55.43
C ASN F 212 -0.82 -55.49 -54.17
N ILE F 213 -1.29 -56.73 -54.09
CA ILE F 213 -2.15 -57.15 -53.01
C ILE F 213 -1.44 -57.12 -51.65
N GLU F 214 -0.14 -57.41 -51.63
CA GLU F 214 0.60 -57.43 -50.38
C GLU F 214 0.81 -56.02 -49.82
N ALA F 215 1.03 -55.04 -50.70
CA ALA F 215 1.12 -53.66 -50.26
C ALA F 215 -0.19 -53.21 -49.60
N MET F 216 -1.32 -53.56 -50.21
CA MET F 216 -2.61 -53.17 -49.66
C MET F 216 -2.90 -53.88 -48.34
N ARG F 217 -2.60 -55.17 -48.28
CA ARG F 217 -2.72 -55.89 -47.00
C ARG F 217 -1.86 -55.23 -45.92
N THR F 218 -0.65 -54.82 -46.28
CA THR F 218 0.20 -54.09 -45.35
C THR F 218 -0.46 -52.82 -44.86
N ALA F 219 -1.05 -52.05 -45.79
CA ALA F 219 -1.70 -50.79 -45.41
C ALA F 219 -2.86 -51.03 -44.44
N LEU F 220 -3.69 -52.00 -44.75
CA LEU F 220 -4.82 -52.32 -43.87
C LEU F 220 -4.36 -52.79 -42.49
N ASN F 221 -3.35 -53.65 -42.45
CA ASN F 221 -2.87 -54.20 -41.19
C ASN F 221 -2.22 -53.12 -40.33
N GLU F 222 -1.42 -52.24 -40.95
CA GLU F 222 -0.80 -51.14 -40.22
C GLU F 222 -1.85 -50.16 -39.71
N CYS F 223 -2.85 -49.86 -40.55
CA CYS F 223 -3.93 -48.98 -40.12
C CYS F 223 -4.69 -49.58 -38.93
N LYS F 224 -4.86 -50.90 -38.90
CA LYS F 224 -5.50 -51.52 -37.75
C LYS F 224 -4.61 -51.47 -36.52
N LYS F 225 -3.32 -51.69 -36.70
CA LYS F 225 -2.38 -51.67 -35.57
C LYS F 225 -2.34 -50.28 -34.89
N THR F 226 -2.47 -49.22 -35.67
CA THR F 226 -2.33 -47.87 -35.16
C THR F 226 -3.66 -47.22 -34.79
N GLY F 227 -4.78 -47.95 -34.94
CA GLY F 227 -6.07 -47.40 -34.61
C GLY F 227 -6.68 -46.51 -35.68
N ASP F 228 -6.11 -46.50 -36.88
CA ASP F 228 -6.69 -45.77 -38.00
C ASP F 228 -7.37 -46.72 -38.97
N ASP F 229 -8.27 -47.55 -38.44
CA ASP F 229 -8.89 -48.63 -39.21
C ASP F 229 -9.55 -48.10 -40.48
N VAL F 230 -9.40 -48.85 -41.57
CA VAL F 230 -9.83 -48.41 -42.88
C VAL F 230 -11.35 -48.60 -43.02
N ALA F 231 -12.02 -47.53 -43.45
CA ALA F 231 -13.45 -47.58 -43.72
C ALA F 231 -13.73 -48.22 -45.07
N ALA F 232 -12.96 -47.88 -46.10
CA ALA F 232 -13.23 -48.38 -47.44
C ALA F 232 -11.96 -48.38 -48.27
N VAL F 233 -11.93 -49.29 -49.24
CA VAL F 233 -10.92 -49.30 -50.30
C VAL F 233 -11.63 -48.94 -51.60
N ILE F 234 -11.07 -48.00 -52.36
CA ILE F 234 -11.63 -47.57 -53.62
C ILE F 234 -10.58 -47.77 -54.72
N LEU F 235 -11.00 -48.37 -55.83
CA LEU F 235 -10.11 -48.59 -56.95
C LEU F 235 -10.90 -48.77 -58.23
N GLU F 236 -10.24 -48.49 -59.34
CA GLU F 236 -10.77 -48.85 -60.66
C GLU F 236 -10.39 -50.31 -60.94
N PRO F 237 -11.26 -51.07 -61.61
CA PRO F 237 -10.85 -52.43 -61.98
C PRO F 237 -9.70 -52.41 -63.00
N ILE F 238 -9.67 -51.39 -63.85
CA ILE F 238 -8.56 -51.13 -64.74
C ILE F 238 -8.36 -49.61 -64.76
N GLN F 239 -7.13 -49.17 -64.49
CA GLN F 239 -6.85 -47.74 -64.39
C GLN F 239 -6.84 -47.12 -65.79
N GLY F 240 -7.82 -46.27 -66.06
CA GLY F 240 -7.92 -45.60 -67.34
C GLY F 240 -6.86 -44.55 -67.57
N GLU F 241 -6.82 -43.54 -66.71
CA GLU F 241 -5.87 -42.43 -66.87
C GLU F 241 -4.44 -42.83 -66.53
N GLY F 242 -4.24 -43.94 -65.84
CA GLY F 242 -2.91 -44.46 -65.60
C GLY F 242 -2.21 -45.03 -66.80
N GLY F 243 -2.92 -45.12 -67.94
CA GLY F 243 -2.36 -45.68 -69.15
C GLY F 243 -2.95 -47.05 -69.48
N VAL F 244 -4.21 -47.27 -69.05
CA VAL F 244 -4.86 -48.56 -69.21
C VAL F 244 -3.99 -49.62 -68.53
N ILE F 245 -3.95 -49.59 -67.21
CA ILE F 245 -3.12 -50.48 -66.42
C ILE F 245 -3.93 -51.68 -65.98
N LEU F 246 -3.48 -52.88 -66.37
CA LEU F 246 -4.18 -54.12 -66.07
C LEU F 246 -3.59 -54.75 -64.81
N PRO F 247 -4.42 -55.05 -63.81
CA PRO F 247 -3.92 -55.73 -62.61
C PRO F 247 -3.68 -57.21 -62.90
N PRO F 248 -2.81 -57.86 -62.13
CA PRO F 248 -2.61 -59.29 -62.27
C PRO F 248 -3.92 -60.06 -62.09
N PRO F 249 -4.12 -61.15 -62.84
CA PRO F 249 -5.31 -61.98 -62.65
C PRO F 249 -5.54 -62.37 -61.19
N GLY F 250 -6.77 -62.20 -60.74
CA GLY F 250 -7.12 -62.49 -59.36
C GLY F 250 -6.96 -61.34 -58.38
N TYR F 251 -6.45 -60.20 -58.84
CA TYR F 251 -6.25 -59.05 -57.95
C TYR F 251 -7.56 -58.58 -57.35
N LEU F 252 -8.59 -58.41 -58.19
CA LEU F 252 -9.89 -57.92 -57.70
C LEU F 252 -10.50 -58.91 -56.69
N THR F 253 -10.39 -60.20 -56.97
CA THR F 253 -10.86 -61.21 -56.04
C THR F 253 -10.14 -61.11 -54.70
N ALA F 254 -8.81 -60.94 -54.74
CA ALA F 254 -8.01 -60.84 -53.52
C ALA F 254 -8.37 -59.56 -52.74
N VAL F 255 -8.66 -58.48 -53.45
CA VAL F 255 -9.05 -57.23 -52.80
C VAL F 255 -10.39 -57.42 -52.10
N ARG F 256 -11.36 -58.06 -52.77
CA ARG F 256 -12.63 -58.37 -52.12
C ARG F 256 -12.42 -59.21 -50.87
N LYS F 257 -11.63 -60.26 -50.98
CA LYS F 257 -11.36 -61.13 -49.82
C LYS F 257 -10.72 -60.32 -48.67
N LEU F 258 -9.82 -59.41 -49.03
CA LEU F 258 -9.13 -58.60 -48.03
C LEU F 258 -10.09 -57.65 -47.32
N CYS F 259 -10.94 -56.96 -48.08
CA CYS F 259 -11.95 -56.09 -47.51
C CYS F 259 -12.90 -56.88 -46.60
N ASP F 260 -13.30 -58.06 -47.04
CA ASP F 260 -14.12 -58.92 -46.20
C ASP F 260 -13.41 -59.27 -44.90
N GLU F 261 -12.10 -59.50 -44.99
CA GLU F 261 -11.34 -59.91 -43.81
C GLU F 261 -11.22 -58.78 -42.79
N PHE F 262 -10.88 -57.58 -43.24
CA PHE F 262 -10.70 -56.45 -42.34
C PHE F 262 -11.98 -55.69 -42.03
N GLY F 263 -13.10 -56.07 -42.63
CA GLY F 263 -14.34 -55.34 -42.44
C GLY F 263 -14.35 -53.95 -43.06
N ALA F 264 -13.63 -53.78 -44.17
CA ALA F 264 -13.67 -52.56 -44.96
C ALA F 264 -14.60 -52.73 -46.15
N LEU F 265 -15.16 -51.61 -46.61
CA LEU F 265 -16.00 -51.63 -47.80
C LEU F 265 -15.18 -51.55 -49.06
N MET F 266 -15.65 -52.23 -50.11
CA MET F 266 -15.01 -52.21 -51.41
C MET F 266 -15.80 -51.28 -52.34
N ILE F 267 -15.16 -50.22 -52.79
CA ILE F 267 -15.77 -49.26 -53.72
C ILE F 267 -15.09 -49.45 -55.06
N LEU F 268 -15.85 -49.92 -56.04
CA LEU F 268 -15.35 -50.09 -57.40
C LEU F 268 -15.74 -48.90 -58.26
N ASP F 269 -14.75 -48.20 -58.79
CA ASP F 269 -14.98 -47.06 -59.66
C ASP F 269 -14.98 -47.56 -61.10
N GLU F 270 -16.18 -47.77 -61.64
CA GLU F 270 -16.36 -48.21 -63.02
C GLU F 270 -16.90 -47.09 -63.91
N VAL F 271 -16.55 -45.84 -63.56
CA VAL F 271 -16.98 -44.69 -64.35
C VAL F 271 -16.50 -44.81 -65.79
N GLN F 272 -15.29 -45.33 -65.97
CA GLN F 272 -14.72 -45.47 -67.32
C GLN F 272 -14.87 -46.87 -67.92
N THR F 273 -14.67 -47.89 -67.10
CA THR F 273 -14.71 -49.27 -67.59
C THR F 273 -16.12 -49.84 -67.71
N GLY F 274 -17.12 -49.14 -67.17
CA GLY F 274 -18.47 -49.68 -67.15
C GLY F 274 -19.19 -49.54 -68.49
N MET F 275 -20.38 -50.13 -68.54
CA MET F 275 -21.25 -50.09 -69.71
C MET F 275 -20.61 -50.74 -70.94
N GLY F 276 -20.03 -51.92 -70.73
CA GLY F 276 -19.64 -52.81 -71.81
C GLY F 276 -18.29 -52.58 -72.45
N ARG F 277 -17.52 -51.59 -71.99
CA ARG F 277 -16.31 -51.21 -72.70
C ARG F 277 -15.23 -52.30 -72.66
N THR F 278 -15.11 -53.00 -71.54
CA THR F 278 -14.06 -53.99 -71.38
C THR F 278 -14.46 -55.39 -71.82
N GLY F 279 -15.51 -55.50 -72.62
CA GLY F 279 -15.97 -56.78 -73.13
C GLY F 279 -17.12 -57.39 -72.33
N LYS F 280 -17.34 -56.93 -71.11
CA LYS F 280 -18.50 -57.29 -70.33
C LYS F 280 -19.15 -56.01 -69.80
N MET F 281 -20.37 -56.15 -69.28
CA MET F 281 -21.14 -55.00 -68.85
C MET F 281 -20.38 -54.16 -67.85
N PHE F 282 -19.74 -54.81 -66.88
CA PHE F 282 -18.83 -54.16 -65.94
C PHE F 282 -17.56 -54.97 -65.86
N ALA F 283 -16.45 -54.30 -65.61
CA ALA F 283 -15.15 -54.97 -65.57
C ALA F 283 -15.09 -55.98 -64.42
N CYS F 284 -15.77 -55.68 -63.32
CA CYS F 284 -15.80 -56.59 -62.17
C CYS F 284 -16.43 -57.95 -62.52
N GLU F 285 -17.15 -58.03 -63.64
CA GLU F 285 -17.71 -59.33 -64.04
C GLU F 285 -16.68 -60.26 -64.66
N HIS F 286 -15.48 -59.76 -64.97
CA HIS F 286 -14.43 -60.65 -65.47
C HIS F 286 -13.99 -61.68 -64.43
N GLU F 287 -14.05 -61.31 -63.15
CA GLU F 287 -13.70 -62.21 -62.06
C GLU F 287 -14.89 -62.56 -61.18
N ASN F 288 -16.10 -62.14 -61.57
CA ASN F 288 -17.30 -62.30 -60.73
C ASN F 288 -17.06 -61.76 -59.30
N VAL F 289 -16.71 -60.48 -59.26
CA VAL F 289 -16.48 -59.78 -58.00
C VAL F 289 -17.61 -58.77 -57.81
N GLN F 290 -18.26 -58.83 -56.65
CA GLN F 290 -19.30 -57.86 -56.31
C GLN F 290 -18.76 -56.91 -55.25
N PRO F 291 -18.66 -55.61 -55.56
CA PRO F 291 -18.25 -54.66 -54.53
C PRO F 291 -19.43 -54.33 -53.61
N ASP F 292 -19.12 -53.58 -52.55
CA ASP F 292 -20.19 -53.04 -51.72
C ASP F 292 -20.82 -51.81 -52.37
N ILE F 293 -20.01 -51.03 -53.09
CA ILE F 293 -20.46 -49.81 -53.76
C ILE F 293 -19.86 -49.79 -55.16
N LEU F 294 -20.69 -49.48 -56.16
CA LEU F 294 -20.29 -49.43 -57.56
C LEU F 294 -20.61 -48.06 -58.13
N CYS F 295 -19.64 -47.47 -58.83
CA CYS F 295 -19.76 -46.13 -59.39
C CYS F 295 -19.84 -46.18 -60.91
N LEU F 296 -20.85 -45.52 -61.46
CA LEU F 296 -21.09 -45.46 -62.89
C LEU F 296 -21.30 -44.03 -63.34
N ALA F 297 -20.88 -43.73 -64.56
CA ALA F 297 -21.17 -42.48 -65.23
C ALA F 297 -20.85 -42.58 -66.71
N LYS F 298 -20.49 -41.46 -67.32
CA LYS F 298 -20.07 -41.40 -68.72
C LYS F 298 -21.04 -42.13 -69.65
N ALA F 299 -20.65 -43.34 -70.05
CA ALA F 299 -21.40 -44.13 -71.01
C ALA F 299 -22.83 -44.41 -70.57
N LEU F 300 -23.12 -44.30 -69.27
CA LEU F 300 -24.48 -44.54 -68.80
C LEU F 300 -25.46 -43.52 -69.38
N GLY F 301 -24.94 -42.37 -69.85
CA GLY F 301 -25.76 -41.37 -70.49
C GLY F 301 -26.03 -41.59 -71.96
N GLY F 302 -25.49 -42.68 -72.53
CA GLY F 302 -25.70 -42.99 -73.93
C GLY F 302 -25.13 -42.00 -74.92
N GLY F 303 -24.16 -41.19 -74.48
CA GLY F 303 -23.61 -40.15 -75.32
C GLY F 303 -24.60 -39.03 -75.65
N VAL F 304 -25.69 -38.95 -74.90
CA VAL F 304 -26.68 -37.89 -75.07
C VAL F 304 -26.84 -37.04 -73.82
N MET F 305 -26.92 -37.67 -72.66
CA MET F 305 -27.19 -36.97 -71.40
C MET F 305 -26.06 -37.13 -70.40
N PRO F 306 -25.88 -36.15 -69.50
CA PRO F 306 -25.01 -36.35 -68.34
C PRO F 306 -25.74 -37.09 -67.22
N ILE F 307 -25.07 -38.07 -66.63
CA ILE F 307 -25.68 -38.86 -65.57
C ILE F 307 -24.57 -39.55 -64.77
N GLY F 308 -24.86 -39.83 -63.51
CA GLY F 308 -24.02 -40.68 -62.69
C GLY F 308 -24.90 -41.53 -61.79
N ALA F 309 -24.36 -42.65 -61.36
CA ALA F 309 -25.10 -43.59 -60.52
C ALA F 309 -24.18 -44.23 -59.51
N THR F 310 -24.61 -44.27 -58.26
CA THR F 310 -23.90 -44.97 -57.20
C THR F 310 -24.82 -46.08 -56.68
N ILE F 311 -24.45 -47.32 -56.95
CA ILE F 311 -25.25 -48.48 -56.56
C ILE F 311 -24.59 -49.14 -55.36
N ALA F 312 -25.39 -49.55 -54.39
CA ALA F 312 -24.85 -50.18 -53.19
C ALA F 312 -25.79 -51.27 -52.70
N THR F 313 -25.24 -52.15 -51.86
CA THR F 313 -26.04 -53.14 -51.16
C THR F 313 -26.98 -52.44 -50.17
N GLU F 314 -28.10 -53.08 -49.88
CA GLU F 314 -29.03 -52.58 -48.88
C GLU F 314 -28.35 -52.39 -47.52
N GLU F 315 -27.42 -53.26 -47.19
CA GLU F 315 -26.71 -53.18 -45.92
C GLU F 315 -26.04 -51.81 -45.74
N VAL F 316 -25.37 -51.32 -46.79
CA VAL F 316 -24.70 -50.03 -46.68
C VAL F 316 -25.64 -48.88 -47.04
N PHE F 317 -26.44 -49.04 -48.08
CA PHE F 317 -27.32 -47.96 -48.52
C PHE F 317 -28.38 -47.60 -47.49
N SER F 318 -28.70 -48.53 -46.58
CA SER F 318 -29.70 -48.29 -45.56
C SER F 318 -29.36 -47.12 -44.62
N VAL F 319 -28.14 -46.61 -44.66
CA VAL F 319 -27.77 -45.45 -43.84
C VAL F 319 -28.49 -44.18 -44.26
N LEU F 320 -29.23 -44.22 -45.38
CA LEU F 320 -30.00 -43.08 -45.85
C LEU F 320 -31.50 -43.28 -45.73
N PHE F 321 -31.95 -44.36 -45.07
CA PHE F 321 -33.38 -44.64 -44.99
C PHE F 321 -34.09 -43.77 -43.98
N ASP F 322 -33.48 -43.56 -42.81
CA ASP F 322 -34.09 -42.75 -41.76
C ASP F 322 -34.21 -41.27 -42.15
N ASN F 323 -33.25 -40.79 -42.94
CA ASN F 323 -33.25 -39.40 -43.40
C ASN F 323 -32.92 -39.39 -44.88
N PRO F 324 -33.93 -39.40 -45.74
CA PRO F 324 -33.69 -39.49 -47.19
C PRO F 324 -33.02 -38.26 -47.79
N PHE F 325 -32.95 -37.16 -47.04
CA PHE F 325 -32.31 -35.94 -47.52
C PHE F 325 -30.87 -35.82 -47.03
N LEU F 326 -30.36 -36.85 -46.36
CA LEU F 326 -28.98 -36.83 -45.87
C LEU F 326 -27.97 -36.60 -46.99
N HIS F 327 -28.24 -37.14 -48.17
CA HIS F 327 -27.46 -36.85 -49.36
C HIS F 327 -28.38 -36.71 -50.55
N THR F 328 -28.33 -35.56 -51.20
CA THR F 328 -29.13 -35.27 -52.39
C THR F 328 -28.26 -34.53 -53.39
N THR F 329 -28.81 -34.25 -54.56
CA THR F 329 -28.15 -33.45 -55.57
C THR F 329 -29.23 -32.83 -56.45
N THR F 330 -28.96 -31.63 -56.93
CA THR F 330 -30.00 -30.78 -57.50
C THR F 330 -30.74 -31.48 -58.66
N PHE F 331 -30.00 -31.95 -59.66
CA PHE F 331 -30.64 -32.47 -60.86
C PHE F 331 -30.69 -34.00 -60.93
N GLY F 332 -30.10 -34.68 -59.94
CA GLY F 332 -29.92 -36.13 -60.00
C GLY F 332 -31.17 -36.94 -60.29
N GLY F 333 -31.07 -37.85 -61.26
CA GLY F 333 -32.19 -38.71 -61.61
C GLY F 333 -33.29 -38.04 -62.40
N ASN F 334 -32.98 -36.96 -63.11
CA ASN F 334 -34.00 -36.28 -63.90
C ASN F 334 -34.51 -37.17 -65.02
N PRO F 335 -35.77 -36.99 -65.45
CA PRO F 335 -36.35 -37.89 -66.46
C PRO F 335 -35.56 -38.00 -67.77
N LEU F 336 -34.95 -36.91 -68.23
CA LEU F 336 -34.15 -36.98 -69.45
C LEU F 336 -32.97 -37.94 -69.30
N ALA F 337 -32.21 -37.76 -68.23
CA ALA F 337 -31.05 -38.63 -67.98
C ALA F 337 -31.47 -40.09 -67.82
N CYS F 338 -32.56 -40.33 -67.07
CA CYS F 338 -33.03 -41.68 -66.88
C CYS F 338 -33.47 -42.33 -68.20
N ALA F 339 -34.18 -41.57 -69.04
CA ALA F 339 -34.57 -42.05 -70.36
C ALA F 339 -33.33 -42.45 -71.17
N ALA F 340 -32.33 -41.57 -71.18
CA ALA F 340 -31.08 -41.87 -71.86
C ALA F 340 -30.48 -43.18 -71.35
N ALA F 341 -30.38 -43.32 -70.03
CA ALA F 341 -29.74 -44.49 -69.43
C ALA F 341 -30.48 -45.77 -69.78
N LEU F 342 -31.81 -45.76 -69.64
CA LEU F 342 -32.60 -46.95 -69.97
C LEU F 342 -32.44 -47.32 -71.44
N ALA F 343 -32.46 -46.33 -72.32
CA ALA F 343 -32.23 -46.58 -73.74
C ALA F 343 -30.84 -47.19 -73.96
N THR F 344 -29.85 -46.73 -73.23
CA THR F 344 -28.49 -47.22 -73.41
C THR F 344 -28.35 -48.68 -72.96
N ILE F 345 -28.92 -48.99 -71.80
CA ILE F 345 -28.92 -50.36 -71.31
C ILE F 345 -29.63 -51.27 -72.32
N ASN F 346 -30.76 -50.80 -72.86
CA ASN F 346 -31.49 -51.57 -73.86
C ASN F 346 -30.64 -51.82 -75.10
N VAL F 347 -29.99 -50.78 -75.61
CA VAL F 347 -29.17 -50.93 -76.81
C VAL F 347 -28.02 -51.90 -76.57
N LEU F 348 -27.33 -51.74 -75.44
CA LEU F 348 -26.21 -52.62 -75.12
C LEU F 348 -26.65 -54.08 -75.01
N LEU F 349 -27.80 -54.33 -74.40
CA LEU F 349 -28.22 -55.72 -74.24
C LEU F 349 -28.80 -56.32 -75.51
N GLU F 350 -29.54 -55.54 -76.30
CA GLU F 350 -30.15 -56.11 -77.51
C GLU F 350 -29.16 -56.39 -78.63
N GLN F 351 -28.16 -55.53 -78.75
CA GLN F 351 -27.13 -55.71 -79.79
C GLN F 351 -25.89 -56.42 -79.26
N ASN F 352 -25.94 -56.89 -78.00
CA ASN F 352 -24.80 -57.53 -77.33
C ASN F 352 -23.49 -56.80 -77.62
N LEU F 353 -23.51 -55.49 -77.39
CA LEU F 353 -22.34 -54.67 -77.62
C LEU F 353 -21.11 -55.01 -76.76
N PRO F 354 -21.27 -55.56 -75.54
CA PRO F 354 -20.06 -56.03 -74.83
C PRO F 354 -19.25 -57.07 -75.61
N ALA F 355 -19.91 -58.11 -76.11
CA ALA F 355 -19.21 -59.15 -76.88
C ALA F 355 -18.54 -58.55 -78.12
N GLN F 356 -19.27 -57.71 -78.84
CA GLN F 356 -18.69 -56.99 -79.96
C GLN F 356 -17.44 -56.23 -79.53
N ALA F 357 -17.51 -55.58 -78.37
CA ALA F 357 -16.35 -54.85 -77.85
C ALA F 357 -15.18 -55.79 -77.61
N GLU F 358 -15.45 -57.01 -77.18
CA GLU F 358 -14.37 -57.99 -77.01
C GLU F 358 -13.75 -58.35 -78.37
N GLN F 359 -14.58 -58.62 -79.38
CA GLN F 359 -14.06 -58.99 -80.68
C GLN F 359 -13.25 -57.87 -81.34
N LYS F 360 -13.90 -56.73 -81.54
CA LYS F 360 -13.23 -55.57 -82.15
C LYS F 360 -12.02 -55.12 -81.33
N GLY F 361 -12.12 -55.24 -80.01
CA GLY F 361 -10.97 -54.95 -79.16
C GLY F 361 -9.80 -55.86 -79.43
N ASP F 362 -10.06 -57.17 -79.50
CA ASP F 362 -9.00 -58.13 -79.84
C ASP F 362 -8.38 -57.80 -81.19
N MET F 363 -9.20 -57.43 -82.17
CA MET F 363 -8.69 -57.13 -83.50
C MET F 363 -7.77 -55.89 -83.47
N LEU F 364 -8.28 -54.79 -82.90
CA LEU F 364 -7.50 -53.56 -82.84
C LEU F 364 -6.21 -53.74 -82.03
N LEU F 365 -6.29 -54.46 -80.92
CA LEU F 365 -5.09 -54.70 -80.11
C LEU F 365 -4.08 -55.58 -80.83
N ASP F 366 -4.56 -56.55 -81.62
CA ASP F 366 -3.67 -57.32 -82.48
C ASP F 366 -2.91 -56.41 -83.44
N GLY F 367 -3.65 -55.56 -84.14
CA GLY F 367 -3.02 -54.60 -85.04
C GLY F 367 -1.98 -53.73 -84.34
N PHE F 368 -2.36 -53.18 -83.19
CA PHE F 368 -1.46 -52.30 -82.44
C PHE F 368 -0.23 -53.02 -81.94
N ARG F 369 -0.37 -54.28 -81.55
CA ARG F 369 0.81 -55.04 -81.10
C ARG F 369 1.74 -55.34 -82.27
N GLN F 370 1.18 -55.62 -83.44
CA GLN F 370 2.02 -55.84 -84.61
C GLN F 370 2.79 -54.56 -84.98
N LEU F 371 2.09 -53.43 -85.00
CA LEU F 371 2.77 -52.15 -85.19
C LEU F 371 3.79 -51.89 -84.09
N ALA F 372 3.53 -52.38 -82.89
CA ALA F 372 4.45 -52.19 -81.77
C ALA F 372 5.76 -52.93 -82.00
N ARG F 373 5.71 -54.16 -82.49
CA ARG F 373 6.96 -54.85 -82.80
C ARG F 373 7.61 -54.32 -84.06
N GLU F 374 6.83 -53.80 -84.99
CA GLU F 374 7.45 -53.20 -86.19
C GLU F 374 8.11 -51.86 -85.90
N TYR F 375 7.68 -51.15 -84.86
CA TYR F 375 8.22 -49.84 -84.51
C TYR F 375 8.64 -49.80 -83.04
N PRO F 376 9.67 -50.58 -82.66
CA PRO F 376 10.14 -50.50 -81.28
C PRO F 376 10.92 -49.22 -80.98
N ASP F 377 11.34 -48.49 -82.01
CA ASP F 377 12.01 -47.21 -81.83
C ASP F 377 11.05 -46.12 -81.35
N LEU F 378 9.73 -46.32 -81.51
CA LEU F 378 8.74 -45.33 -81.13
C LEU F 378 7.73 -45.85 -80.12
N VAL F 379 7.32 -47.10 -80.25
CA VAL F 379 6.30 -47.69 -79.38
C VAL F 379 6.98 -48.56 -78.34
N GLN F 380 6.66 -48.32 -77.07
CA GLN F 380 7.14 -49.18 -75.99
C GLN F 380 6.29 -50.45 -75.88
N GLU F 381 4.97 -50.28 -75.80
CA GLU F 381 4.05 -51.40 -75.78
C GLU F 381 2.63 -50.91 -75.99
N ALA F 382 1.78 -51.81 -76.47
CA ALA F 382 0.34 -51.58 -76.58
C ALA F 382 -0.39 -52.54 -75.66
N ARG F 383 -1.41 -52.02 -74.98
CA ARG F 383 -2.17 -52.81 -74.02
C ARG F 383 -3.64 -52.46 -74.12
N GLY F 384 -4.48 -53.30 -73.56
CA GLY F 384 -5.91 -53.04 -73.57
C GLY F 384 -6.71 -54.21 -73.10
N LYS F 385 -8.00 -53.95 -72.92
CA LYS F 385 -9.00 -54.97 -72.61
C LYS F 385 -10.31 -54.52 -73.20
N GLY F 386 -10.92 -55.36 -74.01
CA GLY F 386 -12.08 -54.95 -74.79
C GLY F 386 -11.72 -53.74 -75.64
N MET F 387 -12.56 -52.71 -75.59
CA MET F 387 -12.34 -51.48 -76.35
C MET F 387 -11.78 -50.36 -75.49
N LEU F 388 -11.05 -50.71 -74.43
CA LEU F 388 -10.29 -49.76 -73.64
C LEU F 388 -8.83 -50.09 -73.84
N MET F 389 -8.16 -49.32 -74.71
CA MET F 389 -6.79 -49.67 -75.08
C MET F 389 -5.91 -48.44 -74.99
N ALA F 390 -4.61 -48.67 -75.07
CA ALA F 390 -3.63 -47.59 -75.02
C ALA F 390 -2.35 -48.03 -75.70
N ILE F 391 -1.62 -47.05 -76.24
CA ILE F 391 -0.29 -47.25 -76.77
C ILE F 391 0.65 -46.33 -76.00
N GLU F 392 1.61 -46.93 -75.31
CA GLU F 392 2.63 -46.16 -74.59
C GLU F 392 3.85 -46.02 -75.48
N PHE F 393 4.34 -44.79 -75.62
CA PHE F 393 5.47 -44.50 -76.48
C PHE F 393 6.74 -44.32 -75.66
N VAL F 394 7.84 -44.09 -76.35
CA VAL F 394 9.14 -43.95 -75.70
C VAL F 394 9.25 -42.60 -74.98
N ASP F 395 8.83 -41.53 -75.65
CA ASP F 395 8.80 -40.20 -75.05
C ASP F 395 7.39 -39.64 -75.01
N ASN F 396 7.25 -38.46 -74.43
CA ASN F 396 5.98 -37.72 -74.51
C ASN F 396 5.86 -37.00 -75.84
N GLU F 397 6.96 -36.46 -76.33
CA GLU F 397 7.01 -35.84 -77.65
C GLU F 397 6.59 -36.83 -78.74
N ILE F 398 7.01 -38.09 -78.61
CA ILE F 398 6.67 -39.10 -79.60
C ILE F 398 5.15 -39.33 -79.65
N GLY F 399 4.56 -39.63 -78.50
CA GLY F 399 3.11 -39.78 -78.42
C GLY F 399 2.38 -38.50 -78.85
N TYR F 400 2.97 -37.35 -78.61
CA TYR F 400 2.43 -36.09 -79.08
C TYR F 400 2.35 -36.06 -80.60
N ASN F 401 3.47 -36.36 -81.26
CA ASN F 401 3.50 -36.45 -82.71
C ASN F 401 2.55 -37.52 -83.24
N PHE F 402 2.32 -38.57 -82.47
CA PHE F 402 1.35 -39.58 -82.88
C PHE F 402 -0.06 -39.03 -82.88
N ALA F 403 -0.44 -38.36 -81.79
CA ALA F 403 -1.76 -37.73 -81.72
C ALA F 403 -1.95 -36.73 -82.86
N SER F 404 -0.89 -35.95 -83.14
CA SER F 404 -0.98 -34.95 -84.21
C SER F 404 -1.14 -35.63 -85.59
N GLU F 405 -0.32 -36.66 -85.84
CA GLU F 405 -0.37 -37.34 -87.13
C GLU F 405 -1.68 -38.07 -87.35
N MET F 406 -2.27 -38.60 -86.27
CA MET F 406 -3.58 -39.23 -86.37
C MET F 406 -4.66 -38.18 -86.60
N PHE F 407 -4.52 -37.01 -85.98
CA PHE F 407 -5.48 -35.94 -86.19
C PHE F 407 -5.45 -35.44 -87.63
N ARG F 408 -4.26 -35.40 -88.23
CA ARG F 408 -4.11 -35.01 -89.62
C ARG F 408 -4.79 -35.99 -90.58
N GLN F 409 -4.76 -37.28 -90.23
CA GLN F 409 -5.46 -38.30 -91.00
C GLN F 409 -6.92 -38.46 -90.57
N ARG F 410 -7.43 -37.48 -89.81
CA ARG F 410 -8.84 -37.44 -89.43
C ARG F 410 -9.26 -38.68 -88.64
N VAL F 411 -8.37 -39.11 -87.73
CA VAL F 411 -8.70 -40.10 -86.71
C VAL F 411 -8.46 -39.43 -85.36
N LEU F 412 -9.49 -39.38 -84.52
CA LEU F 412 -9.44 -38.73 -83.23
C LEU F 412 -8.84 -39.62 -82.16
N VAL F 413 -7.76 -39.14 -81.53
CA VAL F 413 -7.15 -39.79 -80.37
C VAL F 413 -6.72 -38.69 -79.41
N ALA F 414 -6.52 -39.09 -78.15
CA ALA F 414 -6.05 -38.15 -77.13
C ALA F 414 -5.23 -38.87 -76.08
N GLY F 415 -4.49 -38.07 -75.31
CA GLY F 415 -3.66 -38.59 -74.21
C GLY F 415 -4.46 -38.97 -72.97
N THR F 416 -3.73 -39.36 -71.94
CA THR F 416 -4.31 -39.78 -70.66
C THR F 416 -3.84 -38.89 -69.53
N LEU F 417 -4.79 -38.48 -68.68
CA LEU F 417 -4.53 -37.42 -67.70
C LEU F 417 -3.36 -37.73 -66.76
N ASN F 418 -3.19 -38.99 -66.40
CA ASN F 418 -2.11 -39.36 -65.47
C ASN F 418 -0.89 -39.94 -66.16
N ASN F 419 -0.91 -40.06 -67.49
CA ASN F 419 0.22 -40.70 -68.18
C ASN F 419 0.55 -39.90 -69.44
N ALA F 420 1.70 -39.24 -69.44
CA ALA F 420 2.05 -38.31 -70.52
C ALA F 420 2.63 -39.02 -71.75
N LYS F 421 3.11 -40.25 -71.58
CA LYS F 421 3.68 -41.00 -72.70
C LYS F 421 2.65 -41.89 -73.41
N THR F 422 1.43 -41.94 -72.88
CA THR F 422 0.43 -42.90 -73.34
C THR F 422 -0.68 -42.19 -74.10
N ILE F 423 -1.09 -42.79 -75.21
CA ILE F 423 -2.24 -42.31 -75.99
C ILE F 423 -3.32 -43.39 -75.89
N ARG F 424 -4.54 -42.98 -75.53
CA ARG F 424 -5.61 -43.94 -75.39
C ARG F 424 -6.35 -44.14 -76.72
N ILE F 425 -6.79 -45.37 -76.94
CA ILE F 425 -7.71 -45.70 -78.01
C ILE F 425 -8.98 -46.22 -77.36
N GLU F 426 -10.04 -45.41 -77.47
CA GLU F 426 -11.31 -45.67 -76.79
C GLU F 426 -12.47 -45.35 -77.73
N PRO F 427 -12.57 -46.08 -78.85
CA PRO F 427 -13.61 -45.78 -79.83
C PRO F 427 -14.97 -46.32 -79.38
N PRO F 428 -16.06 -45.89 -80.03
CA PRO F 428 -17.36 -46.48 -79.68
C PRO F 428 -17.38 -47.99 -79.88
N LEU F 429 -18.23 -48.66 -79.12
CA LEU F 429 -18.37 -50.09 -79.26
C LEU F 429 -19.04 -50.47 -80.58
N THR F 430 -19.68 -49.50 -81.23
CA THR F 430 -20.33 -49.64 -82.51
C THR F 430 -19.39 -49.40 -83.70
N LEU F 431 -18.11 -49.23 -83.44
CA LEU F 431 -17.12 -49.05 -84.51
C LEU F 431 -17.16 -50.24 -85.47
N THR F 432 -17.20 -49.96 -86.75
CA THR F 432 -17.29 -51.03 -87.74
C THR F 432 -15.91 -51.60 -88.07
N ILE F 433 -15.90 -52.82 -88.59
CA ILE F 433 -14.67 -53.49 -88.96
C ILE F 433 -13.89 -52.71 -90.00
N GLU F 434 -14.60 -52.15 -90.98
CA GLU F 434 -13.98 -51.27 -91.97
C GLU F 434 -13.21 -50.13 -91.29
N GLN F 435 -13.85 -49.49 -90.32
CA GLN F 435 -13.19 -48.40 -89.61
C GLN F 435 -12.06 -48.91 -88.72
N CYS F 436 -12.16 -50.15 -88.24
CA CYS F 436 -11.05 -50.76 -87.51
C CYS F 436 -9.81 -50.87 -88.40
N GLU F 437 -9.98 -51.42 -89.60
CA GLU F 437 -8.88 -51.49 -90.54
C GLU F 437 -8.36 -50.09 -90.91
N LEU F 438 -9.27 -49.13 -91.08
CA LEU F 438 -8.87 -47.77 -91.41
C LEU F 438 -8.02 -47.15 -90.30
N VAL F 439 -8.38 -47.41 -89.05
CA VAL F 439 -7.61 -46.81 -87.95
C VAL F 439 -6.27 -47.53 -87.79
N ILE F 440 -6.22 -48.83 -88.04
CA ILE F 440 -4.92 -49.53 -88.02
C ILE F 440 -3.99 -48.97 -89.09
N LYS F 441 -4.51 -48.80 -90.31
CA LYS F 441 -3.68 -48.22 -91.38
C LYS F 441 -3.25 -46.79 -91.05
N ALA F 442 -4.17 -46.01 -90.49
CA ALA F 442 -3.84 -44.65 -90.06
C ALA F 442 -2.69 -44.65 -89.03
N ALA F 443 -2.75 -45.59 -88.08
CA ALA F 443 -1.67 -45.72 -87.11
C ALA F 443 -0.36 -46.09 -87.80
N ARG F 444 -0.43 -46.93 -88.83
CA ARG F 444 0.77 -47.32 -89.56
C ARG F 444 1.42 -46.10 -90.23
N LYS F 445 0.63 -45.33 -90.96
CA LYS F 445 1.16 -44.15 -91.64
C LYS F 445 1.69 -43.14 -90.64
N ALA F 446 1.00 -43.00 -89.51
CA ALA F 446 1.48 -42.13 -88.43
C ALA F 446 2.88 -42.55 -87.96
N LEU F 447 3.04 -43.83 -87.60
CA LEU F 447 4.33 -44.29 -87.12
C LEU F 447 5.42 -44.15 -88.19
N ALA F 448 5.08 -44.39 -89.44
CA ALA F 448 6.04 -44.22 -90.53
C ALA F 448 6.54 -42.76 -90.59
N ALA F 449 5.60 -41.81 -90.61
CA ALA F 449 5.98 -40.40 -90.63
C ALA F 449 6.85 -40.03 -89.40
N MET F 450 6.51 -40.60 -88.25
CA MET F 450 7.24 -40.29 -87.04
C MET F 450 8.65 -40.86 -87.06
N ARG F 451 8.82 -42.05 -87.66
CA ARG F 451 10.16 -42.62 -87.81
C ARG F 451 11.00 -41.75 -88.73
N GLN F 452 10.44 -41.35 -89.86
CA GLN F 452 11.14 -40.42 -90.74
C GLN F 452 11.61 -39.16 -89.96
N GLN F 453 10.73 -38.68 -89.07
CA GLN F 453 11.05 -37.45 -88.35
C GLN F 453 12.19 -37.65 -87.34
N VAL F 454 12.06 -38.68 -86.50
CA VAL F 454 13.07 -38.94 -85.47
C VAL F 454 14.42 -39.23 -86.12
N ALA F 455 14.41 -39.92 -87.26
CA ALA F 455 15.63 -40.11 -88.04
C ALA F 455 16.22 -38.77 -88.42
N PHE F 456 15.36 -37.86 -88.92
CA PHE F 456 15.84 -36.55 -89.37
C PHE F 456 16.55 -35.76 -88.25
N TYR F 457 15.98 -35.82 -87.04
CA TYR F 457 16.61 -35.12 -85.93
C TYR F 457 17.89 -35.80 -85.46
N GLU F 458 17.83 -37.12 -85.28
CA GLU F 458 19.00 -37.87 -84.82
C GLU F 458 20.19 -37.68 -85.73
N ILE F 459 19.94 -37.61 -87.03
CA ILE F 459 21.04 -37.31 -87.94
C ILE F 459 21.47 -35.88 -87.81
N LEU F 460 20.55 -34.99 -87.45
CA LEU F 460 20.97 -33.57 -87.26
C LEU F 460 21.96 -33.39 -86.08
N HIS F 461 21.91 -34.25 -85.07
CA HIS F 461 22.76 -34.01 -83.90
C HIS F 461 24.03 -34.83 -83.82
N LEU F 462 24.23 -35.79 -84.70
CA LEU F 462 25.45 -36.63 -84.66
C LEU F 462 26.70 -35.74 -84.82
N PRO F 463 27.66 -35.78 -83.88
CA PRO F 463 28.78 -34.85 -83.91
C PRO F 463 29.91 -35.14 -84.91
N ASN F 464 30.20 -36.40 -85.13
CA ASN F 464 31.41 -36.79 -85.88
C ASN F 464 31.17 -36.89 -87.37
N LEU F 465 30.76 -35.77 -87.96
CA LEU F 465 30.63 -35.66 -89.43
C LEU F 465 30.62 -34.23 -89.82
N ASN F 466 31.19 -33.95 -90.98
CA ASN F 466 31.37 -32.54 -91.41
C ASN F 466 30.04 -31.91 -91.76
N GLU F 467 30.05 -30.62 -92.03
CA GLU F 467 28.80 -29.88 -92.24
C GLU F 467 28.10 -30.21 -93.57
N GLU F 468 28.90 -30.67 -94.54
CA GLU F 468 28.37 -31.10 -95.82
C GLU F 468 27.94 -32.57 -95.79
N GLN F 469 28.56 -33.40 -94.95
CA GLN F 469 28.15 -34.78 -94.79
C GLN F 469 26.66 -34.90 -94.29
N ARG F 470 26.33 -33.98 -93.36
CA ARG F 470 24.94 -33.85 -92.97
C ARG F 470 24.06 -33.52 -94.17
N ASN F 471 24.37 -32.43 -94.85
CA ASN F 471 23.52 -31.94 -95.93
C ASN F 471 23.36 -32.95 -97.05
N ALA F 472 24.34 -33.82 -97.26
CA ALA F 472 24.09 -35.01 -98.10
C ALA F 472 22.98 -35.88 -97.50
N PHE F 473 23.05 -36.12 -96.21
CA PHE F 473 22.07 -37.01 -95.57
C PHE F 473 20.68 -36.35 -95.51
N ILE F 474 20.60 -35.13 -95.00
CA ILE F 474 19.36 -34.38 -94.94
C ILE F 474 18.73 -34.15 -96.33
N GLN F 475 19.61 -33.98 -97.29
CA GLN F 475 19.17 -33.89 -98.68
C GLN F 475 18.49 -35.19 -99.09
N SER F 476 19.16 -36.32 -98.88
CA SER F 476 18.62 -37.58 -99.43
C SER F 476 17.31 -37.95 -98.77
N LEU F 477 17.19 -37.75 -97.47
CA LEU F 477 15.96 -38.18 -96.78
C LEU F 477 14.68 -37.52 -97.36
N LYS F 478 14.82 -36.32 -97.92
CA LYS F 478 13.67 -35.59 -98.42
C LYS F 478 13.14 -36.14 -99.75
N ASP F 479 14.00 -36.35 -100.73
CA ASP F 479 13.57 -36.78 -102.04
C ASP F 479 13.70 -38.28 -102.26
N ASP F 480 14.37 -38.98 -101.37
CA ASP F 480 14.39 -40.46 -101.38
C ASP F 480 13.97 -41.01 -100.01
N PRO F 481 12.70 -40.69 -99.56
CA PRO F 481 12.25 -41.21 -98.24
C PRO F 481 11.93 -42.69 -98.32
N SER F 482 12.75 -43.44 -99.05
CA SER F 482 12.70 -44.86 -99.17
C SER F 482 13.64 -45.49 -98.15
N GLN F 483 14.93 -45.16 -98.27
CA GLN F 483 15.94 -45.47 -97.26
C GLN F 483 15.70 -44.51 -96.10
N SER F 484 15.31 -45.04 -94.93
CA SER F 484 14.94 -44.22 -93.78
C SER F 484 15.63 -44.74 -92.50
N ALA F 485 15.10 -45.81 -91.88
CA ALA F 485 15.77 -46.45 -90.76
C ALA F 485 17.18 -46.94 -91.16
N ASN F 486 17.27 -47.51 -92.36
CA ASN F 486 18.51 -47.86 -92.98
C ASN F 486 19.40 -46.64 -93.23
N LEU F 487 18.83 -45.51 -93.67
CA LEU F 487 19.62 -44.30 -93.82
C LEU F 487 20.16 -43.82 -92.49
N LEU F 488 19.33 -43.81 -91.46
CA LEU F 488 19.79 -43.46 -90.13
C LEU F 488 20.96 -44.35 -89.73
N ALA F 489 20.80 -45.65 -89.98
CA ALA F 489 21.89 -46.62 -89.85
C ALA F 489 23.15 -46.12 -90.56
N GLU F 490 23.01 -45.70 -91.81
CA GLU F 490 24.16 -45.16 -92.54
C GLU F 490 24.79 -44.01 -91.77
N ALA F 491 23.97 -43.07 -91.32
CA ALA F 491 24.46 -41.92 -90.55
C ALA F 491 25.32 -42.37 -89.39
N LYS F 492 24.77 -43.24 -88.55
CA LYS F 492 25.52 -43.72 -87.39
C LYS F 492 26.73 -44.55 -87.82
N LYS F 493 26.58 -45.32 -88.91
CA LYS F 493 27.67 -46.17 -89.36
C LYS F 493 28.82 -45.35 -89.82
N LEU F 494 28.64 -44.10 -90.22
CA LEU F 494 29.79 -43.20 -90.44
C LEU F 494 30.21 -42.53 -89.14
N ASN F 495 29.24 -42.02 -88.38
CA ASN F 495 29.55 -41.28 -87.16
C ASN F 495 30.39 -42.09 -86.16
N ASP F 496 30.11 -43.38 -86.05
CA ASP F 496 30.87 -44.22 -85.11
C ASP F 496 32.28 -44.55 -85.65
N ALA F 497 32.40 -44.59 -86.98
CA ALA F 497 33.72 -44.80 -87.58
C ALA F 497 34.55 -43.53 -87.56
N GLN F 498 33.88 -42.38 -87.72
CA GLN F 498 34.59 -41.08 -87.63
C GLN F 498 34.73 -40.62 -86.20
N ALA F 499 34.37 -41.46 -85.20
CA ALA F 499 34.48 -41.08 -83.80
C ALA F 499 35.94 -40.96 -83.33
N LYS G 8 -51.18 -42.62 -32.22
CA LYS G 8 -51.81 -41.34 -32.60
C LYS G 8 -52.07 -41.27 -34.07
N GLU G 9 -51.95 -42.40 -34.78
CA GLU G 9 -52.47 -42.57 -36.12
C GLU G 9 -54.02 -42.52 -36.18
N THR G 10 -54.64 -42.60 -35.00
CA THR G 10 -56.06 -42.39 -34.86
C THR G 10 -56.44 -40.99 -35.34
N GLN G 11 -55.58 -40.01 -35.11
CA GLN G 11 -55.86 -38.62 -35.38
C GLN G 11 -56.05 -38.33 -36.89
N GLU G 12 -55.10 -38.78 -37.69
CA GLU G 12 -55.18 -38.60 -39.13
C GLU G 12 -56.44 -39.24 -39.70
N ALA G 13 -56.71 -40.47 -39.30
CA ALA G 13 -57.90 -41.18 -39.80
C ALA G 13 -59.15 -40.38 -39.42
N SER G 14 -59.25 -39.98 -38.16
CA SER G 14 -60.43 -39.27 -37.69
C SER G 14 -60.66 -37.98 -38.45
N TRP G 15 -59.57 -37.25 -38.73
CA TRP G 15 -59.71 -35.97 -39.47
C TRP G 15 -60.05 -36.20 -40.94
N GLU G 16 -59.50 -37.25 -41.54
CA GLU G 16 -59.86 -37.57 -42.92
C GLU G 16 -61.33 -37.97 -43.03
N ILE G 17 -61.84 -38.68 -42.02
CA ILE G 17 -63.26 -38.96 -41.96
C ILE G 17 -64.05 -37.65 -41.79
N PHE G 18 -63.51 -36.75 -40.98
CA PHE G 18 -64.22 -35.52 -40.64
C PHE G 18 -64.42 -34.63 -41.86
N THR G 19 -63.41 -34.55 -42.73
CA THR G 19 -63.44 -33.62 -43.84
C THR G 19 -64.12 -34.15 -45.09
N LEU G 20 -64.66 -35.36 -45.05
CA LEU G 20 -65.36 -35.90 -46.21
C LEU G 20 -66.53 -35.01 -46.60
N PRO G 21 -66.52 -34.46 -47.83
CA PRO G 21 -67.36 -33.28 -48.12
C PRO G 21 -68.86 -33.55 -48.12
N ASN G 22 -69.28 -34.79 -48.43
CA ASN G 22 -70.70 -35.06 -48.60
C ASN G 22 -71.40 -35.61 -47.36
N LEU G 23 -70.67 -35.85 -46.27
CA LEU G 23 -71.26 -36.29 -45.00
C LEU G 23 -71.64 -35.07 -44.17
N ASN G 24 -72.70 -35.20 -43.41
CA ASN G 24 -73.08 -34.19 -42.43
C ASN G 24 -72.49 -34.54 -41.07
N GLY G 25 -72.79 -33.69 -40.09
CA GLY G 25 -72.15 -33.77 -38.78
C GLY G 25 -72.47 -35.03 -38.00
N ARG G 26 -73.69 -35.50 -38.10
CA ARG G 26 -74.11 -36.68 -37.32
C ARG G 26 -73.38 -37.93 -37.80
N GLN G 27 -73.17 -38.06 -39.12
CA GLN G 27 -72.47 -39.21 -39.66
C GLN G 27 -71.00 -39.23 -39.31
N VAL G 28 -70.33 -38.14 -39.54
CA VAL G 28 -68.91 -38.00 -39.15
C VAL G 28 -68.77 -38.20 -37.64
N ALA G 29 -69.77 -37.74 -36.88
CA ALA G 29 -69.75 -37.91 -35.42
C ALA G 29 -69.85 -39.38 -35.03
N ALA G 30 -70.78 -40.10 -35.65
CA ALA G 30 -70.92 -41.54 -35.41
C ALA G 30 -69.59 -42.25 -35.72
N PHE G 31 -69.05 -41.97 -36.89
CA PHE G 31 -67.77 -42.59 -37.28
C PHE G 31 -66.65 -42.28 -36.29
N ILE G 32 -66.54 -41.02 -35.89
CA ILE G 32 -65.42 -40.62 -35.04
C ILE G 32 -65.53 -41.24 -33.67
N SER G 33 -66.72 -41.17 -33.06
CA SER G 33 -66.89 -41.77 -31.73
C SER G 33 -66.68 -43.28 -31.77
N SER G 34 -67.23 -43.95 -32.77
CA SER G 34 -66.97 -45.37 -32.97
C SER G 34 -65.48 -45.64 -33.16
N LEU G 35 -64.73 -44.68 -33.72
CA LEU G 35 -63.29 -44.84 -33.89
C LEU G 35 -62.52 -44.66 -32.56
N LEU G 36 -62.98 -43.70 -31.75
CA LEU G 36 -62.35 -43.45 -30.46
C LEU G 36 -62.56 -44.62 -29.51
N ASP G 37 -63.72 -45.29 -29.61
CA ASP G 37 -63.97 -46.43 -28.76
C ASP G 37 -63.06 -47.64 -29.13
N ASP G 38 -62.76 -47.78 -30.41
CA ASP G 38 -61.91 -48.86 -30.89
C ASP G 38 -60.97 -48.34 -31.96
N PRO G 39 -59.81 -47.79 -31.58
CA PRO G 39 -58.88 -47.29 -32.59
C PRO G 39 -58.32 -48.37 -33.53
N SER G 40 -58.24 -49.62 -33.06
CA SER G 40 -57.80 -50.75 -33.89
C SER G 40 -58.76 -51.08 -35.06
N GLN G 41 -59.62 -50.13 -35.41
CA GLN G 41 -60.52 -50.21 -36.53
C GLN G 41 -60.41 -49.01 -37.47
N SER G 42 -59.39 -48.15 -37.31
CA SER G 42 -59.28 -46.95 -38.08
C SER G 42 -59.39 -47.20 -39.59
N ALA G 43 -58.64 -48.19 -40.08
CA ALA G 43 -58.63 -48.50 -41.50
C ALA G 43 -60.01 -48.93 -41.99
N ASN G 44 -60.80 -49.56 -41.12
CA ASN G 44 -62.09 -50.08 -41.55
C ASN G 44 -63.13 -48.98 -41.68
N LEU G 45 -63.35 -48.23 -40.58
CA LEU G 45 -64.34 -47.15 -40.62
C LEU G 45 -63.99 -46.13 -41.69
N LEU G 46 -62.72 -45.73 -41.75
CA LEU G 46 -62.25 -44.82 -42.80
C LEU G 46 -62.61 -45.34 -44.19
N ALA G 47 -62.58 -46.67 -44.38
CA ALA G 47 -63.07 -47.23 -45.62
C ALA G 47 -64.58 -47.02 -45.78
N GLU G 48 -65.36 -47.54 -44.83
CA GLU G 48 -66.81 -47.46 -44.93
C GLU G 48 -67.33 -46.02 -44.84
N ALA G 49 -66.51 -45.13 -44.28
CA ALA G 49 -66.81 -43.70 -44.36
C ALA G 49 -66.67 -43.22 -45.80
N LYS G 50 -65.50 -43.44 -46.40
CA LYS G 50 -65.25 -42.98 -47.77
C LYS G 50 -66.33 -43.50 -48.72
N LYS G 51 -66.53 -44.83 -48.71
CA LYS G 51 -67.60 -45.41 -49.48
C LYS G 51 -68.93 -44.69 -49.26
N LEU G 52 -69.28 -44.48 -47.98
CA LEU G 52 -70.54 -43.81 -47.68
C LEU G 52 -70.59 -42.42 -48.34
N ASN G 53 -69.48 -41.66 -48.17
CA ASN G 53 -69.33 -40.40 -48.86
C ASN G 53 -69.76 -40.57 -50.32
N GLN G 54 -69.09 -41.50 -50.99
CA GLN G 54 -69.34 -41.76 -52.40
C GLN G 54 -70.83 -41.98 -52.69
N ILE G 55 -71.48 -42.85 -51.93
CA ILE G 55 -72.88 -43.15 -52.25
C ILE G 55 -73.76 -41.93 -52.06
N GLN G 56 -73.45 -41.13 -51.04
CA GLN G 56 -74.18 -39.88 -50.85
C GLN G 56 -74.07 -38.96 -52.07
N ALA G 57 -72.83 -38.89 -52.63
CA ALA G 57 -72.63 -38.05 -53.81
C ALA G 57 -73.58 -38.42 -54.97
N PHE G 58 -74.02 -39.66 -54.99
CA PHE G 58 -74.96 -40.08 -56.04
C PHE G 58 -76.40 -39.77 -55.68
N LYS G 59 -76.73 -39.88 -54.38
CA LYS G 59 -78.03 -39.46 -53.87
C LYS G 59 -78.44 -38.08 -54.41
N GLU G 60 -77.48 -37.19 -54.52
CA GLU G 60 -77.66 -35.85 -55.06
C GLU G 60 -78.41 -35.85 -56.40
N ALA G 61 -77.88 -36.59 -57.37
CA ALA G 61 -78.54 -36.69 -58.68
C ALA G 61 -79.97 -37.18 -58.51
N PHE G 62 -80.16 -38.20 -57.66
CA PHE G 62 -81.49 -38.68 -57.38
C PHE G 62 -82.41 -37.60 -56.87
N SER G 63 -81.94 -36.80 -55.93
CA SER G 63 -82.72 -35.73 -55.36
C SER G 63 -83.23 -34.82 -56.47
N LEU G 64 -82.43 -34.64 -57.53
CA LEU G 64 -82.84 -33.76 -58.63
C LEU G 64 -84.01 -34.34 -59.44
N PHE G 65 -84.05 -35.65 -59.59
CA PHE G 65 -85.19 -36.22 -60.29
C PHE G 65 -86.40 -36.41 -59.36
N ASP G 66 -86.12 -36.67 -58.07
CA ASP G 66 -87.16 -37.08 -57.10
C ASP G 66 -87.70 -35.84 -56.39
N LYS G 67 -88.43 -35.03 -57.15
CA LYS G 67 -88.85 -33.69 -56.72
C LYS G 67 -89.61 -33.72 -55.39
N ASP G 68 -90.45 -34.73 -55.16
CA ASP G 68 -91.22 -34.80 -53.94
C ASP G 68 -90.53 -35.58 -52.81
N GLY G 69 -89.32 -36.08 -53.07
CA GLY G 69 -88.51 -36.67 -52.04
C GLY G 69 -89.02 -37.97 -51.44
N ASP G 70 -89.93 -38.67 -52.14
CA ASP G 70 -90.52 -39.87 -51.60
C ASP G 70 -89.71 -41.14 -51.89
N GLY G 71 -88.51 -40.97 -52.43
CA GLY G 71 -87.61 -42.09 -52.65
C GLY G 71 -87.86 -42.90 -53.90
N THR G 72 -88.86 -42.51 -54.71
CA THR G 72 -89.11 -43.20 -55.97
C THR G 72 -89.33 -42.16 -57.04
N ILE G 73 -88.88 -42.46 -58.27
CA ILE G 73 -89.00 -41.57 -59.39
C ILE G 73 -90.07 -42.05 -60.35
N THR G 74 -90.98 -41.16 -60.71
CA THR G 74 -92.09 -41.46 -61.58
C THR G 74 -91.85 -40.95 -62.99
N THR G 75 -92.73 -41.36 -63.90
CA THR G 75 -92.76 -40.81 -65.24
C THR G 75 -93.01 -39.30 -65.20
N LYS G 76 -93.77 -38.82 -64.22
CA LYS G 76 -93.99 -37.40 -64.10
C LYS G 76 -92.73 -36.62 -63.71
N GLU G 77 -91.95 -37.19 -62.80
CA GLU G 77 -90.76 -36.52 -62.32
C GLU G 77 -89.66 -36.61 -63.35
N LEU G 78 -89.36 -37.83 -63.82
CA LEU G 78 -88.58 -38.00 -65.06
C LEU G 78 -88.99 -36.97 -66.07
N GLY G 79 -90.29 -36.94 -66.37
CA GLY G 79 -90.83 -36.05 -67.39
C GLY G 79 -90.46 -34.60 -67.18
N THR G 80 -90.65 -34.08 -65.99
CA THR G 80 -90.30 -32.67 -65.76
C THR G 80 -88.80 -32.47 -65.85
N VAL G 81 -87.97 -33.46 -65.57
CA VAL G 81 -86.52 -33.29 -65.76
C VAL G 81 -86.19 -33.25 -67.24
N MET G 82 -86.68 -34.23 -68.01
CA MET G 82 -86.47 -34.22 -69.46
C MET G 82 -86.95 -32.90 -70.09
N ARG G 83 -88.14 -32.47 -69.70
CA ARG G 83 -88.67 -31.21 -70.17
C ARG G 83 -87.86 -30.04 -69.68
N SER G 84 -87.22 -30.15 -68.52
CA SER G 84 -86.24 -29.15 -68.09
C SER G 84 -85.08 -29.07 -69.07
N LEU G 85 -84.69 -30.20 -69.66
CA LEU G 85 -83.64 -30.14 -70.67
C LEU G 85 -83.99 -29.48 -71.99
N GLY G 86 -85.16 -28.88 -72.11
CA GLY G 86 -85.63 -28.42 -73.43
C GLY G 86 -86.19 -29.53 -74.31
N GLN G 87 -86.33 -30.74 -73.78
CA GLN G 87 -86.91 -31.85 -74.48
C GLN G 87 -88.43 -31.85 -74.33
N ASN G 88 -89.11 -32.74 -75.04
CA ASN G 88 -90.56 -32.87 -74.93
C ASN G 88 -90.96 -34.33 -75.07
N PRO G 89 -90.68 -35.14 -74.05
CA PRO G 89 -90.98 -36.57 -74.17
C PRO G 89 -92.46 -36.86 -74.09
N THR G 90 -92.88 -37.95 -74.70
CA THR G 90 -94.24 -38.44 -74.57
C THR G 90 -94.31 -39.45 -73.44
N GLU G 91 -95.52 -39.73 -72.97
CA GLU G 91 -95.75 -40.75 -71.99
C GLU G 91 -95.30 -42.11 -72.50
N ALA G 92 -95.41 -42.37 -73.81
CA ALA G 92 -94.88 -43.59 -74.40
C ALA G 92 -93.36 -43.63 -74.28
N GLU G 93 -92.69 -42.51 -74.60
CA GLU G 93 -91.23 -42.44 -74.48
C GLU G 93 -90.79 -42.63 -73.04
N LEU G 94 -91.39 -41.90 -72.12
CA LEU G 94 -91.05 -42.03 -70.70
C LEU G 94 -91.30 -43.46 -70.23
N GLN G 95 -92.41 -44.04 -70.63
CA GLN G 95 -92.74 -45.42 -70.27
C GLN G 95 -91.70 -46.41 -70.81
N ASP G 96 -91.23 -46.20 -72.03
CA ASP G 96 -90.17 -47.05 -72.57
C ASP G 96 -88.88 -46.91 -71.79
N MET G 97 -88.48 -45.67 -71.52
CA MET G 97 -87.26 -45.41 -70.72
C MET G 97 -87.32 -46.16 -69.40
N ILE G 98 -88.44 -46.04 -68.67
CA ILE G 98 -88.56 -46.76 -67.40
C ILE G 98 -88.56 -48.27 -67.64
N ASN G 99 -89.29 -48.74 -68.64
CA ASN G 99 -89.38 -50.16 -68.93
C ASN G 99 -88.03 -50.80 -69.23
N GLU G 100 -87.07 -50.03 -69.74
CA GLU G 100 -85.78 -50.59 -70.13
C GLU G 100 -84.95 -51.06 -68.93
N VAL G 101 -85.14 -50.45 -67.78
CA VAL G 101 -84.34 -50.78 -66.59
C VAL G 101 -85.21 -51.23 -65.41
N ASP G 102 -86.53 -51.31 -65.60
CA ASP G 102 -87.46 -51.71 -64.56
C ASP G 102 -87.29 -53.18 -64.17
N ALA G 103 -86.27 -53.47 -63.38
CA ALA G 103 -85.92 -54.86 -63.04
C ALA G 103 -87.09 -55.58 -62.34
N ASP G 104 -87.82 -54.86 -61.52
CA ASP G 104 -88.87 -55.44 -60.69
C ASP G 104 -90.27 -55.21 -61.25
N GLY G 105 -90.37 -54.56 -62.41
CA GLY G 105 -91.66 -54.35 -63.06
C GLY G 105 -92.71 -53.61 -62.25
N ASN G 106 -92.31 -52.69 -61.38
CA ASN G 106 -93.27 -51.89 -60.63
C ASN G 106 -93.57 -50.54 -61.29
N GLY G 107 -92.92 -50.24 -62.42
CA GLY G 107 -93.24 -49.06 -63.20
C GLY G 107 -92.58 -47.76 -62.76
N THR G 108 -91.79 -47.81 -61.69
CA THR G 108 -91.07 -46.65 -61.19
C THR G 108 -89.60 -47.02 -61.08
N ILE G 109 -88.76 -46.01 -60.87
CA ILE G 109 -87.32 -46.19 -60.81
C ILE G 109 -86.87 -46.02 -59.38
N ASP G 110 -86.24 -47.06 -58.83
CA ASP G 110 -85.69 -46.95 -57.48
C ASP G 110 -84.24 -46.52 -57.58
N PHE G 111 -83.52 -46.62 -56.46
CA PHE G 111 -82.10 -46.24 -56.39
C PHE G 111 -81.22 -46.95 -57.43
N PRO G 112 -81.11 -48.29 -57.34
CA PRO G 112 -80.17 -48.93 -58.29
C PRO G 112 -80.62 -48.71 -59.70
N GLU G 113 -81.84 -49.07 -60.09
CA GLU G 113 -82.34 -48.85 -61.47
C GLU G 113 -81.95 -47.47 -62.02
N PHE G 114 -81.82 -46.47 -61.17
CA PHE G 114 -81.21 -45.22 -61.57
C PHE G 114 -79.69 -45.33 -61.71
N LEU G 115 -79.06 -46.11 -60.86
CA LEU G 115 -77.63 -46.35 -61.00
C LEU G 115 -77.35 -47.13 -62.27
N THR G 116 -78.16 -48.12 -62.61
CA THR G 116 -78.09 -48.88 -63.84
C THR G 116 -78.42 -47.99 -65.06
N MET G 117 -79.40 -47.11 -64.92
CA MET G 117 -79.68 -46.13 -65.94
C MET G 117 -78.46 -45.27 -66.21
N MET G 118 -77.84 -44.79 -65.13
CA MET G 118 -76.62 -44.00 -65.23
C MET G 118 -75.50 -44.81 -65.86
N ALA G 119 -75.41 -46.10 -65.52
CA ALA G 119 -74.42 -46.98 -66.13
C ALA G 119 -74.64 -47.14 -67.64
N ARG G 120 -75.91 -47.35 -68.03
CA ARG G 120 -76.28 -47.40 -69.43
C ARG G 120 -76.32 -45.99 -70.04
N LYS H 8 15.20 -25.18 -79.14
CA LYS H 8 13.87 -25.82 -79.17
C LYS H 8 13.12 -25.35 -80.41
N GLU H 9 13.19 -24.05 -80.66
CA GLU H 9 12.43 -23.47 -81.77
C GLU H 9 13.20 -23.63 -83.06
N THR H 10 14.54 -23.72 -82.99
CA THR H 10 15.34 -24.07 -84.15
C THR H 10 14.91 -25.43 -84.71
N GLN H 11 14.53 -26.34 -83.82
CA GLN H 11 14.08 -27.67 -84.26
C GLN H 11 12.70 -27.59 -84.89
N GLU H 12 11.75 -26.94 -84.25
CA GLU H 12 10.40 -26.80 -84.81
C GLU H 12 10.46 -26.13 -86.20
N ALA H 13 11.24 -25.04 -86.30
CA ALA H 13 11.57 -24.49 -87.60
C ALA H 13 12.14 -25.55 -88.55
N SER H 14 13.08 -26.34 -88.05
CA SER H 14 13.77 -27.32 -88.88
C SER H 14 12.78 -28.34 -89.49
N TRP H 15 11.78 -28.74 -88.72
CA TRP H 15 10.81 -29.69 -89.22
C TRP H 15 9.78 -29.04 -90.10
N GLU H 16 9.35 -27.82 -89.76
CA GLU H 16 8.38 -27.12 -90.60
C GLU H 16 8.95 -26.83 -92.00
N ILE H 17 10.20 -26.42 -92.05
CA ILE H 17 10.86 -26.24 -93.34
C ILE H 17 11.09 -27.59 -93.99
N PHE H 18 11.42 -28.60 -93.20
CA PHE H 18 11.69 -29.92 -93.79
C PHE H 18 10.47 -30.54 -94.47
N THR H 19 9.31 -30.31 -93.92
CA THR H 19 8.07 -30.90 -94.43
C THR H 19 7.42 -30.13 -95.56
N LEU H 20 8.02 -29.03 -96.00
CA LEU H 20 7.45 -28.24 -97.09
C LEU H 20 7.42 -29.13 -98.34
N PRO H 21 6.23 -29.29 -98.96
CA PRO H 21 6.08 -30.27 -100.02
C PRO H 21 6.85 -29.99 -101.32
N ASN H 22 7.14 -28.73 -101.62
CA ASN H 22 7.67 -28.41 -102.95
C ASN H 22 9.10 -27.91 -102.90
N LEU H 23 9.94 -28.57 -102.13
CA LEU H 23 11.39 -28.33 -102.07
C LEU H 23 12.14 -29.65 -102.10
N ASN H 24 13.30 -29.64 -102.72
CA ASN H 24 14.11 -30.85 -102.77
C ASN H 24 15.04 -30.94 -101.55
N GLY H 25 15.79 -32.02 -101.47
CA GLY H 25 16.71 -32.20 -100.36
C GLY H 25 17.85 -31.18 -100.29
N ARG H 26 18.31 -30.73 -101.46
CA ARG H 26 19.41 -29.75 -101.47
C ARG H 26 18.91 -28.42 -100.96
N GLN H 27 17.70 -28.01 -101.34
CA GLN H 27 17.15 -26.75 -100.88
C GLN H 27 16.89 -26.75 -99.34
N VAL H 28 16.17 -27.78 -98.88
CA VAL H 28 15.84 -27.83 -97.47
C VAL H 28 17.11 -28.04 -96.66
N ALA H 29 18.05 -28.79 -97.17
CA ALA H 29 19.32 -29.03 -96.46
C ALA H 29 20.13 -27.77 -96.39
N ALA H 30 20.24 -27.02 -97.48
CA ALA H 30 20.91 -25.72 -97.47
C ALA H 30 20.32 -24.82 -96.39
N PHE H 31 18.99 -24.67 -96.41
CA PHE H 31 18.33 -23.88 -95.38
C PHE H 31 18.61 -24.37 -93.97
N ILE H 32 18.49 -25.67 -93.75
CA ILE H 32 18.83 -26.28 -92.46
C ILE H 32 20.25 -25.92 -92.00
N SER H 33 21.17 -25.84 -92.94
CA SER H 33 22.52 -25.38 -92.62
C SER H 33 22.47 -23.92 -92.13
N SER H 34 21.75 -23.08 -92.88
CA SER H 34 21.66 -21.68 -92.49
C SER H 34 20.99 -21.53 -91.09
N LEU H 35 20.11 -22.46 -90.75
CA LEU H 35 19.40 -22.39 -89.49
C LEU H 35 20.22 -22.95 -88.36
N LEU H 36 21.02 -23.96 -88.59
CA LEU H 36 21.90 -24.48 -87.52
C LEU H 36 22.99 -23.47 -87.22
N ASP H 37 23.44 -22.73 -88.23
CA ASP H 37 24.42 -21.69 -87.95
C ASP H 37 23.76 -20.47 -87.29
N ASP H 38 22.46 -20.27 -87.50
CA ASP H 38 21.76 -19.10 -86.97
C ASP H 38 20.39 -19.51 -86.40
N PRO H 39 20.35 -19.90 -85.12
CA PRO H 39 19.06 -19.98 -84.42
C PRO H 39 18.33 -18.63 -84.30
N SER H 40 19.01 -17.51 -84.54
CA SER H 40 18.42 -16.18 -84.40
C SER H 40 17.65 -15.76 -85.64
N GLN H 41 18.20 -16.00 -86.83
CA GLN H 41 17.53 -15.72 -88.09
C GLN H 41 16.65 -16.84 -88.58
N SER H 42 15.66 -17.18 -87.75
CA SER H 42 14.76 -18.32 -88.06
C SER H 42 13.48 -17.90 -88.76
N ALA H 43 12.55 -17.33 -87.98
CA ALA H 43 11.20 -17.02 -88.46
C ALA H 43 11.15 -16.20 -89.76
N ASN H 44 12.19 -15.44 -89.99
CA ASN H 44 12.44 -14.77 -91.27
C ASN H 44 12.99 -15.72 -92.30
N LEU H 45 14.02 -16.46 -91.97
CA LEU H 45 14.48 -17.57 -92.83
C LEU H 45 13.34 -18.55 -93.07
N LEU H 46 12.64 -18.91 -92.00
CA LEU H 46 11.44 -19.75 -92.11
C LEU H 46 10.43 -19.13 -93.09
N ALA H 47 10.25 -17.81 -93.02
CA ALA H 47 9.33 -17.11 -93.88
C ALA H 47 9.72 -17.20 -95.35
N GLU H 48 10.97 -16.89 -95.66
CA GLU H 48 11.42 -16.93 -97.06
C GLU H 48 11.49 -18.35 -97.57
N ALA H 49 11.70 -19.34 -96.69
CA ALA H 49 11.62 -20.74 -97.10
C ALA H 49 10.21 -21.13 -97.51
N LYS H 50 9.25 -20.87 -96.63
CA LYS H 50 7.83 -21.08 -96.99
C LYS H 50 7.48 -20.34 -98.30
N LYS H 51 7.81 -19.07 -98.39
CA LYS H 51 7.63 -18.31 -99.61
C LYS H 51 8.22 -19.04 -100.81
N LEU H 52 9.44 -19.53 -100.69
CA LEU H 52 10.08 -20.32 -101.74
C LEU H 52 9.20 -21.50 -102.14
N ASN H 53 8.63 -22.20 -101.18
CA ASN H 53 7.66 -23.24 -101.48
C ASN H 53 6.50 -22.74 -102.30
N GLN H 54 5.94 -21.60 -101.90
CA GLN H 54 4.85 -20.96 -102.66
C GLN H 54 5.26 -20.79 -104.13
N ILE H 55 6.46 -20.24 -104.37
CA ILE H 55 6.86 -20.01 -105.75
C ILE H 55 7.03 -21.34 -106.49
N GLN H 56 7.61 -22.33 -105.84
CA GLN H 56 7.85 -23.62 -106.50
C GLN H 56 6.55 -24.26 -106.94
N ALA H 57 5.57 -24.31 -106.07
CA ALA H 57 4.26 -24.91 -106.44
C ALA H 57 3.62 -24.07 -107.53
N PHE H 58 3.74 -22.74 -107.46
CA PHE H 58 3.22 -21.91 -108.54
C PHE H 58 3.89 -22.30 -109.88
N LYS H 59 5.19 -22.60 -109.83
CA LYS H 59 5.91 -23.02 -111.02
C LYS H 59 5.26 -24.28 -111.58
N GLU H 60 5.01 -25.26 -110.71
CA GLU H 60 4.41 -26.52 -111.16
C GLU H 60 3.10 -26.31 -111.87
N ALA H 61 2.15 -25.68 -111.19
CA ALA H 61 0.80 -25.47 -111.78
C ALA H 61 0.91 -24.77 -113.12
N PHE H 62 1.75 -23.72 -113.15
CA PHE H 62 2.02 -22.99 -114.37
C PHE H 62 2.49 -23.91 -115.48
N SER H 63 3.46 -24.77 -115.17
CA SER H 63 3.96 -25.71 -116.15
C SER H 63 2.85 -26.53 -116.75
N LEU H 64 1.89 -26.95 -115.91
CA LEU H 64 0.77 -27.74 -116.44
C LEU H 64 -0.21 -26.88 -117.17
N PHE H 65 -0.06 -25.57 -117.12
CA PHE H 65 -0.86 -24.68 -117.94
C PHE H 65 -0.12 -24.25 -119.22
N ASP H 66 1.19 -24.42 -119.25
CA ASP H 66 2.04 -24.23 -120.43
C ASP H 66 2.12 -25.54 -121.22
N LYS H 67 1.06 -25.82 -121.98
CA LYS H 67 0.90 -27.13 -122.62
C LYS H 67 2.09 -27.63 -123.42
N ASP H 68 2.77 -26.74 -124.14
CA ASP H 68 3.91 -27.20 -124.98
C ASP H 68 5.24 -27.07 -124.27
N GLY H 69 5.23 -26.62 -123.02
CA GLY H 69 6.43 -26.58 -122.19
C GLY H 69 7.51 -25.63 -122.62
N ASP H 70 7.19 -24.64 -123.46
CA ASP H 70 8.23 -23.76 -123.99
C ASP H 70 8.54 -22.56 -123.10
N GLY H 71 7.95 -22.55 -121.90
CA GLY H 71 8.25 -21.51 -120.92
C GLY H 71 7.47 -20.23 -121.10
N THR H 72 6.60 -20.15 -122.10
CA THR H 72 5.77 -18.96 -122.28
C THR H 72 4.35 -19.38 -122.57
N ILE H 73 3.39 -18.60 -122.09
CA ILE H 73 1.99 -18.90 -122.28
C ILE H 73 1.38 -17.96 -123.34
N THR H 74 0.69 -18.57 -124.30
CA THR H 74 0.03 -17.85 -125.36
C THR H 74 -1.48 -17.76 -125.12
N THR H 75 -2.11 -16.94 -125.95
CA THR H 75 -3.56 -16.81 -125.93
C THR H 75 -4.26 -18.16 -126.20
N LYS H 76 -3.66 -19.00 -127.03
CA LYS H 76 -4.29 -20.30 -127.27
C LYS H 76 -4.15 -21.22 -126.10
N GLU H 77 -2.99 -21.20 -125.43
CA GLU H 77 -2.85 -22.06 -124.25
C GLU H 77 -3.80 -21.62 -123.12
N LEU H 78 -3.76 -20.31 -122.88
CA LEU H 78 -4.73 -19.65 -122.01
C LEU H 78 -6.09 -20.16 -122.36
N GLY H 79 -6.50 -19.83 -123.58
CA GLY H 79 -7.72 -20.27 -124.24
C GLY H 79 -8.04 -21.72 -124.00
N THR H 80 -7.02 -22.60 -124.10
CA THR H 80 -7.27 -24.00 -123.84
C THR H 80 -7.80 -24.22 -122.41
N VAL H 81 -7.10 -23.61 -121.44
CA VAL H 81 -7.53 -23.77 -120.06
C VAL H 81 -8.91 -23.09 -119.81
N MET H 82 -9.06 -21.87 -120.26
CA MET H 82 -10.34 -21.16 -120.11
C MET H 82 -11.48 -21.97 -120.71
N ARG H 83 -11.31 -22.47 -121.93
CA ARG H 83 -12.34 -23.30 -122.53
C ARG H 83 -12.54 -24.60 -121.73
N SER H 84 -11.43 -25.15 -121.23
CA SER H 84 -11.51 -26.37 -120.45
C SER H 84 -12.32 -26.19 -119.17
N LEU H 85 -12.16 -25.04 -118.53
CA LEU H 85 -12.96 -24.76 -117.33
C LEU H 85 -14.38 -24.30 -117.67
N GLY H 86 -14.97 -24.86 -118.71
CA GLY H 86 -16.35 -24.59 -119.09
C GLY H 86 -16.63 -23.22 -119.70
N GLN H 87 -15.57 -22.43 -119.94
CA GLN H 87 -15.75 -21.09 -120.45
C GLN H 87 -15.55 -21.12 -121.97
N ASN H 88 -15.85 -19.98 -122.60
CA ASN H 88 -15.69 -19.83 -124.04
C ASN H 88 -15.16 -18.44 -124.36
N PRO H 89 -13.87 -18.20 -124.10
CA PRO H 89 -13.33 -16.86 -124.32
C PRO H 89 -13.18 -16.55 -125.80
N THR H 90 -13.26 -15.25 -126.10
CA THR H 90 -13.01 -14.77 -127.44
C THR H 90 -11.55 -14.42 -127.61
N GLU H 91 -11.12 -14.28 -128.86
CA GLU H 91 -9.72 -13.91 -129.10
C GLU H 91 -9.38 -12.55 -128.43
N ALA H 92 -10.33 -11.62 -128.51
CA ALA H 92 -10.14 -10.30 -127.93
C ALA H 92 -10.03 -10.35 -126.40
N GLU H 93 -10.83 -11.20 -125.77
CA GLU H 93 -10.76 -11.35 -124.32
C GLU H 93 -9.40 -11.88 -123.87
N LEU H 94 -8.94 -12.95 -124.52
CA LEU H 94 -7.62 -13.51 -124.20
C LEU H 94 -6.52 -12.46 -124.38
N GLN H 95 -6.61 -11.69 -125.47
CA GLN H 95 -5.61 -10.66 -125.74
C GLN H 95 -5.64 -9.56 -124.68
N ASP H 96 -6.84 -9.16 -124.23
CA ASP H 96 -6.93 -8.18 -123.15
C ASP H 96 -6.28 -8.71 -121.87
N MET H 97 -6.64 -9.95 -121.49
CA MET H 97 -6.04 -10.55 -120.30
C MET H 97 -4.50 -10.47 -120.35
N ILE H 98 -3.91 -10.88 -121.47
CA ILE H 98 -2.47 -10.85 -121.56
C ILE H 98 -1.93 -9.42 -121.54
N ASN H 99 -2.59 -8.54 -122.29
CA ASN H 99 -2.20 -7.13 -122.37
C ASN H 99 -2.18 -6.44 -121.02
N GLU H 100 -3.00 -6.89 -120.07
CA GLU H 100 -3.07 -6.22 -118.77
C GLU H 100 -1.78 -6.37 -117.96
N VAL H 101 -1.05 -7.45 -118.17
CA VAL H 101 0.15 -7.76 -117.39
C VAL H 101 1.40 -7.91 -118.25
N ASP H 102 1.27 -7.72 -119.57
CA ASP H 102 2.37 -7.85 -120.51
C ASP H 102 3.40 -6.74 -120.33
N ALA H 103 4.23 -6.86 -119.30
CA ALA H 103 5.21 -5.82 -118.96
C ALA H 103 6.15 -5.49 -120.12
N ASP H 104 6.52 -6.51 -120.88
CA ASP H 104 7.51 -6.35 -121.95
C ASP H 104 6.90 -6.26 -123.34
N GLY H 105 5.57 -6.27 -123.42
CA GLY H 105 4.88 -6.14 -124.70
C GLY H 105 5.25 -7.14 -125.79
N ASN H 106 5.60 -8.37 -125.41
CA ASN H 106 5.86 -9.41 -126.40
C ASN H 106 4.64 -10.28 -126.71
N GLY H 107 3.52 -10.04 -126.03
CA GLY H 107 2.26 -10.69 -126.36
C GLY H 107 2.03 -12.05 -125.72
N THR H 108 3.01 -12.56 -124.97
CA THR H 108 2.90 -13.83 -124.27
C THR H 108 3.20 -13.58 -122.79
N ILE H 109 2.92 -14.60 -121.97
CA ILE H 109 3.07 -14.50 -120.53
C ILE H 109 4.26 -15.33 -120.11
N ASP H 110 5.22 -14.70 -119.47
CA ASP H 110 6.34 -15.43 -118.91
C ASP H 110 6.00 -15.79 -117.46
N PHE H 111 6.99 -16.23 -116.73
CA PHE H 111 6.84 -16.61 -115.35
C PHE H 111 6.27 -15.52 -114.42
N PRO H 112 7.02 -14.40 -114.27
CA PRO H 112 6.54 -13.39 -113.32
C PRO H 112 5.16 -12.89 -113.73
N GLU H 113 5.02 -12.35 -114.95
CA GLU H 113 3.75 -11.83 -115.46
C GLU H 113 2.56 -12.71 -115.07
N PHE H 114 2.78 -14.03 -115.08
CA PHE H 114 1.78 -14.95 -114.56
C PHE H 114 1.57 -14.71 -113.05
N LEU H 115 2.70 -14.55 -112.31
CA LEU H 115 2.53 -14.20 -110.90
C LEU H 115 1.79 -12.86 -110.73
N THR H 116 2.01 -11.92 -111.66
CA THR H 116 1.37 -10.62 -111.62
C THR H 116 -0.12 -10.71 -111.93
N MET H 117 -0.48 -11.59 -112.85
CA MET H 117 -1.88 -11.92 -113.09
C MET H 117 -2.53 -12.39 -111.79
N MET H 118 -1.84 -13.24 -111.03
CA MET H 118 -2.44 -13.72 -109.80
C MET H 118 -2.54 -12.62 -108.75
N ALA H 119 -1.51 -11.79 -108.64
CA ALA H 119 -1.49 -10.67 -107.69
C ALA H 119 -2.65 -9.68 -107.96
N SER I 5 28.47 19.11 1.51
CA SER I 5 29.72 18.46 1.94
C SER I 5 29.67 16.94 1.75
N ALA I 6 29.54 16.21 2.86
CA ALA I 6 29.31 14.79 2.86
C ALA I 6 27.90 14.49 3.36
N SER I 7 27.39 13.33 2.97
CA SER I 7 26.09 12.87 3.44
C SER I 7 26.24 12.27 4.83
N ALA I 8 25.11 12.22 5.55
CA ALA I 8 25.07 11.60 6.86
C ALA I 8 25.49 10.12 6.79
N LEU I 9 25.12 9.44 5.71
CA LEU I 9 25.48 8.04 5.53
C LEU I 9 27.00 7.86 5.48
N ALA I 10 27.67 8.69 4.71
CA ALA I 10 29.14 8.63 4.63
C ALA I 10 29.77 8.88 6.01
N CYS I 11 29.30 9.90 6.70
CA CYS I 11 29.83 10.21 8.03
C CYS I 11 29.66 9.03 8.98
N SER I 12 28.44 8.49 9.05
CA SER I 12 28.18 7.33 9.90
C SER I 12 29.09 6.15 9.54
N ALA I 13 29.22 5.87 8.23
CA ALA I 13 30.04 4.75 7.79
C ALA I 13 31.50 4.92 8.21
N HIS I 14 32.04 6.13 8.02
CA HIS I 14 33.39 6.42 8.49
C HIS I 14 33.50 6.20 10.00
N ALA I 15 32.50 6.67 10.75
CA ALA I 15 32.52 6.53 12.20
C ALA I 15 32.53 5.06 12.63
N LEU I 16 31.75 4.22 11.95
CA LEU I 16 31.72 2.80 12.28
C LEU I 16 33.02 2.12 11.89
N ASN I 17 33.59 2.49 10.76
CA ASN I 17 34.92 2.01 10.38
C ASN I 17 35.94 2.33 11.47
N LEU I 18 35.79 3.49 12.10
CA LEU I 18 36.73 3.89 13.15
C LEU I 18 36.41 3.24 14.49
N ILE I 19 35.14 2.92 14.74
CA ILE I 19 34.77 2.15 15.91
C ILE I 19 35.34 0.72 15.84
N GLU I 20 35.36 0.14 14.64
CA GLU I 20 35.87 -1.22 14.50
C GLU I 20 37.38 -1.32 14.59
N LYS I 21 38.09 -0.22 14.37
CA LYS I 21 39.55 -0.23 14.49
C LYS I 21 39.98 -0.32 15.95
N ARG I 22 41.07 -1.05 16.19
CA ARG I 22 41.63 -1.23 17.52
C ARG I 22 42.89 -0.41 17.78
N THR I 23 43.68 -0.18 16.74
CA THR I 23 44.87 0.67 16.81
C THR I 23 44.90 1.57 15.60
N LEU I 24 45.68 2.64 15.71
CA LEU I 24 45.81 3.62 14.64
C LEU I 24 47.25 3.78 14.22
N ASP I 25 47.50 3.74 12.92
CA ASP I 25 48.80 4.18 12.43
C ASP I 25 48.96 5.66 12.65
N HIS I 26 50.16 6.16 12.43
CA HIS I 26 50.49 7.56 12.73
C HIS I 26 49.66 8.57 11.88
N GLU I 27 49.50 8.27 10.58
CA GLU I 27 48.84 9.23 9.72
C GLU I 27 47.33 9.19 9.89
N GLU I 28 46.79 8.00 10.12
CA GLU I 28 45.36 7.89 10.48
C GLU I 28 45.12 8.57 11.83
N MET I 29 46.06 8.45 12.76
CA MET I 29 45.96 9.16 14.04
C MET I 29 45.94 10.69 13.86
N LYS I 30 46.85 11.19 13.05
CA LYS I 30 46.92 12.63 12.79
C LYS I 30 45.62 13.13 12.12
N ALA I 31 45.15 12.37 11.13
CA ALA I 31 43.90 12.73 10.46
C ALA I 31 42.71 12.69 11.42
N LEU I 32 42.68 11.71 12.32
CA LEU I 32 41.57 11.59 13.25
C LEU I 32 41.60 12.70 14.30
N ASN I 33 42.77 13.01 14.83
CA ASN I 33 42.88 14.13 15.78
C ASN I 33 42.49 15.45 15.13
N ARG I 34 42.97 15.69 13.91
CA ARG I 34 42.59 16.88 13.17
C ARG I 34 41.07 16.94 12.96
N GLU I 35 40.48 15.80 12.60
CA GLU I 35 39.04 15.70 12.42
C GLU I 35 38.29 16.05 13.71
N VAL I 36 38.71 15.47 14.83
CA VAL I 36 37.98 15.65 16.08
C VAL I 36 38.11 17.09 16.59
N ILE I 37 39.26 17.71 16.36
CA ILE I 37 39.43 19.11 16.72
C ILE I 37 38.48 19.97 15.85
N GLU I 38 38.42 19.67 14.56
CA GLU I 38 37.52 20.43 13.68
C GLU I 38 36.06 20.29 14.10
N TYR I 39 35.62 19.05 14.30
CA TYR I 39 34.21 18.80 14.64
C TYR I 39 33.85 19.29 16.05
N PHE I 40 34.81 19.31 16.94
CA PHE I 40 34.60 19.97 18.23
C PHE I 40 34.42 21.47 18.03
N LYS I 41 35.22 22.05 17.14
CA LYS I 41 35.13 23.48 16.85
C LYS I 41 33.77 23.86 16.22
N GLU I 42 33.26 23.01 15.33
CA GLU I 42 32.13 23.38 14.50
C GLU I 42 30.80 22.69 14.85
N HIS I 43 30.80 21.72 15.76
CA HIS I 43 29.60 20.95 16.03
C HIS I 43 29.38 20.58 17.48
N VAL I 44 30.40 20.72 18.34
CA VAL I 44 30.26 20.39 19.75
C VAL I 44 30.31 21.67 20.58
N ASN I 45 31.51 22.21 20.78
CA ASN I 45 31.74 23.47 21.47
C ASN I 45 33.20 23.88 21.34
N PRO I 46 33.49 25.05 20.72
CA PRO I 46 34.88 25.52 20.66
C PRO I 46 35.44 25.95 22.05
N GLY I 47 34.54 26.32 22.95
CA GLY I 47 34.95 26.67 24.29
C GLY I 47 35.72 25.57 24.98
N PHE I 48 35.34 24.32 24.75
CA PHE I 48 36.08 23.20 25.33
C PHE I 48 37.54 23.21 24.88
N LEU I 49 37.77 23.51 23.62
CA LEU I 49 39.14 23.59 23.12
C LEU I 49 39.91 24.65 23.92
N GLU I 50 39.28 25.79 24.16
CA GLU I 50 39.98 26.81 24.94
C GLU I 50 40.24 26.38 26.39
N TYR I 51 39.28 25.69 26.99
CA TYR I 51 39.42 25.22 28.37
C TYR I 51 40.60 24.27 28.52
N ARG I 52 40.63 23.25 27.68
CA ARG I 52 41.73 22.28 27.74
C ARG I 52 43.04 22.97 27.45
N LYS I 53 43.03 24.03 26.63
CA LYS I 53 44.24 24.83 26.49
C LYS I 53 44.64 25.43 27.82
N SER I 54 43.69 25.91 28.60
CA SER I 54 44.04 26.51 29.88
C SER I 54 44.50 25.46 30.91
N VAL I 55 44.33 24.18 30.63
CA VAL I 55 44.89 23.21 31.58
C VAL I 55 46.00 22.36 30.98
N THR I 56 46.63 22.82 29.90
CA THR I 56 47.69 22.07 29.23
C THR I 56 48.77 23.03 28.72
N ALA I 57 49.81 22.45 28.10
CA ALA I 57 50.82 23.23 27.40
C ALA I 57 51.06 22.59 26.05
N GLY I 58 51.00 23.42 25.01
CA GLY I 58 51.13 22.94 23.64
C GLY I 58 50.08 21.93 23.28
N GLY I 59 50.43 21.08 22.33
CA GLY I 59 49.49 20.12 21.74
C GLY I 59 48.86 19.18 22.73
N ASP I 60 49.26 19.27 24.01
CA ASP I 60 48.58 18.51 25.04
C ASP I 60 47.11 18.83 25.12
N TYR I 61 46.73 20.07 24.75
CA TYR I 61 45.30 20.39 24.74
C TYR I 61 44.51 19.52 23.76
N GLY I 62 45.20 18.82 22.85
CA GLY I 62 44.53 18.06 21.81
C GLY I 62 44.82 16.58 21.92
N ALA I 63 44.75 16.05 23.14
CA ALA I 63 44.80 14.61 23.36
C ALA I 63 43.38 14.08 23.19
N VAL I 64 43.24 13.01 22.40
CA VAL I 64 41.95 12.43 22.09
C VAL I 64 41.86 11.06 22.74
N GLU I 65 40.76 10.81 23.44
CA GLU I 65 40.54 9.50 24.04
C GLU I 65 40.50 8.42 22.96
N TRP I 66 40.92 7.23 23.35
CA TRP I 66 40.88 6.08 22.45
C TRP I 66 40.39 4.83 23.16
N GLN I 67 41.11 4.39 24.18
CA GLN I 67 40.80 3.09 24.78
C GLN I 67 41.26 3.03 26.21
N ALA I 68 40.54 2.26 27.02
CA ALA I 68 41.00 1.95 28.38
C ALA I 68 42.26 1.12 28.33
N GLY I 69 43.28 1.52 29.09
CA GLY I 69 44.52 0.76 29.16
C GLY I 69 44.42 -0.43 30.09
N SER I 70 44.36 -0.15 31.39
CA SER I 70 44.14 -1.17 32.40
C SER I 70 42.96 -0.72 33.25
N LEU I 71 42.84 -1.27 34.46
CA LEU I 71 41.79 -0.82 35.37
C LEU I 71 41.90 0.67 35.69
N ASN I 72 43.12 1.19 35.76
CA ASN I 72 43.35 2.55 36.24
C ASN I 72 44.05 3.45 35.24
N THR I 73 44.13 3.04 33.97
CA THR I 73 44.84 3.81 32.96
C THR I 73 43.99 4.02 31.72
N LEU I 74 44.23 5.15 31.05
CA LEU I 74 43.57 5.50 29.80
C LEU I 74 44.61 5.76 28.73
N VAL I 75 44.30 5.37 27.50
CA VAL I 75 45.24 5.46 26.38
C VAL I 75 44.62 6.32 25.29
N ASP I 76 45.32 7.39 24.92
CA ASP I 76 44.87 8.31 23.88
C ASP I 76 45.19 7.75 22.49
N THR I 77 44.89 8.53 21.47
CA THR I 77 45.08 8.08 20.09
C THR I 77 46.55 7.96 19.69
N GLN I 78 47.46 8.44 20.53
CA GLN I 78 48.90 8.36 20.25
C GLN I 78 49.59 7.27 21.04
N GLY I 79 48.83 6.45 21.76
CA GLY I 79 49.40 5.39 22.58
C GLY I 79 49.92 5.85 23.93
N GLN I 80 49.78 7.13 24.25
CA GLN I 80 50.22 7.62 25.56
C GLN I 80 49.27 7.13 26.65
N GLU I 81 49.85 6.60 27.72
CA GLU I 81 49.07 6.02 28.82
C GLU I 81 49.06 6.99 29.99
N PHE I 82 47.88 7.17 30.57
CA PHE I 82 47.64 8.09 31.68
C PHE I 82 47.09 7.30 32.87
N ILE I 83 47.60 7.59 34.06
CA ILE I 83 46.97 7.13 35.28
C ILE I 83 45.78 8.05 35.55
N ASP I 84 44.61 7.45 35.78
CA ASP I 84 43.38 8.21 35.93
C ASP I 84 43.16 8.55 37.40
N CYS I 85 43.52 9.76 37.78
CA CYS I 85 43.17 10.29 39.10
C CYS I 85 41.93 11.18 39.05
N LEU I 86 41.23 11.19 37.91
CA LEU I 86 39.98 11.91 37.77
C LEU I 86 38.76 11.02 37.96
N GLY I 87 38.83 9.79 37.46
CA GLY I 87 37.75 8.82 37.66
C GLY I 87 36.40 9.27 37.16
N GLY I 88 36.37 10.09 36.12
CA GLY I 88 35.12 10.65 35.62
C GLY I 88 34.33 11.37 36.69
N PHE I 89 35.04 12.09 37.58
CA PHE I 89 34.43 12.82 38.69
C PHE I 89 33.60 11.90 39.58
N GLY I 90 34.07 10.68 39.76
CA GLY I 90 33.41 9.71 40.60
C GLY I 90 32.67 8.59 39.89
N ILE I 91 32.94 8.37 38.61
CA ILE I 91 32.27 7.34 37.82
C ILE I 91 32.98 5.98 37.96
N PHE I 92 34.31 5.97 37.81
CA PHE I 92 35.06 4.73 37.65
C PHE I 92 35.57 4.21 38.99
N ASN I 93 34.66 3.99 39.93
CA ASN I 93 35.05 3.48 41.25
C ASN I 93 35.64 2.07 41.16
N VAL I 94 35.17 1.26 40.22
CA VAL I 94 35.67 -0.09 40.07
C VAL I 94 36.60 -0.21 38.87
N GLY I 95 37.18 0.91 38.45
CA GLY I 95 38.12 0.92 37.35
C GLY I 95 37.47 0.94 35.99
N HIS I 96 38.33 0.97 34.97
CA HIS I 96 37.89 1.00 33.58
C HIS I 96 37.75 -0.41 33.04
N ARG I 97 36.62 -0.66 32.35
CA ARG I 97 36.30 -1.97 31.78
C ARG I 97 36.52 -3.09 32.79
N ASN I 98 35.84 -2.97 33.91
CA ASN I 98 35.92 -3.96 34.97
C ASN I 98 35.40 -5.30 34.44
N PRO I 99 36.22 -6.37 34.44
CA PRO I 99 35.82 -7.62 33.81
C PRO I 99 34.43 -8.15 34.22
N VAL I 100 34.08 -8.02 35.49
CA VAL I 100 32.79 -8.50 35.96
C VAL I 100 31.65 -7.68 35.34
N VAL I 101 31.80 -6.36 35.36
CA VAL I 101 30.76 -5.48 34.84
C VAL I 101 30.63 -5.63 33.33
N VAL I 102 31.77 -5.66 32.63
CA VAL I 102 31.77 -5.88 31.19
C VAL I 102 31.11 -7.23 30.85
N SER I 103 31.38 -8.24 31.68
CA SER I 103 30.81 -9.56 31.44
C SER I 103 29.29 -9.55 31.58
N ALA I 104 28.79 -8.97 32.68
CA ALA I 104 27.35 -8.90 32.89
C ALA I 104 26.66 -8.11 31.77
N VAL I 105 27.26 -6.97 31.39
CA VAL I 105 26.69 -6.14 30.34
C VAL I 105 26.67 -6.90 29.00
N GLN I 106 27.71 -7.68 28.74
CA GLN I 106 27.72 -8.47 27.51
C GLN I 106 26.69 -9.59 27.51
N ASN I 107 26.50 -10.26 28.63
CA ASN I 107 25.47 -11.30 28.72
C ASN I 107 24.06 -10.73 28.50
N GLN I 108 23.76 -9.67 29.24
CA GLN I 108 22.43 -9.06 29.08
C GLN I 108 22.25 -8.45 27.69
N LEU I 109 23.33 -7.94 27.11
CA LEU I 109 23.30 -7.50 25.73
C LEU I 109 22.97 -8.66 24.80
N ALA I 110 23.48 -9.85 25.12
CA ALA I 110 23.15 -11.04 24.33
C ALA I 110 21.66 -11.39 24.47
N LYS I 111 21.06 -11.07 25.61
CA LYS I 111 19.62 -11.35 25.77
C LYS I 111 18.75 -10.19 25.31
N GLN I 112 18.80 -9.07 26.03
CA GLN I 112 17.97 -7.91 25.68
C GLN I 112 18.48 -6.63 26.34
N PRO I 113 18.87 -5.63 25.55
CA PRO I 113 19.46 -4.41 26.15
C PRO I 113 18.43 -3.47 26.78
N LEU I 114 17.37 -3.13 26.04
CA LEU I 114 16.32 -2.25 26.54
C LEU I 114 15.00 -3.01 26.65
N HIS I 115 14.20 -2.64 27.64
CA HIS I 115 12.94 -3.32 27.93
C HIS I 115 11.77 -2.72 27.14
N SER I 116 10.68 -3.47 27.09
CA SER I 116 9.49 -3.06 26.34
C SER I 116 8.76 -1.88 26.93
N GLN I 117 8.98 -1.60 28.22
CA GLN I 117 8.28 -0.59 29.03
C GLN I 117 6.88 -1.01 29.44
N GLU I 118 6.43 -2.20 29.03
CA GLU I 118 5.10 -2.69 29.34
C GLU I 118 5.16 -3.91 30.26
N LEU I 119 5.92 -4.91 29.89
CA LEU I 119 6.04 -6.14 30.65
C LEU I 119 6.96 -5.92 31.85
N LEU I 120 6.88 -6.82 32.82
CA LEU I 120 7.75 -6.76 33.99
C LEU I 120 9.14 -7.18 33.59
N ASP I 121 10.11 -6.31 33.81
CA ASP I 121 11.50 -6.63 33.52
C ASP I 121 12.16 -7.10 34.82
N PRO I 122 12.84 -8.26 34.78
CA PRO I 122 13.28 -8.87 36.04
C PRO I 122 14.46 -8.18 36.71
N LEU I 123 15.40 -7.63 35.93
CA LEU I 123 16.58 -7.01 36.52
C LEU I 123 16.27 -5.74 37.27
N ARG I 124 15.16 -5.07 36.93
CA ARG I 124 14.71 -3.92 37.72
C ARG I 124 14.29 -4.36 39.11
N ALA I 125 13.54 -5.46 39.19
CA ALA I 125 13.15 -6.01 40.48
C ALA I 125 14.37 -6.50 41.27
N MET I 126 15.27 -7.23 40.62
CA MET I 126 16.47 -7.70 41.27
C MET I 126 17.29 -6.55 41.83
N LEU I 127 17.47 -5.49 41.05
CA LEU I 127 18.29 -4.36 41.48
C LEU I 127 17.60 -3.59 42.60
N ALA I 128 16.28 -3.44 42.51
CA ALA I 128 15.53 -2.77 43.59
C ALA I 128 15.67 -3.54 44.90
N LYS I 129 15.57 -4.87 44.84
CA LYS I 129 15.73 -5.69 46.04
C LYS I 129 17.15 -5.56 46.59
N THR I 130 18.14 -5.66 45.72
CA THR I 130 19.53 -5.50 46.13
C THR I 130 19.76 -4.15 46.82
N LEU I 131 19.27 -3.07 46.23
CA LEU I 131 19.45 -1.76 46.81
C LEU I 131 18.72 -1.61 48.14
N ALA I 132 17.55 -2.25 48.27
CA ALA I 132 16.86 -2.26 49.57
C ALA I 132 17.72 -2.98 50.62
N ALA I 133 18.36 -4.07 50.23
CA ALA I 133 19.25 -4.78 51.14
C ALA I 133 20.49 -3.97 51.49
N LEU I 134 20.96 -3.13 50.57
CA LEU I 134 22.23 -2.43 50.71
C LEU I 134 22.09 -1.06 51.40
N THR I 135 20.89 -0.49 51.45
CA THR I 135 20.71 0.88 51.97
C THR I 135 20.31 0.87 53.44
N PRO I 136 20.71 1.90 54.19
CA PRO I 136 20.40 1.95 55.63
C PRO I 136 18.91 2.05 55.91
N GLY I 137 18.49 1.38 56.98
CA GLY I 137 17.17 1.56 57.56
C GLY I 137 16.00 1.24 56.63
N LYS I 138 15.05 2.16 56.57
CA LYS I 138 13.78 1.94 55.90
C LYS I 138 13.77 2.30 54.43
N LEU I 139 14.91 2.69 53.87
CA LEU I 139 15.02 2.89 52.42
C LEU I 139 14.67 1.59 51.71
N LYS I 140 13.58 1.61 50.95
CA LYS I 140 12.96 0.36 50.51
C LYS I 140 12.60 0.34 49.03
N TYR I 141 12.11 1.47 48.49
CA TYR I 141 11.66 1.52 47.10
C TYR I 141 12.64 2.32 46.25
N SER I 142 12.86 1.85 45.02
CA SER I 142 13.80 2.49 44.11
C SER I 142 13.13 2.89 42.81
N PHE I 143 13.50 4.08 42.32
CA PHE I 143 13.13 4.53 40.98
C PHE I 143 14.40 4.70 40.18
N PHE I 144 14.43 4.15 38.97
CA PHE I 144 15.63 4.14 38.16
C PHE I 144 15.52 5.10 36.99
N CYS I 145 16.56 5.90 36.80
CA CYS I 145 16.66 6.86 35.70
C CYS I 145 18.06 6.70 35.10
N ASN I 146 18.54 7.73 34.41
CA ASN I 146 19.78 7.61 33.65
C ASN I 146 20.90 8.55 34.07
N SER I 147 20.68 9.44 35.03
CA SER I 147 21.71 10.40 35.40
C SER I 147 21.50 10.89 36.82
N GLY I 148 22.51 11.56 37.36
CA GLY I 148 22.42 12.14 38.69
C GLY I 148 21.36 13.22 38.77
N THR I 149 21.35 14.12 37.79
CA THR I 149 20.37 15.20 37.79
C THR I 149 18.93 14.65 37.72
N GLU I 150 18.74 13.55 37.00
CA GLU I 150 17.43 12.92 36.96
C GLU I 150 17.06 12.31 38.31
N SER I 151 18.04 11.73 39.00
CA SER I 151 17.81 11.20 40.33
C SER I 151 17.38 12.31 41.30
N VAL I 152 18.04 13.46 41.22
CA VAL I 152 17.66 14.59 42.06
C VAL I 152 16.27 15.10 41.67
N GLU I 153 15.94 15.09 40.38
CA GLU I 153 14.60 15.48 39.94
C GLU I 153 13.54 14.56 40.56
N ALA I 154 13.79 13.25 40.54
CA ALA I 154 12.86 12.30 41.13
C ALA I 154 12.74 12.52 42.64
N ALA I 155 13.86 12.83 43.30
CA ALA I 155 13.83 13.13 44.73
C ALA I 155 12.94 14.34 45.02
N LEU I 156 13.16 15.43 44.27
CA LEU I 156 12.35 16.62 44.45
C LEU I 156 10.86 16.35 44.20
N LYS I 157 10.56 15.56 43.18
CA LYS I 157 9.16 15.29 42.84
C LYS I 157 8.50 14.41 43.91
N LEU I 158 9.25 13.44 44.44
CA LEU I 158 8.74 12.65 45.57
C LEU I 158 8.42 13.56 46.76
N ALA I 159 9.36 14.44 47.10
CA ALA I 159 9.14 15.37 48.22
C ALA I 159 7.92 16.26 47.97
N LYS I 160 7.77 16.74 46.74
CA LYS I 160 6.64 17.62 46.40
C LYS I 160 5.30 16.86 46.50
N ALA I 161 5.25 15.67 45.91
CA ALA I 161 4.01 14.89 45.95
C ALA I 161 3.65 14.49 47.37
N TYR I 162 4.65 14.36 48.25
CA TYR I 162 4.37 14.00 49.64
C TYR I 162 3.96 15.22 50.47
N GLN I 163 4.56 16.37 50.22
CA GLN I 163 4.43 17.52 51.10
C GLN I 163 3.42 18.56 50.66
N SER I 164 3.11 18.62 49.37
CA SER I 164 2.11 19.57 48.89
C SER I 164 0.71 19.35 49.50
N PRO I 165 0.23 18.09 49.63
CA PRO I 165 -1.04 17.92 50.37
C PRO I 165 -0.95 18.29 51.85
N ARG I 166 0.26 18.51 52.36
CA ARG I 166 0.46 18.93 53.75
C ARG I 166 0.83 20.39 53.88
N GLY I 167 0.67 21.17 52.79
CA GLY I 167 0.88 22.61 52.84
C GLY I 167 2.32 23.08 52.95
N LYS I 168 3.26 22.28 52.45
CA LYS I 168 4.69 22.62 52.50
C LYS I 168 5.26 22.59 51.09
N PHE I 169 5.93 23.68 50.71
CA PHE I 169 6.37 23.88 49.34
C PHE I 169 7.82 24.30 49.16
N THR I 170 8.46 24.86 50.18
CA THR I 170 9.78 25.45 50.02
C THR I 170 10.88 24.43 50.28
N PHE I 171 11.99 24.58 49.56
CA PHE I 171 13.12 23.66 49.68
C PHE I 171 14.35 24.40 50.18
N ILE I 172 15.08 23.76 51.09
CA ILE I 172 16.33 24.29 51.62
C ILE I 172 17.49 23.47 51.05
N ALA I 173 18.43 24.15 50.41
CA ALA I 173 19.69 23.58 50.00
C ALA I 173 20.82 24.34 50.69
N THR I 174 22.06 24.02 50.31
CA THR I 174 23.23 24.68 50.89
C THR I 174 24.05 25.36 49.82
N SER I 175 24.72 26.45 50.20
CA SER I 175 25.67 27.09 49.31
C SER I 175 26.84 26.15 49.00
N GLY I 176 27.40 26.29 47.81
CA GLY I 176 28.43 25.39 47.35
C GLY I 176 27.95 24.02 46.93
N ALA I 177 26.65 23.76 47.03
CA ALA I 177 26.10 22.47 46.66
C ALA I 177 25.98 22.35 45.14
N PHE I 178 26.05 21.10 44.66
CA PHE I 178 25.76 20.79 43.27
C PHE I 178 24.86 19.56 43.24
N HIS I 179 23.72 19.68 42.58
CA HIS I 179 22.75 18.59 42.50
C HIS I 179 22.28 18.32 41.07
N GLY I 180 22.93 18.92 40.08
CA GLY I 180 22.53 18.73 38.69
C GLY I 180 22.15 20.02 38.02
N LYS I 181 21.98 19.94 36.71
CA LYS I 181 21.79 21.10 35.86
C LYS I 181 20.47 21.12 35.11
N SER I 182 19.66 20.08 35.23
CA SER I 182 18.27 20.20 34.81
C SER I 182 17.56 21.20 35.73
N LEU I 183 16.61 21.92 35.16
CA LEU I 183 16.05 23.10 35.82
C LEU I 183 15.57 22.83 37.25
N GLY I 184 14.89 21.70 37.44
CA GLY I 184 14.48 21.30 38.78
C GLY I 184 15.67 21.17 39.71
N ALA I 185 16.61 20.29 39.34
CA ALA I 185 17.83 20.12 40.12
C ALA I 185 18.63 21.42 40.20
N LEU I 186 18.62 22.20 39.13
CA LEU I 186 19.37 23.46 39.10
C LEU I 186 18.83 24.45 40.13
N SER I 187 17.54 24.35 40.46
CA SER I 187 17.00 25.19 41.52
C SER I 187 17.67 24.90 42.87
N ALA I 188 18.16 23.67 43.06
CA ALA I 188 18.85 23.28 44.28
C ALA I 188 20.34 23.55 44.22
N THR I 189 20.98 23.23 43.09
CA THR I 189 22.37 23.62 42.82
C THR I 189 22.57 25.09 43.20
N ALA I 190 23.77 25.42 43.68
CA ALA I 190 24.00 26.70 44.33
C ALA I 190 24.95 27.67 43.62
N LYS I 191 25.66 27.23 42.58
CA LYS I 191 26.66 28.09 41.96
C LYS I 191 26.02 29.15 41.09
N SER I 192 26.19 30.42 41.48
CA SER I 192 25.68 31.59 40.75
C SER I 192 25.77 31.49 39.23
N THR I 193 26.97 31.25 38.72
CA THR I 193 27.17 31.24 37.27
C THR I 193 26.37 30.14 36.58
N PHE I 194 26.10 29.05 37.29
CA PHE I 194 25.28 27.98 36.72
C PHE I 194 23.80 28.35 36.64
N ARG I 195 23.36 29.30 37.47
CA ARG I 195 21.92 29.55 37.66
C ARG I 195 21.41 30.84 37.04
N LYS I 196 22.16 31.94 37.20
CA LYS I 196 21.68 33.26 36.79
C LYS I 196 21.13 33.33 35.35
N PRO I 197 21.83 32.76 34.34
CA PRO I 197 21.31 32.91 32.97
C PRO I 197 19.98 32.18 32.70
N PHE I 198 19.55 31.31 33.61
CA PHE I 198 18.35 30.52 33.41
C PHE I 198 17.23 30.88 34.40
N MET I 199 17.40 31.95 35.15
CA MET I 199 16.34 32.42 36.05
C MET I 199 15.25 33.08 35.22
N PRO I 200 13.98 32.94 35.65
CA PRO I 200 13.53 32.32 36.91
C PRO I 200 13.54 30.80 36.91
N LEU I 201 13.95 30.24 38.05
CA LEU I 201 13.89 28.80 38.30
C LEU I 201 12.67 28.50 39.18
N LEU I 202 12.65 27.31 39.76
CA LEU I 202 11.55 26.94 40.65
C LEU I 202 11.45 27.91 41.83
N PRO I 203 10.24 28.34 42.17
CA PRO I 203 10.07 29.19 43.35
C PRO I 203 10.27 28.44 44.66
N GLY I 204 10.59 29.18 45.71
CA GLY I 204 10.69 28.64 47.05
C GLY I 204 11.91 27.79 47.34
N PHE I 205 13.04 28.09 46.72
CA PHE I 205 14.31 27.42 47.04
C PHE I 205 15.22 28.38 47.78
N ARG I 206 15.74 27.92 48.90
CA ARG I 206 16.58 28.74 49.79
C ARG I 206 17.88 27.99 50.06
N HIS I 207 18.93 28.75 50.36
CA HIS I 207 20.23 28.17 50.65
C HIS I 207 20.78 28.70 51.96
N VAL I 208 21.41 27.81 52.72
CA VAL I 208 22.07 28.16 53.97
C VAL I 208 23.52 27.67 53.90
N PRO I 209 24.41 28.21 54.74
CA PRO I 209 25.79 27.73 54.71
C PRO I 209 25.90 26.24 55.04
N PHE I 210 26.75 25.55 54.29
CA PHE I 210 26.94 24.12 54.49
C PHE I 210 27.74 23.86 55.77
N GLY I 211 27.27 22.92 56.57
CA GLY I 211 27.93 22.58 57.82
C GLY I 211 27.55 23.43 59.02
N ASN I 212 26.58 24.32 58.85
CA ASN I 212 26.17 25.28 59.88
C ASN I 212 24.75 24.92 60.32
N ILE I 213 24.65 24.12 61.38
CA ILE I 213 23.36 23.61 61.82
C ILE I 213 22.43 24.73 62.32
N GLU I 214 23.00 25.76 62.93
CA GLU I 214 22.19 26.86 63.46
C GLU I 214 21.59 27.71 62.34
N ALA I 215 22.35 27.92 61.27
CA ALA I 215 21.82 28.63 60.11
C ALA I 215 20.61 27.88 59.52
N MET I 216 20.72 26.56 59.41
CA MET I 216 19.63 25.77 58.85
C MET I 216 18.41 25.77 59.78
N ARG I 217 18.65 25.63 61.08
CA ARG I 217 17.56 25.73 62.05
C ARG I 217 16.87 27.10 61.93
N THR I 218 17.66 28.16 61.76
CA THR I 218 17.10 29.48 61.55
C THR I 218 16.20 29.52 60.30
N ALA I 219 16.68 28.93 59.20
CA ALA I 219 15.91 28.94 57.96
C ALA I 219 14.57 28.22 58.14
N LEU I 220 14.60 27.03 58.76
CA LEU I 220 13.36 26.29 58.97
C LEU I 220 12.40 27.03 59.90
N ASN I 221 12.93 27.62 60.96
CA ASN I 221 12.08 28.31 61.94
C ASN I 221 11.44 29.57 61.33
N GLU I 222 12.22 30.32 60.56
CA GLU I 222 11.69 31.51 59.89
C GLU I 222 10.66 31.11 58.83
N CYS I 223 10.93 30.05 58.09
CA CYS I 223 9.96 29.56 57.10
C CYS I 223 8.66 29.13 57.77
N LYS I 224 8.74 28.56 58.97
CA LYS I 224 7.52 28.19 59.69
C LYS I 224 6.79 29.43 60.19
N LYS I 225 7.53 30.42 60.66
CA LYS I 225 6.92 31.65 61.18
C LYS I 225 6.14 32.40 60.08
N THR I 226 6.65 32.36 58.86
CA THR I 226 6.05 33.12 57.77
C THR I 226 5.06 32.31 56.92
N GLY I 227 4.83 31.06 57.29
CA GLY I 227 3.91 30.21 56.53
C GLY I 227 4.48 29.60 55.27
N ASP I 228 5.79 29.65 55.09
CA ASP I 228 6.46 29.01 53.96
C ASP I 228 7.16 27.74 54.42
N ASP I 229 6.43 26.87 55.11
CA ASP I 229 7.01 25.69 55.74
C ASP I 229 7.79 24.83 54.76
N VAL I 230 8.92 24.31 55.22
CA VAL I 230 9.86 23.61 54.36
C VAL I 230 9.37 22.17 54.11
N ALA I 231 9.33 21.79 52.85
CA ALA I 231 8.98 20.44 52.45
C ALA I 231 10.15 19.48 52.63
N ALA I 232 11.35 19.90 52.23
CA ALA I 232 12.51 19.02 52.28
C ALA I 232 13.80 19.81 52.39
N VAL I 233 14.81 19.17 52.97
CA VAL I 233 16.18 19.64 52.95
C VAL I 233 16.99 18.68 52.10
N ILE I 234 17.77 19.22 51.16
CA ILE I 234 18.62 18.42 50.30
C ILE I 234 20.07 18.86 50.48
N LEU I 235 20.97 17.90 50.63
CA LEU I 235 22.38 18.19 50.78
C LEU I 235 23.22 17.00 50.42
N GLU I 236 24.47 17.25 50.05
CA GLU I 236 25.47 16.20 49.91
C GLU I 236 26.08 15.92 51.29
N PRO I 237 26.40 14.66 51.59
CA PRO I 237 27.09 14.39 52.86
C PRO I 237 28.47 15.04 52.92
N ILE I 238 29.13 15.12 51.75
CA ILE I 238 30.36 15.86 51.57
C ILE I 238 30.26 16.54 50.21
N GLN I 239 30.46 17.85 50.18
CA GLN I 239 30.32 18.60 48.93
C GLN I 239 31.50 18.29 48.02
N GLY I 240 31.23 17.57 46.93
CA GLY I 240 32.29 17.20 45.99
C GLY I 240 32.71 18.40 45.14
N GLU I 241 31.75 19.00 44.44
CA GLU I 241 32.02 20.12 43.58
C GLU I 241 32.37 21.41 44.31
N GLY I 242 32.04 21.49 45.60
CA GLY I 242 32.43 22.61 46.42
C GLY I 242 33.91 22.63 46.79
N GLY I 243 34.65 21.59 46.42
CA GLY I 243 36.05 21.48 46.75
C GLY I 243 36.35 20.42 47.79
N VAL I 244 35.50 19.39 47.86
CA VAL I 244 35.59 18.35 48.87
C VAL I 244 35.53 19.01 50.25
N ILE I 245 34.35 19.51 50.60
CA ILE I 245 34.12 20.24 51.84
C ILE I 245 33.56 19.28 52.87
N LEU I 246 34.26 19.13 53.98
CA LEU I 246 33.85 18.21 55.06
C LEU I 246 33.05 18.94 56.11
N PRO I 247 31.85 18.45 56.44
CA PRO I 247 31.07 19.08 57.51
C PRO I 247 31.62 18.70 58.88
N PRO I 248 31.36 19.53 59.90
CA PRO I 248 31.76 19.17 61.27
C PRO I 248 31.16 17.83 61.69
N PRO I 249 31.89 17.02 62.45
CA PRO I 249 31.35 15.76 62.97
C PRO I 249 29.98 15.95 63.64
N GLY I 250 29.04 15.09 63.27
CA GLY I 250 27.69 15.18 63.81
C GLY I 250 26.73 16.06 63.04
N TYR I 251 27.20 16.74 62.00
CA TYR I 251 26.35 17.61 61.21
C TYR I 251 25.18 16.85 60.59
N LEU I 252 25.47 15.73 59.94
CA LEU I 252 24.42 14.95 59.29
C LEU I 252 23.38 14.44 60.30
N THR I 253 23.86 13.98 61.45
CA THR I 253 22.95 13.56 62.52
C THR I 253 22.04 14.70 62.97
N ALA I 254 22.63 15.88 63.14
CA ALA I 254 21.86 17.05 63.57
C ALA I 254 20.85 17.48 62.51
N VAL I 255 21.20 17.35 61.23
CA VAL I 255 20.28 17.65 60.15
C VAL I 255 19.11 16.66 60.15
N ARG I 256 19.41 15.39 60.36
CA ARG I 256 18.35 14.38 60.47
C ARG I 256 17.40 14.72 61.62
N LYS I 257 17.97 15.04 62.79
CA LYS I 257 17.15 15.40 63.94
C LYS I 257 16.31 16.63 63.66
N LEU I 258 16.88 17.61 62.96
CA LEU I 258 16.17 18.84 62.65
C LEU I 258 14.99 18.59 61.71
N CYS I 259 15.23 17.81 60.65
CA CYS I 259 14.15 17.44 59.73
C CYS I 259 13.05 16.67 60.47
N ASP I 260 13.44 15.76 61.35
CA ASP I 260 12.45 15.07 62.18
C ASP I 260 11.65 16.04 63.03
N GLU I 261 12.30 17.08 63.54
CA GLU I 261 11.63 18.03 64.42
C GLU I 261 10.61 18.88 63.66
N PHE I 262 11.01 19.41 62.52
CA PHE I 262 10.11 20.29 61.75
C PHE I 262 9.18 19.54 60.80
N GLY I 263 9.30 18.22 60.71
CA GLY I 263 8.51 17.48 59.75
C GLY I 263 8.88 17.72 58.30
N ALA I 264 10.15 17.99 58.03
CA ALA I 264 10.67 18.10 56.68
C ALA I 264 11.37 16.80 56.30
N LEU I 265 11.39 16.51 55.00
CA LEU I 265 12.11 15.35 54.49
C LEU I 265 13.58 15.64 54.30
N MET I 266 14.41 14.64 54.55
CA MET I 266 15.84 14.75 54.32
C MET I 266 16.20 14.01 53.02
N ILE I 267 16.73 14.76 52.06
CA ILE I 267 17.19 14.21 50.80
C ILE I 267 18.71 14.26 50.80
N LEU I 268 19.34 13.08 50.79
CA LEU I 268 20.78 12.98 50.72
C LEU I 268 21.23 12.73 49.30
N ASP I 269 22.03 13.64 48.76
CA ASP I 269 22.57 13.52 47.41
C ASP I 269 23.91 12.83 47.49
N GLU I 270 23.92 11.52 47.23
CA GLU I 270 25.14 10.72 47.23
C GLU I 270 25.55 10.32 45.81
N VAL I 271 25.23 11.18 44.83
CA VAL I 271 25.58 10.92 43.45
C VAL I 271 27.11 10.77 43.30
N GLN I 272 27.86 11.57 44.04
CA GLN I 272 29.31 11.55 43.96
C GLN I 272 29.98 10.73 45.07
N THR I 273 29.47 10.83 46.29
CA THR I 273 30.08 10.16 47.43
C THR I 273 29.67 8.69 47.55
N GLY I 274 28.67 8.26 46.78
CA GLY I 274 28.17 6.90 46.91
C GLY I 274 29.05 5.85 46.27
N MET I 275 28.67 4.59 46.50
CA MET I 275 29.36 3.42 45.94
C MET I 275 30.82 3.33 46.39
N GLY I 276 31.03 3.51 47.70
CA GLY I 276 32.29 3.16 48.33
C GLY I 276 33.39 4.19 48.29
N ARG I 277 33.17 5.37 47.69
CA ARG I 277 34.26 6.30 47.47
C ARG I 277 34.84 6.87 48.76
N THR I 278 33.97 7.13 49.75
CA THR I 278 34.40 7.78 50.99
C THR I 278 34.82 6.78 52.06
N GLY I 279 35.12 5.54 51.68
CA GLY I 279 35.54 4.52 52.62
C GLY I 279 34.44 3.59 53.08
N LYS I 280 33.19 3.99 52.89
CA LYS I 280 32.04 3.14 53.15
C LYS I 280 31.12 3.19 51.96
N MET I 281 30.18 2.24 51.87
CA MET I 281 29.30 2.15 50.70
C MET I 281 28.60 3.48 50.43
N PHE I 282 28.08 4.09 51.49
CA PHE I 282 27.51 5.44 51.37
C PHE I 282 28.09 6.30 52.48
N ALA I 283 28.24 7.58 52.20
CA ALA I 283 28.86 8.50 53.16
C ALA I 283 27.99 8.63 54.41
N CYS I 284 26.67 8.55 54.24
CA CYS I 284 25.75 8.63 55.38
C CYS I 284 25.97 7.51 56.39
N GLU I 285 26.67 6.45 56.02
CA GLU I 285 26.97 5.38 56.96
C GLU I 285 28.07 5.74 57.95
N HIS I 286 28.81 6.83 57.69
CA HIS I 286 29.84 7.25 58.64
C HIS I 286 29.23 7.67 59.98
N GLU I 287 28.01 8.21 59.94
CA GLU I 287 27.29 8.62 61.15
C GLU I 287 26.05 7.78 61.41
N ASN I 288 25.83 6.73 60.64
CA ASN I 288 24.62 5.90 60.69
C ASN I 288 23.36 6.78 60.61
N VAL I 289 23.28 7.54 59.53
CA VAL I 289 22.15 8.43 59.28
C VAL I 289 21.36 7.86 58.10
N GLN I 290 20.06 7.70 58.28
CA GLN I 290 19.18 7.26 57.20
C GLN I 290 18.32 8.43 56.75
N PRO I 291 18.46 8.86 55.49
CA PRO I 291 17.58 9.90 54.98
C PRO I 291 16.22 9.34 54.59
N ASP I 292 15.30 10.24 54.27
CA ASP I 292 14.04 9.82 53.70
C ASP I 292 14.19 9.45 52.22
N ILE I 293 15.09 10.17 51.52
CA ILE I 293 15.34 9.94 50.10
C ILE I 293 16.84 9.98 49.87
N LEU I 294 17.34 9.00 49.11
CA LEU I 294 18.76 8.86 48.80
C LEU I 294 18.94 8.86 47.28
N CYS I 295 19.91 9.64 46.81
CA CYS I 295 20.18 9.79 45.38
C CYS I 295 21.50 9.15 45.02
N LEU I 296 21.49 8.31 43.98
CA LEU I 296 22.66 7.60 43.49
C LEU I 296 22.78 7.76 41.99
N ALA I 297 24.02 7.78 41.51
CA ALA I 297 24.32 7.73 40.09
C ALA I 297 25.81 7.44 39.88
N LYS I 298 26.35 7.92 38.77
CA LYS I 298 27.77 7.80 38.46
C LYS I 298 28.30 6.38 38.64
N ALA I 299 28.99 6.16 39.76
CA ALA I 299 29.65 4.90 40.04
C ALA I 299 28.70 3.71 40.05
N LEU I 300 27.40 3.94 40.23
CA LEU I 300 26.44 2.84 40.22
C LEU I 300 26.38 2.16 38.85
N GLY I 301 26.84 2.85 37.82
CA GLY I 301 26.96 2.26 36.47
C GLY I 301 28.19 1.46 36.22
N GLY I 302 29.09 1.39 37.18
CA GLY I 302 30.32 0.59 37.05
C GLY I 302 31.29 1.08 36.00
N GLY I 303 31.17 2.35 35.61
CA GLY I 303 31.99 2.87 34.53
C GLY I 303 31.71 2.26 33.17
N VAL I 304 30.57 1.59 33.03
CA VAL I 304 30.14 0.99 31.77
C VAL I 304 28.81 1.58 31.28
N MET I 305 27.83 1.72 32.17
CA MET I 305 26.51 2.19 31.81
C MET I 305 26.16 3.52 32.49
N PRO I 306 25.28 4.31 31.86
CA PRO I 306 24.63 5.40 32.57
C PRO I 306 23.43 4.90 33.37
N ILE I 307 23.30 5.36 34.61
CA ILE I 307 22.22 4.94 35.47
C ILE I 307 22.07 5.95 36.60
N GLY I 308 20.85 6.06 37.12
CA GLY I 308 20.59 6.80 38.34
C GLY I 308 19.53 6.07 39.13
N ALA I 309 19.53 6.29 40.45
CA ALA I 309 18.58 5.63 41.33
C ALA I 309 18.16 6.59 42.43
N THR I 310 16.86 6.65 42.69
CA THR I 310 16.29 7.40 43.80
C THR I 310 15.59 6.41 44.73
N ILE I 311 16.15 6.20 45.91
CA ILE I 311 15.61 5.25 46.87
C ILE I 311 14.91 6.02 47.97
N ALA I 312 13.75 5.53 48.41
CA ALA I 312 12.99 6.21 49.45
C ALA I 312 12.31 5.19 50.34
N THR I 313 11.90 5.66 51.51
CA THR I 313 11.07 4.89 52.41
C THR I 313 9.70 4.64 51.79
N GLU I 314 9.06 3.56 52.17
CA GLU I 314 7.70 3.27 51.72
C GLU I 314 6.73 4.41 52.06
N GLU I 315 6.95 5.05 53.22
CA GLU I 315 6.10 6.16 53.64
C GLU I 315 6.07 7.27 52.59
N VAL I 316 7.21 7.60 52.03
CA VAL I 316 7.30 8.67 51.04
C VAL I 316 7.02 8.14 49.63
N PHE I 317 7.62 7.00 49.28
CA PHE I 317 7.48 6.46 47.93
C PHE I 317 6.04 6.07 47.61
N SER I 318 5.23 5.80 48.63
CA SER I 318 3.84 5.39 48.43
C SER I 318 3.00 6.43 47.69
N VAL I 319 3.50 7.65 47.52
CA VAL I 319 2.77 8.67 46.78
C VAL I 319 2.65 8.35 45.28
N LEU I 320 3.33 7.29 44.84
CA LEU I 320 3.26 6.85 43.43
C LEU I 320 2.54 5.52 43.27
N PHE I 321 1.91 5.00 44.33
CA PHE I 321 1.27 3.69 44.23
C PHE I 321 -0.07 3.75 43.52
N ASP I 322 -0.88 4.78 43.79
CA ASP I 322 -2.19 4.90 43.15
C ASP I 322 -2.08 5.16 41.64
N ASN I 323 -1.05 5.88 41.23
CA ASN I 323 -0.83 6.19 39.82
C ASN I 323 0.65 5.95 39.52
N PRO I 324 0.99 4.75 39.03
CA PRO I 324 2.39 4.43 38.80
C PRO I 324 3.05 5.20 37.65
N PHE I 325 2.26 5.90 36.85
CA PHE I 325 2.78 6.71 35.76
C PHE I 325 2.94 8.17 36.13
N LEU I 326 2.72 8.50 37.40
CA LEU I 326 2.87 9.88 37.87
C LEU I 326 4.28 10.42 37.62
N HIS I 327 5.28 9.56 37.75
CA HIS I 327 6.65 9.90 37.37
C HIS I 327 7.30 8.73 36.69
N THR I 328 7.75 8.92 35.45
CA THR I 328 8.43 7.90 34.68
C THR I 328 9.60 8.54 33.95
N THR I 329 10.37 7.73 33.25
CA THR I 329 11.46 8.20 32.42
C THR I 329 11.72 7.17 31.34
N THR I 330 12.12 7.65 30.16
CA THR I 330 12.07 6.84 28.95
C THR I 330 12.90 5.56 29.09
N PHE I 331 14.18 5.69 29.48
CA PHE I 331 15.06 4.52 29.48
C PHE I 331 15.30 3.93 30.87
N GLY I 332 14.74 4.56 31.91
CA GLY I 332 15.07 4.19 33.28
C GLY I 332 14.90 2.74 33.64
N GLY I 333 15.92 2.15 34.26
CA GLY I 333 15.90 0.77 34.69
C GLY I 333 16.03 -0.25 33.58
N ASN I 334 16.66 0.14 32.46
CA ASN I 334 16.84 -0.79 31.36
C ASN I 334 17.76 -1.95 31.78
N PRO I 335 17.58 -3.13 31.16
CA PRO I 335 18.35 -4.31 31.60
C PRO I 335 19.87 -4.15 31.55
N LEU I 336 20.40 -3.42 30.57
CA LEU I 336 21.84 -3.21 30.50
C LEU I 336 22.35 -2.46 31.73
N ALA I 337 21.71 -1.33 32.05
CA ALA I 337 22.11 -0.54 33.21
C ALA I 337 21.96 -1.33 34.51
N CYS I 338 20.87 -2.07 34.66
CA CYS I 338 20.66 -2.88 35.85
C CYS I 338 21.74 -3.96 35.99
N ALA I 339 22.07 -4.62 34.88
CA ALA I 339 23.15 -5.61 34.90
C ALA I 339 24.46 -4.98 35.35
N ALA I 340 24.79 -3.82 34.78
CA ALA I 340 25.98 -3.09 35.20
C ALA I 340 25.95 -2.84 36.73
N ALA I 341 24.83 -2.30 37.22
CA ALA I 341 24.74 -1.92 38.62
C ALA I 341 24.91 -3.12 39.56
N LEU I 342 24.21 -4.23 39.24
CA LEU I 342 24.34 -5.43 40.05
C LEU I 342 25.79 -5.94 40.05
N ALA I 343 26.44 -5.89 38.88
CA ALA I 343 27.84 -6.29 38.80
C ALA I 343 28.73 -5.41 39.70
N THR I 344 28.43 -4.10 39.72
CA THR I 344 29.24 -3.19 40.51
C THR I 344 29.08 -3.43 42.01
N ILE I 345 27.83 -3.62 42.45
CA ILE I 345 27.58 -3.94 43.85
C ILE I 345 28.30 -5.23 44.24
N ASN I 346 28.26 -6.23 43.35
CA ASN I 346 28.95 -7.48 43.61
C ASN I 346 30.47 -7.26 43.75
N VAL I 347 31.05 -6.51 42.81
CA VAL I 347 32.49 -6.27 42.84
C VAL I 347 32.89 -5.53 44.12
N LEU I 348 32.15 -4.47 44.45
CA LEU I 348 32.46 -3.69 45.63
C LEU I 348 32.38 -4.52 46.90
N LEU I 349 31.37 -5.37 47.01
CA LEU I 349 31.24 -6.18 48.23
C LEU I 349 32.24 -7.33 48.30
N GLU I 350 32.53 -7.96 47.17
CA GLU I 350 33.41 -9.14 47.16
C GLU I 350 34.87 -8.79 47.36
N GLN I 351 35.30 -7.65 46.82
CA GLN I 351 36.69 -7.21 46.98
C GLN I 351 36.84 -6.17 48.09
N ASN I 352 35.77 -5.93 48.85
CA ASN I 352 35.75 -4.94 49.92
C ASN I 352 36.44 -3.64 49.51
N LEU I 353 36.05 -3.12 48.36
CA LEU I 353 36.64 -1.91 47.84
C LEU I 353 36.42 -0.64 48.69
N PRO I 354 35.33 -0.54 49.49
CA PRO I 354 35.26 0.61 50.43
C PRO I 354 36.44 0.69 51.39
N ALA I 355 36.75 -0.43 52.07
CA ALA I 355 37.88 -0.44 53.01
C ALA I 355 39.19 -0.09 52.32
N GLN I 356 39.42 -0.69 51.15
CA GLN I 356 40.58 -0.33 50.33
C GLN I 356 40.61 1.17 50.05
N ALA I 357 39.45 1.74 49.74
CA ALA I 357 39.36 3.18 49.50
C ALA I 357 39.76 3.98 50.75
N GLU I 358 39.42 3.47 51.93
CA GLU I 358 39.86 4.12 53.16
C GLU I 358 41.38 4.07 53.30
N GLN I 359 41.98 2.91 53.04
CA GLN I 359 43.42 2.75 53.22
C GLN I 359 44.20 3.60 52.21
N LYS I 360 43.96 3.36 50.93
CA LYS I 360 44.64 4.12 49.88
C LYS I 360 44.35 5.62 49.99
N GLY I 361 43.13 5.97 50.41
CA GLY I 361 42.81 7.36 50.65
C GLY I 361 43.66 7.99 51.75
N ASP I 362 43.77 7.29 52.88
CA ASP I 362 44.65 7.76 53.96
C ASP I 362 46.09 7.94 53.48
N MET I 363 46.56 6.99 52.68
CA MET I 363 47.95 7.05 52.22
C MET I 363 48.16 8.26 51.28
N LEU I 364 47.32 8.38 50.27
CA LEU I 364 47.44 9.50 49.32
C LEU I 364 47.28 10.85 50.02
N LEU I 365 46.34 10.95 50.95
CA LEU I 365 46.16 12.23 51.65
C LEU I 365 47.35 12.54 52.57
N ASP I 366 47.96 11.51 53.15
CA ASP I 366 49.21 11.73 53.88
C ASP I 366 50.29 12.34 52.97
N GLY I 367 50.50 11.72 51.81
CA GLY I 367 51.46 12.25 50.85
C GLY I 367 51.15 13.69 50.46
N PHE I 368 49.89 13.96 50.14
CA PHE I 368 49.49 15.30 49.72
C PHE I 368 49.67 16.34 50.83
N ARG I 369 49.43 15.94 52.08
CA ARG I 369 49.64 16.87 53.20
C ARG I 369 51.12 17.15 53.42
N GLN I 370 51.97 16.14 53.23
CA GLN I 370 53.41 16.36 53.33
C GLN I 370 53.89 17.33 52.25
N LEU I 371 53.45 17.09 51.00
CA LEU I 371 53.75 18.03 49.94
C LEU I 371 53.18 19.41 50.22
N ALA I 372 52.05 19.46 50.94
CA ALA I 372 51.43 20.74 51.30
C ALA I 372 52.32 21.54 52.26
N ARG I 373 52.91 20.87 53.25
CA ARG I 373 53.83 21.58 54.14
C ARG I 373 55.16 21.93 53.45
N GLU I 374 55.58 21.10 52.49
CA GLU I 374 56.82 21.42 51.80
C GLU I 374 56.65 22.56 50.78
N TYR I 375 55.43 22.79 50.30
CA TYR I 375 55.18 23.83 49.29
C TYR I 375 54.04 24.74 49.74
N PRO I 376 54.25 25.51 50.83
CA PRO I 376 53.21 26.46 51.24
C PRO I 376 53.10 27.67 50.30
N ASP I 377 54.10 27.90 49.46
CA ASP I 377 54.05 28.96 48.47
C ASP I 377 53.06 28.68 47.35
N LEU I 378 52.67 27.41 47.17
CA LEU I 378 51.77 27.00 46.11
C LEU I 378 50.49 26.33 46.62
N VAL I 379 50.60 25.52 47.67
CA VAL I 379 49.47 24.76 48.18
C VAL I 379 48.95 25.42 49.45
N GLN I 380 47.64 25.68 49.48
CA GLN I 380 47.00 26.20 50.68
C GLN I 380 46.70 25.07 51.66
N GLU I 381 46.04 24.02 51.20
CA GLU I 381 45.71 22.87 52.04
C GLU I 381 45.27 21.71 51.17
N ALA I 382 45.43 20.50 51.69
CA ALA I 382 44.91 19.27 51.08
C ALA I 382 43.91 18.63 52.01
N ARG I 383 42.82 18.13 51.46
CA ARG I 383 41.72 17.56 52.25
C ARG I 383 41.10 16.41 51.49
N GLY I 384 40.37 15.57 52.20
CA GLY I 384 39.71 14.43 51.59
C GLY I 384 39.10 13.51 52.61
N LYS I 385 38.35 12.54 52.09
CA LYS I 385 37.80 11.43 52.87
C LYS I 385 37.70 10.23 51.96
N GLY I 386 38.27 9.11 52.39
CA GLY I 386 38.42 7.97 51.49
C GLY I 386 39.19 8.38 50.24
N MET I 387 38.65 8.01 49.08
CA MET I 387 39.27 8.35 47.81
C MET I 387 38.58 9.52 47.12
N LEU I 388 37.98 10.41 47.89
CA LEU I 388 37.48 11.69 47.41
C LEU I 388 38.34 12.77 48.05
N MET I 389 39.29 13.30 47.29
CA MET I 389 40.25 14.25 47.86
C MET I 389 40.37 15.48 46.97
N ALA I 390 41.01 16.50 47.51
CA ALA I 390 41.23 17.74 46.80
C ALA I 390 42.45 18.47 47.34
N ILE I 391 43.10 19.23 46.49
CA ILE I 391 44.20 20.10 46.85
C ILE I 391 43.81 21.52 46.42
N GLU I 392 43.69 22.41 47.39
CA GLU I 392 43.40 23.82 47.13
C GLU I 392 44.71 24.59 47.05
N PHE I 393 44.87 25.38 45.98
CA PHE I 393 46.08 26.14 45.78
C PHE I 393 45.85 27.61 46.16
N VAL I 394 46.90 28.42 46.01
CA VAL I 394 46.83 29.83 46.41
C VAL I 394 45.97 30.65 45.45
N ASP I 395 46.21 30.48 44.15
CA ASP I 395 45.34 31.08 43.13
C ASP I 395 44.82 30.02 42.18
N ASN I 396 44.06 30.46 41.19
CA ASN I 396 43.56 29.58 40.13
C ASN I 396 44.65 29.28 39.11
N GLU I 397 45.51 30.27 38.82
CA GLU I 397 46.62 30.04 37.89
C GLU I 397 47.54 28.93 38.39
N ILE I 398 47.77 28.89 39.70
CA ILE I 398 48.64 27.87 40.29
C ILE I 398 48.06 26.48 40.11
N GLY I 399 46.82 26.29 40.53
CA GLY I 399 46.15 25.00 40.30
C GLY I 399 46.06 24.64 38.83
N TYR I 400 45.93 25.65 37.96
CA TYR I 400 45.97 25.43 36.53
C TYR I 400 47.31 24.81 36.10
N ASN I 401 48.40 25.45 36.50
CA ASN I 401 49.73 24.92 36.20
C ASN I 401 49.94 23.54 36.82
N PHE I 402 49.29 23.26 37.95
CA PHE I 402 49.38 21.93 38.53
C PHE I 402 48.69 20.89 37.66
N ALA I 403 47.47 21.19 37.24
CA ALA I 403 46.75 20.27 36.33
C ALA I 403 47.57 20.03 35.05
N SER I 404 48.16 21.10 34.51
CA SER I 404 48.96 20.98 33.29
C SER I 404 50.19 20.11 33.53
N GLU I 405 50.91 20.38 34.61
CA GLU I 405 52.15 19.66 34.91
C GLU I 405 51.87 18.18 35.20
N MET I 406 50.73 17.89 35.82
CA MET I 406 50.34 16.51 36.05
C MET I 406 49.93 15.84 34.73
N PHE I 407 49.30 16.59 33.83
CA PHE I 407 48.93 16.05 32.53
C PHE I 407 50.16 15.71 31.70
N ARG I 408 51.21 16.53 31.82
CA ARG I 408 52.45 16.25 31.08
C ARG I 408 53.15 15.01 31.61
N GLN I 409 53.02 14.74 32.90
CA GLN I 409 53.53 13.50 33.50
C GLN I 409 52.54 12.35 33.37
N ARG I 410 51.52 12.51 32.55
CA ARG I 410 50.55 11.45 32.23
C ARG I 410 49.83 10.96 33.49
N VAL I 411 49.46 11.90 34.35
CA VAL I 411 48.53 11.66 35.44
C VAL I 411 47.34 12.59 35.25
N LEU I 412 46.14 12.00 35.16
CA LEU I 412 44.93 12.74 34.85
C LEU I 412 44.31 13.36 36.11
N VAL I 413 44.17 14.67 36.12
CA VAL I 413 43.47 15.40 37.18
C VAL I 413 42.65 16.51 36.56
N ALA I 414 41.67 17.00 37.31
CA ALA I 414 40.81 18.08 36.84
C ALA I 414 40.29 18.90 38.01
N GLY I 415 39.81 20.10 37.66
CA GLY I 415 39.24 21.03 38.64
C GLY I 415 37.86 20.65 39.13
N THR I 416 37.32 21.52 39.98
CA THR I 416 35.97 21.36 40.54
C THR I 416 35.08 22.52 40.12
N LEU I 417 33.85 22.18 39.69
CA LEU I 417 32.97 23.16 39.03
C LEU I 417 32.68 24.37 39.90
N ASN I 418 32.58 24.19 41.21
CA ASN I 418 32.26 25.30 42.11
C ASN I 418 33.48 25.91 42.78
N ASN I 419 34.69 25.39 42.53
CA ASN I 419 35.88 25.93 43.19
C ASN I 419 37.02 25.99 42.18
N ALA I 420 37.42 27.21 41.82
CA ALA I 420 38.41 27.40 40.76
C ALA I 420 39.84 27.22 41.22
N LYS I 421 40.09 27.30 42.52
CA LYS I 421 41.45 27.13 43.06
C LYS I 421 41.76 25.69 43.45
N THR I 422 40.77 24.80 43.36
CA THR I 422 40.90 23.45 43.87
C THR I 422 40.99 22.44 42.73
N ILE I 423 41.92 21.49 42.88
CA ILE I 423 42.03 20.36 41.97
C ILE I 423 41.64 19.11 42.72
N ARG I 424 40.75 18.32 42.13
CA ARG I 424 40.27 17.12 42.78
C ARG I 424 41.14 15.93 42.41
N ILE I 425 41.29 15.04 43.38
CA ILE I 425 41.92 13.73 43.17
C ILE I 425 40.85 12.69 43.48
N GLU I 426 40.38 12.01 42.44
CA GLU I 426 39.26 11.07 42.54
C GLU I 426 39.58 9.83 41.69
N PRO I 427 40.64 9.09 42.04
CA PRO I 427 41.05 7.95 41.24
C PRO I 427 40.13 6.74 41.51
N PRO I 428 40.22 5.70 40.67
CA PRO I 428 39.46 4.49 40.95
C PRO I 428 39.82 3.87 42.30
N LEU I 429 38.87 3.17 42.90
CA LEU I 429 39.16 2.46 44.14
C LEU I 429 40.12 1.29 43.94
N THR I 430 40.28 0.87 42.70
CA THR I 430 41.18 -0.22 42.33
C THR I 430 42.61 0.23 42.09
N LEU I 431 42.91 1.53 42.34
CA LEU I 431 44.24 2.04 42.14
C LEU I 431 45.24 1.26 43.00
N THR I 432 46.33 0.82 42.38
CA THR I 432 47.28 0.00 43.08
C THR I 432 48.28 0.86 43.85
N ILE I 433 48.91 0.27 44.86
CA ILE I 433 49.82 0.97 45.74
C ILE I 433 51.00 1.57 44.95
N GLU I 434 51.53 0.81 44.00
CA GLU I 434 52.58 1.33 43.14
C GLU I 434 52.14 2.61 42.42
N GLN I 435 50.93 2.60 41.89
CA GLN I 435 50.39 3.79 41.23
C GLN I 435 50.12 4.92 42.24
N CYS I 436 49.81 4.57 43.49
CA CYS I 436 49.67 5.59 44.54
C CYS I 436 50.99 6.34 44.75
N GLU I 437 52.08 5.58 44.93
CA GLU I 437 53.38 6.22 45.05
C GLU I 437 53.77 7.00 43.78
N LEU I 438 53.43 6.44 42.63
CA LEU I 438 53.71 7.15 41.37
C LEU I 438 52.96 8.49 41.29
N VAL I 439 51.74 8.52 41.81
CA VAL I 439 50.96 9.76 41.78
C VAL I 439 51.52 10.78 42.78
N ILE I 440 51.97 10.29 43.93
CA ILE I 440 52.61 11.18 44.91
C ILE I 440 53.87 11.81 44.31
N LYS I 441 54.71 10.97 43.70
CA LYS I 441 55.94 11.46 43.07
C LYS I 441 55.62 12.45 41.94
N ALA I 442 54.61 12.13 41.14
CA ALA I 442 54.18 13.03 40.07
C ALA I 442 53.75 14.38 40.63
N ALA I 443 53.01 14.38 41.73
CA ALA I 443 52.61 15.63 42.38
C ALA I 443 53.85 16.41 42.85
N ARG I 444 54.85 15.69 43.35
CA ARG I 444 56.08 16.35 43.79
C ARG I 444 56.78 17.04 42.64
N LYS I 445 57.00 16.32 41.54
CA LYS I 445 57.66 16.90 40.38
C LYS I 445 56.86 18.07 39.81
N ALA I 446 55.53 17.96 39.85
CA ALA I 446 54.68 19.07 39.47
C ALA I 446 54.95 20.32 40.30
N LEU I 447 54.89 20.17 41.62
CA LEU I 447 55.08 21.32 42.50
C LEU I 447 56.48 21.91 42.36
N ALA I 448 57.48 21.05 42.18
CA ALA I 448 58.86 21.52 41.96
C ALA I 448 58.94 22.36 40.70
N ALA I 449 58.43 21.84 39.59
CA ALA I 449 58.41 22.59 38.33
C ALA I 449 57.67 23.90 38.48
N MET I 450 56.59 23.92 39.24
CA MET I 450 55.80 25.16 39.42
C MET I 450 56.59 26.19 40.24
N ARG I 451 57.31 25.74 41.27
CA ARG I 451 58.10 26.68 42.05
C ARG I 451 59.25 27.27 41.22
N GLN I 452 59.97 26.40 40.54
CA GLN I 452 61.00 26.87 39.60
C GLN I 452 60.39 27.78 38.56
N GLN I 453 59.16 27.54 38.15
CA GLN I 453 58.47 28.36 37.15
C GLN I 453 58.19 29.77 37.67
N VAL I 454 57.56 29.87 38.84
CA VAL I 454 57.24 31.17 39.40
C VAL I 454 58.53 31.97 39.66
N ALA I 455 59.58 31.27 40.09
CA ALA I 455 60.90 31.90 40.18
C ALA I 455 61.31 32.45 38.80
N PHE I 456 61.15 31.65 37.76
CA PHE I 456 61.56 32.04 36.41
C PHE I 456 60.80 33.28 35.92
N TYR I 457 59.51 33.39 36.24
CA TYR I 457 58.74 34.56 35.84
C TYR I 457 59.16 35.79 36.64
N GLU I 458 59.25 35.63 37.98
CA GLU I 458 59.63 36.76 38.81
C GLU I 458 61.01 37.32 38.39
N ILE I 459 61.92 36.44 38.02
CA ILE I 459 63.21 36.91 37.51
C ILE I 459 63.04 37.58 36.15
N LEU I 460 62.09 37.09 35.37
CA LEU I 460 61.88 37.63 34.03
C LEU I 460 61.25 39.03 34.03
N HIS I 461 60.48 39.37 35.08
CA HIS I 461 59.77 40.63 35.11
C HIS I 461 60.46 41.76 35.87
N LEU I 462 61.59 41.50 36.51
CA LEU I 462 62.30 42.56 37.22
C LEU I 462 62.74 43.67 36.25
N PRO I 463 62.27 44.92 36.47
CA PRO I 463 62.55 45.99 35.49
C PRO I 463 63.94 46.61 35.60
N ASN I 464 64.50 46.60 36.81
CA ASN I 464 65.83 47.19 37.04
C ASN I 464 66.97 46.17 36.77
N LEU I 465 66.95 45.61 35.57
CA LEU I 465 67.91 44.62 35.14
C LEU I 465 68.12 44.74 33.66
N ASN I 466 69.37 44.87 33.22
CA ASN I 466 69.67 44.84 31.79
C ASN I 466 69.53 43.42 31.26
N GLU I 467 69.92 43.21 30.00
CA GLU I 467 69.65 41.94 29.35
C GLU I 467 70.71 40.92 29.69
N GLU I 468 71.95 41.35 29.90
CA GLU I 468 73.07 40.42 30.07
C GLU I 468 72.94 39.60 31.36
N GLN I 469 72.81 40.30 32.48
CA GLN I 469 72.71 39.58 33.77
C GLN I 469 71.38 38.87 33.91
N ARG I 470 70.34 39.27 33.19
CA ARG I 470 69.11 38.49 33.14
C ARG I 470 69.35 37.16 32.44
N ASN I 471 70.02 37.21 31.27
CA ASN I 471 70.39 35.98 30.58
C ASN I 471 71.26 35.09 31.47
N ALA I 472 72.15 35.69 32.23
CA ALA I 472 72.96 34.93 33.17
C ALA I 472 72.08 34.31 34.24
N PHE I 473 71.14 35.07 34.79
CA PHE I 473 70.29 34.58 35.86
C PHE I 473 69.39 33.40 35.43
N ILE I 474 68.72 33.54 34.29
CA ILE I 474 67.87 32.42 33.84
C ILE I 474 68.74 31.28 33.33
N GLN I 475 69.89 31.58 32.76
CA GLN I 475 70.82 30.54 32.34
C GLN I 475 71.19 29.66 33.54
N SER I 476 71.67 30.27 34.62
CA SER I 476 72.00 29.49 35.82
C SER I 476 70.77 28.85 36.40
N LEU I 477 69.64 29.55 36.37
CA LEU I 477 68.39 28.97 36.90
C LEU I 477 68.04 27.65 36.20
N LYS I 478 68.34 27.56 34.90
CA LYS I 478 68.19 26.31 34.19
C LYS I 478 69.27 25.29 34.56
N ASP I 479 70.52 25.74 34.67
CA ASP I 479 71.62 24.79 34.82
C ASP I 479 71.77 24.25 36.26
N ASP I 480 71.29 24.98 37.24
CA ASP I 480 71.23 24.56 38.61
C ASP I 480 69.86 24.90 39.21
N PRO I 481 68.86 24.01 39.10
CA PRO I 481 67.51 24.33 39.60
C PRO I 481 67.37 24.43 41.13
N SER I 482 68.21 23.67 41.86
CA SER I 482 68.11 23.68 43.32
C SER I 482 68.56 25.00 43.99
N GLN I 483 69.35 25.78 43.26
CA GLN I 483 69.73 27.12 43.67
C GLN I 483 68.66 28.15 43.37
N SER I 484 67.55 27.75 42.76
CA SER I 484 66.51 28.69 42.32
C SER I 484 66.16 29.75 43.37
N ALA I 485 65.96 29.30 44.61
CA ALA I 485 65.59 30.20 45.69
C ALA I 485 66.63 31.29 45.91
N ASN I 486 67.90 30.90 45.90
CA ASN I 486 68.95 31.90 46.16
C ASN I 486 69.05 32.93 45.03
N LEU I 487 69.16 32.45 43.80
CA LEU I 487 69.34 33.33 42.63
C LEU I 487 68.22 34.34 42.48
N LEU I 488 66.96 33.92 42.74
CA LEU I 488 65.86 34.85 42.72
C LEU I 488 66.11 35.97 43.72
N ALA I 489 66.48 35.58 44.94
CA ALA I 489 66.86 36.57 45.95
C ALA I 489 67.99 37.47 45.38
N GLU I 490 69.02 36.84 44.81
CA GLU I 490 70.10 37.61 44.23
C GLU I 490 69.58 38.59 43.18
N ALA I 491 68.69 38.11 42.31
CA ALA I 491 68.10 38.97 41.29
C ALA I 491 67.51 40.23 41.93
N LYS I 492 66.64 40.05 42.91
CA LYS I 492 66.05 41.17 43.59
C LYS I 492 67.09 41.97 44.38
N LYS I 493 68.08 41.28 44.94
CA LYS I 493 69.21 41.93 45.59
C LYS I 493 69.84 43.00 44.66
N LEU I 494 69.87 42.70 43.36
CA LEU I 494 70.38 43.64 42.38
C LEU I 494 69.30 44.54 41.81
N ASN I 495 68.06 44.06 41.74
CA ASN I 495 66.97 44.90 41.22
C ASN I 495 66.68 46.08 42.16
N ASP I 496 67.03 45.93 43.45
CA ASP I 496 66.87 47.02 44.38
C ASP I 496 68.05 48.00 44.32
N ALA I 497 69.25 47.50 44.03
CA ALA I 497 70.45 48.29 44.12
C ALA I 497 70.68 49.23 42.95
N GLN I 498 69.76 49.29 41.97
CA GLN I 498 69.88 50.23 40.87
C GLN I 498 68.52 50.87 40.56
N ALA I 499 67.68 51.01 41.57
CA ALA I 499 66.28 51.45 41.37
C ALA I 499 66.20 52.95 41.07
N SER J 5 15.94 -9.27 53.50
CA SER J 5 16.01 -10.75 53.70
C SER J 5 17.46 -11.23 53.78
N ALA J 6 18.08 -11.30 52.60
CA ALA J 6 19.47 -11.71 52.45
C ALA J 6 20.36 -10.47 52.29
N SER J 7 21.67 -10.69 52.39
CA SER J 7 22.64 -9.63 52.19
C SER J 7 22.68 -9.17 50.74
N ALA J 8 23.13 -7.94 50.55
CA ALA J 8 23.24 -7.37 49.21
C ALA J 8 24.16 -8.22 48.32
N LEU J 9 25.21 -8.80 48.89
CA LEU J 9 26.10 -9.66 48.14
C LEU J 9 25.38 -10.89 47.57
N ALA J 10 24.59 -11.54 48.42
CA ALA J 10 23.81 -12.70 47.97
C ALA J 10 22.84 -12.31 46.84
N CYS J 11 22.12 -11.21 47.03
CA CYS J 11 21.17 -10.74 46.02
C CYS J 11 21.88 -10.48 44.68
N SER J 12 22.98 -9.73 44.72
CA SER J 12 23.75 -9.44 43.51
C SER J 12 24.23 -10.74 42.85
N ALA J 13 24.76 -11.67 43.65
CA ALA J 13 25.27 -12.93 43.10
C ALA J 13 24.16 -13.71 42.39
N HIS J 14 23.00 -13.83 43.04
CA HIS J 14 21.85 -14.47 42.42
C HIS J 14 21.48 -13.79 41.10
N ALA J 15 21.48 -12.46 41.11
CA ALA J 15 21.13 -11.70 39.91
C ALA J 15 22.11 -11.98 38.77
N LEU J 16 23.40 -12.06 39.09
CA LEU J 16 24.39 -12.34 38.04
C LEU J 16 24.27 -13.77 37.52
N ASN J 17 24.01 -14.72 38.42
CA ASN J 17 23.72 -16.09 37.99
C ASN J 17 22.55 -16.12 37.01
N LEU J 18 21.56 -15.26 37.24
CA LEU J 18 20.39 -15.24 36.38
C LEU J 18 20.64 -14.47 35.07
N ILE J 19 21.55 -13.50 35.11
CA ILE J 19 21.97 -12.81 33.89
C ILE J 19 22.75 -13.77 32.98
N GLU J 20 23.55 -14.65 33.57
CA GLU J 20 24.35 -15.57 32.76
C GLU J 20 23.53 -16.71 32.15
N LYS J 21 22.34 -16.98 32.69
CA LYS J 21 21.48 -18.03 32.13
C LYS J 21 20.85 -17.58 30.82
N ARG J 22 20.72 -18.52 29.89
CA ARG J 22 20.14 -18.25 28.57
C ARG J 22 18.72 -18.78 28.42
N THR J 23 18.42 -19.90 29.10
CA THR J 23 17.07 -20.44 29.13
C THR J 23 16.74 -20.85 30.55
N LEU J 24 15.45 -21.02 30.81
CA LEU J 24 14.96 -21.40 32.12
C LEU J 24 14.10 -22.63 31.99
N ASP J 25 14.32 -23.63 32.85
CA ASP J 25 13.26 -24.59 33.06
C ASP J 25 12.07 -23.91 33.75
N HIS J 26 10.96 -24.65 33.75
CA HIS J 26 9.69 -24.14 34.27
C HIS J 26 9.74 -23.92 35.79
N GLU J 27 10.44 -24.73 36.58
CA GLU J 27 10.55 -24.40 38.01
C GLU J 27 11.47 -23.20 38.26
N GLU J 28 12.47 -23.06 37.40
CA GLU J 28 13.25 -21.84 37.33
C GLU J 28 12.38 -20.66 36.92
N MET J 29 11.53 -20.87 35.94
CA MET J 29 10.66 -19.81 35.39
C MET J 29 9.64 -19.37 36.44
N LYS J 30 8.97 -20.34 37.07
CA LYS J 30 7.97 -20.07 38.08
C LYS J 30 8.62 -19.39 39.28
N ALA J 31 9.77 -19.86 39.72
CA ALA J 31 10.47 -19.22 40.82
C ALA J 31 10.85 -17.76 40.48
N LEU J 32 11.32 -17.55 39.24
CA LEU J 32 11.73 -16.21 38.84
C LEU J 32 10.54 -15.27 38.71
N ASN J 33 9.45 -15.74 38.11
CA ASN J 33 8.24 -14.93 38.00
C ASN J 33 7.68 -14.57 39.38
N ARG J 34 7.65 -15.56 40.27
CA ARG J 34 7.21 -15.29 41.65
C ARG J 34 8.10 -14.25 42.32
N GLU J 35 9.42 -14.38 42.12
CA GLU J 35 10.37 -13.44 42.68
C GLU J 35 10.13 -12.01 42.15
N VAL J 36 9.97 -11.87 40.84
CA VAL J 36 9.85 -10.54 40.26
C VAL J 36 8.53 -9.89 40.62
N ILE J 37 7.47 -10.69 40.75
CA ILE J 37 6.19 -10.14 41.23
C ILE J 37 6.35 -9.66 42.68
N GLU J 38 7.02 -10.44 43.51
CA GLU J 38 7.23 -10.03 44.90
C GLU J 38 8.04 -8.73 44.98
N TYR J 39 9.17 -8.67 44.27
CA TYR J 39 10.04 -7.50 44.35
C TYR J 39 9.43 -6.27 43.68
N PHE J 40 8.58 -6.47 42.69
CA PHE J 40 7.80 -5.37 42.14
C PHE J 40 6.82 -4.85 43.19
N LYS J 41 6.19 -5.77 43.92
CA LYS J 41 5.21 -5.39 44.93
C LYS J 41 5.85 -4.65 46.10
N GLU J 42 7.05 -5.04 46.50
CA GLU J 42 7.68 -4.53 47.71
C GLU J 42 8.83 -3.56 47.52
N HIS J 43 9.30 -3.36 46.29
CA HIS J 43 10.49 -2.53 46.06
C HIS J 43 10.44 -1.65 44.82
N VAL J 44 9.50 -1.89 43.91
CA VAL J 44 9.39 -1.09 42.69
C VAL J 44 8.12 -0.24 42.77
N ASN J 45 6.97 -0.86 42.51
CA ASN J 45 5.66 -0.23 42.63
C ASN J 45 4.56 -1.29 42.47
N PRO J 46 3.72 -1.49 43.49
CA PRO J 46 2.57 -2.41 43.33
C PRO J 46 1.51 -1.88 42.36
N GLY J 47 1.46 -0.55 42.20
CA GLY J 47 0.53 0.04 41.26
C GLY J 47 0.70 -0.49 39.85
N PHE J 48 1.95 -0.73 39.44
CA PHE J 48 2.19 -1.29 38.11
C PHE J 48 1.50 -2.65 37.96
N LEU J 49 1.57 -3.47 39.00
CA LEU J 49 0.91 -4.76 38.96
C LEU J 49 -0.59 -4.57 38.75
N GLU J 50 -1.17 -3.60 39.45
CA GLU J 50 -2.61 -3.37 39.27
C GLU J 50 -2.94 -2.88 37.85
N TYR J 51 -2.08 -2.04 37.29
CA TYR J 51 -2.31 -1.50 35.95
C TYR J 51 -2.31 -2.63 34.91
N ARG J 52 -1.26 -3.45 34.92
CA ARG J 52 -1.21 -4.55 33.98
C ARG J 52 -2.37 -5.52 34.20
N LYS J 53 -2.85 -5.62 35.43
CA LYS J 53 -4.08 -6.37 35.65
C LYS J 53 -5.23 -5.75 34.85
N SER J 54 -5.30 -4.42 34.85
CA SER J 54 -6.40 -3.81 34.10
C SER J 54 -6.21 -3.91 32.59
N VAL J 55 -5.04 -4.32 32.11
CA VAL J 55 -4.92 -4.46 30.66
C VAL J 55 -4.66 -5.91 30.22
N THR J 56 -5.00 -6.87 31.07
CA THR J 56 -4.78 -8.30 30.76
C THR J 56 -5.92 -9.14 31.28
N ALA J 57 -5.83 -10.45 31.05
CA ALA J 57 -6.78 -11.40 31.61
C ALA J 57 -6.02 -12.55 32.24
N GLY J 58 -6.33 -12.84 33.50
CA GLY J 58 -5.63 -13.84 34.28
C GLY J 58 -4.15 -13.57 34.39
N GLY J 59 -3.39 -14.65 34.56
CA GLY J 59 -1.96 -14.57 34.82
C GLY J 59 -1.17 -13.86 33.74
N ASP J 60 -1.85 -13.43 32.69
CA ASP J 60 -1.20 -12.60 31.67
C ASP J 60 -0.69 -11.30 32.26
N TYR J 61 -1.29 -10.82 33.34
CA TYR J 61 -0.75 -9.64 34.00
C TYR J 61 0.68 -9.85 34.52
N GLY J 62 1.12 -11.10 34.58
CA GLY J 62 2.42 -11.42 35.15
C GLY J 62 3.35 -12.05 34.14
N ALA J 63 3.39 -11.48 32.95
CA ALA J 63 4.38 -11.87 31.94
C ALA J 63 5.66 -11.09 32.22
N VAL J 64 6.78 -11.81 32.24
CA VAL J 64 8.06 -11.24 32.57
C VAL J 64 8.95 -11.25 31.34
N GLU J 65 9.56 -10.11 31.03
CA GLU J 65 10.50 -10.06 29.93
C GLU J 65 11.68 -11.02 30.14
N TRP J 66 12.20 -11.51 29.04
CA TRP J 66 13.38 -12.37 29.09
C TRP J 66 14.38 -12.01 27.99
N GLN J 67 13.97 -12.11 26.73
CA GLN J 67 14.92 -11.91 25.65
C GLN J 67 14.22 -11.45 24.39
N ALA J 68 14.94 -10.70 23.56
CA ALA J 68 14.49 -10.41 22.21
C ALA J 68 14.44 -11.68 21.38
N GLY J 69 13.31 -11.90 20.71
CA GLY J 69 13.16 -13.05 19.83
C GLY J 69 13.81 -12.84 18.48
N SER J 70 13.22 -11.97 17.67
CA SER J 70 13.81 -11.56 16.40
C SER J 70 13.86 -10.04 16.40
N LEU J 71 13.96 -9.44 15.23
CA LEU J 71 13.93 -7.98 15.13
C LEU J 71 12.64 -7.40 15.69
N ASN J 72 11.52 -8.11 15.53
CA ASN J 72 10.21 -7.57 15.84
C ASN J 72 9.43 -8.38 16.88
N THR J 73 10.11 -9.27 17.59
CA THR J 73 9.44 -10.15 18.56
C THR J 73 10.16 -10.13 19.90
N LEU J 74 9.39 -10.32 20.96
CA LEU J 74 9.89 -10.42 22.32
C LEU J 74 9.45 -11.72 22.94
N VAL J 75 10.32 -12.32 23.74
CA VAL J 75 10.08 -13.63 24.34
C VAL J 75 10.14 -13.49 25.85
N ASP J 76 9.05 -13.87 26.51
CA ASP J 76 8.95 -13.81 27.96
C ASP J 76 9.62 -15.03 28.60
N THR J 77 9.54 -15.11 29.92
CA THR J 77 10.19 -16.18 30.66
C THR J 77 9.58 -17.56 30.41
N GLN J 78 8.42 -17.61 29.75
CA GLN J 78 7.75 -18.87 29.47
C GLN J 78 7.92 -19.32 28.02
N GLY J 79 8.75 -18.61 27.27
CA GLY J 79 8.95 -18.93 25.86
C GLY J 79 7.88 -18.40 24.93
N GLN J 80 6.88 -17.69 25.45
CA GLN J 80 5.85 -17.12 24.60
C GLN J 80 6.42 -15.96 23.80
N GLU J 81 6.15 -15.96 22.50
CA GLU J 81 6.65 -14.94 21.59
C GLU J 81 5.56 -13.94 21.24
N PHE J 82 5.93 -12.66 21.28
CA PHE J 82 5.02 -11.56 21.03
C PHE J 82 5.54 -10.73 19.86
N ILE J 83 4.64 -10.34 18.97
CA ILE J 83 4.95 -9.33 17.98
C ILE J 83 4.87 -7.96 18.66
N ASP J 84 5.91 -7.16 18.52
CA ASP J 84 6.01 -5.90 19.23
C ASP J 84 5.42 -4.78 18.37
N CYS J 85 4.17 -4.44 18.64
CA CYS J 85 3.53 -3.26 18.05
C CYS J 85 3.59 -2.05 18.99
N LEU J 86 4.34 -2.15 20.07
CA LEU J 86 4.56 -1.05 21.00
C LEU J 86 5.87 -0.32 20.74
N GLY J 87 6.92 -1.06 20.42
CA GLY J 87 8.21 -0.46 20.07
C GLY J 87 8.78 0.43 21.14
N GLY J 88 8.51 0.13 22.40
CA GLY J 88 8.94 0.98 23.50
C GLY J 88 8.51 2.43 23.35
N PHE J 89 7.29 2.64 22.84
CA PHE J 89 6.74 3.97 22.59
C PHE J 89 7.63 4.79 21.67
N GLY J 90 8.23 4.13 20.69
CA GLY J 90 9.09 4.77 19.71
C GLY J 90 10.58 4.55 19.88
N ILE J 91 10.99 3.56 20.66
CA ILE J 91 12.41 3.28 20.88
C ILE J 91 12.99 2.36 19.79
N PHE J 92 12.28 1.27 19.48
CA PHE J 92 12.84 0.21 18.65
C PHE J 92 12.52 0.40 17.18
N ASN J 93 12.92 1.55 16.64
CA ASN J 93 12.67 1.84 15.22
C ASN J 93 13.43 0.88 14.30
N VAL J 94 14.60 0.43 14.71
CA VAL J 94 15.38 -0.50 13.90
C VAL J 94 15.34 -1.91 14.49
N GLY J 95 14.29 -2.20 15.25
CA GLY J 95 14.09 -3.54 15.78
C GLY J 95 14.87 -3.82 17.05
N HIS J 96 14.69 -5.02 17.57
CA HIS J 96 15.35 -5.46 18.79
C HIS J 96 16.68 -6.14 18.45
N ARG J 97 17.72 -5.78 19.19
CA ARG J 97 19.07 -6.30 18.98
C ARG J 97 19.47 -6.25 17.50
N ASN J 98 19.41 -5.06 16.93
CA ASN J 98 19.78 -4.85 15.55
C ASN J 98 21.26 -5.20 15.37
N PRO J 99 21.59 -6.17 14.50
CA PRO J 99 22.98 -6.65 14.41
C PRO J 99 24.03 -5.56 14.24
N VAL J 100 23.73 -4.53 13.45
CA VAL J 100 24.69 -3.46 13.25
C VAL J 100 24.92 -2.67 14.55
N VAL J 101 23.84 -2.32 15.22
CA VAL J 101 23.93 -1.54 16.45
C VAL J 101 24.60 -2.36 17.57
N VAL J 102 24.18 -3.62 17.71
CA VAL J 102 24.79 -4.52 18.68
C VAL J 102 26.29 -4.66 18.39
N SER J 103 26.65 -4.73 17.12
CA SER J 103 28.05 -4.89 16.73
C SER J 103 28.86 -3.65 17.13
N ALA J 104 28.37 -2.46 16.77
CA ALA J 104 29.07 -1.22 17.13
C ALA J 104 29.22 -1.08 18.64
N VAL J 105 28.15 -1.36 19.38
CA VAL J 105 28.18 -1.27 20.83
C VAL J 105 29.18 -2.27 21.41
N GLN J 106 29.27 -3.45 20.81
CA GLN J 106 30.21 -4.46 21.27
C GLN J 106 31.67 -4.04 21.02
N ASN J 107 31.94 -3.46 19.84
CA ASN J 107 33.29 -3.01 19.54
C ASN J 107 33.72 -1.88 20.47
N GLN J 108 32.87 -0.87 20.62
CA GLN J 108 33.22 0.25 21.50
C GLN J 108 33.30 -0.19 22.96
N LEU J 109 32.47 -1.17 23.34
CA LEU J 109 32.60 -1.79 24.65
C LEU J 109 33.96 -2.46 24.81
N ALA J 110 34.46 -3.06 23.73
CA ALA J 110 35.79 -3.66 23.75
C ALA J 110 36.87 -2.58 23.94
N LYS J 111 36.63 -1.37 23.43
CA LYS J 111 37.62 -0.30 23.62
C LYS J 111 37.40 0.49 24.90
N GLN J 112 36.30 1.24 24.96
CA GLN J 112 36.02 2.06 26.15
C GLN J 112 34.55 2.48 26.21
N PRO J 113 33.83 2.07 27.26
CA PRO J 113 32.39 2.39 27.32
C PRO J 113 32.07 3.84 27.68
N LEU J 114 32.65 4.34 28.76
CA LEU J 114 32.44 5.72 29.20
C LEU J 114 33.71 6.53 29.11
N HIS J 115 33.58 7.82 28.82
CA HIS J 115 34.71 8.71 28.62
C HIS J 115 35.17 9.36 29.91
N SER J 116 36.38 9.90 29.90
CA SER J 116 36.95 10.53 31.10
C SER J 116 36.25 11.83 31.50
N GLN J 117 35.55 12.45 30.55
CA GLN J 117 34.89 13.77 30.66
C GLN J 117 35.86 14.93 30.58
N GLU J 118 37.16 14.64 30.44
CA GLU J 118 38.19 15.66 30.36
C GLU J 118 38.84 15.71 28.99
N LEU J 119 39.30 14.57 28.49
CA LEU J 119 39.85 14.50 27.15
C LEU J 119 38.78 14.54 26.08
N LEU J 120 39.19 14.85 24.85
CA LEU J 120 38.26 14.82 23.72
C LEU J 120 37.95 13.39 23.37
N ASP J 121 36.67 13.06 23.37
CA ASP J 121 36.21 11.76 22.93
C ASP J 121 35.79 11.88 21.47
N PRO J 122 36.29 10.97 20.60
CA PRO J 122 36.08 11.16 19.17
C PRO J 122 34.66 10.89 18.67
N LEU J 123 33.96 9.93 19.27
CA LEU J 123 32.64 9.59 18.80
C LEU J 123 31.60 10.68 19.05
N ARG J 124 31.86 11.54 20.04
CA ARG J 124 30.99 12.70 20.24
C ARG J 124 31.12 13.67 19.07
N ALA J 125 32.36 13.91 18.63
CA ALA J 125 32.59 14.76 17.46
C ALA J 125 32.00 14.13 16.19
N MET J 126 32.23 12.84 16.00
CA MET J 126 31.69 12.14 14.84
C MET J 126 30.17 12.22 14.80
N LEU J 127 29.53 12.00 15.95
CA LEU J 127 28.07 12.01 16.00
C LEU J 127 27.52 13.41 15.81
N ALA J 128 28.19 14.41 16.37
CA ALA J 128 27.77 15.80 16.17
C ALA J 128 27.85 16.17 14.69
N LYS J 129 28.93 15.77 14.01
CA LYS J 129 29.07 16.04 12.59
C LYS J 129 27.98 15.33 11.78
N THR J 130 27.76 14.06 12.09
CA THR J 130 26.72 13.29 11.42
C THR J 130 25.34 13.95 11.57
N LEU J 131 25.00 14.35 12.79
CA LEU J 131 23.72 14.99 13.04
C LEU J 131 23.60 16.33 12.33
N ALA J 132 24.71 17.07 12.25
CA ALA J 132 24.69 18.31 11.48
C ALA J 132 24.40 18.03 10.01
N ALA J 133 24.99 16.95 9.48
CA ALA J 133 24.72 16.57 8.10
C ALA J 133 23.28 16.09 7.90
N LEU J 134 22.68 15.50 8.93
CA LEU J 134 21.37 14.86 8.81
C LEU J 134 20.20 15.81 9.09
N THR J 135 20.44 16.94 9.76
CA THR J 135 19.35 17.83 10.19
C THR J 135 19.11 18.95 9.19
N PRO J 136 17.86 19.41 9.08
CA PRO J 136 17.55 20.47 8.11
C PRO J 136 18.25 21.80 8.40
N GLY J 137 18.64 22.48 7.34
CA GLY J 137 19.08 23.87 7.42
C GLY J 137 20.29 24.12 8.32
N LYS J 138 20.15 25.12 9.19
CA LYS J 138 21.26 25.62 9.97
C LYS J 138 21.48 24.91 11.31
N LEU J 139 20.69 23.88 11.60
CA LEU J 139 20.95 23.05 12.77
C LEU J 139 22.36 22.47 12.70
N LYS J 140 23.21 22.88 13.64
CA LYS J 140 24.64 22.67 13.48
C LYS J 140 25.33 22.08 14.72
N TYR J 141 24.93 22.53 15.90
CA TYR J 141 25.59 22.12 17.14
C TYR J 141 24.72 21.17 17.94
N SER J 142 25.34 20.16 18.54
CA SER J 142 24.62 19.14 19.29
C SER J 142 25.11 19.05 20.72
N PHE J 143 24.16 18.88 21.64
CA PHE J 143 24.44 18.57 23.03
C PHE J 143 23.85 17.20 23.34
N PHE J 144 24.64 16.32 23.93
CA PHE J 144 24.22 14.94 24.16
C PHE J 144 23.93 14.69 25.63
N CYS J 145 22.80 14.05 25.89
CA CYS J 145 22.36 13.67 27.23
C CYS J 145 21.87 12.23 27.16
N ASN J 146 21.04 11.82 28.11
CA ASN J 146 20.67 10.41 28.24
C ASN J 146 19.18 10.12 28.08
N SER J 147 18.32 11.13 27.92
CA SER J 147 16.90 10.88 27.85
C SER J 147 16.19 11.99 27.11
N GLY J 148 14.94 11.75 26.75
CA GLY J 148 14.13 12.77 26.09
C GLY J 148 13.89 13.98 26.95
N THR J 149 13.53 13.74 28.21
CA THR J 149 13.25 14.85 29.13
C THR J 149 14.51 15.71 29.34
N GLU J 150 15.68 15.08 29.34
CA GLU J 150 16.92 15.84 29.43
C GLU J 150 17.17 16.68 28.17
N SER J 151 16.83 16.12 27.02
CA SER J 151 16.95 16.88 25.77
C SER J 151 16.04 18.11 25.79
N VAL J 152 14.82 17.95 26.28
CA VAL J 152 13.91 19.08 26.40
C VAL J 152 14.44 20.09 27.43
N GLU J 153 15.05 19.60 28.52
CA GLU J 153 15.66 20.49 29.50
C GLU J 153 16.76 21.35 28.85
N ALA J 154 17.61 20.71 28.05
CA ALA J 154 18.67 21.44 27.37
C ALA J 154 18.10 22.45 26.38
N ALA J 155 17.02 22.08 25.69
CA ALA J 155 16.35 23.00 24.79
C ALA J 155 15.85 24.24 25.53
N LEU J 156 15.15 24.03 26.63
CA LEU J 156 14.63 25.14 27.43
C LEU J 156 15.76 26.02 27.95
N LYS J 157 16.87 25.40 28.38
CA LYS J 157 17.98 26.20 28.92
C LYS J 157 18.68 27.00 27.83
N LEU J 158 18.82 26.42 26.63
CA LEU J 158 19.33 27.17 25.49
C LEU J 158 18.45 28.37 25.19
N ALA J 159 17.14 28.15 25.14
CA ALA J 159 16.20 29.25 24.88
C ALA J 159 16.31 30.33 25.94
N LYS J 160 16.44 29.93 27.20
CA LYS J 160 16.52 30.89 28.30
C LYS J 160 17.82 31.70 28.23
N ALA J 161 18.94 31.02 28.03
CA ALA J 161 20.23 31.70 27.96
C ALA J 161 20.27 32.65 26.76
N TYR J 162 19.53 32.33 25.69
CA TYR J 162 19.52 33.20 24.52
C TYR J 162 18.57 34.38 24.68
N GLN J 163 17.43 34.17 25.34
CA GLN J 163 16.35 35.15 25.34
C GLN J 163 16.28 36.02 26.58
N SER J 164 16.82 35.56 27.71
CA SER J 164 16.83 36.38 28.92
C SER J 164 17.60 37.70 28.76
N PRO J 165 18.79 37.71 28.10
CA PRO J 165 19.43 39.01 27.84
C PRO J 165 18.64 39.88 26.87
N ARG J 166 17.61 39.32 26.22
CA ARG J 166 16.75 40.08 25.33
C ARG J 166 15.38 40.39 25.95
N GLY J 167 15.23 40.16 27.24
CA GLY J 167 14.00 40.54 27.95
C GLY J 167 12.78 39.67 27.68
N LYS J 168 13.01 38.40 27.32
CA LYS J 168 11.91 37.48 27.03
C LYS J 168 12.05 36.25 27.92
N PHE J 169 10.96 35.90 28.62
CA PHE J 169 11.00 34.86 29.64
C PHE J 169 9.91 33.80 29.56
N THR J 170 8.80 34.07 28.89
CA THR J 170 7.65 33.17 28.94
C THR J 170 7.70 32.14 27.82
N PHE J 171 7.20 30.95 28.11
CA PHE J 171 7.20 29.85 27.14
C PHE J 171 5.78 29.44 26.79
N ILE J 172 5.54 29.20 25.50
CA ILE J 172 4.25 28.73 25.01
C ILE J 172 4.38 27.27 24.59
N ALA J 173 3.54 26.42 25.16
CA ALA J 173 3.39 25.04 24.75
C ALA J 173 1.93 24.84 24.28
N THR J 174 1.59 23.59 24.00
CA THR J 174 0.23 23.26 23.57
C THR J 174 -0.42 22.26 24.51
N SER J 175 -1.74 22.33 24.62
CA SER J 175 -2.47 21.32 25.37
C SER J 175 -2.35 19.96 24.70
N GLY J 176 -2.39 18.91 25.51
CA GLY J 176 -2.16 17.57 25.02
C GLY J 176 -0.70 17.24 24.72
N ALA J 177 0.21 18.20 24.91
CA ALA J 177 1.62 17.97 24.64
C ALA J 177 2.26 17.18 25.78
N PHE J 178 3.31 16.44 25.42
CA PHE J 178 4.17 15.76 26.40
C PHE J 178 5.61 16.00 26.00
N HIS J 179 6.40 16.53 26.95
CA HIS J 179 7.80 16.86 26.71
C HIS J 179 8.73 16.30 27.77
N GLY J 180 8.23 15.45 28.66
CA GLY J 180 9.04 14.90 29.73
C GLY J 180 8.51 15.24 31.09
N LYS J 181 9.10 14.60 32.10
CA LYS J 181 8.59 14.64 33.46
C LYS J 181 9.56 15.25 34.47
N SER J 182 10.79 15.57 34.05
CA SER J 182 11.63 16.43 34.88
C SER J 182 10.97 17.80 34.96
N LEU J 183 11.15 18.46 36.11
CA LEU J 183 10.37 19.64 36.44
C LEU J 183 10.39 20.71 35.37
N GLY J 184 11.57 20.96 34.79
CA GLY J 184 11.68 21.89 33.68
C GLY J 184 10.80 21.46 32.51
N ALA J 185 11.04 20.26 32.00
CA ALA J 185 10.23 19.73 30.91
C ALA J 185 8.76 19.60 31.33
N LEU J 186 8.52 19.25 32.60
CA LEU J 186 7.15 19.11 33.09
C LEU J 186 6.38 20.42 33.04
N SER J 187 7.09 21.55 33.13
CA SER J 187 6.43 22.85 32.96
C SER J 187 5.83 22.99 31.57
N ALA J 188 6.41 22.32 30.57
CA ALA J 188 5.92 22.36 29.21
C ALA J 188 4.87 21.27 28.93
N THR J 189 5.11 20.06 29.42
CA THR J 189 4.11 19.00 29.40
C THR J 189 2.76 19.54 29.88
N ALA J 190 1.67 19.02 29.34
CA ALA J 190 0.35 19.64 29.49
C ALA J 190 -0.68 18.85 30.28
N LYS J 191 -0.42 17.59 30.62
CA LYS J 191 -1.44 16.76 31.25
C LYS J 191 -1.60 17.11 32.73
N SER J 192 -2.78 17.61 33.08
CA SER J 192 -3.14 18.00 34.45
C SER J 192 -2.63 17.05 35.55
N THR J 193 -2.97 15.77 35.42
CA THR J 193 -2.61 14.80 36.46
C THR J 193 -1.09 14.64 36.59
N PHE J 194 -0.35 14.88 35.52
CA PHE J 194 1.11 14.82 35.60
C PHE J 194 1.70 16.02 36.33
N ARG J 195 0.99 17.13 36.38
CA ARG J 195 1.57 18.40 36.84
C ARG J 195 1.09 18.88 38.20
N LYS J 196 -0.21 18.78 38.46
CA LYS J 196 -0.80 19.35 39.68
C LYS J 196 -0.08 18.97 40.99
N PRO J 197 0.27 17.69 41.22
CA PRO J 197 0.90 17.36 42.50
C PRO J 197 2.30 17.97 42.70
N PHE J 198 2.91 18.51 41.65
CA PHE J 198 4.26 19.06 41.73
C PHE J 198 4.30 20.57 41.51
N MET J 199 3.15 21.22 41.51
CA MET J 199 3.09 22.68 41.43
C MET J 199 3.50 23.26 42.78
N PRO J 200 4.18 24.41 42.78
CA PRO J 200 4.50 25.25 41.61
C PRO J 200 5.65 24.74 40.75
N LEU J 201 5.49 24.87 39.44
CA LEU J 201 6.51 24.58 38.46
C LEU J 201 7.15 25.89 38.00
N LEU J 202 7.88 25.84 36.88
CA LEU J 202 8.50 27.04 36.35
C LEU J 202 7.46 28.11 36.03
N PRO J 203 7.72 29.37 36.40
CA PRO J 203 6.80 30.45 36.03
C PRO J 203 6.84 30.77 34.55
N GLY J 204 5.77 31.38 34.07
CA GLY J 204 5.67 31.87 32.72
C GLY J 204 5.51 30.83 31.62
N PHE J 205 4.83 29.72 31.91
CA PHE J 205 4.50 28.72 30.90
C PHE J 205 3.02 28.77 30.59
N ARG J 206 2.69 28.89 29.30
CA ARG J 206 1.32 29.00 28.82
C ARG J 206 1.06 27.94 27.78
N HIS J 207 -0.22 27.56 27.64
CA HIS J 207 -0.62 26.54 26.67
C HIS J 207 -1.75 27.05 25.79
N VAL J 208 -1.68 26.71 24.51
CA VAL J 208 -2.72 27.02 23.54
C VAL J 208 -3.15 25.73 22.86
N PRO J 209 -4.33 25.71 22.23
CA PRO J 209 -4.77 24.49 21.55
C PRO J 209 -3.81 24.09 20.43
N PHE J 210 -3.53 22.79 20.34
CA PHE J 210 -2.61 22.29 19.32
C PHE J 210 -3.27 22.33 17.94
N GLY J 211 -2.54 22.81 16.95
CA GLY J 211 -3.03 22.87 15.58
C GLY J 211 -3.84 24.12 15.26
N ASN J 212 -3.91 25.07 16.20
CA ASN J 212 -4.75 26.27 16.07
C ASN J 212 -3.81 27.47 15.98
N ILE J 213 -3.49 27.88 14.75
CA ILE J 213 -2.52 28.93 14.54
C ILE J 213 -2.99 30.29 15.07
N GLU J 214 -4.29 30.54 15.01
CA GLU J 214 -4.82 31.82 15.47
C GLU J 214 -4.78 31.93 17.00
N ALA J 215 -5.03 30.83 17.70
CA ALA J 215 -4.89 30.83 19.16
C ALA J 215 -3.45 31.18 19.56
N MET J 216 -2.48 30.57 18.87
CA MET J 216 -1.08 30.81 19.20
C MET J 216 -0.66 32.24 18.86
N ARG J 217 -1.10 32.74 17.71
CA ARG J 217 -0.86 34.15 17.38
C ARG J 217 -1.46 35.07 18.45
N THR J 218 -2.66 34.74 18.92
CA THR J 218 -3.27 35.50 20.01
C THR J 218 -2.39 35.49 21.25
N ALA J 219 -1.88 34.32 21.62
CA ALA J 219 -1.03 34.21 22.81
C ALA J 219 0.23 35.06 22.68
N LEU J 220 0.89 34.98 21.54
CA LEU J 220 2.11 35.76 21.32
C LEU J 220 1.81 37.27 21.34
N ASN J 221 0.73 37.68 20.70
CA ASN J 221 0.40 39.10 20.62
C ASN J 221 0.01 39.66 21.99
N GLU J 222 -0.76 38.90 22.76
CA GLU J 222 -1.13 39.34 24.10
C GLU J 222 0.10 39.38 25.01
N CYS J 223 0.98 38.39 24.90
CA CYS J 223 2.21 38.40 25.69
C CYS J 223 3.07 39.61 25.35
N LYS J 224 3.08 40.03 24.08
CA LYS J 224 3.84 41.22 23.72
C LYS J 224 3.17 42.48 24.26
N LYS J 225 1.84 42.53 24.21
CA LYS J 225 1.11 43.70 24.69
C LYS J 225 1.33 43.93 26.20
N THR J 226 1.44 42.84 26.96
CA THR J 226 1.55 42.94 28.40
C THR J 226 2.99 42.93 28.92
N GLY J 227 3.97 42.88 28.03
CA GLY J 227 5.36 42.86 28.43
C GLY J 227 5.89 41.51 28.88
N ASP J 228 5.14 40.44 28.63
CA ASP J 228 5.59 39.08 28.92
C ASP J 228 6.01 38.38 27.64
N ASP J 229 6.88 39.03 26.86
CA ASP J 229 7.24 38.56 25.53
C ASP J 229 7.75 37.12 25.56
N VAL J 230 7.35 36.36 24.56
CA VAL J 230 7.62 34.92 24.54
C VAL J 230 9.06 34.67 24.09
N ALA J 231 9.78 33.86 24.86
CA ALA J 231 11.12 33.45 24.52
C ALA J 231 11.12 32.34 23.47
N ALA J 232 10.24 31.35 23.63
CA ALA J 232 10.24 30.21 22.73
C ALA J 232 8.86 29.57 22.68
N VAL J 233 8.57 28.93 21.55
CA VAL J 233 7.42 28.05 21.39
C VAL J 233 7.96 26.63 21.24
N ILE J 234 7.40 25.70 22.01
CA ILE J 234 7.80 24.29 21.97
C ILE J 234 6.57 23.45 21.62
N LEU J 235 6.74 22.54 20.67
CA LEU J 235 5.67 21.65 20.27
C LEU J 235 6.22 20.41 19.62
N GLU J 236 5.44 19.34 19.65
CA GLU J 236 5.71 18.15 18.86
C GLU J 236 5.12 18.38 17.46
N PRO J 237 5.79 17.89 16.41
CA PRO J 237 5.17 18.00 15.08
C PRO J 237 3.89 17.16 14.98
N ILE J 238 3.85 16.04 15.71
CA ILE J 238 2.64 15.26 15.87
C ILE J 238 2.60 14.79 17.33
N GLN J 239 1.50 15.05 18.01
CA GLN J 239 1.40 14.74 19.43
C GLN J 239 1.24 13.23 19.62
N GLY J 240 2.25 12.60 20.19
CA GLY J 240 2.23 11.17 20.44
C GLY J 240 1.27 10.75 21.53
N GLU J 241 1.50 11.25 22.73
CA GLU J 241 0.66 10.87 23.89
C GLU J 241 -0.73 11.48 23.84
N GLY J 242 -0.95 12.50 23.01
CA GLY J 242 -2.28 13.04 22.80
C GLY J 242 -3.22 12.16 22.02
N GLY J 243 -2.71 11.03 21.50
CA GLY J 243 -3.52 10.13 20.70
C GLY J 243 -3.14 10.16 19.23
N VAL J 244 -1.87 10.50 18.94
CA VAL J 244 -1.39 10.67 17.59
C VAL J 244 -2.25 11.73 16.91
N ILE J 245 -2.08 12.98 17.33
CA ILE J 245 -2.88 14.09 16.84
C ILE J 245 -2.15 14.79 15.70
N LEU J 246 -2.79 14.83 14.52
CA LEU J 246 -2.20 15.42 13.33
C LEU J 246 -2.66 16.87 13.19
N PRO J 247 -1.70 17.81 13.06
CA PRO J 247 -2.08 19.20 12.84
C PRO J 247 -2.54 19.42 11.40
N PRO J 248 -3.34 20.46 11.16
CA PRO J 248 -3.72 20.79 9.79
C PRO J 248 -2.50 21.05 8.91
N PRO J 249 -2.55 20.64 7.63
CA PRO J 249 -1.45 20.93 6.70
C PRO J 249 -1.04 22.40 6.72
N GLY J 250 0.27 22.63 6.84
CA GLY J 250 0.79 23.98 6.91
C GLY J 250 0.91 24.57 8.29
N TYR J 251 0.47 23.85 9.32
CA TYR J 251 0.53 24.36 10.69
C TYR J 251 1.97 24.63 11.11
N LEU J 252 2.87 23.68 10.87
CA LEU J 252 4.27 23.84 11.28
C LEU J 252 4.92 25.02 10.54
N THR J 253 4.61 25.17 9.25
CA THR J 253 5.11 26.30 8.49
C THR J 253 4.61 27.62 9.08
N ALA J 254 3.33 27.67 9.44
CA ALA J 254 2.75 28.89 10.01
C ALA J 254 3.36 29.19 11.39
N VAL J 255 3.67 28.16 12.16
CA VAL J 255 4.29 28.35 13.46
C VAL J 255 5.70 28.91 13.29
N ARG J 256 6.45 28.37 12.33
CA ARG J 256 7.78 28.92 12.04
C ARG J 256 7.68 30.38 11.63
N LYS J 257 6.77 30.69 10.72
CA LYS J 257 6.58 32.09 10.29
C LYS J 257 6.22 32.99 11.48
N LEU J 258 5.39 32.49 12.37
CA LEU J 258 4.96 33.26 13.53
C LEU J 258 6.12 33.54 14.49
N CYS J 259 6.90 32.51 14.78
CA CYS J 259 8.09 32.67 15.63
C CYS J 259 9.08 33.65 14.99
N ASP J 260 9.27 33.55 13.68
CA ASP J 260 10.11 34.51 12.98
C ASP J 260 9.58 35.92 13.13
N GLU J 261 8.25 36.07 13.09
CA GLU J 261 7.65 37.40 13.16
C GLU J 261 7.82 38.04 14.53
N PHE J 262 7.55 37.27 15.59
CA PHE J 262 7.64 37.81 16.95
C PHE J 262 9.03 37.72 17.56
N GLY J 263 9.99 37.13 16.86
CA GLY J 263 11.32 36.94 17.42
C GLY J 263 11.38 35.92 18.55
N ALA J 264 10.52 34.91 18.50
CA ALA J 264 10.58 33.78 19.43
C ALA J 264 11.29 32.61 18.78
N LEU J 265 11.89 31.76 19.60
CA LEU J 265 12.53 30.55 19.12
C LEU J 265 11.53 29.42 18.96
N MET J 266 11.76 28.59 17.94
CA MET J 266 10.93 27.42 17.70
C MET J 266 11.66 26.17 18.18
N ILE J 267 11.09 25.49 19.16
CA ILE J 267 11.65 24.26 19.70
C ILE J 267 10.75 23.12 19.23
N LEU J 268 11.29 22.24 18.39
CA LEU J 268 10.56 21.08 17.92
C LEU J 268 10.96 19.86 18.73
N ASP J 269 9.98 19.25 19.40
CA ASP J 269 10.19 18.04 20.19
C ASP J 269 9.92 16.84 19.29
N GLU J 270 11.00 16.26 18.76
CA GLU J 270 10.90 15.08 17.91
C GLU J 270 11.42 13.83 18.63
N VAL J 271 11.28 13.81 19.96
CA VAL J 271 11.71 12.66 20.75
C VAL J 271 11.00 11.38 20.30
N GLN J 272 9.73 11.51 19.95
CA GLN J 272 8.94 10.36 19.52
C GLN J 272 8.83 10.22 18.00
N THR J 273 8.65 11.32 17.30
CA THR J 273 8.44 11.28 15.84
C THR J 273 9.74 11.17 15.06
N GLY J 274 10.88 11.36 15.71
CA GLY J 274 12.15 11.38 15.01
C GLY J 274 12.66 10.00 14.64
N MET J 275 13.76 10.00 13.89
CA MET J 275 14.44 8.78 13.45
C MET J 275 13.55 7.89 12.58
N GLY J 276 12.88 8.53 11.61
CA GLY J 276 12.22 7.82 10.53
C GLY J 276 10.83 7.30 10.77
N ARG J 277 10.26 7.51 11.95
CA ARG J 277 8.99 6.87 12.30
C ARG J 277 7.82 7.36 11.45
N THR J 278 7.80 8.65 11.12
CA THR J 278 6.68 9.24 10.41
C THR J 278 6.85 9.21 8.89
N GLY J 279 7.74 8.35 8.38
CA GLY J 279 7.96 8.22 6.96
C GLY J 279 9.14 9.02 6.43
N LYS J 280 9.60 10.02 7.19
CA LYS J 280 10.82 10.73 6.91
C LYS J 280 11.69 10.76 8.16
N MET J 281 12.95 11.14 7.98
CA MET J 281 13.90 11.12 9.08
C MET J 281 13.41 11.90 10.29
N PHE J 282 12.86 13.08 10.05
CA PHE J 282 12.19 13.87 11.07
C PHE J 282 10.86 14.35 10.52
N ALA J 283 9.89 14.51 11.40
CA ALA J 283 8.54 14.90 10.98
C ALA J 283 8.55 16.30 10.37
N CYS J 284 9.42 17.17 10.86
CA CYS J 284 9.53 18.53 10.33
C CYS J 284 9.93 18.54 8.85
N GLU J 285 10.46 17.43 8.34
CA GLU J 285 10.81 17.37 6.91
C GLU J 285 9.59 17.20 6.01
N HIS J 286 8.42 16.89 6.57
CA HIS J 286 7.21 16.81 5.75
C HIS J 286 6.84 18.16 5.15
N GLU J 287 7.14 19.25 5.86
CA GLU J 287 6.86 20.59 5.37
C GLU J 287 8.12 21.40 5.12
N ASN J 288 9.30 20.76 5.21
CA ASN J 288 10.58 21.48 5.12
C ASN J 288 10.62 22.68 6.07
N VAL J 289 10.42 22.37 7.35
CA VAL J 289 10.49 23.37 8.42
C VAL J 289 11.74 23.11 9.25
N GLN J 290 12.55 24.14 9.43
CA GLN J 290 13.72 24.05 10.27
C GLN J 290 13.48 24.82 11.56
N PRO J 291 13.48 24.14 12.71
CA PRO J 291 13.33 24.87 13.99
C PRO J 291 14.67 25.49 14.38
N ASP J 292 14.63 26.30 15.43
CA ASP J 292 15.86 26.80 16.02
C ASP J 292 16.52 25.73 16.89
N ILE J 293 15.71 24.90 17.55
CA ILE J 293 16.19 23.83 18.43
C ILE J 293 15.37 22.58 18.15
N LEU J 294 16.07 21.45 18.03
CA LEU J 294 15.46 20.16 17.72
C LEU J 294 15.84 19.16 18.81
N CYS J 295 14.85 18.42 19.30
CA CYS J 295 15.03 17.47 20.39
C CYS J 295 14.87 16.05 19.90
N LEU J 296 15.86 15.20 20.20
CA LEU J 296 15.87 13.80 19.80
C LEU J 296 16.17 12.91 20.99
N ALA J 297 15.60 11.72 20.98
CA ALA J 297 15.94 10.66 21.94
C ALA J 297 15.37 9.34 21.45
N LYS J 298 15.04 8.45 22.40
CA LYS J 298 14.42 7.16 22.12
C LYS J 298 15.14 6.39 21.01
N ALA J 299 14.57 6.43 19.81
CA ALA J 299 15.06 5.68 18.67
C ALA J 299 16.51 6.02 18.31
N LEU J 300 17.01 7.19 18.74
CA LEU J 300 18.38 7.55 18.46
C LEU J 300 19.37 6.58 19.11
N GLY J 301 18.92 5.84 20.13
CA GLY J 301 19.75 4.83 20.76
C GLY J 301 19.75 3.48 20.07
N GLY J 302 19.00 3.34 18.97
CA GLY J 302 18.95 2.08 18.25
C GLY J 302 18.35 0.91 18.99
N GLY J 303 17.55 1.19 20.01
CA GLY J 303 17.00 0.14 20.86
C GLY J 303 18.04 -0.63 21.65
N VAL J 304 19.25 -0.09 21.78
CA VAL J 304 20.32 -0.69 22.57
C VAL J 304 20.77 0.22 23.71
N MET J 305 20.95 1.51 23.44
CA MET J 305 21.50 2.45 24.42
C MET J 305 20.53 3.58 24.74
N PRO J 306 20.62 4.13 25.96
CA PRO J 306 19.91 5.40 26.24
C PRO J 306 20.72 6.59 25.75
N ILE J 307 20.04 7.54 25.10
CA ILE J 307 20.71 8.72 24.57
C ILE J 307 19.67 9.80 24.32
N GLY J 308 20.11 11.05 24.37
CA GLY J 308 19.32 12.18 23.93
C GLY J 308 20.22 13.19 23.26
N ALA J 309 19.63 14.01 22.41
CA ALA J 309 20.39 15.00 21.65
C ALA J 309 19.57 16.25 21.48
N THR J 310 20.18 17.41 21.72
CA THR J 310 19.58 18.71 21.48
C THR J 310 20.43 19.43 20.44
N ILE J 311 19.89 19.59 19.24
CA ILE J 311 20.60 20.23 18.14
C ILE J 311 20.07 21.64 17.97
N ALA J 312 20.95 22.60 17.74
CA ALA J 312 20.55 23.98 17.56
C ALA J 312 21.42 24.67 16.54
N THR J 313 20.92 25.79 16.03
CA THR J 313 21.70 26.67 15.18
C THR J 313 22.84 27.28 15.97
N GLU J 314 23.92 27.62 15.27
CA GLU J 314 25.04 28.29 15.90
C GLU J 314 24.62 29.60 16.57
N GLU J 315 23.65 30.29 15.99
CA GLU J 315 23.16 31.55 16.54
C GLU J 315 22.69 31.38 17.99
N VAL J 316 21.93 30.32 18.26
CA VAL J 316 21.43 30.10 19.61
C VAL J 316 22.43 29.30 20.45
N PHE J 317 23.03 28.26 19.88
CA PHE J 317 23.95 27.41 20.63
C PHE J 317 25.19 28.16 21.12
N SER J 318 25.53 29.27 20.44
CA SER J 318 26.71 30.05 20.81
C SER J 318 26.65 30.62 22.24
N VAL J 319 25.49 30.55 22.90
CA VAL J 319 25.39 31.01 24.29
C VAL J 319 26.18 30.13 25.25
N LEU J 320 26.74 29.02 24.78
CA LEU J 320 27.55 28.13 25.59
C LEU J 320 29.02 28.14 25.21
N PHE J 321 29.44 29.04 24.32
CA PHE J 321 30.82 29.04 23.84
C PHE J 321 31.78 29.65 24.85
N ASP J 322 31.38 30.77 25.48
CA ASP J 322 32.23 31.43 26.46
C ASP J 322 32.47 30.59 27.72
N ASN J 323 31.46 29.80 28.10
CA ASN J 323 31.55 28.95 29.28
C ASN J 323 30.98 27.58 28.91
N PRO J 324 31.85 26.66 28.50
CA PRO J 324 31.37 25.35 28.02
C PRO J 324 30.77 24.46 29.12
N PHE J 325 30.94 24.84 30.39
CA PHE J 325 30.37 24.11 31.50
C PHE J 325 29.05 24.69 31.97
N LEU J 326 28.53 25.69 31.27
CA LEU J 326 27.27 26.31 31.64
C LEU J 326 26.11 25.30 31.69
N HIS J 327 26.14 24.32 30.79
CA HIS J 327 25.21 23.19 30.85
C HIS J 327 25.96 21.92 30.50
N THR J 328 25.95 20.96 31.41
CA THR J 328 26.58 19.66 31.21
C THR J 328 25.65 18.59 31.77
N THR J 329 26.05 17.34 31.61
CA THR J 329 25.34 16.21 32.18
C THR J 329 26.32 15.06 32.33
N THR J 330 26.12 14.26 33.36
CA THR J 330 27.17 13.35 33.84
C THR J 330 27.63 12.39 32.73
N PHE J 331 26.69 11.67 32.11
CA PHE J 331 27.06 10.62 31.17
C PHE J 331 26.92 11.03 29.71
N GLY J 332 26.42 12.24 29.44
CA GLY J 332 26.07 12.64 28.08
C GLY J 332 27.16 12.49 27.04
N GLY J 333 26.80 11.85 25.92
CA GLY J 333 27.75 11.66 24.83
C GLY J 333 28.79 10.58 25.06
N ASN J 334 28.50 9.61 25.93
CA ASN J 334 29.45 8.54 26.19
C ASN J 334 29.67 7.69 24.94
N PRO J 335 30.85 7.08 24.80
CA PRO J 335 31.16 6.34 23.56
C PRO J 335 30.18 5.22 23.22
N LEU J 336 29.63 4.51 24.21
CA LEU J 336 28.64 3.48 23.92
C LEU J 336 27.39 4.06 23.24
N ALA J 337 26.84 5.10 23.83
CA ALA J 337 25.64 5.74 23.27
C ALA J 337 25.92 6.30 21.87
N CYS J 338 27.07 6.95 21.69
CA CYS J 338 27.41 7.50 20.38
C CYS J 338 27.56 6.40 19.33
N ALA J 339 28.21 5.29 19.70
CA ALA J 339 28.33 4.15 18.79
C ALA J 339 26.94 3.65 18.39
N ALA J 340 26.06 3.48 19.37
CA ALA J 340 24.69 3.07 19.07
C ALA J 340 24.04 4.04 18.08
N ALA J 341 24.14 5.33 18.35
CA ALA J 341 23.46 6.33 17.52
C ALA J 341 23.99 6.32 16.08
N LEU J 342 25.31 6.30 15.92
CA LEU J 342 25.91 6.25 14.58
C LEU J 342 25.47 5.00 13.82
N ALA J 343 25.46 3.87 14.52
CA ALA J 343 24.99 2.62 13.89
C ALA J 343 23.53 2.76 13.47
N THR J 344 22.71 3.43 14.27
CA THR J 344 21.29 3.56 13.96
C THR J 344 21.07 4.45 12.74
N ILE J 345 21.77 5.58 12.68
CA ILE J 345 21.70 6.46 11.52
C ILE J 345 22.14 5.71 10.27
N ASN J 346 23.21 4.93 10.39
CA ASN J 346 23.69 4.14 9.25
C ASN J 346 22.63 3.13 8.79
N VAL J 347 22.03 2.41 9.72
CA VAL J 347 21.02 1.42 9.38
C VAL J 347 19.82 2.08 8.70
N LEU J 348 19.34 3.18 9.28
CA LEU J 348 18.19 3.87 8.72
C LEU J 348 18.46 4.37 7.30
N LEU J 349 19.66 4.89 7.07
CA LEU J 349 19.95 5.42 5.73
C LEU J 349 20.25 4.34 4.71
N GLU J 350 20.93 3.26 5.10
CA GLU J 350 21.28 2.23 4.12
C GLU J 350 20.08 1.36 3.71
N GLN J 351 19.18 1.10 4.63
CA GLN J 351 17.99 0.31 4.33
C GLN J 351 16.78 1.18 3.99
N ASN J 352 16.97 2.51 3.89
CA ASN J 352 15.90 3.47 3.66
C ASN J 352 14.64 3.13 4.48
N LEU J 353 14.84 2.93 5.77
CA LEU J 353 13.76 2.60 6.66
C LEU J 353 12.65 3.66 6.79
N PRO J 354 12.94 4.96 6.59
CA PRO J 354 11.81 5.92 6.54
C PRO J 354 10.77 5.60 5.47
N ALA J 355 11.21 5.38 4.22
CA ALA J 355 10.29 5.05 3.14
C ALA J 355 9.51 3.77 3.44
N GLN J 356 10.21 2.74 3.93
CA GLN J 356 9.55 1.52 4.37
C GLN J 356 8.47 1.84 5.40
N ALA J 357 8.79 2.73 6.34
CA ALA J 357 7.84 3.13 7.36
C ALA J 357 6.60 3.78 6.73
N GLU J 358 6.80 4.54 5.66
CA GLU J 358 5.65 5.11 4.95
C GLU J 358 4.79 4.02 4.32
N GLN J 359 5.42 3.05 3.65
CA GLN J 359 4.65 1.99 2.98
C GLN J 359 3.89 1.12 3.98
N LYS J 360 4.63 0.51 4.91
CA LYS J 360 4.02 -0.35 5.93
C LYS J 360 3.01 0.41 6.78
N GLY J 361 3.29 1.69 7.02
CA GLY J 361 2.33 2.54 7.73
C GLY J 361 1.03 2.71 6.96
N ASP J 362 1.13 3.01 5.67
CA ASP J 362 -0.07 3.09 4.82
C ASP J 362 -0.85 1.79 4.85
N MET J 363 -0.15 0.66 4.78
CA MET J 363 -0.83 -0.64 4.77
C MET J 363 -1.59 -0.87 6.08
N LEU J 364 -0.87 -0.74 7.20
CA LEU J 364 -1.48 -0.97 8.52
C LEU J 364 -2.65 -0.01 8.77
N LEU J 365 -2.49 1.26 8.40
CA LEU J 365 -3.56 2.23 8.60
C LEU J 365 -4.76 1.95 7.70
N ASP J 366 -4.52 1.44 6.50
CA ASP J 366 -5.62 0.97 5.66
C ASP J 366 -6.41 -0.13 6.35
N GLY J 367 -5.70 -1.15 6.84
CA GLY J 367 -6.36 -2.22 7.59
C GLY J 367 -7.16 -1.70 8.77
N PHE J 368 -6.54 -0.83 9.57
CA PHE J 368 -7.20 -0.30 10.75
C PHE J 368 -8.42 0.54 10.42
N ARG J 369 -8.37 1.29 9.31
CA ARG J 369 -9.53 2.08 8.90
C ARG J 369 -10.67 1.18 8.43
N GLN J 370 -10.33 0.10 7.73
CA GLN J 370 -11.37 -0.85 7.32
C GLN J 370 -12.03 -1.49 8.54
N LEU J 371 -11.22 -1.94 9.49
CA LEU J 371 -11.77 -2.44 10.75
C LEU J 371 -12.58 -1.37 11.47
N ALA J 372 -12.19 -0.11 11.31
CA ALA J 372 -12.89 0.99 11.97
C ALA J 372 -14.31 1.14 11.41
N ARG J 373 -14.46 1.06 10.09
CA ARG J 373 -15.82 1.13 9.56
C ARG J 373 -16.60 -0.15 9.78
N GLU J 374 -15.92 -1.29 9.88
CA GLU J 374 -16.64 -2.53 10.18
C GLU J 374 -17.10 -2.61 11.64
N TYR J 375 -16.42 -1.89 12.54
CA TYR J 375 -16.76 -1.91 13.97
C TYR J 375 -16.93 -0.48 14.50
N PRO J 376 -17.97 0.23 14.03
CA PRO J 376 -18.21 1.57 14.57
C PRO J 376 -18.77 1.56 16.00
N ASP J 377 -19.27 0.41 16.45
CA ASP J 377 -19.75 0.26 17.81
C ASP J 377 -18.61 0.26 18.84
N LEU J 378 -17.38 0.02 18.39
CA LEU J 378 -16.23 -0.03 19.28
C LEU J 378 -15.14 0.95 18.94
N VAL J 379 -14.89 1.18 17.65
CA VAL J 379 -13.82 2.07 17.20
C VAL J 379 -14.43 3.40 16.78
N GLN J 380 -13.90 4.49 17.33
CA GLN J 380 -14.30 5.83 16.92
C GLN J 380 -13.59 6.23 15.62
N GLU J 381 -12.27 6.11 15.59
CA GLU J 381 -11.49 6.37 14.40
C GLU J 381 -10.07 5.87 14.58
N ALA J 382 -9.41 5.60 13.45
CA ALA J 382 -8.00 5.25 13.41
C ALA J 382 -7.24 6.32 12.65
N ARG J 383 -6.07 6.70 13.18
CA ARG J 383 -5.27 7.76 12.60
C ARG J 383 -3.80 7.37 12.68
N GLY J 384 -2.98 8.08 11.91
CA GLY J 384 -1.55 7.81 11.94
C GLY J 384 -0.82 8.54 10.84
N LYS J 385 0.49 8.45 10.92
CA LYS J 385 1.39 8.96 9.89
C LYS J 385 2.66 8.10 9.95
N GLY J 386 3.03 7.52 8.82
CA GLY J 386 4.09 6.53 8.83
C GLY J 386 3.74 5.39 9.77
N MET J 387 4.70 5.03 10.62
CA MET J 387 4.51 3.96 11.60
C MET J 387 4.22 4.49 13.01
N LEU J 388 3.64 5.69 13.09
CA LEU J 388 3.12 6.22 14.33
C LEU J 388 1.60 6.30 14.16
N MET J 389 0.89 5.33 14.73
CA MET J 389 -0.55 5.32 14.57
C MET J 389 -1.27 5.06 15.86
N ALA J 390 -2.58 5.25 15.86
CA ALA J 390 -3.40 5.04 17.03
C ALA J 390 -4.82 4.68 16.60
N ILE J 391 -5.49 3.94 17.49
CA ILE J 391 -6.91 3.65 17.35
C ILE J 391 -7.60 4.20 18.59
N GLU J 392 -8.52 5.14 18.37
CA GLU J 392 -9.32 5.70 19.46
C GLU J 392 -10.64 4.96 19.53
N PHE J 393 -10.99 4.50 20.72
CA PHE J 393 -12.20 3.72 20.92
C PHE J 393 -13.31 4.59 21.52
N VAL J 394 -14.47 3.99 21.72
CA VAL J 394 -15.63 4.71 22.24
C VAL J 394 -15.47 4.98 23.74
N ASP J 395 -15.03 3.98 24.49
CA ASP J 395 -14.75 4.14 25.90
C ASP J 395 -13.30 3.83 26.23
N ASN J 396 -12.93 4.01 27.49
CA ASN J 396 -11.63 3.57 27.97
C ASN J 396 -11.63 2.07 28.24
N GLU J 397 -12.74 1.56 28.78
CA GLU J 397 -12.92 0.14 29.01
C GLU J 397 -12.79 -0.64 27.69
N ILE J 398 -13.32 -0.09 26.60
CA ILE J 398 -13.25 -0.75 25.30
C ILE J 398 -11.80 -0.90 24.83
N GLY J 399 -11.07 0.22 24.80
CA GLY J 399 -9.65 0.17 24.46
C GLY J 399 -8.85 -0.73 25.42
N TYR J 400 -9.27 -0.77 26.67
CA TYR J 400 -8.66 -1.66 27.64
C TYR J 400 -8.81 -3.13 27.20
N ASN J 401 -10.05 -3.53 26.92
CA ASN J 401 -10.32 -4.87 26.42
C ASN J 401 -9.59 -5.15 25.10
N PHE J 402 -9.36 -4.12 24.29
CA PHE J 402 -8.60 -4.30 23.07
C PHE J 402 -7.15 -4.63 23.38
N ALA J 403 -6.53 -3.85 24.26
CA ALA J 403 -5.15 -4.13 24.67
C ALA J 403 -5.03 -5.55 25.26
N SER J 404 -6.02 -5.93 26.07
CA SER J 404 -5.99 -7.26 26.69
C SER J 404 -6.12 -8.36 25.64
N GLU J 405 -7.08 -8.19 24.72
CA GLU J 405 -7.33 -9.21 23.70
C GLU J 405 -6.15 -9.34 22.73
N MET J 406 -5.47 -8.22 22.45
CA MET J 406 -4.26 -8.27 21.63
C MET J 406 -3.12 -8.93 22.39
N PHE J 407 -3.03 -8.70 23.69
CA PHE J 407 -1.99 -9.34 24.49
C PHE J 407 -2.19 -10.85 24.56
N ARG J 408 -3.46 -11.28 24.60
CA ARG J 408 -3.76 -12.71 24.61
C ARG J 408 -3.35 -13.39 23.29
N GLN J 409 -3.48 -12.66 22.17
CA GLN J 409 -3.03 -13.15 20.88
C GLN J 409 -1.55 -12.87 20.63
N ARG J 410 -0.82 -12.52 21.69
CA ARG J 410 0.63 -12.32 21.62
C ARG J 410 1.01 -11.24 20.62
N VAL J 411 0.24 -10.16 20.61
CA VAL J 411 0.61 -8.92 19.92
C VAL J 411 0.65 -7.82 20.98
N LEU J 412 1.81 -7.16 21.10
CA LEU J 412 2.02 -6.14 22.12
C LEU J 412 1.51 -4.77 21.66
N VAL J 413 0.60 -4.21 22.46
CA VAL J 413 0.11 -2.85 22.27
C VAL J 413 -0.05 -2.22 23.65
N ALA J 414 -0.10 -0.89 23.68
CA ALA J 414 -0.28 -0.17 24.93
C ALA J 414 -0.99 1.14 24.70
N GLY J 415 -1.52 1.72 25.78
CA GLY J 415 -2.21 3.00 25.73
C GLY J 415 -1.28 4.21 25.63
N THR J 416 -1.88 5.38 25.66
CA THR J 416 -1.16 6.66 25.53
C THR J 416 -1.35 7.50 26.78
N LEU J 417 -0.23 8.07 27.27
CA LEU J 417 -0.21 8.70 28.59
C LEU J 417 -1.25 9.81 28.76
N ASN J 418 -1.51 10.57 27.69
CA ASN J 418 -2.47 11.68 27.78
C ASN J 418 -3.84 11.34 27.22
N ASN J 419 -4.04 10.12 26.72
CA ASN J 419 -5.32 9.78 26.09
C ASN J 419 -5.74 8.39 26.54
N ALA J 420 -6.80 8.33 27.34
CA ALA J 420 -7.20 7.07 27.96
C ALA J 420 -8.05 6.19 27.03
N LYS J 421 -8.63 6.78 25.98
CA LYS J 421 -9.45 6.01 25.05
C LYS J 421 -8.66 5.49 23.84
N THR J 422 -7.39 5.88 23.75
CA THR J 422 -6.60 5.62 22.56
C THR J 422 -5.53 4.57 22.84
N ILE J 423 -5.36 3.65 21.88
CA ILE J 423 -4.31 2.64 21.93
C ILE J 423 -3.36 2.94 20.78
N ARG J 424 -2.07 3.02 21.08
CA ARG J 424 -1.09 3.32 20.04
C ARG J 424 -0.60 2.05 19.35
N ILE J 425 -0.35 2.16 18.05
CA ILE J 425 0.36 1.13 17.29
C ILE J 425 1.65 1.76 16.80
N GLU J 426 2.77 1.29 17.36
CA GLU J 426 4.08 1.87 17.11
C GLU J 426 5.11 0.75 16.96
N PRO J 427 4.95 -0.10 15.94
CA PRO J 427 5.86 -1.23 15.78
C PRO J 427 7.20 -0.79 15.19
N PRO J 428 8.22 -1.66 15.23
CA PRO J 428 9.48 -1.31 14.57
C PRO J 428 9.30 -1.03 13.09
N LEU J 429 10.17 -0.21 12.55
CA LEU J 429 10.14 0.09 11.12
C LEU J 429 10.54 -1.12 10.28
N THR J 430 11.17 -2.11 10.92
CA THR J 430 11.60 -3.35 10.31
C THR J 430 10.52 -4.42 10.34
N LEU J 431 9.32 -4.10 10.78
CA LEU J 431 8.22 -5.05 10.79
C LEU J 431 7.96 -5.59 9.38
N THR J 432 7.83 -6.89 9.27
CA THR J 432 7.65 -7.51 7.97
C THR J 432 6.17 -7.48 7.55
N ILE J 433 5.95 -7.61 6.24
CA ILE J 433 4.60 -7.60 5.70
C ILE J 433 3.75 -8.74 6.25
N GLU J 434 4.36 -9.91 6.38
CA GLU J 434 3.70 -11.05 7.02
C GLU J 434 3.18 -10.67 8.42
N GLN J 435 4.04 -10.03 9.20
CA GLN J 435 3.64 -9.61 10.54
C GLN J 435 2.61 -8.48 10.50
N CYS J 436 2.63 -7.66 9.44
CA CYS J 436 1.59 -6.66 9.25
C CYS J 436 0.21 -7.32 9.09
N GLU J 437 0.14 -8.30 8.20
CA GLU J 437 -1.11 -9.05 8.02
C GLU J 437 -1.51 -9.76 9.32
N LEU J 438 -0.53 -10.32 10.03
CA LEU J 438 -0.82 -11.01 11.27
C LEU J 438 -1.41 -10.05 12.32
N VAL J 439 -0.89 -8.83 12.37
CA VAL J 439 -1.41 -7.89 13.38
C VAL J 439 -2.79 -7.37 12.96
N ILE J 440 -3.03 -7.20 11.67
CA ILE J 440 -4.37 -6.82 11.21
C ILE J 440 -5.39 -7.90 11.58
N LYS J 441 -5.05 -9.16 11.31
CA LYS J 441 -5.96 -10.25 11.67
C LYS J 441 -6.17 -10.33 13.18
N ALA J 442 -5.09 -10.15 13.94
CA ALA J 442 -5.20 -10.12 15.40
C ALA J 442 -6.16 -9.03 15.87
N ALA J 443 -6.06 -7.86 15.26
CA ALA J 443 -6.99 -6.76 15.58
C ALA J 443 -8.42 -7.15 15.23
N ARG J 444 -8.61 -7.88 14.13
CA ARG J 444 -9.94 -8.30 13.73
C ARG J 444 -10.54 -9.23 14.79
N LYS J 445 -9.79 -10.26 15.19
CA LYS J 445 -10.29 -11.20 16.17
C LYS J 445 -10.54 -10.50 17.52
N ALA J 446 -9.66 -9.55 17.87
CA ALA J 446 -9.87 -8.75 19.06
C ALA J 446 -11.21 -8.02 19.03
N LEU J 447 -11.46 -7.27 17.95
CA LEU J 447 -12.71 -6.52 17.85
C LEU J 447 -13.92 -7.44 17.83
N ALA J 448 -13.81 -8.60 17.19
CA ALA J 448 -14.90 -9.57 17.19
C ALA J 448 -15.24 -10.02 18.63
N ALA J 449 -14.22 -10.44 19.37
CA ALA J 449 -14.43 -10.85 20.76
C ALA J 449 -15.05 -9.72 21.59
N MET J 450 -14.59 -8.48 21.34
CA MET J 450 -15.10 -7.36 22.10
C MET J 450 -16.55 -7.03 21.77
N ARG J 451 -16.93 -7.20 20.50
CA ARG J 451 -18.34 -7.02 20.13
C ARG J 451 -19.20 -8.07 20.80
N GLN J 452 -18.77 -9.34 20.76
CA GLN J 452 -19.48 -10.37 21.51
C GLN J 452 -19.68 -9.96 22.99
N GLN J 453 -18.63 -9.37 23.57
CA GLN J 453 -18.70 -9.03 24.99
C GLN J 453 -19.68 -7.88 25.27
N VAL J 454 -19.54 -6.79 24.52
CA VAL J 454 -20.42 -5.63 24.73
C VAL J 454 -21.88 -6.00 24.46
N ALA J 455 -22.11 -6.86 23.48
CA ALA J 455 -23.44 -7.42 23.27
C ALA J 455 -23.91 -8.16 24.51
N PHE J 456 -23.01 -8.98 25.09
CA PHE J 456 -23.38 -9.76 26.26
C PHE J 456 -23.80 -8.89 27.45
N TYR J 457 -23.10 -7.78 27.66
CA TYR J 457 -23.48 -6.88 28.74
C TYR J 457 -24.80 -6.14 28.45
N GLU J 458 -24.86 -5.56 27.26
CA GLU J 458 -26.04 -4.77 26.87
C GLU J 458 -27.31 -5.59 26.96
N ILE J 459 -27.24 -6.90 26.65
CA ILE J 459 -28.44 -7.72 26.83
C ILE J 459 -28.75 -7.90 28.33
N LEU J 460 -27.72 -7.85 29.19
CA LEU J 460 -27.96 -8.03 30.61
C LEU J 460 -28.63 -6.83 31.25
N HIS J 461 -28.50 -5.63 30.69
CA HIS J 461 -29.11 -4.46 31.35
C HIS J 461 -30.47 -4.03 30.77
N LEU J 462 -30.93 -4.68 29.71
CA LEU J 462 -32.21 -4.35 29.09
C LEU J 462 -33.35 -4.55 30.11
N PRO J 463 -34.16 -3.52 30.40
CA PRO J 463 -35.16 -3.64 31.46
C PRO J 463 -36.46 -4.37 31.09
N ASN J 464 -36.93 -4.20 29.88
CA ASN J 464 -38.29 -4.62 29.50
C ASN J 464 -38.32 -6.05 28.97
N LEU J 465 -37.89 -6.99 29.80
CA LEU J 465 -37.98 -8.42 29.45
C LEU J 465 -37.82 -9.25 30.70
N ASN J 466 -38.51 -10.37 30.74
CA ASN J 466 -38.61 -11.17 31.97
C ASN J 466 -37.29 -11.85 32.27
N GLU J 467 -37.23 -12.49 33.43
CA GLU J 467 -35.95 -13.00 33.95
C GLU J 467 -35.43 -14.23 33.19
N GLU J 468 -36.35 -14.96 32.57
CA GLU J 468 -36.00 -16.13 31.77
C GLU J 468 -35.91 -15.79 30.28
N GLN J 469 -36.52 -14.70 29.83
CA GLN J 469 -36.40 -14.29 28.44
C GLN J 469 -34.95 -13.93 28.04
N ARG J 470 -34.22 -13.37 28.99
CA ARG J 470 -32.79 -13.12 28.79
C ARG J 470 -32.00 -14.41 28.62
N ASN J 471 -32.29 -15.39 29.45
CA ASN J 471 -31.51 -16.62 29.47
C ASN J 471 -31.50 -17.33 28.13
N ALA J 472 -32.62 -17.24 27.40
CA ALA J 472 -32.63 -17.67 25.99
C ALA J 472 -31.62 -16.87 25.17
N PHE J 473 -31.54 -15.58 25.38
CA PHE J 473 -30.60 -14.73 24.66
C PHE J 473 -29.14 -15.07 25.01
N ILE J 474 -28.82 -15.15 26.30
CA ILE J 474 -27.46 -15.38 26.73
C ILE J 474 -26.97 -16.77 26.30
N GLN J 475 -27.87 -17.75 26.43
CA GLN J 475 -27.62 -19.08 25.86
C GLN J 475 -27.38 -18.96 24.36
N SER J 476 -28.24 -18.29 23.62
CA SER J 476 -28.03 -18.09 22.19
C SER J 476 -26.66 -17.46 21.87
N LEU J 477 -26.22 -16.56 22.75
CA LEU J 477 -24.93 -15.96 22.60
C LEU J 477 -23.83 -17.02 22.73
N LYS J 478 -23.93 -17.87 23.75
CA LYS J 478 -22.82 -18.70 24.15
C LYS J 478 -22.60 -19.89 23.21
N ASP J 479 -23.65 -20.63 22.89
CA ASP J 479 -23.34 -21.80 22.01
C ASP J 479 -23.61 -21.54 20.57
N ASP J 480 -24.22 -20.40 20.25
CA ASP J 480 -24.36 -19.99 18.82
C ASP J 480 -23.80 -18.58 18.63
N PRO J 481 -22.43 -18.40 18.85
CA PRO J 481 -21.84 -17.06 18.67
C PRO J 481 -21.75 -16.67 17.21
N SER J 482 -22.81 -16.97 16.46
CA SER J 482 -22.94 -16.61 15.06
C SER J 482 -23.80 -15.35 14.93
N GLN J 483 -25.05 -15.46 15.34
CA GLN J 483 -26.00 -14.34 15.36
C GLN J 483 -25.60 -13.44 16.54
N SER J 484 -24.74 -12.46 16.26
CA SER J 484 -24.14 -11.69 17.39
C SER J 484 -24.62 -10.25 17.43
N ALA J 485 -24.19 -9.45 16.46
CA ALA J 485 -24.68 -8.06 16.38
C ALA J 485 -26.17 -8.08 16.08
N ASN J 486 -26.56 -8.88 15.11
CA ASN J 486 -27.94 -9.18 14.81
C ASN J 486 -28.69 -9.78 16.03
N LEU J 487 -27.99 -10.52 16.90
CA LEU J 487 -28.55 -11.01 18.13
C LEU J 487 -29.02 -9.88 19.04
N LEU J 488 -28.08 -9.03 19.41
CA LEU J 488 -28.37 -7.84 20.20
C LEU J 488 -29.49 -7.03 19.56
N ALA J 489 -29.46 -6.92 18.24
CA ALA J 489 -30.61 -6.41 17.49
C ALA J 489 -31.91 -7.10 17.92
N GLU J 490 -31.93 -8.41 17.95
CA GLU J 490 -33.15 -9.11 18.41
C GLU J 490 -33.51 -8.67 19.84
N ALA J 491 -32.53 -8.65 20.72
CA ALA J 491 -32.75 -8.27 22.12
C ALA J 491 -33.47 -6.94 22.24
N LYS J 492 -32.90 -5.90 21.63
CA LYS J 492 -33.56 -4.58 21.69
C LYS J 492 -34.87 -4.58 20.91
N LYS J 493 -34.94 -5.34 19.82
CA LYS J 493 -36.17 -5.39 19.02
C LYS J 493 -37.31 -5.95 19.84
N LEU J 494 -37.04 -6.73 20.88
CA LEU J 494 -38.10 -7.10 21.82
C LEU J 494 -38.24 -6.08 22.93
N ASN J 495 -37.11 -5.56 23.43
CA ASN J 495 -37.13 -4.65 24.58
C ASN J 495 -37.91 -3.35 24.24
N ASP J 496 -37.78 -2.88 23.01
CA ASP J 496 -38.47 -1.65 22.62
C ASP J 496 -39.96 -1.92 22.34
N ALA J 497 -40.29 -3.13 21.91
CA ALA J 497 -41.69 -3.52 21.75
C ALA J 497 -42.35 -3.79 23.10
N GLN J 498 -41.56 -4.33 24.06
CA GLN J 498 -42.05 -4.56 25.41
C GLN J 498 -41.97 -3.31 26.28
N ALA J 499 -41.56 -2.15 25.72
CA ALA J 499 -41.42 -0.94 26.49
C ALA J 499 -42.76 -0.35 26.96
N LYS K 8 50.44 38.27 26.75
CA LYS K 8 51.17 37.47 27.75
C LYS K 8 51.22 36.03 27.34
N GLU K 9 50.85 35.71 26.09
CA GLU K 9 51.15 34.45 25.47
C GLU K 9 52.66 34.23 25.25
N THR K 10 53.44 35.29 25.42
CA THR K 10 54.88 35.20 25.42
C THR K 10 55.35 34.27 26.55
N GLN K 11 54.66 34.29 27.67
CA GLN K 11 55.07 33.57 28.87
C GLN K 11 55.06 32.03 28.68
N GLU K 12 53.94 31.53 28.17
CA GLU K 12 53.83 30.10 27.92
C GLU K 12 54.90 29.62 26.94
N ALA K 13 55.09 30.34 25.86
CA ALA K 13 56.09 29.96 24.85
C ALA K 13 57.48 29.94 25.51
N SER K 14 57.81 31.01 26.24
CA SER K 14 59.12 31.10 26.86
C SER K 14 59.39 29.96 27.83
N TRP K 15 58.37 29.58 28.59
CA TRP K 15 58.54 28.48 29.57
C TRP K 15 58.62 27.12 28.87
N GLU K 16 57.87 26.94 27.80
CA GLU K 16 57.96 25.68 27.04
C GLU K 16 59.34 25.54 26.40
N ILE K 17 59.91 26.67 25.94
CA ILE K 17 61.29 26.65 25.46
C ILE K 17 62.24 26.32 26.62
N PHE K 18 61.95 26.87 27.79
CA PHE K 18 62.84 26.74 28.94
C PHE K 18 62.95 25.28 29.40
N THR K 19 61.83 24.56 29.38
CA THR K 19 61.80 23.21 29.94
C THR K 19 62.21 22.12 28.97
N LEU K 20 62.61 22.47 27.76
CA LEU K 20 63.05 21.46 26.80
C LEU K 20 64.24 20.69 27.34
N PRO K 21 64.11 19.36 27.49
CA PRO K 21 65.04 18.63 28.39
C PRO K 21 66.47 18.54 27.90
N ASN K 22 66.68 18.58 26.57
CA ASN K 22 68.01 18.36 26.04
C ASN K 22 68.83 19.62 25.76
N LEU K 23 68.25 20.80 25.97
CA LEU K 23 68.97 22.06 25.84
C LEU K 23 69.62 22.45 27.15
N ASN K 24 70.77 23.08 27.08
CA ASN K 24 71.40 23.66 28.26
C ASN K 24 71.00 25.11 28.41
N GLY K 25 71.54 25.75 29.45
CA GLY K 25 71.11 27.08 29.85
C GLY K 25 71.39 28.17 28.85
N ARG K 26 72.51 28.09 28.17
CA ARG K 26 72.91 29.13 27.21
C ARG K 26 71.97 29.14 26.02
N GLN K 27 71.55 27.96 25.55
CA GLN K 27 70.65 27.89 24.42
C GLN K 27 69.24 28.39 24.74
N VAL K 28 68.68 27.91 25.81
CA VAL K 28 67.37 28.40 26.26
C VAL K 28 67.44 29.90 26.55
N ALA K 29 68.59 30.37 27.04
CA ALA K 29 68.78 31.79 27.30
C ALA K 29 68.76 32.61 26.00
N ALA K 30 69.50 32.13 25.00
CA ALA K 30 69.49 32.79 23.69
C ALA K 30 68.06 32.87 23.14
N PHE K 31 67.37 31.74 23.16
CA PHE K 31 66.00 31.70 22.66
C PHE K 31 65.09 32.66 23.42
N ILE K 32 65.19 32.66 24.75
CA ILE K 32 64.27 33.47 25.55
C ILE K 32 64.51 34.94 25.33
N SER K 33 65.78 35.36 25.39
CA SER K 33 66.08 36.80 25.18
C SER K 33 65.69 37.24 23.79
N SER K 34 65.98 36.43 22.77
CA SER K 34 65.53 36.72 21.41
C SER K 34 64.01 36.79 21.34
N LEU K 35 63.31 36.04 22.20
CA LEU K 35 61.84 36.09 22.24
C LEU K 35 61.32 37.37 22.92
N LEU K 36 62.00 37.80 23.98
CA LEU K 36 61.61 38.99 24.69
C LEU K 36 61.82 40.23 23.83
N ASP K 37 62.87 40.22 22.98
CA ASP K 37 63.09 41.35 22.11
C ASP K 37 62.01 41.47 21.00
N ASP K 38 61.49 40.34 20.55
CA ASP K 38 60.46 40.31 19.53
C ASP K 38 59.44 39.24 19.88
N PRO K 39 58.42 39.55 20.69
CA PRO K 39 57.41 38.54 21.01
C PRO K 39 56.60 38.05 19.82
N SER K 40 56.44 38.89 18.78
CA SER K 40 55.75 38.49 17.55
C SER K 40 56.46 37.39 16.74
N GLN K 41 57.37 36.67 17.40
CA GLN K 41 58.08 35.54 16.86
C GLN K 41 57.96 34.30 17.73
N SER K 42 57.10 34.29 18.76
CA SER K 42 57.00 33.19 19.67
C SER K 42 56.86 31.85 18.98
N ALA K 43 55.93 31.77 18.03
CA ALA K 43 55.66 30.51 17.33
C ALA K 43 56.90 30.03 16.56
N ASN K 44 57.73 30.97 16.09
CA ASN K 44 58.87 30.59 15.27
C ASN K 44 60.00 30.00 16.11
N LEU K 45 60.47 30.79 17.10
CA LEU K 45 61.56 30.31 17.94
C LEU K 45 61.18 29.02 18.65
N LEU K 46 59.97 28.99 19.21
CA LEU K 46 59.47 27.77 19.84
C LEU K 46 59.54 26.58 18.90
N ALA K 47 59.32 26.80 17.61
CA ALA K 47 59.55 25.74 16.63
C ALA K 47 61.02 25.37 16.55
N GLU K 48 61.86 26.34 16.20
CA GLU K 48 63.28 26.06 16.01
C GLU K 48 63.98 25.65 17.31
N ALA K 49 63.38 26.00 18.45
CA ALA K 49 63.83 25.44 19.72
C ALA K 49 63.52 23.95 19.79
N LYS K 50 62.26 23.58 19.60
CA LYS K 50 61.85 22.17 19.68
C LYS K 50 62.70 21.32 18.75
N LYS K 51 62.75 21.70 17.46
CA LYS K 51 63.62 21.05 16.50
C LYS K 51 65.04 20.88 17.04
N LEU K 52 65.60 21.98 17.56
CA LEU K 52 66.96 21.92 18.08
C LEU K 52 67.07 20.88 19.19
N ASN K 53 66.10 20.91 20.14
CA ASN K 53 66.01 19.89 21.15
C ASN K 53 66.17 18.51 20.49
N GLN K 54 65.30 18.25 19.52
CA GLN K 54 65.30 16.98 18.83
C GLN K 54 66.69 16.60 18.30
N ILE K 55 67.35 17.51 17.61
CA ILE K 55 68.63 17.15 17.01
C ILE K 55 69.67 16.86 18.07
N GLN K 56 69.61 17.61 19.16
CA GLN K 56 70.52 17.31 20.29
C GLN K 56 70.32 15.89 20.82
N ALA K 57 69.04 15.48 20.92
CA ALA K 57 68.76 14.14 21.40
C ALA K 57 69.47 13.04 20.56
N PHE K 58 69.75 13.35 19.30
CA PHE K 58 70.45 12.40 18.45
C PHE K 58 71.95 12.50 18.59
N LYS K 59 72.47 13.71 18.83
CA LYS K 59 73.88 13.93 19.17
C LYS K 59 74.37 12.93 20.21
N GLU K 60 73.52 12.67 21.20
CA GLU K 60 73.80 11.72 22.27
C GLU K 60 74.32 10.37 21.74
N ALA K 61 73.57 9.76 20.83
CA ALA K 61 73.98 8.48 20.26
C ALA K 61 75.33 8.62 19.59
N PHE K 62 75.52 9.69 18.83
CA PHE K 62 76.82 9.94 18.20
C PHE K 62 77.93 10.00 19.22
N SER K 63 77.70 10.71 20.30
CA SER K 63 78.69 10.85 21.37
C SER K 63 79.12 9.47 21.86
N LEU K 64 78.20 8.52 21.89
CA LEU K 64 78.52 7.18 22.37
C LEU K 64 79.49 6.44 21.42
N PHE K 65 79.37 6.69 20.14
CA PHE K 65 80.31 6.05 19.24
C PHE K 65 81.62 6.86 19.13
N ASP K 66 81.52 8.18 19.29
CA ASP K 66 82.63 9.10 19.03
C ASP K 66 83.41 9.35 20.33
N LYS K 67 84.11 8.30 20.77
CA LYS K 67 84.74 8.24 22.09
C LYS K 67 85.68 9.42 22.33
N ASP K 68 86.44 9.86 21.31
CA ASP K 68 87.37 10.95 21.47
C ASP K 68 86.77 12.32 21.17
N GLY K 69 85.49 12.37 20.82
CA GLY K 69 84.78 13.62 20.67
C GLY K 69 85.23 14.53 19.53
N ASP K 70 85.93 13.97 18.54
CA ASP K 70 86.45 14.79 17.45
C ASP K 70 85.47 14.99 16.31
N GLY K 71 84.23 14.56 16.49
CA GLY K 71 83.18 14.81 15.51
C GLY K 71 83.15 13.83 14.36
N THR K 72 84.05 12.85 14.33
CA THR K 72 84.02 11.82 13.29
C THR K 72 84.20 10.46 13.92
N ILE K 73 83.52 9.46 13.36
CA ILE K 73 83.54 8.11 13.88
C ILE K 73 84.39 7.22 12.97
N THR K 74 85.35 6.52 13.57
CA THR K 74 86.27 5.66 12.86
C THR K 74 85.88 4.20 12.97
N THR K 75 86.55 3.36 12.19
CA THR K 75 86.44 1.93 12.31
C THR K 75 86.88 1.47 13.71
N LYS K 76 87.83 2.16 14.34
CA LYS K 76 88.23 1.82 15.68
C LYS K 76 87.13 2.09 16.72
N GLU K 77 86.44 3.21 16.56
CA GLU K 77 85.42 3.59 17.52
C GLU K 77 84.17 2.76 17.31
N LEU K 78 83.67 2.72 16.08
CA LEU K 78 82.68 1.71 15.68
C LEU K 78 83.07 0.38 16.30
N GLY K 79 84.29 -0.05 16.04
CA GLY K 79 84.77 -1.36 16.49
C GLY K 79 84.61 -1.56 17.99
N THR K 80 85.05 -0.61 18.79
CA THR K 80 84.90 -0.77 20.24
C THR K 80 83.44 -0.75 20.64
N VAL K 81 82.55 -0.10 19.91
CA VAL K 81 81.13 -0.17 20.24
C VAL K 81 80.58 -1.57 19.91
N MET K 82 80.83 -2.04 18.69
CA MET K 82 80.39 -3.40 18.32
C MET K 82 80.94 -4.45 19.30
N ARG K 83 82.22 -4.34 19.64
CA ARG K 83 82.81 -5.22 20.62
C ARG K 83 82.21 -5.02 21.99
N SER K 84 81.76 -3.81 22.32
CA SER K 84 80.99 -3.58 23.54
C SER K 84 79.69 -4.37 23.51
N LEU K 85 79.09 -4.54 22.34
CA LEU K 85 77.89 -5.37 22.23
C LEU K 85 78.11 -6.87 22.42
N GLY K 86 79.33 -7.30 22.77
CA GLY K 86 79.65 -8.71 22.76
C GLY K 86 79.92 -9.31 21.39
N GLN K 87 79.99 -8.46 20.36
CA GLN K 87 80.34 -8.88 19.02
C GLN K 87 81.85 -8.93 18.83
N ASN K 88 82.31 -9.41 17.69
CA ASN K 88 83.73 -9.43 17.37
C ASN K 88 83.93 -9.15 15.89
N PRO K 89 83.71 -7.90 15.45
CA PRO K 89 83.82 -7.61 14.03
C PRO K 89 85.25 -7.61 13.54
N THR K 90 85.43 -7.91 12.27
CA THR K 90 86.73 -7.80 11.63
C THR K 90 86.86 -6.42 10.99
N GLU K 91 88.09 -6.03 10.67
CA GLU K 91 88.35 -4.81 9.94
C GLU K 91 87.65 -4.83 8.59
N ALA K 92 87.54 -6.00 7.95
CA ALA K 92 86.77 -6.12 6.72
C ALA K 92 85.29 -5.83 6.95
N GLU K 93 84.72 -6.39 8.03
CA GLU K 93 83.33 -6.14 8.36
C GLU K 93 83.09 -4.67 8.66
N LEU K 94 83.90 -4.09 9.53
CA LEU K 94 83.77 -2.67 9.87
C LEU K 94 83.91 -1.81 8.61
N GLN K 95 84.87 -2.14 7.76
CA GLN K 95 85.08 -1.41 6.52
C GLN K 95 83.87 -1.50 5.59
N ASP K 96 83.24 -2.67 5.52
CA ASP K 96 82.01 -2.81 4.72
C ASP K 96 80.89 -1.97 5.29
N MET K 97 80.69 -2.04 6.60
CA MET K 97 79.65 -1.24 7.26
C MET K 97 79.81 0.23 6.93
N ILE K 98 81.04 0.76 7.08
CA ILE K 98 81.26 2.17 6.75
C ILE K 98 81.04 2.42 5.25
N ASN K 99 81.56 1.52 4.41
CA ASN K 99 81.43 1.68 2.96
C ASN K 99 79.97 1.74 2.49
N GLU K 100 79.05 1.12 3.23
CA GLU K 100 77.66 1.07 2.80
C GLU K 100 76.97 2.43 2.83
N VAL K 101 77.40 3.32 3.70
CA VAL K 101 76.76 4.63 3.87
C VAL K 101 77.73 5.79 3.65
N ASP K 102 79.00 5.49 3.30
CA ASP K 102 80.02 6.50 3.08
C ASP K 102 79.73 7.33 1.83
N ALA K 103 78.81 8.29 1.96
CA ALA K 103 78.36 9.08 0.81
C ALA K 103 79.51 9.83 0.14
N ASP K 104 80.45 10.31 0.94
CA ASP K 104 81.54 11.16 0.46
C ASP K 104 82.85 10.41 0.27
N GLY K 105 82.86 9.10 0.53
CA GLY K 105 84.04 8.28 0.34
C GLY K 105 85.29 8.70 1.09
N ASN K 106 85.14 9.28 2.28
CA ASN K 106 86.30 9.64 3.10
C ASN K 106 86.66 8.56 4.13
N GLY K 107 85.88 7.48 4.20
CA GLY K 107 86.21 6.34 5.02
C GLY K 107 85.80 6.42 6.48
N THR K 108 85.20 7.53 6.88
CA THR K 108 84.70 7.73 8.24
C THR K 108 83.22 8.09 8.15
N ILE K 109 82.55 8.08 9.31
CA ILE K 109 81.12 8.35 9.38
C ILE K 109 80.92 9.71 10.03
N ASP K 110 80.27 10.60 9.33
CA ASP K 110 79.92 11.90 9.92
C ASP K 110 78.53 11.77 10.55
N PHE K 111 77.99 12.92 10.95
CA PHE K 111 76.65 13.02 11.53
C PHE K 111 75.55 12.40 10.68
N PRO K 112 75.31 12.92 9.46
CA PRO K 112 74.20 12.35 8.68
C PRO K 112 74.39 10.89 8.42
N GLU K 113 75.49 10.49 7.80
CA GLU K 113 75.81 9.05 7.55
C GLU K 113 75.45 8.17 8.76
N PHE K 114 75.58 8.69 9.95
CA PHE K 114 75.06 8.01 11.13
C PHE K 114 73.53 8.05 11.16
N LEU K 115 72.95 9.17 10.79
CA LEU K 115 71.48 9.26 10.71
C LEU K 115 70.96 8.27 9.66
N THR K 116 71.69 8.12 8.56
CA THR K 116 71.34 7.19 7.49
C THR K 116 71.54 5.75 7.95
N MET K 117 72.60 5.49 8.72
CA MET K 117 72.80 4.17 9.29
C MET K 117 71.65 3.80 10.19
N MET K 118 71.26 4.69 11.07
CA MET K 118 70.06 4.51 11.89
C MET K 118 68.81 4.37 11.02
N ALA K 119 68.78 5.05 9.88
CA ALA K 119 67.68 4.92 8.95
C ALA K 119 67.75 3.61 8.18
N ARG K 120 68.94 3.23 7.75
CA ARG K 120 69.14 2.00 6.99
C ARG K 120 69.27 0.80 7.92
N LYS L 8 -20.00 -3.70 39.82
CA LYS L 8 -18.78 -3.68 39.01
C LYS L 8 -18.17 -5.09 38.97
N GLU L 9 -18.12 -5.71 40.13
CA GLU L 9 -17.49 -7.03 40.25
C GLU L 9 -18.47 -8.11 39.84
N THR L 10 -19.79 -7.86 39.98
CA THR L 10 -20.79 -8.75 39.44
C THR L 10 -20.60 -8.92 37.92
N GLN L 11 -20.20 -7.84 37.26
CA GLN L 11 -19.97 -7.91 35.81
C GLN L 11 -18.71 -8.70 35.49
N GLU L 12 -17.60 -8.40 36.17
CA GLU L 12 -16.36 -9.15 35.92
C GLU L 12 -16.55 -10.65 36.16
N ALA L 13 -17.22 -10.99 37.27
CA ALA L 13 -17.67 -12.36 37.48
C ALA L 13 -18.48 -12.87 36.31
N SER L 14 -19.44 -12.04 35.84
CA SER L 14 -20.35 -12.47 34.78
C SER L 14 -19.58 -12.84 33.49
N TRP L 15 -18.54 -12.08 33.18
CA TRP L 15 -17.79 -12.36 31.98
C TRP L 15 -16.81 -13.51 32.17
N GLU L 16 -16.20 -13.61 33.36
CA GLU L 16 -15.28 -14.70 33.62
C GLU L 16 -16.01 -16.06 33.59
N ILE L 17 -17.19 -16.12 34.17
CA ILE L 17 -17.97 -17.35 34.05
C ILE L 17 -18.48 -17.50 32.63
N PHE L 18 -18.81 -16.39 31.97
CA PHE L 18 -19.34 -16.50 30.61
C PHE L 18 -18.35 -17.09 29.61
N THR L 19 -17.09 -16.76 29.80
CA THR L 19 -16.04 -17.21 28.87
C THR L 19 -15.47 -18.57 29.17
N LEU L 20 -15.98 -19.27 30.17
CA LEU L 20 -15.45 -20.61 30.52
C LEU L 20 -15.70 -21.52 29.29
N PRO L 21 -14.62 -22.15 28.78
CA PRO L 21 -14.70 -22.82 27.49
C PRO L 21 -15.61 -24.06 27.43
N ASN L 22 -15.82 -24.73 28.53
CA ASN L 22 -16.52 -26.03 28.50
C ASN L 22 -17.87 -25.96 29.18
N LEU L 23 -18.67 -24.97 28.83
CA LEU L 23 -20.07 -24.84 29.28
C LEU L 23 -20.90 -24.40 28.08
N ASN L 24 -22.15 -24.87 28.04
CA ASN L 24 -23.08 -24.39 27.01
C ASN L 24 -23.81 -23.15 27.51
N GLY L 25 -24.65 -22.59 26.66
CA GLY L 25 -25.34 -21.34 26.98
C GLY L 25 -26.31 -21.45 28.16
N ARG L 26 -26.98 -22.59 28.28
CA ARG L 26 -28.03 -22.72 29.29
C ARG L 26 -27.46 -22.69 30.70
N GLN L 27 -26.33 -23.33 30.91
CA GLN L 27 -25.73 -23.40 32.23
C GLN L 27 -25.14 -22.05 32.66
N VAL L 28 -24.36 -21.44 31.75
CA VAL L 28 -23.83 -20.12 32.03
C VAL L 28 -24.97 -19.12 32.25
N ALA L 29 -26.05 -19.28 31.51
CA ALA L 29 -27.21 -18.39 31.67
C ALA L 29 -27.86 -18.55 33.04
N ALA L 30 -28.06 -19.81 33.46
CA ALA L 30 -28.60 -20.08 34.79
C ALA L 30 -27.72 -19.41 35.85
N PHE L 31 -26.41 -19.64 35.79
CA PHE L 31 -25.51 -18.99 36.74
C PHE L 31 -25.61 -17.47 36.70
N ILE L 32 -25.60 -16.90 35.50
CA ILE L 32 -25.77 -15.45 35.33
C ILE L 32 -27.04 -14.94 36.05
N SER L 33 -28.10 -15.74 36.01
CA SER L 33 -29.29 -15.41 36.77
C SER L 33 -28.98 -15.42 38.28
N SER L 34 -28.31 -16.48 38.73
CA SER L 34 -28.00 -16.58 40.16
C SER L 34 -27.11 -15.41 40.63
N LEU L 35 -26.26 -14.90 39.71
CA LEU L 35 -25.35 -13.82 40.05
C LEU L 35 -26.04 -12.48 39.99
N LEU L 36 -26.98 -12.29 39.07
CA LEU L 36 -27.73 -11.01 39.05
C LEU L 36 -28.62 -10.91 40.27
N ASP L 37 -29.17 -12.02 40.73
CA ASP L 37 -29.98 -11.98 41.95
C ASP L 37 -29.10 -11.83 43.18
N ASP L 38 -27.82 -12.23 43.13
CA ASP L 38 -26.94 -12.18 44.28
C ASP L 38 -25.54 -11.68 43.87
N PRO L 39 -25.35 -10.35 43.88
CA PRO L 39 -23.98 -9.81 43.82
C PRO L 39 -23.11 -10.19 45.03
N SER L 40 -23.70 -10.70 46.11
CA SER L 40 -22.98 -11.02 47.34
C SER L 40 -22.38 -12.41 47.27
N GLN L 41 -23.13 -13.40 46.78
CA GLN L 41 -22.64 -14.75 46.59
C GLN L 41 -21.93 -14.94 45.25
N SER L 42 -20.85 -14.20 45.10
CA SER L 42 -20.15 -14.14 43.78
C SER L 42 -18.98 -15.10 43.72
N ALA L 43 -17.87 -14.75 44.38
CA ALA L 43 -16.62 -15.48 44.26
C ALA L 43 -16.73 -16.98 44.60
N ASN L 44 -17.69 -17.31 45.43
CA ASN L 44 -18.03 -18.70 45.74
C ASN L 44 -18.85 -19.34 44.64
N LEU L 45 -19.91 -18.69 44.20
CA LEU L 45 -20.63 -19.10 43.00
C LEU L 45 -19.66 -19.16 41.81
N LEU L 46 -18.85 -18.12 41.66
CA LEU L 46 -17.80 -18.10 40.65
C LEU L 46 -16.88 -19.32 40.78
N ALA L 47 -16.51 -19.67 42.01
CA ALA L 47 -15.62 -20.78 42.25
C ALA L 47 -16.21 -22.11 41.79
N GLU L 48 -17.41 -22.40 42.25
CA GLU L 48 -18.05 -23.68 41.89
C GLU L 48 -18.41 -23.73 40.41
N ALA L 49 -18.63 -22.57 39.80
CA ALA L 49 -18.82 -22.53 38.35
C ALA L 49 -17.55 -22.91 37.59
N LYS L 50 -16.45 -22.25 37.91
CA LYS L 50 -15.14 -22.59 37.32
C LYS L 50 -14.83 -24.08 37.49
N LYS L 51 -14.91 -24.57 38.72
CA LYS L 51 -14.71 -26.02 38.91
C LYS L 51 -15.64 -26.83 38.04
N LEU L 52 -16.91 -26.46 37.96
CA LEU L 52 -17.85 -27.13 37.05
C LEU L 52 -17.29 -27.19 35.63
N ASN L 53 -16.68 -26.13 35.16
CA ASN L 53 -15.95 -26.20 33.90
C ASN L 53 -14.91 -27.33 33.94
N GLN L 54 -14.14 -27.41 35.01
CA GLN L 54 -13.15 -28.50 35.12
C GLN L 54 -13.82 -29.86 34.96
N ILE L 55 -14.94 -30.09 35.64
CA ILE L 55 -15.58 -31.40 35.57
C ILE L 55 -16.08 -31.68 34.16
N GLN L 56 -16.69 -30.69 33.51
CA GLN L 56 -17.20 -30.88 32.17
C GLN L 56 -16.09 -31.24 31.20
N ALA L 57 -15.00 -30.50 31.24
CA ALA L 57 -13.85 -30.81 30.35
C ALA L 57 -13.29 -32.18 30.67
N PHE L 58 -13.23 -32.53 31.96
CA PHE L 58 -12.82 -33.88 32.35
C PHE L 58 -13.74 -34.91 31.69
N LYS L 59 -15.03 -34.62 31.60
CA LYS L 59 -15.97 -35.51 30.94
C LYS L 59 -15.51 -35.72 29.50
N GLU L 60 -15.23 -34.63 28.79
CA GLU L 60 -14.83 -34.73 27.37
C GLU L 60 -13.57 -35.62 27.24
N ALA L 61 -12.50 -35.24 27.94
CA ALA L 61 -11.22 -35.95 27.82
C ALA L 61 -11.39 -37.44 28.10
N PHE L 62 -12.11 -37.72 29.18
CA PHE L 62 -12.40 -39.10 29.55
C PHE L 62 -13.12 -39.81 28.45
N SER L 63 -14.15 -39.17 27.88
CA SER L 63 -14.88 -39.77 26.77
C SER L 63 -13.95 -40.22 25.66
N LEU L 64 -12.95 -39.41 25.36
CA LEU L 64 -12.01 -39.89 24.31
C LEU L 64 -11.04 -40.88 24.85
N PHE L 65 -10.99 -41.06 26.15
CA PHE L 65 -10.17 -42.15 26.72
C PHE L 65 -11.02 -43.43 26.86
N ASP L 66 -12.33 -43.33 26.81
CA ASP L 66 -13.28 -44.40 26.77
C ASP L 66 -13.66 -44.69 25.28
N LYS L 67 -12.82 -45.45 24.60
CA LYS L 67 -12.93 -45.62 23.16
C LYS L 67 -14.29 -46.08 22.66
N ASP L 68 -14.96 -46.97 23.39
CA ASP L 68 -16.26 -47.47 22.91
C ASP L 68 -17.43 -46.71 23.48
N GLY L 69 -17.16 -45.69 24.29
CA GLY L 69 -18.20 -44.80 24.80
C GLY L 69 -19.20 -45.40 25.73
N ASP L 70 -18.90 -46.54 26.34
CA ASP L 70 -19.89 -47.23 27.18
C ASP L 70 -19.87 -46.75 28.63
N GLY L 71 -19.11 -45.68 28.92
CA GLY L 71 -19.09 -45.08 30.23
C GLY L 71 -18.21 -45.77 31.24
N THR L 72 -17.51 -46.83 30.86
CA THR L 72 -16.58 -47.50 31.77
C THR L 72 -15.30 -47.78 31.03
N ILE L 73 -14.19 -47.74 31.75
CA ILE L 73 -12.88 -47.97 31.17
C ILE L 73 -12.31 -49.30 31.60
N THR L 74 -11.85 -50.06 30.62
CA THR L 74 -11.28 -51.38 30.84
C THR L 74 -9.76 -51.33 30.72
N THR L 75 -9.17 -52.44 31.12
CA THR L 75 -7.73 -52.62 30.99
C THR L 75 -7.26 -52.50 29.52
N LYS L 76 -8.11 -52.95 28.59
CA LYS L 76 -7.70 -52.81 27.19
C LYS L 76 -7.77 -51.38 26.71
N GLU L 77 -8.78 -50.64 27.15
CA GLU L 77 -8.86 -49.23 26.72
C GLU L 77 -7.69 -48.42 27.32
N LEU L 78 -7.51 -48.62 28.64
CA LEU L 78 -6.35 -48.13 29.34
C LEU L 78 -5.13 -48.42 28.51
N GLY L 79 -4.89 -49.72 28.39
CA GLY L 79 -3.86 -50.32 27.55
C GLY L 79 -3.70 -49.67 26.21
N THR L 80 -4.82 -49.35 25.54
CA THR L 80 -4.72 -48.68 24.26
C THR L 80 -4.00 -47.33 24.40
N VAL L 81 -4.45 -46.53 25.40
CA VAL L 81 -3.83 -45.25 25.60
C VAL L 81 -2.36 -45.37 26.07
N MET L 82 -2.12 -46.22 27.05
CA MET L 82 -0.75 -46.45 27.54
C MET L 82 0.17 -46.86 26.38
N ARG L 83 -0.26 -47.82 25.57
CA ARG L 83 0.54 -48.22 24.42
C ARG L 83 0.71 -47.06 23.43
N SER L 84 -0.36 -46.29 23.25
CA SER L 84 -0.33 -45.17 22.32
C SER L 84 0.67 -44.11 22.75
N LEU L 85 0.78 -43.86 24.04
CA LEU L 85 1.79 -42.92 24.52
C LEU L 85 3.18 -43.55 24.60
N GLY L 86 3.52 -44.40 23.68
CA GLY L 86 4.84 -45.00 23.57
C GLY L 86 5.19 -46.05 24.63
N GLN L 87 4.22 -46.42 25.47
CA GLN L 87 4.49 -47.37 26.54
C GLN L 87 4.07 -48.76 26.08
N ASN L 88 4.40 -49.76 26.90
CA ASN L 88 4.05 -51.14 26.63
C ASN L 88 3.66 -51.85 27.92
N PRO L 89 2.46 -51.54 28.45
CA PRO L 89 2.08 -52.13 29.72
C PRO L 89 1.73 -53.61 29.59
N THR L 90 1.95 -54.33 30.69
CA THR L 90 1.55 -55.71 30.77
C THR L 90 0.15 -55.83 31.30
N GLU L 91 -0.47 -57.00 31.12
CA GLU L 91 -1.83 -57.20 31.65
C GLU L 91 -1.87 -56.98 33.18
N ALA L 92 -0.83 -57.47 33.85
CA ALA L 92 -0.76 -57.33 35.30
C ALA L 92 -0.62 -55.87 35.75
N GLU L 93 0.15 -55.09 35.01
CA GLU L 93 0.30 -53.67 35.33
C GLU L 93 -1.03 -52.92 35.21
N LEU L 94 -1.74 -53.14 34.09
CA LEU L 94 -3.04 -52.52 33.91
C LEU L 94 -4.01 -52.90 35.02
N GLN L 95 -3.99 -54.19 35.39
CA GLN L 95 -4.88 -54.68 36.45
C GLN L 95 -4.54 -54.05 37.79
N ASP L 96 -3.24 -53.89 38.10
CA ASP L 96 -2.84 -53.20 39.33
C ASP L 96 -3.35 -51.76 39.34
N MET L 97 -3.10 -51.03 38.23
CA MET L 97 -3.58 -49.66 38.14
C MET L 97 -5.09 -49.57 38.48
N ILE L 98 -5.90 -50.42 37.86
CA ILE L 98 -7.32 -50.35 38.10
C ILE L 98 -7.65 -50.75 39.55
N ASN L 99 -7.01 -51.82 40.02
CA ASN L 99 -7.22 -52.33 41.38
C ASN L 99 -6.93 -51.27 42.46
N GLU L 100 -6.04 -50.32 42.18
CA GLU L 100 -5.67 -49.33 43.19
C GLU L 100 -6.83 -48.38 43.53
N VAL L 101 -7.73 -48.15 42.58
CA VAL L 101 -8.81 -47.18 42.75
C VAL L 101 -10.19 -47.80 42.55
N ASP L 102 -10.24 -49.12 42.30
CA ASP L 102 -11.49 -49.84 42.08
C ASP L 102 -12.32 -49.93 43.37
N ALA L 103 -12.99 -48.83 43.72
CA ALA L 103 -13.74 -48.74 44.96
C ALA L 103 -14.81 -49.85 45.09
N ASP L 104 -15.43 -50.18 43.97
CA ASP L 104 -16.55 -51.13 43.96
C ASP L 104 -16.16 -52.53 43.51
N GLY L 105 -14.88 -52.75 43.22
CA GLY L 105 -14.38 -54.07 42.83
C GLY L 105 -15.05 -54.71 41.62
N ASN L 106 -15.50 -53.92 40.66
CA ASN L 106 -16.05 -54.47 39.43
C ASN L 106 -15.01 -54.61 38.30
N GLY L 107 -13.77 -54.17 38.54
CA GLY L 107 -12.68 -54.40 37.61
C GLY L 107 -12.55 -53.38 36.50
N THR L 108 -13.44 -52.41 36.43
CA THR L 108 -13.40 -51.34 35.43
C THR L 108 -13.41 -50.01 36.18
N ILE L 109 -13.14 -48.94 35.43
CA ILE L 109 -13.06 -47.60 35.99
C ILE L 109 -14.26 -46.79 35.55
N ASP L 110 -15.02 -46.30 36.51
CA ASP L 110 -16.11 -45.40 36.20
C ASP L 110 -15.58 -43.96 36.24
N PHE L 111 -16.50 -43.01 36.21
CA PHE L 111 -16.19 -41.59 36.24
C PHE L 111 -15.35 -41.18 37.46
N PRO L 112 -15.91 -41.32 38.69
CA PRO L 112 -15.16 -40.82 39.84
C PRO L 112 -13.81 -41.52 39.95
N GLU L 113 -13.79 -42.86 40.06
CA GLU L 113 -12.56 -43.64 40.17
C GLU L 113 -11.45 -43.12 39.27
N PHE L 114 -11.83 -42.67 38.05
CA PHE L 114 -10.88 -41.98 37.20
C PHE L 114 -10.42 -40.66 37.85
N LEU L 115 -11.37 -39.90 38.42
CA LEU L 115 -10.95 -38.71 39.16
C LEU L 115 -10.03 -39.08 40.34
N THR L 116 -10.27 -40.24 40.96
CA THR L 116 -9.46 -40.69 42.06
C THR L 116 -8.07 -41.13 41.64
N MET L 117 -7.99 -41.73 40.46
CA MET L 117 -6.68 -41.99 39.84
C MET L 117 -5.90 -40.69 39.69
N MET L 118 -6.57 -39.63 39.24
CA MET L 118 -5.84 -38.38 39.07
C MET L 118 -5.44 -37.76 40.40
N ALA L 119 -6.33 -37.81 41.39
CA ALA L 119 -6.04 -37.30 42.73
C ALA L 119 -4.83 -37.99 43.37
N SER M 5 19.26 75.50 53.98
CA SER M 5 18.32 76.50 53.41
C SER M 5 17.33 76.97 54.46
N ALA M 6 16.10 76.46 54.40
CA ALA M 6 15.08 76.74 55.39
C ALA M 6 14.77 75.47 56.21
N SER M 7 14.25 75.69 57.41
CA SER M 7 13.80 74.60 58.26
C SER M 7 12.42 74.14 57.84
N ALA M 8 12.08 72.90 58.23
CA ALA M 8 10.77 72.33 57.97
C ALA M 8 9.66 73.19 58.58
N LEU M 9 9.91 73.75 59.75
CA LEU M 9 8.91 74.60 60.41
C LEU M 9 8.56 75.83 59.57
N ALA M 10 9.59 76.49 59.06
CA ALA M 10 9.38 77.66 58.18
C ALA M 10 8.59 77.26 56.93
N CYS M 11 8.98 76.16 56.29
CA CYS M 11 8.27 75.69 55.10
C CYS M 11 6.80 75.43 55.39
N SER M 12 6.53 74.66 56.45
CA SER M 12 5.15 74.39 56.85
C SER M 12 4.37 75.68 57.12
N ALA M 13 4.98 76.59 57.86
CA ALA M 13 4.31 77.86 58.18
C ALA M 13 3.94 78.65 56.92
N HIS M 14 4.89 78.76 55.99
CA HIS M 14 4.61 79.40 54.70
C HIS M 14 3.45 78.69 53.99
N ALA M 15 3.47 77.36 53.99
CA ALA M 15 2.43 76.59 53.32
C ALA M 15 1.05 76.86 53.92
N LEU M 16 0.97 76.94 55.25
CA LEU M 16 -0.30 77.22 55.90
C LEU M 16 -0.75 78.66 55.64
N ASN M 17 0.19 79.59 55.64
CA ASN M 17 -0.13 80.97 55.26
C ASN M 17 -0.75 81.03 53.87
N LEU M 18 -0.27 80.18 52.96
CA LEU M 18 -0.82 80.20 51.61
C LEU M 18 -2.11 79.39 51.50
N ILE M 19 -2.28 78.40 52.35
CA ILE M 19 -3.58 77.69 52.45
C ILE M 19 -4.69 78.65 52.94
N GLU M 20 -4.34 79.54 53.86
CA GLU M 20 -5.34 80.46 54.39
C GLU M 20 -5.70 81.59 53.42
N LYS M 21 -4.84 81.86 52.44
CA LYS M 21 -5.16 82.88 51.44
C LYS M 21 -6.24 82.41 50.48
N ARG M 22 -7.09 83.33 50.08
CA ARG M 22 -8.22 83.04 49.16
C ARG M 22 -7.96 83.55 47.74
N THR M 23 -7.20 84.64 47.60
CA THR M 23 -6.76 85.14 46.31
C THR M 23 -5.30 85.54 46.41
N LEU M 24 -4.66 85.70 45.25
CA LEU M 24 -3.26 86.07 45.18
C LEU M 24 -3.06 87.33 44.36
N ASP M 25 -2.28 88.25 44.87
CA ASP M 25 -1.84 89.35 44.05
C ASP M 25 -0.91 88.86 42.97
N HIS M 26 -0.59 89.72 42.01
CA HIS M 26 0.21 89.32 40.86
C HIS M 26 1.65 88.85 41.25
N GLU M 27 2.29 89.59 42.16
CA GLU M 27 3.64 89.25 42.52
C GLU M 27 3.67 88.05 43.46
N GLU M 28 2.62 87.90 44.28
CA GLU M 28 2.49 86.67 45.08
C GLU M 28 2.30 85.46 44.14
N MET M 29 1.51 85.65 43.08
CA MET M 29 1.26 84.59 42.13
C MET M 29 2.51 84.19 41.36
N LYS M 30 3.26 85.18 40.91
CA LYS M 30 4.54 84.91 40.22
C LYS M 30 5.51 84.15 41.15
N ALA M 31 5.62 84.62 42.39
CA ALA M 31 6.51 83.94 43.33
C ALA M 31 6.06 82.50 43.62
N LEU M 32 4.75 82.30 43.74
CA LEU M 32 4.22 80.97 44.05
C LEU M 32 4.38 80.02 42.88
N ASN M 33 4.08 80.48 41.67
CA ASN M 33 4.28 79.64 40.47
C ASN M 33 5.75 79.27 40.31
N ARG M 34 6.63 80.25 40.50
CA ARG M 34 8.08 79.97 40.43
C ARG M 34 8.47 78.93 41.50
N GLU M 35 7.94 79.10 42.70
CA GLU M 35 8.20 78.15 43.79
C GLU M 35 7.73 76.74 43.42
N VAL M 36 6.52 76.61 42.92
CA VAL M 36 5.93 75.30 42.66
C VAL M 36 6.66 74.61 41.50
N ILE M 37 7.10 75.38 40.51
CA ILE M 37 7.90 74.81 39.44
C ILE M 37 9.23 74.30 40.00
N GLU M 38 9.87 75.09 40.85
CA GLU M 38 11.13 74.68 41.46
C GLU M 38 10.98 73.39 42.27
N TYR M 39 9.98 73.36 43.16
CA TYR M 39 9.79 72.22 44.05
C TYR M 39 9.29 70.98 43.30
N PHE M 40 8.58 71.18 42.20
CA PHE M 40 8.28 70.06 41.32
C PHE M 40 9.55 69.52 40.69
N LYS M 41 10.45 70.41 40.29
CA LYS M 41 11.71 70.03 39.68
C LYS M 41 12.61 69.24 40.66
N GLU M 42 12.63 69.66 41.93
CA GLU M 42 13.61 69.18 42.88
C GLU M 42 13.08 68.23 43.95
N HIS M 43 11.75 68.04 44.03
CA HIS M 43 11.19 67.25 45.12
C HIS M 43 10.01 66.38 44.72
N VAL M 44 9.41 66.60 43.55
CA VAL M 44 8.26 65.80 43.11
C VAL M 44 8.69 64.93 41.93
N ASN M 45 8.76 65.54 40.75
CA ASN M 45 9.22 64.87 39.53
C ASN M 45 9.39 65.90 38.41
N PRO M 46 10.61 66.07 37.89
CA PRO M 46 10.80 66.98 36.74
C PRO M 46 10.15 66.46 35.44
N GLY M 47 9.98 65.14 35.34
CA GLY M 47 9.31 64.56 34.20
C GLY M 47 7.92 65.12 33.97
N PHE M 48 7.19 65.39 35.04
CA PHE M 48 5.87 66.00 34.91
C PHE M 48 5.95 67.35 34.18
N LEU M 49 6.96 68.14 34.51
CA LEU M 49 7.13 69.40 33.82
C LEU M 49 7.31 69.17 32.32
N GLU M 50 8.10 68.17 31.96
CA GLU M 50 8.26 67.90 30.52
C GLU M 50 6.95 67.42 29.87
N TYR M 51 6.20 66.60 30.58
CA TYR M 51 4.93 66.08 30.05
C TYR M 51 3.95 67.21 29.74
N ARG M 52 3.73 68.06 30.73
CA ARG M 52 2.80 69.17 30.54
C ARG M 52 3.31 70.09 29.44
N LYS M 53 4.63 70.17 29.27
CA LYS M 53 5.14 70.89 28.11
C LYS M 53 4.68 70.23 26.82
N SER M 54 4.68 68.91 26.77
CA SER M 54 4.23 68.24 25.55
C SER M 54 2.74 68.35 25.32
N VAL M 55 1.98 68.83 26.30
CA VAL M 55 0.55 69.04 26.00
C VAL M 55 0.14 70.51 26.07
N THR M 56 1.09 71.43 25.95
CA THR M 56 0.80 72.86 26.03
C THR M 56 1.70 73.61 25.05
N ALA M 57 1.51 74.94 25.03
CA ALA M 57 2.41 75.83 24.29
C ALA M 57 2.78 77.00 25.17
N GLY M 58 4.09 77.25 25.27
CA GLY M 58 4.61 78.28 26.16
C GLY M 58 4.23 78.05 27.61
N GLY M 59 4.16 79.16 28.33
CA GLY M 59 3.96 79.12 29.78
C GLY M 59 2.69 78.42 30.22
N ASP M 60 1.87 77.96 29.26
CA ASP M 60 0.73 77.14 29.59
C ASP M 60 1.14 75.88 30.33
N TYR M 61 2.36 75.38 30.07
CA TYR M 61 2.79 74.20 30.82
C TYR M 61 2.89 74.47 32.33
N GLY M 62 2.86 75.74 32.73
CA GLY M 62 3.06 76.10 34.12
C GLY M 62 1.85 76.77 34.72
N ALA M 63 0.66 76.22 34.45
CA ALA M 63 -0.56 76.62 35.12
C ALA M 63 -0.64 75.84 36.43
N VAL M 64 -0.90 76.56 37.52
CA VAL M 64 -0.94 75.96 38.85
C VAL M 64 -2.38 75.99 39.35
N GLU M 65 -2.85 74.86 39.84
CA GLU M 65 -4.19 74.80 40.43
C GLU M 65 -4.30 75.75 41.62
N TRP M 66 -5.52 76.27 41.81
CA TRP M 66 -5.78 77.14 42.95
C TRP M 66 -7.10 76.81 43.61
N GLN M 67 -8.20 76.92 42.87
CA GLN M 67 -9.51 76.81 43.49
C GLN M 67 -10.55 76.35 42.50
N ALA M 68 -11.55 75.65 42.99
CA ALA M 68 -12.73 75.32 42.18
C ALA M 68 -13.51 76.58 41.84
N GLY M 69 -13.85 76.77 40.57
CA GLY M 69 -14.63 77.92 40.16
C GLY M 69 -16.11 77.72 40.42
N SER M 70 -16.74 76.86 39.64
CA SER M 70 -18.13 76.47 39.86
C SER M 70 -18.17 74.95 39.93
N LEU M 71 -19.34 74.36 39.71
CA LEU M 71 -19.44 72.90 39.67
C LEU M 71 -18.56 72.29 38.60
N ASN M 72 -18.39 72.98 37.47
CA ASN M 72 -17.72 72.41 36.30
C ASN M 72 -16.49 73.19 35.86
N THR M 73 -15.98 74.10 36.68
CA THR M 73 -14.86 74.95 36.29
C THR M 73 -13.78 74.94 37.36
N LEU M 74 -12.54 75.11 36.91
CA LEU M 74 -11.36 75.19 37.77
C LEU M 74 -10.63 76.50 37.50
N VAL M 75 -10.07 77.10 38.54
CA VAL M 75 -9.42 78.40 38.46
C VAL M 75 -7.98 78.25 38.94
N ASP M 76 -7.04 78.62 38.06
CA ASP M 76 -5.62 78.55 38.37
C ASP M 76 -5.18 79.77 39.19
N THR M 77 -3.89 79.85 39.47
CA THR M 77 -3.36 80.93 40.29
C THR M 77 -3.41 82.30 39.62
N GLN M 78 -3.72 82.33 38.33
CA GLN M 78 -3.80 83.59 37.58
C GLN M 78 -5.23 84.04 37.33
N GLY M 79 -6.20 83.35 37.93
CA GLY M 79 -7.60 83.68 37.74
C GLY M 79 -8.21 83.14 36.46
N GLN M 80 -7.44 82.42 35.65
CA GLN M 80 -7.98 81.84 34.43
C GLN M 80 -8.92 80.68 34.77
N GLU M 81 -10.10 80.68 34.16
CA GLU M 81 -11.12 79.69 34.41
C GLU M 81 -11.16 78.67 33.28
N PHE M 82 -11.23 77.40 33.65
CA PHE M 82 -11.24 76.29 32.71
C PHE M 82 -12.51 75.48 32.92
N ILE M 83 -13.14 75.08 31.81
CA ILE M 83 -14.19 74.08 31.85
C ILE M 83 -13.51 72.71 31.96
N ASP M 84 -13.94 71.92 32.95
CA ASP M 84 -13.29 70.66 33.24
C ASP M 84 -13.94 69.53 32.46
N CYS M 85 -13.34 69.16 31.34
CA CYS M 85 -13.74 67.97 30.59
C CYS M 85 -12.86 66.76 30.92
N LEU M 86 -12.02 66.88 31.95
CA LEU M 86 -11.20 65.78 32.43
C LEU M 86 -11.82 65.07 33.62
N GLY M 87 -12.43 65.84 34.54
CA GLY M 87 -13.13 65.26 35.68
C GLY M 87 -12.27 64.37 36.55
N GLY M 88 -10.97 64.66 36.63
CA GLY M 88 -10.05 63.81 37.39
C GLY M 88 -10.09 62.37 36.95
N PHE M 89 -10.23 62.15 35.63
CA PHE M 89 -10.32 60.81 35.04
C PHE M 89 -11.46 60.00 35.66
N GLY M 90 -12.55 60.68 35.95
CA GLY M 90 -13.74 60.05 36.49
C GLY M 90 -14.01 60.28 37.97
N ILE M 91 -13.38 61.29 38.56
CA ILE M 91 -13.55 61.59 39.99
C ILE M 91 -14.76 62.51 40.22
N PHE M 92 -14.86 63.59 39.44
CA PHE M 92 -15.80 64.67 39.74
C PHE M 92 -17.12 64.48 39.02
N ASN M 93 -17.76 63.33 39.26
CA ASN M 93 -19.05 63.05 38.62
C ASN M 93 -20.14 64.02 39.08
N VAL M 94 -20.06 64.49 40.32
CA VAL M 94 -21.07 65.42 40.84
C VAL M 94 -20.50 66.84 40.92
N GLY M 95 -19.47 67.12 40.12
CA GLY M 95 -18.89 68.44 40.05
C GLY M 95 -17.90 68.72 41.16
N HIS M 96 -17.34 69.93 41.11
CA HIS M 96 -16.35 70.38 42.08
C HIS M 96 -17.03 71.07 43.25
N ARG M 97 -16.62 70.71 44.47
CA ARG M 97 -17.18 71.24 45.71
C ARG M 97 -18.71 71.24 45.68
N ASN M 98 -19.25 70.04 45.48
CA ASN M 98 -20.69 69.86 45.47
C ASN M 98 -21.27 70.23 46.83
N PRO M 99 -22.18 71.21 46.90
CA PRO M 99 -22.65 71.71 48.19
C PRO M 99 -23.12 70.63 49.17
N VAL M 100 -23.80 69.59 48.68
CA VAL M 100 -24.28 68.53 49.55
C VAL M 100 -23.09 67.75 50.14
N VAL M 101 -22.14 67.38 49.29
CA VAL M 101 -21.00 66.59 49.73
C VAL M 101 -20.11 67.41 50.67
N VAL M 102 -19.85 68.67 50.31
CA VAL M 102 -19.07 69.56 51.15
C VAL M 102 -19.77 69.74 52.51
N SER M 103 -21.09 69.81 52.50
CA SER M 103 -21.85 69.99 53.74
C SER M 103 -21.71 68.76 54.64
N ALA M 104 -21.91 67.57 54.07
CA ALA M 104 -21.79 66.35 54.87
C ALA M 104 -20.37 66.19 55.43
N VAL M 105 -19.36 66.46 54.60
CA VAL M 105 -17.98 66.35 55.03
C VAL M 105 -17.69 67.35 56.16
N GLN M 106 -18.24 68.55 56.06
CA GLN M 106 -18.04 69.53 57.13
C GLN M 106 -18.73 69.13 58.44
N ASN M 107 -19.94 68.60 58.35
CA ASN M 107 -20.62 68.13 59.57
C ASN M 107 -19.85 67.01 60.26
N GLN M 108 -19.48 65.99 59.49
CA GLN M 108 -18.75 64.87 60.08
C GLN M 108 -17.36 65.32 60.56
N LEU M 109 -16.76 66.28 59.86
CA LEU M 109 -15.52 66.89 60.35
C LEU M 109 -15.75 67.57 61.70
N ALA M 110 -16.93 68.18 61.87
CA ALA M 110 -17.26 68.79 63.16
C ALA M 110 -17.41 67.72 64.24
N LYS M 111 -17.81 66.50 63.88
CA LYS M 111 -17.92 65.45 64.88
C LYS M 111 -16.61 64.66 65.04
N GLN M 112 -16.26 63.90 64.01
CA GLN M 112 -15.04 63.08 64.06
C GLN M 112 -14.58 62.66 62.67
N PRO M 113 -13.37 63.04 62.25
CA PRO M 113 -12.93 62.72 60.87
C PRO M 113 -12.49 61.27 60.69
N LEU M 114 -11.60 60.77 61.56
CA LEU M 114 -11.12 59.40 61.50
C LEU M 114 -11.57 58.61 62.71
N HIS M 115 -11.81 57.32 62.52
CA HIS M 115 -12.32 56.45 63.57
C HIS M 115 -11.19 55.82 64.40
N SER M 116 -11.57 55.31 65.56
CA SER M 116 -10.60 54.70 66.49
C SER M 116 -10.01 53.41 65.99
N GLN M 117 -10.68 52.74 65.04
CA GLN M 117 -10.34 51.40 64.51
C GLN M 117 -10.74 50.28 65.45
N GLU M 118 -11.29 50.60 66.61
CA GLU M 118 -11.64 49.59 67.62
C GLU M 118 -13.16 49.54 67.83
N LEU M 119 -13.78 50.70 68.09
CA LEU M 119 -15.22 50.75 68.26
C LEU M 119 -15.95 50.66 66.92
N LEU M 120 -17.24 50.35 66.98
CA LEU M 120 -18.06 50.32 65.79
C LEU M 120 -18.33 51.74 65.34
N ASP M 121 -17.95 52.04 64.11
CA ASP M 121 -18.21 53.35 63.53
C ASP M 121 -19.50 53.28 62.72
N PRO M 122 -20.43 54.21 62.96
CA PRO M 122 -21.77 54.03 62.37
C PRO M 122 -21.86 54.30 60.87
N LEU M 123 -21.08 55.24 60.36
CA LEU M 123 -21.17 55.57 58.94
C LEU M 123 -20.66 54.46 58.03
N ARG M 124 -19.78 53.61 58.55
CA ARG M 124 -19.36 52.44 57.78
C ARG M 124 -20.53 51.47 57.60
N ALA M 125 -21.29 51.26 58.67
CA ALA M 125 -22.49 50.42 58.58
C ALA M 125 -23.54 51.04 57.67
N MET M 126 -23.78 52.35 57.82
CA MET M 126 -24.74 53.03 56.98
C MET M 126 -24.36 52.93 55.50
N LEU M 127 -23.08 53.15 55.19
CA LEU M 127 -22.64 53.12 53.81
C LEU M 127 -22.69 51.70 53.24
N ALA M 128 -22.32 50.71 54.06
CA ALA M 128 -22.41 49.32 53.61
C ALA M 128 -23.87 48.94 53.29
N LYS M 129 -24.80 49.37 54.14
CA LYS M 129 -26.21 49.09 53.89
C LYS M 129 -26.69 49.79 52.61
N THR M 130 -26.32 51.06 52.47
CA THR M 130 -26.69 51.81 51.27
C THR M 130 -26.16 51.12 50.00
N LEU M 131 -24.90 50.71 50.01
CA LEU M 131 -24.32 50.06 48.86
C LEU M 131 -24.97 48.71 48.57
N ALA M 132 -25.35 47.99 49.63
CA ALA M 132 -26.11 46.75 49.42
C ALA M 132 -27.44 47.03 48.74
N ALA M 133 -28.10 48.12 49.15
CA ALA M 133 -29.36 48.51 48.51
C ALA M 133 -29.15 48.95 47.05
N LEU M 134 -27.99 49.54 46.75
CA LEU M 134 -27.75 50.15 45.45
C LEU M 134 -27.16 49.19 44.42
N THR M 135 -26.58 48.05 44.84
CA THR M 135 -25.88 47.17 43.93
C THR M 135 -26.79 46.03 43.44
N PRO M 136 -26.56 45.55 42.22
CA PRO M 136 -27.41 44.48 41.67
C PRO M 136 -27.30 43.17 42.43
N GLY M 137 -28.43 42.49 42.54
CA GLY M 137 -28.47 41.10 43.00
C GLY M 137 -27.94 40.87 44.40
N LYS M 138 -27.08 39.88 44.53
CA LYS M 138 -26.63 39.37 45.83
C LYS M 138 -25.40 40.09 46.38
N LEU M 139 -24.91 41.12 45.70
CA LEU M 139 -23.84 41.94 46.26
C LEU M 139 -24.31 42.54 47.58
N LYS M 140 -23.64 42.16 48.67
CA LYS M 140 -24.20 42.38 49.99
C LYS M 140 -23.19 42.96 50.99
N TYR M 141 -21.94 42.51 50.94
CA TYR M 141 -20.93 42.93 51.91
C TYR M 141 -19.91 43.87 51.27
N SER M 142 -19.50 44.89 52.02
CA SER M 142 -18.58 45.90 51.51
C SER M 142 -17.34 45.98 52.38
N PHE M 143 -16.19 46.13 51.73
CA PHE M 143 -14.92 46.45 52.38
C PHE M 143 -14.46 47.81 51.87
N PHE M 144 -14.11 48.70 52.78
CA PHE M 144 -13.76 50.07 52.42
C PHE M 144 -12.26 50.31 52.54
N CYS M 145 -11.70 50.93 51.51
CA CYS M 145 -10.29 51.29 51.46
C CYS M 145 -10.21 52.74 50.96
N ASN M 146 -9.07 53.13 50.41
CA ASN M 146 -8.85 54.54 50.06
C ASN M 146 -8.59 54.81 48.58
N SER M 147 -8.50 53.78 47.74
CA SER M 147 -8.17 54.02 46.34
C SER M 147 -8.69 52.89 45.48
N GLY M 148 -8.69 53.11 44.17
CA GLY M 148 -9.10 52.08 43.22
C GLY M 148 -8.20 50.86 43.26
N THR M 149 -6.90 51.10 43.26
CA THR M 149 -5.93 50.01 43.28
C THR M 149 -6.10 49.15 44.55
N GLU M 150 -6.42 49.80 45.67
CA GLU M 150 -6.68 49.06 46.90
C GLU M 150 -7.95 48.22 46.78
N SER M 151 -8.97 48.77 46.13
CA SER M 151 -10.21 48.02 45.90
C SER M 151 -9.93 46.77 45.06
N VAL M 152 -9.13 46.91 44.02
CA VAL M 152 -8.76 45.76 43.21
C VAL M 152 -7.92 44.75 44.03
N GLU M 153 -7.05 45.26 44.90
CA GLU M 153 -6.28 44.38 45.76
C GLU M 153 -7.22 43.54 46.65
N ALA M 154 -8.21 44.19 47.25
CA ALA M 154 -9.17 43.48 48.09
C ALA M 154 -9.96 42.47 47.27
N ALA M 155 -10.32 42.82 46.04
CA ALA M 155 -11.03 41.88 45.16
C ALA M 155 -10.17 40.64 44.90
N LEU M 156 -8.90 40.84 44.53
CA LEU M 156 -8.01 39.72 44.28
C LEU M 156 -7.83 38.85 45.53
N LYS M 157 -7.72 39.49 46.70
CA LYS M 157 -7.51 38.72 47.92
C LYS M 157 -8.76 37.93 48.31
N LEU M 158 -9.94 38.51 48.10
CA LEU M 158 -11.18 37.77 48.29
C LEU M 158 -11.23 36.55 47.38
N ALA M 159 -10.92 36.74 46.09
CA ALA M 159 -10.92 35.63 45.15
C ALA M 159 -9.92 34.56 45.56
N LYS M 160 -8.75 34.97 46.02
CA LYS M 160 -7.71 34.00 46.43
C LYS M 160 -8.13 33.22 47.67
N ALA M 161 -8.64 33.92 48.68
CA ALA M 161 -9.08 33.25 49.91
C ALA M 161 -10.25 32.30 49.63
N TYR M 162 -11.05 32.60 48.62
CA TYR M 162 -12.18 31.73 48.30
C TYR M 162 -11.76 30.53 47.45
N GLN M 163 -10.81 30.73 46.53
CA GLN M 163 -10.52 29.73 45.51
C GLN M 163 -9.30 28.87 45.81
N SER M 164 -8.37 29.35 46.64
CA SER M 164 -7.20 28.54 46.99
C SER M 164 -7.56 27.22 47.71
N PRO M 165 -8.51 27.22 48.66
CA PRO M 165 -8.94 25.92 49.20
C PRO M 165 -9.65 25.02 48.19
N ARG M 166 -9.98 25.55 47.02
CA ARG M 166 -10.60 24.77 45.95
C ARG M 166 -9.63 24.46 44.81
N GLY M 167 -8.34 24.70 45.02
CA GLY M 167 -7.32 24.33 44.05
C GLY M 167 -7.26 25.17 42.80
N LYS M 168 -7.66 26.45 42.89
CA LYS M 168 -7.64 27.35 41.75
C LYS M 168 -6.83 28.59 42.11
N PHE M 169 -5.87 28.93 41.25
CA PHE M 169 -4.89 29.98 41.57
C PHE M 169 -4.68 31.02 40.48
N THR M 170 -5.00 30.73 39.22
CA THR M 170 -4.66 31.60 38.11
C THR M 170 -5.74 32.63 37.86
N PHE M 171 -5.32 33.83 37.42
CA PHE M 171 -6.25 34.91 37.14
C PHE M 171 -6.20 35.30 35.67
N ILE M 172 -7.36 35.55 35.10
CA ILE M 172 -7.49 36.00 33.72
C ILE M 172 -7.90 37.46 33.71
N ALA M 173 -7.10 38.29 33.03
CA ALA M 173 -7.46 39.66 32.75
C ALA M 173 -7.50 39.85 31.24
N THR M 174 -7.67 41.09 30.80
CA THR M 174 -7.72 41.41 29.38
C THR M 174 -6.64 42.40 29.00
N SER M 175 -6.17 42.31 27.76
CA SER M 175 -5.24 43.31 27.23
C SER M 175 -5.91 44.67 27.16
N GLY M 176 -5.13 45.72 27.33
CA GLY M 176 -5.66 47.06 27.40
C GLY M 176 -6.34 47.41 28.72
N ALA M 177 -6.40 46.47 29.65
CA ALA M 177 -7.05 46.72 30.93
C ALA M 177 -6.15 47.53 31.85
N PHE M 178 -6.78 48.28 32.76
CA PHE M 178 -6.08 48.98 33.83
C PHE M 178 -6.84 48.75 35.12
N HIS M 179 -6.16 48.23 36.14
CA HIS M 179 -6.78 47.92 37.42
C HIS M 179 -6.00 48.48 38.61
N GLY M 180 -5.01 49.32 38.35
CA GLY M 180 -4.19 49.89 39.42
C GLY M 180 -2.72 49.54 39.28
N LYS M 181 -1.92 50.18 40.10
CA LYS M 181 -0.47 50.12 40.00
C LYS M 181 0.23 49.55 41.23
N SER M 182 -0.52 49.24 42.29
CA SER M 182 0.04 48.40 43.33
C SER M 182 0.30 47.01 42.76
N LEU M 183 1.35 46.35 43.25
CA LEU M 183 1.88 45.17 42.61
C LEU M 183 0.83 44.08 42.36
N GLY M 184 -0.05 43.87 43.33
CA GLY M 184 -1.16 42.94 43.15
C GLY M 184 -2.03 43.35 41.99
N ALA M 185 -2.57 44.55 42.05
CA ALA M 185 -3.40 45.07 40.96
C ALA M 185 -2.59 45.18 39.66
N LEU M 186 -1.31 45.52 39.77
CA LEU M 186 -0.46 45.66 38.59
C LEU M 186 -0.30 44.32 37.85
N SER M 187 -0.40 43.21 38.57
CA SER M 187 -0.39 41.91 37.92
C SER M 187 -1.57 41.74 36.96
N ALA M 188 -2.68 42.43 37.23
CA ALA M 188 -3.87 42.38 36.38
C ALA M 188 -3.84 43.45 35.29
N THR M 189 -3.43 44.67 35.64
CA THR M 189 -3.17 45.72 34.65
C THR M 189 -2.35 45.16 33.49
N ALA M 190 -2.57 45.67 32.29
CA ALA M 190 -2.07 45.02 31.09
C ALA M 190 -1.03 45.81 30.28
N LYS M 191 -0.78 47.08 30.60
CA LYS M 191 0.12 47.87 29.77
C LYS M 191 1.58 47.52 30.03
N SER M 192 2.24 46.99 29.01
CA SER M 192 3.66 46.61 29.05
C SER M 192 4.57 47.58 29.81
N THR M 193 4.54 48.85 29.44
CA THR M 193 5.45 49.83 30.05
C THR M 193 5.17 50.02 31.54
N PHE M 194 3.94 49.77 31.97
CA PHE M 194 3.62 49.85 33.39
C PHE M 194 4.15 48.66 34.18
N ARG M 195 4.41 47.54 33.52
CA ARG M 195 4.67 46.28 34.23
C ARG M 195 6.11 45.79 34.12
N LYS M 196 6.72 45.88 32.94
CA LYS M 196 8.04 45.30 32.71
C LYS M 196 9.11 45.68 33.75
N PRO M 197 9.24 46.97 34.14
CA PRO M 197 10.31 47.31 35.08
C PRO M 197 10.13 46.73 36.49
N PHE M 198 8.95 46.19 36.81
CA PHE M 198 8.67 45.68 38.13
C PHE M 198 8.45 44.16 38.15
N MET M 199 8.75 43.49 37.05
CA MET M 199 8.68 42.03 37.02
C MET M 199 9.86 41.45 37.77
N PRO M 200 9.67 40.31 38.46
CA PRO M 200 8.46 39.48 38.45
C PRO M 200 7.30 40.00 39.32
N LEU M 201 6.09 39.86 38.79
CA LEU M 201 4.87 40.17 39.51
C LEU M 201 4.25 38.88 40.02
N LEU M 202 2.99 38.93 40.41
CA LEU M 202 2.30 37.74 40.89
C LEU M 202 2.26 36.66 39.81
N PRO M 203 2.54 35.41 40.18
CA PRO M 203 2.42 34.31 39.22
C PRO M 203 0.99 33.99 38.86
N GLY M 204 0.81 33.36 37.70
CA GLY M 204 -0.49 32.87 37.27
C GLY M 204 -1.49 33.91 36.79
N PHE M 205 -1.01 35.00 36.20
CA PHE M 205 -1.89 35.99 35.58
C PHE M 205 -1.78 35.92 34.08
N ARG M 206 -2.92 35.81 33.41
CA ARG M 206 -2.99 35.66 31.96
C ARG M 206 -3.91 36.73 31.40
N HIS M 207 -3.70 37.09 30.14
CA HIS M 207 -4.52 38.10 29.47
C HIS M 207 -5.05 37.59 28.14
N VAL M 208 -6.30 37.94 27.85
CA VAL M 208 -6.94 37.60 26.59
C VAL M 208 -7.47 38.90 25.97
N PRO M 209 -7.75 38.89 24.66
CA PRO M 209 -8.28 40.11 24.04
C PRO M 209 -9.62 40.52 24.63
N PHE M 210 -9.77 41.82 24.87
CA PHE M 210 -11.01 42.34 25.45
C PHE M 210 -12.14 42.30 24.43
N GLY M 211 -13.30 41.81 24.86
CA GLY M 211 -14.46 41.73 24.00
C GLY M 211 -14.55 40.47 23.16
N ASN M 212 -13.63 39.53 23.36
CA ASN M 212 -13.53 38.31 22.55
C ASN M 212 -13.88 37.12 23.45
N ILE M 213 -15.14 36.72 23.44
CA ILE M 213 -15.61 35.68 24.34
C ILE M 213 -14.97 34.31 24.05
N GLU M 214 -14.67 34.04 22.79
CA GLU M 214 -14.08 32.75 22.43
C GLU M 214 -12.64 32.65 22.89
N ALA M 215 -11.89 33.75 22.82
CA ALA M 215 -10.53 33.77 23.37
C ALA M 215 -10.54 33.46 24.87
N MET M 216 -11.47 34.06 25.60
CA MET M 216 -11.55 33.84 27.04
C MET M 216 -11.97 32.40 27.36
N ARG M 217 -12.96 31.89 26.63
CA ARG M 217 -13.34 30.49 26.78
C ARG M 217 -12.14 29.57 26.52
N THR M 218 -11.36 29.88 25.49
CA THR M 218 -10.15 29.13 25.22
C THR M 218 -9.19 29.16 26.42
N ALA M 219 -8.99 30.35 27.00
CA ALA M 219 -8.07 30.47 28.13
C ALA M 219 -8.54 29.62 29.32
N LEU M 220 -9.83 29.70 29.65
CA LEU M 220 -10.34 28.91 30.76
C LEU M 220 -10.24 27.40 30.49
N ASN M 221 -10.57 27.00 29.27
CA ASN M 221 -10.56 25.57 28.94
C ASN M 221 -9.13 24.99 28.95
N GLU M 222 -8.17 25.76 28.42
CA GLU M 222 -6.78 25.33 28.44
C GLU M 222 -6.24 25.30 29.85
N CYS M 223 -6.60 26.29 30.66
CA CYS M 223 -6.18 26.30 32.06
C CYS M 223 -6.74 25.09 32.82
N LYS M 224 -7.96 24.67 32.48
CA LYS M 224 -8.52 23.48 33.12
C LYS M 224 -7.82 22.22 32.63
N LYS M 225 -7.49 22.16 31.34
CA LYS M 225 -6.81 21.00 30.79
C LYS M 225 -5.42 20.78 31.42
N THR M 226 -4.73 21.86 31.74
CA THR M 226 -3.37 21.77 32.25
C THR M 226 -3.29 21.79 33.77
N GLY M 227 -4.42 21.84 34.45
CA GLY M 227 -4.43 21.88 35.91
C GLY M 227 -4.16 23.23 36.54
N ASP M 228 -4.19 24.30 35.74
CA ASP M 228 -4.05 25.66 36.24
C ASP M 228 -5.41 26.37 36.28
N ASP M 229 -6.39 25.73 36.90
CA ASP M 229 -7.77 26.20 36.86
C ASP M 229 -7.89 27.64 37.34
N VAL M 230 -8.74 28.41 36.67
CA VAL M 230 -8.85 29.83 36.90
C VAL M 230 -9.70 30.12 38.14
N ALA M 231 -9.15 30.93 39.04
CA ALA M 231 -9.85 31.36 40.24
C ALA M 231 -10.85 32.47 39.93
N ALA M 232 -10.45 33.44 39.11
CA ALA M 232 -11.33 34.59 38.84
C ALA M 232 -10.99 35.21 37.49
N VAL M 233 -11.99 35.85 36.91
CA VAL M 233 -11.82 36.72 35.76
C VAL M 233 -12.11 38.15 36.21
N ILE M 234 -11.21 39.07 35.87
CA ILE M 234 -11.37 40.48 36.21
C ILE M 234 -11.35 41.30 34.94
N LEU M 235 -12.30 42.22 34.82
CA LEU M 235 -12.38 43.09 33.66
C LEU M 235 -13.18 44.34 33.99
N GLU M 236 -12.92 45.39 33.21
CA GLU M 236 -13.77 46.57 33.23
C GLU M 236 -14.94 46.34 32.28
N PRO M 237 -16.14 46.85 32.63
CA PRO M 237 -17.26 46.74 31.70
C PRO M 237 -17.00 47.53 30.40
N ILE M 238 -16.28 48.64 30.54
CA ILE M 238 -15.79 49.42 29.40
C ILE M 238 -14.39 49.88 29.78
N GLN M 239 -13.41 49.59 28.92
CA GLN M 239 -12.03 49.94 29.22
C GLN M 239 -11.83 51.44 29.10
N GLY M 240 -11.60 52.10 30.23
CA GLY M 240 -11.42 53.55 30.22
C GLY M 240 -10.05 53.93 29.68
N GLU M 241 -9.01 53.45 30.30
CA GLU M 241 -7.63 53.74 29.94
C GLU M 241 -7.20 53.12 28.63
N GLY M 242 -7.93 52.10 28.16
CA GLY M 242 -7.70 51.53 26.84
C GLY M 242 -8.15 52.41 25.69
N GLY M 243 -8.79 53.54 25.98
CA GLY M 243 -9.29 54.43 24.96
C GLY M 243 -10.80 54.43 24.85
N VAL M 244 -11.48 54.12 25.94
CA VAL M 244 -12.94 53.98 25.98
C VAL M 244 -13.32 52.92 24.93
N ILE M 245 -13.00 51.66 25.25
CA ILE M 245 -13.24 50.54 24.35
C ILE M 245 -14.54 49.86 24.74
N LEU M 246 -15.48 49.81 23.80
CA LEU M 246 -16.81 49.23 24.03
C LEU M 246 -16.83 47.77 23.60
N PRO M 247 -17.23 46.86 24.49
CA PRO M 247 -17.34 45.45 24.09
C PRO M 247 -18.59 45.21 23.26
N PRO M 248 -18.61 44.16 22.44
CA PRO M 248 -19.82 43.81 21.69
C PRO M 248 -21.01 43.59 22.63
N PRO M 249 -22.21 43.99 22.22
CA PRO M 249 -23.41 43.72 23.02
C PRO M 249 -23.51 42.25 23.45
N GLY M 250 -23.78 42.04 24.73
CA GLY M 250 -23.86 40.70 25.28
C GLY M 250 -22.57 40.11 25.79
N TYR M 251 -21.44 40.82 25.63
CA TYR M 251 -20.15 40.33 26.10
C TYR M 251 -20.15 40.07 27.60
N LEU M 252 -20.63 41.05 28.38
CA LEU M 252 -20.64 40.91 29.84
C LEU M 252 -21.51 39.73 30.28
N THR M 253 -22.67 39.58 29.64
CA THR M 253 -23.55 38.46 29.93
C THR M 253 -22.85 37.12 29.64
N ALA M 254 -22.16 37.05 28.50
CA ALA M 254 -21.45 35.83 28.13
C ALA M 254 -20.29 35.53 29.10
N VAL M 255 -19.63 36.57 29.58
CA VAL M 255 -18.56 36.38 30.55
C VAL M 255 -19.13 35.85 31.87
N ARG M 256 -20.26 36.40 32.30
CA ARG M 256 -20.94 35.91 33.50
C ARG M 256 -21.28 34.42 33.33
N LYS M 257 -21.88 34.07 32.19
CA LYS M 257 -22.25 32.69 31.94
C LYS M 257 -21.02 31.78 31.93
N LEU M 258 -19.91 32.27 31.36
CA LEU M 258 -18.69 31.50 31.28
C LEU M 258 -18.09 31.23 32.66
N CYS M 259 -18.03 32.28 33.49
CA CYS M 259 -17.56 32.13 34.86
C CYS M 259 -18.45 31.15 35.64
N ASP M 260 -19.76 31.25 35.45
CA ASP M 260 -20.67 30.29 36.07
C ASP M 260 -20.37 28.87 35.61
N GLU M 261 -20.03 28.71 34.34
CA GLU M 261 -19.79 27.38 33.78
C GLU M 261 -18.52 26.74 34.34
N PHE M 262 -17.43 27.51 34.37
CA PHE M 262 -16.15 26.99 34.84
C PHE M 262 -15.97 27.08 36.36
N GLY M 263 -16.91 27.68 37.07
CA GLY M 263 -16.74 27.89 38.50
C GLY M 263 -15.66 28.89 38.86
N ALA M 264 -15.47 29.91 38.01
CA ALA M 264 -14.59 31.03 38.31
C ALA M 264 -15.42 32.22 38.79
N LEU M 265 -14.79 33.08 39.59
CA LEU M 265 -15.45 34.29 40.05
C LEU M 265 -15.31 35.40 39.02
N MET M 266 -16.35 36.23 38.93
CA MET M 266 -16.32 37.40 38.04
C MET M 266 -16.08 38.65 38.90
N ILE M 267 -14.97 39.33 38.62
CA ILE M 267 -14.63 40.58 39.27
C ILE M 267 -14.82 41.70 38.26
N LEU M 268 -15.78 42.57 38.52
CA LEU M 268 -16.02 43.73 37.67
C LEU M 268 -15.35 44.96 38.26
N ASP M 269 -14.43 45.55 37.49
CA ASP M 269 -13.73 46.76 37.90
C ASP M 269 -14.50 47.97 37.38
N GLU M 270 -15.31 48.57 38.23
CA GLU M 270 -16.08 49.76 37.90
C GLU M 270 -15.51 51.01 38.58
N VAL M 271 -14.20 51.03 38.81
CA VAL M 271 -13.55 52.16 39.42
C VAL M 271 -13.78 53.44 38.61
N GLN M 272 -13.76 53.31 37.29
CA GLN M 272 -13.94 54.45 36.39
C GLN M 272 -15.37 54.59 35.86
N THR M 273 -16.01 53.48 35.51
CA THR M 273 -17.34 53.53 34.92
C THR M 273 -18.45 53.66 35.95
N GLY M 274 -18.14 53.50 37.24
CA GLY M 274 -19.16 53.52 38.26
C GLY M 274 -19.65 54.90 38.62
N MET M 275 -20.70 54.91 39.45
CA MET M 275 -21.31 56.15 39.96
C MET M 275 -21.88 57.02 38.84
N GLY M 276 -22.62 56.38 37.94
CA GLY M 276 -23.47 57.08 36.99
C GLY M 276 -22.84 57.58 35.71
N ARG M 277 -21.54 57.34 35.51
CA ARG M 277 -20.85 57.97 34.38
C ARG M 277 -21.35 57.46 33.02
N THR M 278 -21.66 56.16 32.94
CA THR M 278 -22.05 55.56 31.65
C THR M 278 -23.55 55.61 31.40
N GLY M 279 -24.27 56.47 32.11
CA GLY M 279 -25.70 56.62 31.93
C GLY M 279 -26.54 55.85 32.93
N LYS M 280 -25.94 54.89 33.61
CA LYS M 280 -26.59 54.17 34.71
C LYS M 280 -25.63 54.15 35.89
N MET M 281 -26.15 53.82 37.07
CA MET M 281 -25.33 53.86 38.29
C MET M 281 -24.07 53.03 38.12
N PHE M 282 -24.21 51.82 37.58
CA PHE M 282 -23.05 51.00 37.25
C PHE M 282 -23.20 50.50 35.81
N ALA M 283 -22.09 50.34 35.13
CA ALA M 283 -22.11 49.94 33.72
C ALA M 283 -22.70 48.53 33.57
N CYS M 284 -22.46 47.67 34.57
CA CYS M 284 -23.01 46.31 34.53
C CYS M 284 -24.53 46.29 34.49
N GLU M 285 -25.18 47.40 34.84
CA GLU M 285 -26.64 47.46 34.77
C GLU M 285 -27.16 47.61 33.35
N HIS M 286 -26.29 47.92 32.39
CA HIS M 286 -26.74 48.00 31.00
C HIS M 286 -27.20 46.63 30.47
N GLU M 287 -26.60 45.55 30.97
CA GLU M 287 -26.99 44.20 30.60
C GLU M 287 -27.61 43.41 31.76
N ASN M 288 -27.85 44.07 32.89
CA ASN M 288 -28.32 43.42 34.11
C ASN M 288 -27.44 42.22 34.48
N VAL M 289 -26.16 42.49 34.65
CA VAL M 289 -25.17 41.49 35.02
C VAL M 289 -24.71 41.77 36.44
N GLN M 290 -24.77 40.75 37.29
CA GLN M 290 -24.27 40.86 38.66
C GLN M 290 -22.97 40.07 38.78
N PRO M 291 -21.85 40.74 39.09
CA PRO M 291 -20.62 40.00 39.33
C PRO M 291 -20.60 39.40 40.73
N ASP M 292 -19.58 38.58 40.98
CA ASP M 292 -19.34 38.11 42.33
C ASP M 292 -18.68 39.19 43.18
N ILE M 293 -17.82 40.00 42.56
CA ILE M 293 -17.11 41.07 43.24
C ILE M 293 -17.14 42.32 42.38
N LEU M 294 -17.44 43.46 42.98
CA LEU M 294 -17.56 44.74 42.31
C LEU M 294 -16.62 45.74 42.95
N CYS M 295 -15.87 46.46 42.13
CA CYS M 295 -14.87 47.42 42.60
C CYS M 295 -15.30 48.84 42.29
N LEU M 296 -15.27 49.70 43.30
CA LEU M 296 -15.64 51.10 43.18
C LEU M 296 -14.58 51.99 43.78
N ALA M 297 -14.43 53.18 43.21
CA ALA M 297 -13.59 54.24 43.78
C ALA M 297 -13.88 55.56 43.07
N LYS M 298 -12.88 56.43 43.02
CA LYS M 298 -12.96 57.71 42.33
C LYS M 298 -14.22 58.49 42.69
N ALA M 299 -15.21 58.45 41.80
CA ALA M 299 -16.44 59.22 41.94
C ALA M 299 -17.19 58.92 43.23
N LEU M 300 -16.94 57.76 43.84
CA LEU M 300 -17.63 57.44 45.08
C LEU M 300 -17.25 58.40 46.21
N GLY M 301 -16.14 59.10 46.06
CA GLY M 301 -15.73 60.15 47.00
C GLY M 301 -16.36 61.50 46.79
N GLY M 302 -17.18 61.65 45.76
CA GLY M 302 -17.84 62.91 45.47
C GLY M 302 -16.94 64.06 45.09
N GLY M 303 -15.73 63.75 44.64
CA GLY M 303 -14.75 64.79 44.35
C GLY M 303 -14.30 65.58 45.57
N VAL M 304 -14.53 65.03 46.76
CA VAL M 304 -14.08 65.65 48.00
C VAL M 304 -13.12 64.74 48.77
N MET M 305 -13.44 63.46 48.88
CA MET M 305 -12.67 62.52 49.69
C MET M 305 -12.10 61.38 48.87
N PRO M 306 -10.97 60.81 49.29
CA PRO M 306 -10.52 59.54 48.73
C PRO M 306 -11.22 58.36 49.38
N ILE M 307 -11.66 57.40 48.57
CA ILE M 307 -12.38 56.24 49.06
C ILE M 307 -12.33 55.14 48.01
N GLY M 308 -12.40 53.90 48.47
CA GLY M 308 -12.62 52.75 47.61
C GLY M 308 -13.51 51.76 48.30
N ALA M 309 -14.21 50.95 47.51
CA ALA M 309 -15.12 49.96 48.06
C ALA M 309 -15.06 48.68 47.22
N THR M 310 -15.00 47.55 47.90
CA THR M 310 -15.07 46.23 47.27
C THR M 310 -16.31 45.53 47.82
N ILE M 311 -17.31 45.35 46.97
CA ILE M 311 -18.57 44.73 47.36
C ILE M 311 -18.60 43.32 46.82
N ALA M 312 -19.08 42.37 47.62
CA ALA M 312 -19.14 40.99 47.20
C ALA M 312 -20.38 40.31 47.77
N THR M 313 -20.73 39.19 47.16
CA THR M 313 -21.76 38.33 47.69
C THR M 313 -21.34 37.73 49.02
N GLU M 314 -22.31 37.41 49.86
CA GLU M 314 -22.04 36.74 51.13
C GLU M 314 -21.27 35.43 50.93
N GLU M 315 -21.57 34.73 49.85
CA GLU M 315 -20.89 33.47 49.55
C GLU M 315 -19.38 33.66 49.47
N VAL M 316 -18.93 34.72 48.83
CA VAL M 316 -17.51 34.97 48.67
C VAL M 316 -16.95 35.75 49.87
N PHE M 317 -17.66 36.78 50.32
CA PHE M 317 -17.17 37.62 51.40
C PHE M 317 -17.05 36.87 52.72
N SER M 318 -17.79 35.78 52.87
CA SER M 318 -17.77 35.00 54.11
C SER M 318 -16.39 34.43 54.44
N VAL M 319 -15.45 34.47 53.51
CA VAL M 319 -14.09 33.99 53.80
C VAL M 319 -13.35 34.87 54.82
N LEU M 320 -13.95 36.00 55.20
CA LEU M 320 -13.37 36.89 56.20
C LEU M 320 -14.16 36.91 57.51
N PHE M 321 -15.14 36.02 57.67
CA PHE M 321 -15.98 36.05 58.87
C PHE M 321 -15.27 35.43 60.07
N ASP M 322 -14.57 34.32 59.88
CA ASP M 322 -13.87 33.66 60.97
C ASP M 322 -12.71 34.50 61.53
N ASN M 323 -12.06 35.27 60.67
CA ASN M 323 -10.96 36.12 61.07
C ASN M 323 -11.14 37.49 60.41
N PRO M 324 -11.78 38.43 61.11
CA PRO M 324 -12.08 39.72 60.50
C PRO M 324 -10.85 40.59 60.23
N PHE M 325 -9.69 40.21 60.75
CA PHE M 325 -8.45 40.95 60.52
C PHE M 325 -7.62 40.34 59.40
N LEU M 326 -8.16 39.34 58.70
CA LEU M 326 -7.45 38.71 57.60
C LEU M 326 -7.08 39.71 56.50
N HIS M 327 -7.95 40.70 56.27
CA HIS M 327 -7.64 41.81 55.38
C HIS M 327 -8.18 43.09 55.98
N THR M 328 -7.30 44.07 56.20
CA THR M 328 -7.67 45.37 56.73
C THR M 328 -6.87 46.43 55.98
N THR M 329 -7.14 47.69 56.30
CA THR M 329 -6.40 48.81 55.74
C THR M 329 -6.51 49.97 56.72
N THR M 330 -5.45 50.76 56.79
CA THR M 330 -5.27 51.70 57.89
C THR M 330 -6.44 52.67 58.01
N PHE M 331 -6.77 53.37 56.92
CA PHE M 331 -7.77 54.44 56.99
C PHE M 331 -9.15 54.03 56.47
N GLY M 332 -9.27 52.81 55.93
CA GLY M 332 -10.48 52.40 55.23
C GLY M 332 -11.78 52.58 55.98
N GLY M 333 -12.76 53.19 55.33
CA GLY M 333 -14.06 53.41 55.91
C GLY M 333 -14.13 54.49 56.96
N ASN M 334 -13.21 55.46 56.91
CA ASN M 334 -13.22 56.55 57.88
C ASN M 334 -14.49 57.40 57.72
N PRO M 335 -14.94 58.02 58.82
CA PRO M 335 -16.22 58.75 58.77
C PRO M 335 -16.29 59.86 57.70
N LEU M 336 -15.20 60.56 57.45
CA LEU M 336 -15.20 61.59 56.42
C LEU M 336 -15.50 61.02 55.04
N ALA M 337 -14.77 59.97 54.67
CA ALA M 337 -14.99 59.33 53.37
C ALA M 337 -16.41 58.77 53.25
N CYS M 338 -16.90 58.12 54.30
CA CYS M 338 -18.25 57.57 54.29
C CYS M 338 -19.30 58.69 54.12
N ALA M 339 -19.12 59.79 54.83
CA ALA M 339 -20.02 60.93 54.69
C ALA M 339 -20.04 61.43 53.25
N ALA M 340 -18.84 61.59 52.67
CA ALA M 340 -18.75 61.98 51.27
C ALA M 340 -19.53 61.01 50.37
N ALA M 341 -19.29 59.72 50.55
CA ALA M 341 -19.92 58.71 49.70
C ALA M 341 -21.44 58.74 49.79
N LEU M 342 -21.96 58.78 51.01
CA LEU M 342 -23.41 58.84 51.21
C LEU M 342 -24.00 60.10 50.57
N ALA M 343 -23.32 61.22 50.73
CA ALA M 343 -23.77 62.46 50.08
C ALA M 343 -23.78 62.30 48.56
N THR M 344 -22.78 61.60 48.00
CA THR M 344 -22.71 61.44 46.56
C THR M 344 -23.84 60.57 46.04
N ILE M 345 -24.10 59.46 46.72
CA ILE M 345 -25.21 58.58 46.34
C ILE M 345 -26.53 59.36 46.40
N ASN M 346 -26.69 60.16 47.45
CA ASN M 346 -27.90 60.98 47.58
C ASN M 346 -28.04 61.96 46.40
N VAL M 347 -26.96 62.66 46.08
CA VAL M 347 -27.00 63.64 44.99
C VAL M 347 -27.32 62.95 43.67
N LEU M 348 -26.65 61.84 43.39
CA LEU M 348 -26.87 61.13 42.14
C LEU M 348 -28.31 60.65 42.01
N LEU M 349 -28.87 60.13 43.08
CA LEU M 349 -30.25 59.62 43.00
C LEU M 349 -31.29 60.73 42.97
N GLU M 350 -31.08 61.80 43.71
CA GLU M 350 -32.08 62.86 43.82
C GLU M 350 -32.15 63.73 42.57
N GLN M 351 -31.02 63.97 41.92
CA GLN M 351 -30.98 64.75 40.69
C GLN M 351 -30.96 63.88 39.43
N ASN M 352 -31.11 62.56 39.61
CA ASN M 352 -31.07 61.58 38.52
C ASN M 352 -29.93 61.88 37.53
N LEU M 353 -28.74 62.05 38.09
CA LEU M 353 -27.57 62.36 37.29
C LEU M 353 -27.16 61.29 36.27
N PRO M 354 -27.43 59.98 36.52
CA PRO M 354 -27.17 59.01 35.45
C PRO M 354 -27.92 59.31 34.14
N ALA M 355 -29.23 59.54 34.23
CA ALA M 355 -30.01 59.85 33.02
C ALA M 355 -29.49 61.11 32.32
N GLN M 356 -29.21 62.14 33.11
CA GLN M 356 -28.58 63.35 32.57
C GLN M 356 -27.29 63.01 31.84
N ALA M 357 -26.49 62.12 32.43
CA ALA M 357 -25.24 61.69 31.80
C ALA M 357 -25.51 61.02 30.46
N GLU M 358 -26.60 60.27 30.36
CA GLU M 358 -26.97 59.67 29.07
C GLU M 358 -27.32 60.75 28.05
N GLN M 359 -28.11 61.73 28.44
CA GLN M 359 -28.56 62.76 27.51
C GLN M 359 -27.38 63.62 27.03
N LYS M 360 -26.69 64.26 27.98
CA LYS M 360 -25.54 65.09 27.65
C LYS M 360 -24.45 64.30 26.93
N GLY M 361 -24.29 63.02 27.31
CA GLY M 361 -23.35 62.17 26.60
C GLY M 361 -23.71 61.97 25.14
N ASP M 362 -24.99 61.65 24.89
CA ASP M 362 -25.46 61.53 23.51
C ASP M 362 -25.22 62.82 22.72
N MET M 363 -25.48 63.96 23.36
CA MET M 363 -25.34 65.24 22.67
C MET M 363 -23.86 65.50 22.32
N LEU M 364 -22.98 65.40 23.30
CA LEU M 364 -21.56 65.64 23.07
C LEU M 364 -20.98 64.66 22.05
N LEU M 365 -21.36 63.39 22.12
CA LEU M 365 -20.85 62.41 21.17
C LEU M 365 -21.38 62.67 19.76
N ASP M 366 -22.62 63.17 19.64
CA ASP M 366 -23.11 63.60 18.34
C ASP M 366 -22.22 64.71 17.76
N GLY M 367 -21.97 65.75 18.57
CA GLY M 367 -21.08 66.81 18.12
C GLY M 367 -19.70 66.30 17.70
N PHE M 368 -19.11 65.44 18.54
CA PHE M 368 -17.78 64.92 18.25
C PHE M 368 -17.76 64.07 16.97
N ARG M 369 -18.83 63.32 16.73
CA ARG M 369 -18.88 62.53 15.51
C ARG M 369 -19.03 63.41 14.27
N GLN M 370 -19.79 64.49 14.39
CA GLN M 370 -19.90 65.43 13.27
C GLN M 370 -18.53 66.07 12.97
N LEU M 371 -17.85 66.53 14.02
CA LEU M 371 -16.48 67.03 13.84
C LEU M 371 -15.56 65.96 13.28
N ALA M 372 -15.83 64.70 13.62
CA ALA M 372 -15.02 63.59 13.11
C ALA M 372 -15.17 63.44 11.60
N ARG M 373 -16.39 63.55 11.08
CA ARG M 373 -16.57 63.49 9.64
C ARG M 373 -16.06 64.74 8.94
N GLU M 374 -16.11 65.90 9.62
CA GLU M 374 -15.60 67.10 8.99
C GLU M 374 -14.08 67.16 8.97
N TYR M 375 -13.41 66.43 9.88
CA TYR M 375 -11.95 66.46 9.97
C TYR M 375 -11.39 65.04 9.95
N PRO M 376 -11.55 64.32 8.82
CA PRO M 376 -10.96 62.98 8.76
C PRO M 376 -9.42 63.00 8.61
N ASP M 377 -8.85 64.16 8.26
CA ASP M 377 -7.41 64.32 8.20
C ASP M 377 -6.75 64.31 9.58
N LEU M 378 -7.54 64.55 10.64
CA LEU M 378 -7.01 64.61 12.00
C LEU M 378 -7.66 63.60 12.93
N VAL M 379 -8.96 63.39 12.80
CA VAL M 379 -9.70 62.51 13.70
C VAL M 379 -9.94 61.17 13.01
N GLN M 380 -9.58 60.09 13.70
CA GLN M 380 -9.88 58.75 13.22
C GLN M 380 -11.31 58.35 13.55
N GLU M 381 -11.70 58.48 14.80
CA GLU M 381 -13.06 58.15 15.25
C GLU M 381 -13.30 58.72 16.63
N ALA M 382 -14.57 58.95 16.93
CA ALA M 382 -15.02 59.34 18.28
C ALA M 382 -15.96 58.29 18.82
N ARG M 383 -15.81 57.97 20.10
CA ARG M 383 -16.61 56.91 20.73
C ARG M 383 -16.88 57.28 22.16
N GLY M 384 -17.85 56.61 22.77
CA GLY M 384 -18.22 56.86 24.14
C GLY M 384 -19.48 56.15 24.55
N LYS M 385 -19.77 56.23 25.85
CA LYS M 385 -21.02 55.75 26.43
C LYS M 385 -21.31 56.62 27.64
N GLY M 386 -22.52 57.20 27.67
CA GLY M 386 -22.81 58.21 28.68
C GLY M 386 -21.80 59.34 28.59
N MET M 387 -21.25 59.73 29.73
CA MET M 387 -20.26 60.79 29.79
C MET M 387 -18.83 60.27 29.94
N LEU M 388 -18.59 59.06 29.42
CA LEU M 388 -17.24 58.52 29.27
C LEU M 388 -16.97 58.43 27.77
N MET M 389 -16.22 59.39 27.24
CA MET M 389 -16.02 59.45 25.80
C MET M 389 -14.55 59.61 25.47
N ALA M 390 -14.23 59.43 24.19
CA ALA M 390 -12.86 59.58 23.72
C ALA M 390 -12.86 59.93 22.24
N ILE M 391 -11.81 60.63 21.83
CA ILE M 391 -11.56 60.95 20.43
C ILE M 391 -10.17 60.40 20.10
N GLU M 392 -10.11 59.45 19.17
CA GLU M 392 -8.84 58.90 18.70
C GLU M 392 -8.41 59.66 17.46
N PHE M 393 -7.15 60.10 17.45
CA PHE M 393 -6.61 60.86 16.33
C PHE M 393 -5.73 59.96 15.46
N VAL M 394 -5.19 60.55 14.39
CA VAL M 394 -4.38 59.78 13.45
C VAL M 394 -3.01 59.40 14.03
N ASP M 395 -2.34 60.38 14.63
CA ASP M 395 -1.10 60.10 15.37
C ASP M 395 -1.20 60.61 16.78
N ASN M 396 -0.13 60.46 17.55
CA ASN M 396 -0.03 61.00 18.90
C ASN M 396 0.25 62.50 18.87
N GLU M 397 1.05 62.96 17.93
CA GLU M 397 1.32 64.39 17.79
C GLU M 397 0.03 65.19 17.56
N ILE M 398 -0.88 64.62 16.77
CA ILE M 398 -2.15 65.29 16.48
C ILE M 398 -2.99 65.45 17.75
N GLY M 399 -3.21 64.35 18.45
CA GLY M 399 -3.94 64.42 19.72
C GLY M 399 -3.24 65.32 20.73
N TYR M 400 -1.91 65.36 20.69
CA TYR M 400 -1.15 66.27 21.52
C TYR M 400 -1.54 67.73 21.22
N ASN M 401 -1.47 68.11 19.95
CA ASN M 401 -1.86 69.45 19.54
C ASN M 401 -3.33 69.73 19.86
N PHE M 402 -4.17 68.70 19.88
CA PHE M 402 -5.56 68.89 20.26
C PHE M 402 -5.68 69.24 21.74
N ALA M 403 -5.00 68.46 22.58
CA ALA M 403 -5.00 68.76 24.03
C ALA M 403 -4.47 70.17 24.28
N SER M 404 -3.41 70.55 23.58
CA SER M 404 -2.82 71.88 23.75
C SER M 404 -3.79 72.97 23.32
N GLU M 405 -4.40 72.80 22.15
CA GLU M 405 -5.32 73.81 21.61
C GLU M 405 -6.57 73.94 22.47
N MET M 406 -7.03 72.84 23.06
CA MET M 406 -8.15 72.90 23.98
C MET M 406 -7.73 73.57 25.30
N PHE M 407 -6.50 73.35 25.73
CA PHE M 407 -6.01 73.99 26.95
C PHE M 407 -5.90 75.51 26.76
N ARG M 408 -5.53 75.94 25.55
CA ARG M 408 -5.43 77.38 25.29
C ARG M 408 -6.80 78.04 25.27
N GLN M 409 -7.82 77.31 24.83
CA GLN M 409 -9.21 77.78 24.91
C GLN M 409 -9.85 77.51 26.26
N ARG M 410 -9.04 77.16 27.27
CA ARG M 410 -9.50 76.98 28.64
C ARG M 410 -10.56 75.90 28.75
N VAL M 411 -10.37 74.81 28.03
CA VAL M 411 -11.14 73.58 28.20
C VAL M 411 -10.15 72.47 28.55
N LEU M 412 -10.36 71.83 29.69
CA LEU M 412 -9.42 70.85 30.22
C LEU M 412 -9.69 69.46 29.64
N VAL M 413 -8.67 68.89 28.98
CA VAL M 413 -8.72 67.52 28.48
C VAL M 413 -7.36 66.87 28.71
N ALA M 414 -7.34 65.54 28.69
CA ALA M 414 -6.11 64.80 28.87
C ALA M 414 -6.17 63.47 28.14
N GLY M 415 -4.98 62.88 27.95
CA GLY M 415 -4.84 61.58 27.29
C GLY M 415 -5.24 60.39 28.15
N THR M 416 -5.06 59.21 27.58
CA THR M 416 -5.38 57.95 28.25
C THR M 416 -4.11 57.11 28.41
N LEU M 417 -3.94 56.55 29.61
CA LEU M 417 -2.69 55.90 30.00
C LEU M 417 -2.25 54.78 29.05
N ASN M 418 -3.21 54.03 28.52
CA ASN M 418 -2.90 52.91 27.65
C ASN M 418 -3.04 53.23 26.17
N ASN M 419 -3.44 54.45 25.80
CA ASN M 419 -3.64 54.78 24.39
C ASN M 419 -3.10 56.18 24.13
N ALA M 420 -2.01 56.27 23.37
CA ALA M 420 -1.31 57.52 23.15
C ALA M 420 -1.96 58.41 22.09
N LYS M 421 -2.78 57.83 21.22
CA LYS M 421 -3.44 58.60 20.17
C LYS M 421 -4.82 59.10 20.57
N THR M 422 -5.28 58.73 21.76
CA THR M 422 -6.64 59.00 22.18
C THR M 422 -6.67 60.06 23.27
N ILE M 423 -7.62 61.00 23.16
CA ILE M 423 -7.90 61.98 24.18
C ILE M 423 -9.26 61.71 24.77
N ARG M 424 -9.33 61.64 26.08
CA ARG M 424 -10.58 61.33 26.75
C ARG M 424 -11.36 62.60 27.05
N ILE M 425 -12.67 62.48 26.95
CA ILE M 425 -13.61 63.52 27.39
C ILE M 425 -14.43 62.92 28.51
N GLU M 426 -14.20 63.39 29.73
CA GLU M 426 -14.80 62.84 30.94
C GLU M 426 -15.24 63.99 31.86
N PRO M 427 -16.18 64.83 31.41
CA PRO M 427 -16.58 65.98 32.21
C PRO M 427 -17.52 65.57 33.33
N PRO M 428 -17.78 66.47 34.29
CA PRO M 428 -18.76 66.15 35.33
C PRO M 428 -20.13 65.87 34.75
N LEU M 429 -20.92 65.08 35.46
CA LEU M 429 -22.28 64.81 35.03
C LEU M 429 -23.17 66.05 35.18
N THR M 430 -22.71 67.03 35.96
CA THR M 430 -23.43 68.28 36.18
C THR M 430 -23.13 69.33 35.12
N LEU M 431 -22.36 68.97 34.08
CA LEU M 431 -22.04 69.91 33.01
C LEU M 431 -23.32 70.43 32.37
N THR M 432 -23.40 71.75 32.22
CA THR M 432 -24.62 72.36 31.71
C THR M 432 -24.62 72.36 30.18
N ILE M 433 -25.80 72.48 29.60
CA ILE M 433 -25.98 72.38 28.16
C ILE M 433 -25.20 73.49 27.44
N GLU M 434 -25.22 74.71 27.99
CA GLU M 434 -24.43 75.80 27.45
C GLU M 434 -22.95 75.42 27.41
N GLN M 435 -22.44 74.82 28.48
CA GLN M 435 -21.05 74.40 28.50
C GLN M 435 -20.80 73.22 27.53
N CYS M 436 -21.82 72.40 27.28
CA CYS M 436 -21.71 71.36 26.27
C CYS M 436 -21.47 71.97 24.88
N GLU M 437 -22.32 72.94 24.51
CA GLU M 437 -22.12 73.62 23.24
C GLU M 437 -20.77 74.36 23.20
N LEU M 438 -20.39 74.96 24.31
CA LEU M 438 -19.08 75.64 24.38
C LEU M 438 -17.92 74.66 24.15
N VAL M 439 -18.05 73.45 24.67
CA VAL M 439 -17.01 72.45 24.49
C VAL M 439 -16.97 71.94 23.03
N ILE M 440 -18.14 71.79 22.43
CA ILE M 440 -18.19 71.42 21.01
C ILE M 440 -17.53 72.49 20.15
N LYS M 441 -17.88 73.75 20.39
CA LYS M 441 -17.28 74.85 19.64
C LYS M 441 -15.76 74.91 19.86
N ALA M 442 -15.33 74.71 21.11
CA ALA M 442 -13.91 74.69 21.41
C ALA M 442 -13.20 73.59 20.64
N ALA M 443 -13.82 72.41 20.56
CA ALA M 443 -13.24 71.32 19.77
C ALA M 443 -13.15 71.71 18.29
N ARG M 444 -14.16 72.42 17.79
CA ARG M 444 -14.13 72.83 16.39
C ARG M 444 -12.98 73.80 16.13
N LYS M 445 -12.84 74.81 16.96
CA LYS M 445 -11.74 75.78 16.79
C LYS M 445 -10.38 75.08 16.93
N ALA M 446 -10.29 74.13 17.84
CA ALA M 446 -9.08 73.32 17.98
C ALA M 446 -8.73 72.62 16.67
N LEU M 447 -9.68 71.86 16.13
CA LEU M 447 -9.42 71.10 14.90
C LEU M 447 -9.09 72.04 13.73
N ALA M 448 -9.77 73.18 13.67
CA ALA M 448 -9.47 74.16 12.63
C ALA M 448 -8.03 74.65 12.72
N ALA M 449 -7.62 75.08 13.92
CA ALA M 449 -6.25 75.52 14.14
C ALA M 449 -5.25 74.42 13.81
N MET M 450 -5.58 73.17 14.11
CA MET M 450 -4.66 72.06 13.84
C MET M 450 -4.53 71.83 12.33
N ARG M 451 -5.63 71.93 11.59
CA ARG M 451 -5.56 71.76 10.14
C ARG M 451 -4.74 72.89 9.50
N GLN M 452 -5.04 74.12 9.87
CA GLN M 452 -4.23 75.25 9.41
C GLN M 452 -2.79 75.07 9.82
N GLN M 453 -2.54 74.46 10.96
CA GLN M 453 -1.17 74.23 11.46
C GLN M 453 -0.42 73.24 10.59
N VAL M 454 -1.01 72.07 10.33
CA VAL M 454 -0.35 71.06 9.50
C VAL M 454 -0.12 71.61 8.09
N ALA M 455 -1.08 72.40 7.59
CA ALA M 455 -0.84 73.12 6.34
C ALA M 455 0.41 74.02 6.46
N PHE M 456 0.51 74.74 7.56
CA PHE M 456 1.63 75.66 7.78
C PHE M 456 2.98 74.95 7.81
N TYR M 457 3.02 73.78 8.42
CA TYR M 457 4.28 73.00 8.44
C TYR M 457 4.61 72.47 7.06
N GLU M 458 3.64 71.83 6.40
CA GLU M 458 3.87 71.28 5.08
C GLU M 458 4.35 72.37 4.10
N ILE M 459 3.79 73.56 4.22
CA ILE M 459 4.24 74.68 3.39
C ILE M 459 5.65 75.11 3.81
N LEU M 460 5.97 74.97 5.09
CA LEU M 460 7.27 75.38 5.58
C LEU M 460 8.40 74.42 5.16
N HIS M 461 8.08 73.15 4.94
CA HIS M 461 9.10 72.13 4.69
C HIS M 461 9.37 71.82 3.22
N LEU M 462 8.60 72.39 2.29
CA LEU M 462 8.86 72.14 0.88
C LEU M 462 10.24 72.63 0.47
N PRO M 463 11.10 71.72 -0.05
CA PRO M 463 12.50 72.11 -0.33
C PRO M 463 12.70 72.87 -1.64
N ASN M 464 11.83 72.61 -2.62
CA ASN M 464 11.93 73.28 -3.92
C ASN M 464 11.19 74.63 -3.95
N LEU M 465 11.54 75.49 -3.00
CA LEU M 465 10.95 76.79 -2.86
C LEU M 465 11.97 77.75 -2.30
N ASN M 466 12.16 78.89 -2.96
CA ASN M 466 13.02 79.94 -2.41
C ASN M 466 12.32 80.62 -1.24
N GLU M 467 12.92 81.69 -0.74
CA GLU M 467 12.43 82.31 0.49
C GLU M 467 11.29 83.27 0.20
N GLU M 468 11.30 83.93 -0.95
CA GLU M 468 10.34 84.98 -1.24
C GLU M 468 8.91 84.45 -1.36
N GLN M 469 8.71 83.47 -2.24
CA GLN M 469 7.37 82.92 -2.43
C GLN M 469 6.93 82.09 -1.24
N ARG M 470 7.84 81.59 -0.42
CA ARG M 470 7.46 80.96 0.85
C ARG M 470 6.90 82.02 1.80
N ASN M 471 7.60 83.15 1.93
CA ASN M 471 7.06 84.25 2.74
C ASN M 471 5.70 84.70 2.23
N ALA M 472 5.54 84.75 0.92
CA ALA M 472 4.23 85.09 0.34
C ALA M 472 3.20 84.02 0.69
N PHE M 473 3.58 82.75 0.61
CA PHE M 473 2.65 81.68 0.88
C PHE M 473 2.18 81.65 2.34
N ILE M 474 3.10 81.76 3.29
CA ILE M 474 2.66 81.75 4.71
C ILE M 474 2.01 83.06 5.05
N GLN M 475 2.43 84.16 4.44
CA GLN M 475 1.75 85.44 4.62
C GLN M 475 0.28 85.32 4.25
N SER M 476 0.00 84.83 3.04
CA SER M 476 -1.38 84.59 2.61
C SER M 476 -2.04 83.56 3.52
N LEU M 477 -1.29 82.53 3.95
CA LEU M 477 -1.81 81.54 4.87
C LEU M 477 -2.39 82.18 6.15
N LYS M 478 -1.69 83.20 6.65
CA LYS M 478 -2.16 83.91 7.81
C LYS M 478 -3.35 84.83 7.50
N ASP M 479 -3.28 85.54 6.40
CA ASP M 479 -4.25 86.61 6.13
C ASP M 479 -5.60 86.08 5.62
N ASP M 480 -5.61 84.89 5.01
CA ASP M 480 -6.81 84.22 4.60
C ASP M 480 -6.76 82.75 4.99
N PRO M 481 -7.23 82.38 6.20
CA PRO M 481 -7.11 80.97 6.64
C PRO M 481 -8.01 79.98 5.90
N SER M 482 -9.16 80.45 5.40
CA SER M 482 -10.10 79.55 4.72
C SER M 482 -9.61 79.04 3.36
N GLN M 483 -8.69 79.79 2.75
CA GLN M 483 -7.99 79.35 1.55
C GLN M 483 -6.86 78.38 1.86
N SER M 484 -6.66 78.01 3.12
CA SER M 484 -5.57 77.13 3.52
C SER M 484 -5.37 75.92 2.60
N ALA M 485 -6.46 75.24 2.27
CA ALA M 485 -6.39 74.05 1.44
C ALA M 485 -5.81 74.38 0.06
N ASN M 486 -6.27 75.47 -0.54
CA ASN M 486 -5.86 75.77 -1.91
C ASN M 486 -4.38 76.14 -2.00
N LEU M 487 -3.94 77.08 -1.16
CA LEU M 487 -2.54 77.55 -1.25
C LEU M 487 -1.53 76.44 -1.02
N LEU M 488 -1.85 75.52 -0.09
CA LEU M 488 -0.98 74.38 0.12
C LEU M 488 -0.84 73.60 -1.17
N ALA M 489 -1.99 73.32 -1.81
CA ALA M 489 -1.93 72.68 -3.14
C ALA M 489 -1.05 73.51 -4.08
N GLU M 490 -1.30 74.83 -4.12
CA GLU M 490 -0.51 75.70 -4.95
C GLU M 490 0.98 75.58 -4.64
N ALA M 491 1.32 75.55 -3.35
CA ALA M 491 2.69 75.41 -2.93
C ALA M 491 3.32 74.18 -3.59
N LYS M 492 2.71 73.01 -3.43
CA LYS M 492 3.31 71.84 -4.09
C LYS M 492 3.16 71.88 -5.58
N LYS M 493 2.11 72.52 -6.08
CA LYS M 493 1.97 72.80 -7.52
C LYS M 493 3.29 73.44 -8.08
N LEU M 494 3.91 74.28 -7.26
CA LEU M 494 5.16 74.88 -7.62
C LEU M 494 6.36 74.10 -7.13
N ASN M 495 6.23 73.39 -6.02
CA ASN M 495 7.35 72.57 -5.52
C ASN M 495 7.67 71.42 -6.47
N ASP M 496 6.68 71.00 -7.28
CA ASP M 496 6.91 69.98 -8.27
C ASP M 496 7.51 70.55 -9.55
N ALA M 497 7.15 71.78 -9.90
CA ALA M 497 7.52 72.36 -11.17
C ALA M 497 8.93 72.86 -11.24
N GLN M 498 9.75 72.72 -10.18
CA GLN M 498 11.15 73.09 -10.23
C GLN M 498 12.03 72.03 -9.56
N ALA M 499 11.59 70.79 -9.60
CA ALA M 499 12.26 69.70 -8.85
C ALA M 499 13.58 69.28 -9.51
N SER N 5 -33.80 46.24 52.04
CA SER N 5 -35.06 46.68 52.69
C SER N 5 -35.65 47.88 51.95
N ALA N 6 -35.04 49.04 52.20
CA ALA N 6 -35.44 50.31 51.59
C ALA N 6 -34.54 50.64 50.40
N SER N 7 -34.95 51.63 49.62
CA SER N 7 -34.17 52.11 48.50
C SER N 7 -32.89 52.80 48.95
N ALA N 8 -31.91 52.82 48.07
CA ALA N 8 -30.64 53.47 48.35
C ALA N 8 -30.83 54.95 48.70
N LEU N 9 -31.79 55.60 48.05
CA LEU N 9 -32.07 57.00 48.35
C LEU N 9 -32.52 57.21 49.80
N ALA N 10 -33.44 56.37 50.25
CA ALA N 10 -33.90 56.45 51.64
C ALA N 10 -32.74 56.22 52.61
N CYS N 11 -31.93 55.19 52.36
CA CYS N 11 -30.79 54.91 53.24
C CYS N 11 -29.84 56.10 53.30
N SER N 12 -29.46 56.63 52.14
CA SER N 12 -28.58 57.80 52.10
C SER N 12 -29.19 58.98 52.86
N ALA N 13 -30.47 59.25 52.64
CA ALA N 13 -31.13 60.37 53.30
C ALA N 13 -31.10 60.20 54.82
N HIS N 14 -31.44 59.02 55.31
CA HIS N 14 -31.33 58.73 56.74
C HIS N 14 -29.92 58.98 57.26
N ALA N 15 -28.93 58.50 56.50
CA ALA N 15 -27.53 58.66 56.90
C ALA N 15 -27.14 60.15 57.00
N LEU N 16 -27.61 60.96 56.05
CA LEU N 16 -27.29 62.39 56.10
C LEU N 16 -28.00 63.09 57.26
N ASN N 17 -29.26 62.70 57.51
CA ASN N 17 -29.96 63.20 58.69
C ASN N 17 -29.18 62.88 59.96
N LEU N 18 -28.53 61.73 59.99
CA LEU N 18 -27.78 61.34 61.19
C LEU N 18 -26.40 62.01 61.25
N ILE N 19 -25.84 62.33 60.09
CA ILE N 19 -24.61 63.11 60.05
C ILE N 19 -24.84 64.53 60.55
N GLU N 20 -26.00 65.10 60.22
CA GLU N 20 -26.29 66.47 60.64
C GLU N 20 -26.63 66.59 62.13
N LYS N 21 -27.00 65.49 62.77
CA LYS N 21 -27.30 65.53 64.20
C LYS N 21 -26.03 65.66 65.02
N ARG N 22 -26.12 66.41 66.13
CA ARG N 22 -24.98 66.65 67.02
C ARG N 22 -25.08 65.85 68.33
N THR N 23 -26.32 65.63 68.80
CA THR N 23 -26.56 64.81 69.97
C THR N 23 -27.73 63.89 69.69
N LEU N 24 -27.84 62.83 70.49
CA LEU N 24 -28.90 61.86 70.36
C LEU N 24 -29.61 61.71 71.68
N ASP N 25 -30.94 61.73 71.66
CA ASP N 25 -31.63 61.16 72.80
C ASP N 25 -31.39 59.65 72.84
N HIS N 26 -31.77 59.07 73.98
CA HIS N 26 -31.54 57.66 74.27
C HIS N 26 -32.36 56.75 73.35
N GLU N 27 -33.58 57.10 72.95
CA GLU N 27 -34.27 56.24 71.98
C GLU N 27 -33.68 56.36 70.58
N GLU N 28 -33.18 57.55 70.27
CA GLU N 28 -32.34 57.74 69.08
C GLU N 28 -31.06 56.93 69.19
N MET N 29 -30.44 56.94 70.36
CA MET N 29 -29.18 56.24 70.59
C MET N 29 -29.39 54.71 70.48
N LYS N 30 -30.42 54.21 71.15
CA LYS N 30 -30.72 52.80 71.13
C LYS N 30 -31.07 52.35 69.73
N ALA N 31 -31.89 53.12 69.01
CA ALA N 31 -32.23 52.78 67.63
C ALA N 31 -30.97 52.77 66.75
N LEU N 32 -30.08 53.74 66.94
CA LEU N 32 -28.88 53.81 66.12
C LEU N 32 -27.92 52.67 66.42
N ASN N 33 -27.71 52.37 67.70
CA ASN N 33 -26.86 51.25 68.08
C ASN N 33 -27.41 49.92 67.55
N ARG N 34 -28.71 49.72 67.67
CA ARG N 34 -29.34 48.52 67.12
C ARG N 34 -29.13 48.45 65.60
N GLU N 35 -29.30 49.59 64.93
CA GLU N 35 -29.09 49.66 63.49
C GLU N 35 -27.66 49.28 63.11
N VAL N 36 -26.68 49.86 63.79
CA VAL N 36 -25.28 49.65 63.41
C VAL N 36 -24.84 48.22 63.72
N ILE N 37 -25.37 47.64 64.79
CA ILE N 37 -25.08 46.23 65.06
C ILE N 37 -25.67 45.35 63.96
N GLU N 38 -26.90 45.65 63.55
CA GLU N 38 -27.53 44.88 62.46
C GLU N 38 -26.72 44.98 61.16
N TYR N 39 -26.39 46.21 60.75
CA TYR N 39 -25.69 46.41 59.49
C TYR N 39 -24.25 45.91 59.52
N PHE N 40 -23.63 45.92 60.70
CA PHE N 40 -22.34 45.26 60.86
C PHE N 40 -22.49 43.75 60.67
N LYS N 41 -23.57 43.19 61.23
CA LYS N 41 -23.80 41.76 61.13
C LYS N 41 -24.10 41.29 59.71
N GLU N 42 -24.81 42.11 58.94
CA GLU N 42 -25.30 41.71 57.62
C GLU N 42 -24.62 42.35 56.43
N HIS N 43 -23.74 43.33 56.64
CA HIS N 43 -23.15 44.05 55.51
C HIS N 43 -21.68 44.42 55.68
N VAL N 44 -21.14 44.32 56.88
CA VAL N 44 -19.73 44.65 57.11
C VAL N 44 -18.96 43.36 57.41
N ASN N 45 -19.09 42.88 58.64
CA ASN N 45 -18.49 41.61 59.09
C ASN N 45 -19.02 41.23 60.47
N PRO N 46 -19.70 40.10 60.61
CA PRO N 46 -20.12 39.64 61.94
C PRO N 46 -18.94 39.22 62.84
N GLY N 47 -17.85 38.82 62.21
CA GLY N 47 -16.65 38.45 62.94
C GLY N 47 -16.16 39.56 63.85
N PHE N 48 -16.26 40.80 63.39
CA PHE N 48 -15.86 41.93 64.22
C PHE N 48 -16.67 41.98 65.52
N LEU N 49 -17.98 41.72 65.41
CA LEU N 49 -18.82 41.69 66.59
C LEU N 49 -18.32 40.63 67.56
N GLU N 50 -17.96 39.46 67.03
CA GLU N 50 -17.46 38.42 67.94
C GLU N 50 -16.13 38.81 68.59
N TYR N 51 -15.26 39.48 67.84
CA TYR N 51 -13.96 39.89 68.35
C TYR N 51 -14.12 40.87 69.52
N ARG N 52 -14.90 41.93 69.31
CA ARG N 52 -15.11 42.88 70.37
C ARG N 52 -15.80 42.23 71.56
N LYS N 53 -16.62 41.21 71.30
CA LYS N 53 -17.14 40.43 72.42
C LYS N 53 -16.00 39.81 73.22
N SER N 54 -14.98 39.29 72.53
CA SER N 54 -13.89 38.68 73.26
C SER N 54 -13.02 39.72 73.97
N VAL N 55 -13.16 41.02 73.69
CA VAL N 55 -12.35 41.97 74.42
C VAL N 55 -13.20 42.92 75.29
N THR N 56 -14.42 42.52 75.63
CA THR N 56 -15.30 43.36 76.44
C THR N 56 -16.11 42.51 77.40
N ALA N 57 -16.96 43.17 78.19
CA ALA N 57 -17.90 42.47 79.06
C ALA N 57 -19.28 43.07 78.89
N GLY N 58 -20.26 42.21 78.60
CA GLY N 58 -21.61 42.64 78.31
C GLY N 58 -21.69 43.59 77.15
N GLY N 59 -22.72 44.43 77.19
CA GLY N 59 -23.04 45.32 76.06
C GLY N 59 -21.93 46.29 75.71
N ASP N 60 -20.83 46.23 76.44
CA ASP N 60 -19.64 47.01 76.08
C ASP N 60 -19.12 46.61 74.72
N TYR N 61 -19.36 45.37 74.29
CA TYR N 61 -18.99 44.99 72.93
C TYR N 61 -19.68 45.85 71.86
N GLY N 62 -20.73 46.57 72.24
CA GLY N 62 -21.53 47.32 71.29
C GLY N 62 -21.49 48.81 71.57
N ALA N 63 -20.29 49.33 71.82
CA ALA N 63 -20.07 50.76 71.91
C ALA N 63 -19.87 51.30 70.49
N VAL N 64 -20.58 52.36 70.16
CA VAL N 64 -20.55 52.94 68.82
C VAL N 64 -19.90 54.30 68.89
N GLU N 65 -18.93 54.54 68.00
CA GLU N 65 -18.31 55.86 67.91
C GLU N 65 -19.34 56.94 67.59
N TRP N 66 -19.07 58.13 68.09
CA TRP N 66 -19.91 59.27 67.80
C TRP N 66 -19.08 60.52 67.50
N GLN N 67 -18.28 60.96 68.46
CA GLN N 67 -17.57 62.22 68.29
C GLN N 67 -16.31 62.24 69.12
N ALA N 68 -15.32 62.99 68.64
CA ALA N 68 -14.15 63.31 69.47
C ALA N 68 -14.56 64.20 70.64
N GLY N 69 -14.12 63.81 71.85
CA GLY N 69 -14.41 64.60 73.03
C GLY N 69 -13.47 65.79 73.17
N SER N 70 -12.20 65.51 73.49
CA SER N 70 -11.17 66.52 73.52
C SER N 70 -10.03 66.03 72.63
N LEU N 71 -8.82 66.56 72.84
CA LEU N 71 -7.68 66.10 72.09
C LEU N 71 -7.40 64.61 72.31
N ASN N 72 -7.67 64.12 73.53
CA ASN N 72 -7.29 62.77 73.91
C ASN N 72 -8.46 61.88 74.33
N THR N 73 -9.69 62.29 74.04
CA THR N 73 -10.87 61.54 74.47
C THR N 73 -11.82 61.32 73.32
N LEU N 74 -12.53 60.19 73.38
CA LEU N 74 -13.56 59.83 72.42
C LEU N 74 -14.88 59.61 73.12
N VAL N 75 -15.96 60.00 72.47
CA VAL N 75 -17.30 59.93 73.07
C VAL N 75 -18.18 59.07 72.17
N ASP N 76 -18.73 58.01 72.76
CA ASP N 76 -19.62 57.10 72.05
C ASP N 76 -21.04 57.66 71.98
N THR N 77 -21.95 56.89 71.41
CA THR N 77 -23.32 57.32 71.22
C THR N 77 -24.10 57.47 72.53
N GLN N 78 -23.55 57.01 73.64
CA GLN N 78 -24.22 57.10 74.94
C GLN N 78 -23.64 58.21 75.81
N GLY N 79 -22.74 59.02 75.26
CA GLY N 79 -22.10 60.08 76.02
C GLY N 79 -20.94 59.62 76.89
N GLN N 80 -20.61 58.33 76.87
CA GLN N 80 -19.48 57.84 77.66
C GLN N 80 -18.17 58.33 77.04
N GLU N 81 -17.28 58.87 77.88
CA GLU N 81 -16.01 59.41 77.44
C GLU N 81 -14.88 58.44 77.76
N PHE N 82 -14.00 58.25 76.79
CA PHE N 82 -12.87 57.34 76.89
C PHE N 82 -11.58 58.10 76.67
N ILE N 83 -10.58 57.80 77.49
CA ILE N 83 -9.22 58.25 77.22
C ILE N 83 -8.64 57.31 76.15
N ASP N 84 -8.10 57.90 75.08
CA ASP N 84 -7.62 57.13 73.95
C ASP N 84 -6.14 56.78 74.15
N CYS N 85 -5.88 55.57 74.63
CA CYS N 85 -4.52 55.04 74.67
C CYS N 85 -4.24 54.12 73.49
N LEU N 86 -5.12 54.10 72.49
CA LEU N 86 -4.94 53.36 71.26
C LEU N 86 -4.40 54.22 70.13
N GLY N 87 -4.90 55.45 70.03
CA GLY N 87 -4.40 56.40 69.03
C GLY N 87 -4.51 55.92 67.61
N GLY N 88 -5.51 55.10 67.32
CA GLY N 88 -5.65 54.50 65.99
C GLY N 88 -4.40 53.78 65.53
N PHE N 89 -3.75 53.07 66.47
CA PHE N 89 -2.51 52.33 66.19
C PHE N 89 -1.43 53.25 65.62
N GLY N 90 -1.38 54.48 66.11
CA GLY N 90 -0.39 55.45 65.69
C GLY N 90 -0.88 56.54 64.75
N ILE N 91 -2.18 56.76 64.65
CA ILE N 91 -2.74 57.78 63.78
C ILE N 91 -2.80 59.16 64.47
N PHE N 92 -3.31 59.18 65.70
CA PHE N 92 -3.65 60.45 66.36
C PHE N 92 -2.51 60.97 67.22
N ASN N 93 -1.35 61.17 66.59
CA ASN N 93 -0.19 61.69 67.31
C ASN N 93 -0.42 63.11 67.83
N VAL N 94 -1.20 63.91 67.11
CA VAL N 94 -1.48 65.28 67.55
C VAL N 94 -2.91 65.39 68.07
N GLY N 95 -3.47 64.28 68.53
CA GLY N 95 -4.79 64.29 69.15
C GLY N 95 -5.92 64.26 68.14
N HIS N 96 -7.14 64.24 68.68
CA HIS N 96 -8.35 64.20 67.88
C HIS N 96 -8.84 65.61 67.57
N ARG N 97 -9.19 65.85 66.31
CA ARG N 97 -9.64 67.16 65.84
C ARG N 97 -8.70 68.27 66.31
N ASN N 98 -7.44 68.13 65.97
CA ASN N 98 -6.44 69.14 66.31
C ASN N 98 -6.80 70.46 65.64
N PRO N 99 -7.01 71.53 66.42
CA PRO N 99 -7.51 72.79 65.84
C PRO N 99 -6.73 73.29 64.62
N VAL N 100 -5.40 73.16 64.64
CA VAL N 100 -4.61 73.62 63.52
C VAL N 100 -4.89 72.79 62.26
N VAL N 101 -4.92 71.47 62.42
CA VAL N 101 -5.13 70.58 61.29
C VAL N 101 -6.56 70.72 60.75
N VAL N 102 -7.54 70.77 61.66
CA VAL N 102 -8.92 70.98 61.27
C VAL N 102 -9.07 72.32 60.53
N SER N 103 -8.35 73.33 60.99
CA SER N 103 -8.42 74.65 60.37
C SER N 103 -7.87 74.61 58.94
N ALA N 104 -6.68 74.03 58.77
CA ALA N 104 -6.08 73.92 57.43
C ALA N 104 -6.97 73.12 56.49
N VAL N 105 -7.51 72.01 56.97
CA VAL N 105 -8.38 71.18 56.15
C VAL N 105 -9.65 71.94 55.78
N GLN N 106 -10.16 72.74 56.69
CA GLN N 106 -11.36 73.55 56.42
C GLN N 106 -11.08 74.62 55.36
N ASN N 107 -9.93 75.30 55.46
CA ASN N 107 -9.59 76.31 54.47
C ASN N 107 -9.43 75.71 53.09
N GLN N 108 -8.64 74.64 52.99
CA GLN N 108 -8.42 74.01 51.68
C GLN N 108 -9.72 73.40 51.14
N LEU N 109 -10.57 72.90 52.04
CA LEU N 109 -11.90 72.46 51.63
C LEU N 109 -12.69 73.62 51.05
N ALA N 110 -12.53 74.81 51.61
CA ALA N 110 -13.19 75.99 51.06
C ALA N 110 -12.65 76.33 49.67
N LYS N 111 -11.38 76.00 49.40
CA LYS N 111 -10.84 76.29 48.07
C LYS N 111 -11.03 75.13 47.10
N GLN N 112 -10.36 74.01 47.34
CA GLN N 112 -10.47 72.85 46.46
C GLN N 112 -9.99 71.58 47.15
N PRO N 113 -10.86 70.57 47.31
CA PRO N 113 -10.48 69.36 48.03
C PRO N 113 -9.57 68.41 47.25
N LEU N 114 -9.98 68.05 46.03
CA LEU N 114 -9.20 67.16 45.17
C LEU N 114 -8.71 67.89 43.93
N HIS N 115 -7.55 67.50 43.45
CA HIS N 115 -6.91 68.14 42.29
C HIS N 115 -7.33 67.52 40.98
N SER N 116 -7.08 68.25 39.88
CA SER N 116 -7.46 67.77 38.55
C SER N 116 -6.64 66.57 38.07
N GLN N 117 -5.47 66.37 38.67
CA GLN N 117 -4.46 65.36 38.29
C GLN N 117 -3.67 65.71 37.06
N GLU N 118 -3.97 66.85 36.44
CA GLU N 118 -3.29 67.29 35.22
C GLU N 118 -2.46 68.54 35.48
N LEU N 119 -3.04 69.55 36.09
CA LEU N 119 -2.32 70.77 36.41
C LEU N 119 -1.47 70.61 37.64
N LEU N 120 -0.51 71.51 37.82
CA LEU N 120 0.35 71.47 39.00
C LEU N 120 -0.44 71.93 40.20
N ASP N 121 -0.50 71.09 41.22
CA ASP N 121 -1.14 71.44 42.47
C ASP N 121 -0.05 71.91 43.44
N PRO N 122 -0.25 73.09 44.06
CA PRO N 122 0.84 73.69 44.83
C PRO N 122 1.17 72.99 46.15
N LEU N 123 0.16 72.47 46.84
CA LEU N 123 0.40 71.86 48.16
C LEU N 123 1.21 70.58 48.07
N ARG N 124 1.17 69.91 46.93
CA ARG N 124 2.04 68.74 46.73
C ARG N 124 3.51 69.17 46.68
N ALA N 125 3.79 70.26 45.97
CA ALA N 125 5.15 70.80 45.94
C ALA N 125 5.58 71.30 47.33
N MET N 126 4.71 72.03 48.00
CA MET N 126 5.02 72.54 49.33
C MET N 126 5.32 71.38 50.30
N LEU N 127 4.49 70.34 50.26
CA LEU N 127 4.69 69.23 51.18
C LEU N 127 5.94 68.43 50.84
N ALA N 128 6.22 68.26 49.55
CA ALA N 128 7.46 67.58 49.14
C ALA N 128 8.69 68.35 49.63
N LYS N 129 8.67 69.67 49.50
CA LYS N 129 9.77 70.50 49.97
C LYS N 129 9.92 70.39 51.49
N THR N 130 8.80 70.50 52.20
CA THR N 130 8.81 70.37 53.66
C THR N 130 9.41 69.03 54.10
N LEU N 131 8.97 67.93 53.47
CA LEU N 131 9.48 66.62 53.82
C LEU N 131 10.96 66.47 53.48
N ALA N 132 11.40 67.08 52.39
CA ALA N 132 12.84 67.09 52.09
C ALA N 132 13.61 67.82 53.18
N ALA N 133 13.07 68.92 53.69
CA ALA N 133 13.71 69.63 54.79
C ALA N 133 13.70 68.83 56.09
N LEU N 134 12.67 68.00 56.28
CA LEU N 134 12.46 67.31 57.55
C LEU N 134 13.15 65.95 57.64
N THR N 135 13.54 65.36 56.50
CA THR N 135 14.09 64.00 56.49
C THR N 135 15.60 64.00 56.52
N PRO N 136 16.21 62.97 57.13
CA PRO N 136 17.68 62.93 57.22
C PRO N 136 18.37 62.82 55.87
N GLY N 137 19.51 63.48 55.76
CA GLY N 137 20.43 63.26 54.65
C GLY N 137 19.87 63.57 53.28
N LYS N 138 20.07 62.63 52.36
CA LYS N 138 19.78 62.83 50.94
C LYS N 138 18.35 62.49 50.53
N LEU N 139 17.50 62.10 51.48
CA LEU N 139 16.08 61.91 51.18
C LEU N 139 15.50 63.20 50.63
N LYS N 140 15.06 63.16 49.38
CA LYS N 140 14.82 64.40 48.64
C LYS N 140 13.48 64.41 47.89
N TYR N 141 13.09 63.29 47.30
CA TYR N 141 11.88 63.22 46.47
C TYR N 141 10.79 62.44 47.18
N SER N 142 9.55 62.92 47.04
CA SER N 142 8.41 62.31 47.71
C SER N 142 7.34 61.89 46.71
N PHE N 143 6.76 60.72 46.95
CA PHE N 143 5.57 60.24 46.24
C PHE N 143 4.44 60.10 47.25
N PHE N 144 3.28 60.67 46.92
CA PHE N 144 2.16 60.70 47.86
C PHE N 144 1.06 59.73 47.45
N CYS N 145 0.59 58.96 48.42
CA CYS N 145 -0.49 58.00 48.23
C CYS N 145 -1.48 58.19 49.39
N ASN N 146 -2.27 57.17 49.69
CA ASN N 146 -3.34 57.30 50.66
C ASN N 146 -3.25 56.38 51.87
N SER N 147 -2.27 55.49 51.94
CA SER N 147 -2.20 54.54 53.04
C SER N 147 -0.79 54.05 53.24
N GLY N 148 -0.56 53.40 54.37
CA GLY N 148 0.75 52.81 54.66
C GLY N 148 1.13 51.72 53.68
N THR N 149 0.18 50.83 53.42
CA THR N 149 0.45 49.72 52.49
C THR N 149 0.78 50.24 51.09
N GLU N 150 0.15 51.34 50.69
CA GLU N 150 0.47 51.95 49.40
C GLU N 150 1.87 52.54 49.41
N SER N 151 2.27 53.15 50.53
CA SER N 151 3.62 53.68 50.66
C SER N 151 4.65 52.56 50.54
N VAL N 152 4.40 51.42 51.18
CA VAL N 152 5.30 50.29 51.06
C VAL N 152 5.31 49.76 49.62
N GLU N 153 4.15 49.76 48.96
CA GLU N 153 4.10 49.35 47.55
C GLU N 153 5.00 50.24 46.70
N ALA N 154 4.91 51.56 46.90
CA ALA N 154 5.75 52.48 46.15
C ALA N 154 7.23 52.26 46.46
N ALA N 155 7.55 51.97 47.72
CA ALA N 155 8.92 51.68 48.09
C ALA N 155 9.44 50.44 47.33
N LEU N 156 8.67 49.37 47.36
CA LEU N 156 9.06 48.15 46.65
C LEU N 156 9.23 48.39 45.15
N LYS N 157 8.33 49.18 44.57
CA LYS N 157 8.40 49.43 43.13
C LYS N 157 9.61 50.30 42.77
N LEU N 158 9.93 51.27 43.62
CA LEU N 158 11.15 52.05 43.43
C LEU N 158 12.38 51.15 43.47
N ALA N 159 12.44 50.27 44.48
CA ALA N 159 13.57 49.34 44.60
C ALA N 159 13.66 48.43 43.37
N LYS N 160 12.53 47.96 42.88
CA LYS N 160 12.53 47.07 41.72
C LYS N 160 12.98 47.79 40.46
N ALA N 161 12.43 48.98 40.22
CA ALA N 161 12.81 49.75 39.03
C ALA N 161 14.28 50.13 39.07
N TYR N 162 14.84 50.29 40.27
CA TYR N 162 16.26 50.65 40.38
C TYR N 162 17.18 49.43 40.24
N GLN N 163 16.75 48.28 40.78
CA GLN N 163 17.65 47.13 40.92
C GLN N 163 17.50 46.08 39.83
N SER N 164 16.34 46.01 39.17
CA SER N 164 16.17 45.04 38.09
C SER N 164 17.15 45.25 36.92
N PRO N 165 17.41 46.50 36.48
CA PRO N 165 18.45 46.67 35.46
C PRO N 165 19.85 46.34 35.98
N ARG N 166 20.01 46.13 37.28
CA ARG N 166 21.29 45.74 37.87
C ARG N 166 21.30 44.25 38.28
N GLY N 167 20.32 43.48 37.85
CA GLY N 167 20.32 42.04 38.07
C GLY N 167 20.02 41.59 39.49
N LYS N 168 19.27 42.38 40.24
CA LYS N 168 18.93 42.06 41.62
C LYS N 168 17.42 42.08 41.78
N PHE N 169 16.86 41.00 42.33
CA PHE N 169 15.42 40.80 42.37
C PHE N 169 14.83 40.40 43.72
N THR N 170 15.64 39.86 44.63
CA THR N 170 15.12 39.27 45.86
C THR N 170 15.05 40.32 46.98
N PHE N 171 14.04 40.19 47.83
CA PHE N 171 13.84 41.12 48.94
C PHE N 171 13.96 40.41 50.28
N ILE N 172 14.66 41.04 51.22
CA ILE N 172 14.82 40.52 52.57
C ILE N 172 13.98 41.36 53.53
N ALA N 173 13.08 40.70 54.26
CA ALA N 173 12.35 41.31 55.36
C ALA N 173 12.70 40.56 56.65
N THR N 174 12.01 40.88 57.72
CA THR N 174 12.23 40.24 59.01
C THR N 174 10.97 39.56 59.51
N SER N 175 11.15 38.49 60.27
CA SER N 175 10.01 37.86 60.95
C SER N 175 9.40 38.81 61.97
N GLY N 176 8.10 38.67 62.18
CA GLY N 176 7.37 39.60 63.03
C GLY N 176 7.11 40.96 62.42
N ALA N 177 7.57 41.20 61.20
CA ALA N 177 7.37 42.49 60.54
C ALA N 177 5.95 42.61 60.00
N PHE N 178 5.48 43.85 59.93
CA PHE N 178 4.21 44.17 59.27
C PHE N 178 4.43 45.39 58.38
N HIS N 179 4.12 45.25 57.10
CA HIS N 179 4.31 46.33 56.13
C HIS N 179 3.08 46.61 55.29
N GLY N 180 1.93 46.03 55.65
CA GLY N 180 0.70 46.22 54.90
C GLY N 180 0.15 44.92 54.35
N LYS N 181 -1.05 45.01 53.83
CA LYS N 181 -1.84 43.85 53.43
C LYS N 181 -2.18 43.79 51.95
N SER N 182 -1.84 44.83 51.18
CA SER N 182 -1.85 44.69 49.74
C SER N 182 -0.78 43.68 49.33
N LEU N 183 -1.06 42.93 48.26
CA LEU N 183 -0.28 41.75 47.92
C LEU N 183 1.23 42.02 47.85
N GLY N 184 1.60 43.13 47.25
CA GLY N 184 3.00 43.53 47.22
C GLY N 184 3.57 43.68 48.62
N ALA N 185 2.96 44.57 49.41
CA ALA N 185 3.38 44.75 50.80
C ALA N 185 3.22 43.46 51.60
N LEU N 186 2.19 42.69 51.30
CA LEU N 186 1.96 41.44 52.02
C LEU N 186 3.09 40.43 51.79
N SER N 187 3.76 40.52 50.65
CA SER N 187 4.94 39.67 50.44
C SER N 187 6.04 39.97 51.45
N ALA N 188 6.09 41.20 51.96
CA ALA N 188 7.09 41.60 52.95
C ALA N 188 6.61 41.34 54.39
N THR N 189 5.35 41.67 54.67
CA THR N 189 4.70 41.29 55.93
C THR N 189 5.00 39.82 56.25
N ALA N 190 5.12 39.50 57.53
CA ALA N 190 5.68 38.22 57.95
C ALA N 190 4.72 37.28 58.69
N LYS N 191 3.52 37.73 59.06
CA LYS N 191 2.64 36.89 59.87
C LYS N 191 1.96 35.82 59.02
N SER N 192 2.28 34.57 59.31
CA SER N 192 1.74 33.39 58.62
C SER N 192 0.25 33.47 58.28
N THR N 193 -0.57 33.73 59.28
CA THR N 193 -2.02 33.73 59.07
C THR N 193 -2.46 34.84 58.12
N PHE N 194 -1.70 35.92 58.04
CA PHE N 194 -2.01 36.98 57.09
C PHE N 194 -1.67 36.60 55.65
N ARG N 195 -0.76 35.65 55.45
CA ARG N 195 -0.19 35.40 54.12
C ARG N 195 -0.64 34.10 53.48
N LYS N 196 -0.70 33.01 54.25
CA LYS N 196 -0.97 31.68 53.69
C LYS N 196 -2.19 31.60 52.75
N PRO N 197 -3.36 32.18 53.15
CA PRO N 197 -4.53 32.04 52.26
C PRO N 197 -4.40 32.74 50.90
N PHE N 198 -3.41 33.61 50.74
CA PHE N 198 -3.24 34.38 49.51
C PHE N 198 -1.97 34.01 48.75
N MET N 199 -1.31 32.93 49.14
CA MET N 199 -0.15 32.45 48.38
C MET N 199 -0.65 31.77 47.11
N PRO N 200 0.11 31.88 46.01
CA PRO N 200 1.44 32.50 45.91
C PRO N 200 1.45 34.02 45.89
N LEU N 201 2.42 34.61 46.59
CA LEU N 201 2.67 36.03 46.58
C LEU N 201 3.84 36.33 45.66
N LEU N 202 4.43 37.52 45.78
CA LEU N 202 5.59 37.86 44.98
C LEU N 202 6.74 36.90 45.22
N PRO N 203 7.41 36.45 44.14
CA PRO N 203 8.57 35.58 44.33
C PRO N 203 9.78 36.34 44.88
N GLY N 204 10.70 35.59 45.47
CA GLY N 204 11.95 36.13 45.95
C GLY N 204 11.91 36.99 47.19
N PHE N 205 10.99 36.70 48.12
CA PHE N 205 10.95 37.37 49.41
C PHE N 205 11.40 36.42 50.50
N ARG N 206 12.37 36.86 51.30
CA ARG N 206 12.96 36.07 52.37
C ARG N 206 12.88 36.84 53.68
N HIS N 207 12.87 36.11 54.79
CA HIS N 207 12.80 36.70 56.11
C HIS N 207 13.92 36.18 57.01
N VAL N 208 14.48 37.08 57.81
CA VAL N 208 15.50 36.74 58.80
C VAL N 208 15.03 37.25 60.16
N PRO N 209 15.59 36.73 61.25
CA PRO N 209 15.18 37.22 62.58
C PRO N 209 15.47 38.70 62.75
N PHE N 210 14.52 39.42 63.35
CA PHE N 210 14.66 40.85 63.57
C PHE N 210 15.67 41.13 64.66
N GLY N 211 16.58 42.07 64.41
CA GLY N 211 17.58 42.46 65.40
C GLY N 211 18.83 41.60 65.37
N ASN N 212 18.95 40.68 64.41
CA ASN N 212 20.04 39.73 64.33
C ASN N 212 20.88 40.06 63.09
N ILE N 213 21.92 40.86 63.27
CA ILE N 213 22.71 41.34 62.16
C ILE N 213 23.45 40.21 61.42
N GLU N 214 23.87 39.18 62.17
CA GLU N 214 24.61 38.08 61.56
C GLU N 214 23.70 37.21 60.67
N ALA N 215 22.46 37.01 61.11
CA ALA N 215 21.49 36.29 60.28
C ALA N 215 21.28 37.02 58.93
N MET N 216 21.13 38.34 58.99
CA MET N 216 20.90 39.11 57.79
C MET N 216 22.13 39.11 56.88
N ARG N 217 23.32 39.28 57.47
CA ARG N 217 24.55 39.15 56.69
C ARG N 217 24.63 37.78 56.02
N THR N 218 24.25 36.73 56.74
CA THR N 218 24.20 35.40 56.16
C THR N 218 23.26 35.35 54.95
N ALA N 219 22.07 35.93 55.09
CA ALA N 219 21.10 35.92 54.01
C ALA N 219 21.64 36.64 52.77
N LEU N 220 22.23 37.80 52.97
CA LEU N 220 22.79 38.57 51.84
C LEU N 220 23.94 37.82 51.17
N ASN N 221 24.82 37.22 51.98
CA ASN N 221 25.98 36.52 51.42
C ASN N 221 25.56 35.27 50.66
N GLU N 222 24.60 34.52 51.20
CA GLU N 222 24.11 33.33 50.51
C GLU N 222 23.38 33.71 49.23
N CYS N 223 22.59 34.78 49.27
CA CYS N 223 21.91 35.26 48.06
C CYS N 223 22.92 35.68 46.99
N LYS N 224 24.04 36.25 47.40
CA LYS N 224 25.07 36.61 46.43
C LYS N 224 25.75 35.37 45.87
N LYS N 225 26.01 34.39 46.73
CA LYS N 225 26.67 33.15 46.29
C LYS N 225 25.83 32.39 45.25
N THR N 226 24.52 32.42 45.40
CA THR N 226 23.64 31.64 44.53
C THR N 226 23.09 32.43 43.35
N GLY N 227 23.50 33.70 43.20
CA GLY N 227 23.02 34.52 42.10
C GLY N 227 21.65 35.12 42.29
N ASP N 228 21.11 35.08 43.51
CA ASP N 228 19.84 35.72 43.84
C ASP N 228 20.08 37.00 44.62
N ASP N 229 20.95 37.87 44.09
CA ASP N 229 21.39 39.05 44.80
C ASP N 229 20.23 39.91 45.27
N VAL N 230 20.36 40.45 46.48
CA VAL N 230 19.26 41.16 47.12
C VAL N 230 19.16 42.58 46.57
N ALA N 231 17.95 42.95 46.17
CA ALA N 231 17.66 44.30 45.69
C ALA N 231 17.51 45.28 46.85
N ALA N 232 16.80 44.87 47.90
CA ALA N 232 16.53 45.77 49.01
C ALA N 232 16.28 45.00 50.29
N VAL N 233 16.58 45.65 51.42
CA VAL N 233 16.18 45.19 52.74
C VAL N 233 15.15 46.16 53.27
N ILE N 234 14.03 45.63 53.77
CA ILE N 234 12.96 46.44 54.34
C ILE N 234 12.73 46.01 55.78
N LEU N 235 12.63 46.99 56.67
CA LEU N 235 12.37 46.72 58.08
C LEU N 235 11.78 47.94 58.75
N GLU N 236 11.07 47.69 59.84
CA GLU N 236 10.66 48.76 60.75
C GLU N 236 11.82 49.04 61.71
N PRO N 237 12.04 50.32 62.09
CA PRO N 237 13.07 50.57 63.11
C PRO N 237 12.69 49.95 64.46
N ILE N 238 11.40 49.89 64.76
CA ILE N 238 10.87 49.18 65.90
C ILE N 238 9.58 48.49 65.44
N GLN N 239 9.50 47.18 65.66
CA GLN N 239 8.35 46.41 65.18
C GLN N 239 7.13 46.71 66.04
N GLY N 240 6.14 47.35 65.45
CA GLY N 240 4.91 47.70 66.15
C GLY N 240 4.03 46.50 66.46
N GLU N 241 3.59 45.82 65.40
CA GLU N 241 2.68 44.67 65.58
C GLU N 241 3.37 43.45 66.17
N GLY N 242 4.70 43.40 66.15
CA GLY N 242 5.44 42.34 66.82
C GLY N 242 5.41 42.39 68.33
N GLY N 243 4.83 43.45 68.90
CA GLY N 243 4.79 43.63 70.34
C GLY N 243 5.72 44.73 70.82
N VAL N 244 5.97 45.72 69.95
CA VAL N 244 6.92 46.79 70.22
C VAL N 244 8.28 46.15 70.53
N ILE N 245 8.90 45.61 69.50
CA ILE N 245 10.17 44.90 69.64
C ILE N 245 11.32 45.85 69.35
N LEU N 246 12.20 46.03 70.33
CA LEU N 246 13.34 46.94 70.22
C LEU N 246 14.57 46.18 69.77
N PRO N 247 15.23 46.63 68.69
CA PRO N 247 16.47 45.99 68.27
C PRO N 247 17.63 46.39 69.17
N PRO N 248 18.68 45.57 69.24
CA PRO N 248 19.87 45.95 70.01
C PRO N 248 20.45 47.28 69.50
N PRO N 249 20.98 48.10 70.40
CA PRO N 249 21.64 49.34 69.99
C PRO N 249 22.68 49.13 68.88
N GLY N 250 22.59 49.96 67.85
CA GLY N 250 23.48 49.85 66.72
C GLY N 250 23.01 48.94 65.59
N TYR N 251 21.86 48.29 65.77
CA TYR N 251 21.35 47.38 64.73
C TYR N 251 21.07 48.13 63.43
N LEU N 252 20.38 49.26 63.51
CA LEU N 252 20.04 50.03 62.31
C LEU N 252 21.30 50.52 61.60
N THR N 253 22.29 50.97 62.36
CA THR N 253 23.56 51.39 61.78
C THR N 253 24.24 50.22 61.06
N ALA N 254 24.24 49.04 61.69
CA ALA N 254 24.86 47.87 61.08
C ALA N 254 24.11 47.44 59.81
N VAL N 255 22.78 47.58 59.81
CA VAL N 255 22.00 47.23 58.63
C VAL N 255 22.33 48.20 57.49
N ARG N 256 22.43 49.49 57.79
CA ARG N 256 22.85 50.45 56.77
C ARG N 256 24.22 50.11 56.21
N LYS N 257 25.17 49.83 57.10
CA LYS N 257 26.53 49.46 56.64
C LYS N 257 26.49 48.20 55.76
N LEU N 258 25.65 47.24 56.13
CA LEU N 258 25.55 45.99 55.39
C LEU N 258 24.96 46.23 53.99
N CYS N 259 23.87 47.00 53.92
CA CYS N 259 23.28 47.35 52.63
C CYS N 259 24.27 48.10 51.76
N ASP N 260 25.03 49.02 52.36
CA ASP N 260 26.08 49.72 51.61
C ASP N 260 27.12 48.74 51.08
N GLU N 261 27.43 47.72 51.88
CA GLU N 261 28.48 46.76 51.50
C GLU N 261 28.03 45.89 50.31
N PHE N 262 26.82 45.35 50.38
CA PHE N 262 26.32 44.47 49.34
C PHE N 262 25.65 45.20 48.18
N GLY N 263 25.54 46.52 48.25
CA GLY N 263 24.84 47.25 47.21
C GLY N 263 23.34 47.01 47.17
N ALA N 264 22.74 46.76 48.32
CA ALA N 264 21.28 46.66 48.45
C ALA N 264 20.73 47.97 49.00
N LEU N 265 19.48 48.25 48.65
CA LEU N 265 18.78 49.43 49.17
C LEU N 265 18.19 49.15 50.54
N MET N 266 18.20 50.19 51.38
CA MET N 266 17.60 50.12 52.70
C MET N 266 16.25 50.83 52.69
N ILE N 267 15.20 50.08 52.95
CA ILE N 267 13.84 50.61 53.02
C ILE N 267 13.42 50.60 54.48
N LEU N 268 13.22 51.79 55.05
CA LEU N 268 12.76 51.92 56.42
C LEU N 268 11.28 52.17 56.44
N ASP N 269 10.53 51.27 57.09
CA ASP N 269 9.08 51.40 57.23
C ASP N 269 8.80 52.12 58.54
N GLU N 270 8.55 53.42 58.44
CA GLU N 270 8.23 54.25 59.60
C GLU N 270 6.76 54.65 59.60
N VAL N 271 5.90 53.80 59.04
CA VAL N 271 4.47 54.07 59.00
C VAL N 271 3.92 54.25 60.41
N GLN N 272 4.41 53.45 61.35
CA GLN N 272 3.94 53.51 62.73
C GLN N 272 4.83 54.34 63.66
N THR N 273 6.13 54.22 63.50
CA THR N 273 7.07 54.91 64.40
C THR N 273 7.32 56.36 64.01
N GLY N 274 6.87 56.77 62.83
CA GLY N 274 7.16 58.12 62.35
C GLY N 274 6.29 59.19 62.99
N MET N 275 6.61 60.43 62.66
CA MET N 275 5.90 61.61 63.14
C MET N 275 5.92 61.75 64.66
N GLY N 276 7.12 61.59 65.23
CA GLY N 276 7.39 61.96 66.61
C GLY N 276 7.04 60.96 67.69
N ARG N 277 6.52 59.78 67.34
CA ARG N 277 5.99 58.87 68.34
C ARG N 277 7.08 58.31 69.26
N THR N 278 8.26 58.02 68.70
CA THR N 278 9.32 57.39 69.47
C THR N 278 10.26 58.39 70.14
N GLY N 279 9.82 59.63 70.30
CA GLY N 279 10.62 60.65 70.96
C GLY N 279 11.38 61.56 70.01
N LYS N 280 11.57 61.12 68.76
CA LYS N 280 12.12 61.95 67.71
C LYS N 280 11.19 61.87 66.50
N MET N 281 11.42 62.78 65.55
CA MET N 281 10.56 62.88 64.39
C MET N 281 10.43 61.56 63.66
N PHE N 282 11.54 60.87 63.47
CA PHE N 282 11.56 59.52 62.92
C PHE N 282 12.47 58.67 63.79
N ALA N 283 12.16 57.39 63.90
CA ALA N 283 12.91 56.49 64.77
C ALA N 283 14.36 56.35 64.28
N CYS N 284 14.56 56.42 62.97
CA CYS N 284 15.91 56.33 62.40
C CYS N 284 16.83 57.47 62.88
N GLU N 285 16.26 58.53 63.43
CA GLU N 285 17.08 59.62 63.95
C GLU N 285 17.71 59.28 65.30
N HIS N 286 17.28 58.20 65.96
CA HIS N 286 17.93 57.80 67.21
C HIS N 286 19.38 57.39 66.99
N GLU N 287 19.69 56.82 65.82
CA GLU N 287 21.05 56.43 65.49
C GLU N 287 21.65 57.23 64.33
N ASN N 288 20.94 58.28 63.88
CA ASN N 288 21.35 59.05 62.70
C ASN N 288 21.62 58.13 61.51
N VAL N 289 20.59 57.36 61.15
CA VAL N 289 20.64 56.46 60.01
C VAL N 289 19.72 57.01 58.93
N GLN N 290 20.26 57.16 57.72
CA GLN N 290 19.47 57.59 56.57
C GLN N 290 19.26 56.41 55.65
N PRO N 291 18.00 55.98 55.45
CA PRO N 291 17.75 54.91 54.48
C PRO N 291 17.77 55.46 53.05
N ASP N 292 17.69 54.56 52.10
CA ASP N 292 17.51 54.97 50.72
C ASP N 292 16.05 55.34 50.45
N ILE N 293 15.13 54.64 51.11
CA ILE N 293 13.69 54.88 50.96
C ILE N 293 13.05 54.86 52.34
N LEU N 294 12.18 55.84 52.59
CA LEU N 294 11.50 56.00 53.86
C LEU N 294 9.99 56.02 53.63
N CYS N 295 9.27 55.25 54.43
CA CYS N 295 7.82 55.10 54.29
C CYS N 295 7.10 55.75 55.47
N LEU N 296 6.12 56.60 55.15
CA LEU N 296 5.34 57.33 56.14
C LEU N 296 3.86 57.18 55.84
N ALA N 297 3.05 57.18 56.90
CA ALA N 297 1.60 57.25 56.79
C ALA N 297 1.00 57.57 58.15
N LYS N 298 -0.22 57.08 58.37
CA LYS N 298 -0.92 57.24 59.65
C LYS N 298 -0.89 58.67 60.17
N ALA N 299 0.01 58.90 61.14
CA ALA N 299 0.11 60.19 61.82
C ALA N 299 0.39 61.35 60.88
N LEU N 300 0.90 61.08 59.68
CA LEU N 300 1.17 62.14 58.73
C LEU N 300 -0.12 62.85 58.31
N GLY N 301 -1.26 62.19 58.50
CA GLY N 301 -2.56 62.79 58.21
C GLY N 301 -3.14 63.65 59.32
N GLY N 302 -2.41 63.77 60.45
CA GLY N 302 -2.87 64.59 61.55
C GLY N 302 -4.14 64.12 62.24
N GLY N 303 -4.49 62.84 62.06
CA GLY N 303 -5.73 62.33 62.59
C GLY N 303 -6.98 62.93 61.95
N VAL N 304 -6.82 63.56 60.79
CA VAL N 304 -7.94 64.10 60.04
C VAL N 304 -8.07 63.47 58.66
N MET N 305 -6.96 63.31 57.94
CA MET N 305 -6.97 62.84 56.56
C MET N 305 -6.20 61.54 56.40
N PRO N 306 -6.56 60.72 55.41
CA PRO N 306 -5.70 59.61 55.01
C PRO N 306 -4.60 60.07 54.06
N ILE N 307 -3.38 59.61 54.29
CA ILE N 307 -2.25 60.01 53.46
C ILE N 307 -1.12 58.99 53.64
N GLY N 308 -0.29 58.87 52.62
CA GLY N 308 0.96 58.14 52.72
C GLY N 308 2.02 58.84 51.90
N ALA N 309 3.27 58.61 52.26
CA ALA N 309 4.39 59.25 51.58
C ALA N 309 5.57 58.29 51.50
N THR N 310 6.17 58.22 50.32
CA THR N 310 7.39 57.45 50.10
C THR N 310 8.48 58.43 49.67
N ILE N 311 9.46 58.64 50.54
CA ILE N 311 10.55 59.58 50.27
C ILE N 311 11.79 58.79 49.91
N ALA N 312 12.53 59.27 48.92
CA ALA N 312 13.73 58.58 48.48
C ALA N 312 14.79 59.57 48.05
N THR N 313 16.03 59.08 48.00
CA THR N 313 17.13 59.85 47.43
C THR N 313 16.91 60.04 45.93
N GLU N 314 17.46 61.12 45.40
CA GLU N 314 17.41 61.37 43.97
C GLU N 314 18.00 60.22 43.16
N GLU N 315 19.04 59.58 43.70
CA GLU N 315 19.69 58.46 43.03
C GLU N 315 18.69 57.35 42.69
N VAL N 316 17.82 57.01 43.65
CA VAL N 316 16.87 55.95 43.40
C VAL N 316 15.57 56.49 42.79
N PHE N 317 15.09 57.63 43.27
CA PHE N 317 13.82 58.18 42.77
C PHE N 317 13.90 58.57 41.30
N SER N 318 15.10 58.82 40.79
CA SER N 318 15.29 59.22 39.40
C SER N 318 14.79 58.18 38.38
N VAL N 319 14.48 56.96 38.83
CA VAL N 319 13.95 55.94 37.93
C VAL N 319 12.54 56.28 37.42
N LEU N 320 11.94 57.34 37.94
CA LEU N 320 10.63 57.79 37.51
C LEU N 320 10.67 59.12 36.75
N PHE N 321 11.85 59.62 36.43
CA PHE N 321 11.96 60.93 35.77
C PHE N 321 11.63 60.85 34.28
N ASP N 322 12.11 59.82 33.61
CA ASP N 322 11.86 59.66 32.17
C ASP N 322 10.38 59.40 31.86
N ASN N 323 9.68 58.71 32.76
CA ASN N 323 8.27 58.40 32.59
C ASN N 323 7.57 58.67 33.91
N PRO N 324 7.01 59.87 34.08
CA PRO N 324 6.41 60.23 35.36
C PRO N 324 5.13 59.47 35.69
N PHE N 325 4.57 58.75 34.72
CA PHE N 325 3.37 57.95 34.95
C PHE N 325 3.69 56.48 35.24
N LEU N 326 4.98 56.15 35.37
CA LEU N 326 5.37 54.78 35.65
C LEU N 326 4.76 54.24 36.94
N HIS N 327 4.60 55.10 37.94
CA HIS N 327 3.85 54.78 39.14
C HIS N 327 3.02 55.98 39.56
N THR N 328 1.71 55.78 39.66
CA THR N 328 0.79 56.81 40.09
C THR N 328 -0.25 56.17 41.02
N THR N 329 -1.14 57.00 41.55
CA THR N 329 -2.25 56.52 42.35
C THR N 329 -3.35 57.58 42.29
N THR N 330 -4.59 57.12 42.34
CA THR N 330 -5.73 57.93 41.95
C THR N 330 -5.80 59.23 42.76
N PHE N 331 -5.80 59.14 44.09
CA PHE N 331 -6.03 60.31 44.91
C PHE N 331 -4.75 60.90 45.52
N GLY N 332 -3.60 60.26 45.30
CA GLY N 332 -2.37 60.64 45.98
C GLY N 332 -1.98 62.11 45.89
N GLY N 333 -1.67 62.70 47.04
CA GLY N 333 -1.25 64.08 47.09
C GLY N 333 -2.36 65.10 46.90
N ASN N 334 -3.60 64.73 47.21
CA ASN N 334 -4.71 65.66 47.07
C ASN N 334 -4.56 66.84 48.03
N PRO N 335 -5.10 68.02 47.69
CA PRO N 335 -4.89 69.20 48.53
C PRO N 335 -5.35 69.05 49.99
N LEU N 336 -6.43 68.33 50.24
CA LEU N 336 -6.88 68.11 51.61
C LEU N 336 -5.82 67.36 52.43
N ALA N 337 -5.35 66.24 51.91
CA ALA N 337 -4.34 65.45 52.61
C ALA N 337 -3.06 66.25 52.83
N CYS N 338 -2.62 66.99 51.80
CA CYS N 338 -1.42 67.81 51.92
C CYS N 338 -1.59 68.89 52.99
N ALA N 339 -2.75 69.55 53.01
CA ALA N 339 -3.03 70.56 54.03
C ALA N 339 -2.94 69.93 55.42
N ALA N 340 -3.57 68.77 55.60
CA ALA N 340 -3.49 68.06 56.86
C ALA N 340 -2.03 67.80 57.26
N ALA N 341 -1.24 67.27 56.31
CA ALA N 341 0.14 66.89 56.60
C ALA N 341 0.98 68.10 57.00
N LEU N 342 0.87 69.19 56.23
CA LEU N 342 1.62 70.41 56.55
C LEU N 342 1.23 70.94 57.92
N ALA N 343 -0.06 70.94 58.22
CA ALA N 343 -0.52 71.38 59.55
C ALA N 343 0.07 70.48 60.64
N THR N 344 0.17 69.18 60.38
CA THR N 344 0.67 68.24 61.38
C THR N 344 2.16 68.46 61.65
N ILE N 345 2.94 68.62 60.58
CA ILE N 345 4.36 68.92 60.72
C ILE N 345 4.55 70.23 61.50
N ASN N 346 3.74 71.23 61.18
CA ASN N 346 3.80 72.51 61.90
C ASN N 346 3.50 72.33 63.39
N VAL N 347 2.45 71.60 63.71
CA VAL N 347 2.07 71.38 65.10
C VAL N 347 3.19 70.65 65.86
N LEU N 348 3.70 69.57 65.25
CA LEU N 348 4.75 68.79 65.89
C LEU N 348 6.00 69.63 66.14
N LEU N 349 6.37 70.48 65.19
CA LEU N 349 7.60 71.26 65.37
C LEU N 349 7.41 72.44 66.31
N GLU N 350 6.25 73.11 66.28
CA GLU N 350 6.07 74.28 67.14
C GLU N 350 5.86 73.94 68.61
N GLN N 351 5.19 72.83 68.87
CA GLN N 351 4.97 72.39 70.26
C GLN N 351 6.00 71.37 70.72
N ASN N 352 7.01 71.10 69.90
CA ASN N 352 8.03 70.09 70.17
C ASN N 352 7.44 68.82 70.77
N LEU N 353 6.43 68.31 70.09
CA LEU N 353 5.76 67.09 70.53
C LEU N 353 6.63 65.83 70.59
N PRO N 354 7.70 65.70 69.76
CA PRO N 354 8.60 64.56 69.98
C PRO N 354 9.21 64.51 71.39
N ALA N 355 9.77 65.63 71.85
CA ALA N 355 10.37 65.67 73.19
C ALA N 355 9.33 65.35 74.26
N GLN N 356 8.15 65.96 74.15
CA GLN N 356 7.05 65.64 75.04
C GLN N 356 6.76 64.14 75.04
N ALA N 357 6.78 63.54 73.84
CA ALA N 357 6.55 62.10 73.73
C ALA N 357 7.63 61.32 74.48
N GLU N 358 8.87 61.81 74.47
CA GLU N 358 9.91 61.15 75.25
C GLU N 358 9.63 61.24 76.75
N GLN N 359 9.25 62.43 77.23
CA GLN N 359 8.99 62.61 78.66
C GLN N 359 7.80 61.78 79.14
N LYS N 360 6.64 62.01 78.54
CA LYS N 360 5.43 61.27 78.90
C LYS N 360 5.60 59.77 78.69
N GLY N 361 6.35 59.40 77.66
CA GLY N 361 6.67 57.99 77.45
C GLY N 361 7.48 57.40 78.58
N ASP N 362 8.53 58.10 79.00
CA ASP N 362 9.31 57.65 80.16
C ASP N 362 8.43 57.50 81.39
N MET N 363 7.53 58.45 81.61
CA MET N 363 6.67 58.40 82.80
C MET N 363 5.74 57.18 82.74
N LEU N 364 5.01 57.03 81.64
CA LEU N 364 4.09 55.90 81.50
C LEU N 364 4.81 54.55 81.58
N LEU N 365 5.98 54.46 80.95
CA LEU N 365 6.72 53.20 81.00
C LEU N 365 7.27 52.91 82.39
N ASP N 366 7.64 53.95 83.13
CA ASP N 366 7.98 53.76 84.54
C ASP N 366 6.83 53.17 85.32
N GLY N 367 5.64 53.77 85.19
CA GLY N 367 4.45 53.23 85.84
C GLY N 367 4.19 51.77 85.46
N PHE N 368 4.24 51.49 84.17
CA PHE N 368 3.96 50.13 83.69
C PHE N 368 4.99 49.12 84.17
N ARG N 369 6.26 49.53 84.29
CA ARG N 369 7.28 48.62 84.80
C ARG N 369 7.08 48.36 86.29
N GLN N 370 6.66 49.38 87.04
CA GLN N 370 6.37 49.16 88.45
C GLN N 370 5.20 48.20 88.63
N LEU N 371 4.13 48.42 87.87
CA LEU N 371 3.01 47.47 87.87
C LEU N 371 3.47 46.08 87.42
N ALA N 372 4.46 46.03 86.53
CA ALA N 372 4.96 44.76 86.03
C ALA N 372 5.63 43.95 87.14
N ARG N 373 6.45 44.62 87.96
CA ARG N 373 7.05 43.87 89.08
C ARG N 373 6.06 43.61 90.19
N GLU N 374 5.05 44.46 90.34
CA GLU N 374 4.01 44.17 91.36
C GLU N 374 3.09 43.03 90.95
N TYR N 375 2.94 42.77 89.65
CA TYR N 375 2.05 41.73 89.15
C TYR N 375 2.80 40.80 88.19
N PRO N 376 3.79 40.05 88.70
CA PRO N 376 4.47 39.09 87.82
C PRO N 376 3.62 37.87 87.47
N ASP N 377 2.53 37.64 88.22
CA ASP N 377 1.61 36.57 87.91
C ASP N 377 0.77 36.84 86.66
N LEU N 378 0.72 38.10 86.21
CA LEU N 378 -0.07 38.47 85.04
C LEU N 378 0.74 39.14 83.95
N VAL N 379 1.72 39.97 84.32
CA VAL N 379 2.52 40.72 83.37
C VAL N 379 3.88 40.03 83.22
N GLN N 380 4.26 39.75 81.98
CA GLN N 380 5.58 39.22 81.70
C GLN N 380 6.62 40.35 81.67
N GLU N 381 6.35 41.39 80.90
CA GLU N 381 7.21 42.56 80.85
C GLU N 381 6.51 43.69 80.12
N ALA N 382 6.94 44.92 80.42
CA ALA N 382 6.50 46.12 79.72
C ALA N 382 7.69 46.74 79.00
N ARG N 383 7.46 47.18 77.77
CA ARG N 383 8.52 47.75 76.95
C ARG N 383 7.96 48.94 76.16
N GLY N 384 8.87 49.72 75.62
CA GLY N 384 8.46 50.87 74.84
C GLY N 384 9.60 51.79 74.51
N LYS N 385 9.29 52.75 73.65
CA LYS N 385 10.20 53.84 73.30
C LYS N 385 9.35 55.04 72.95
N GLY N 386 9.59 56.15 73.61
CA GLY N 386 8.70 57.30 73.49
C GLY N 386 7.29 56.90 73.87
N MET N 387 6.31 57.25 73.03
CA MET N 387 4.91 56.92 73.27
C MET N 387 4.44 55.73 72.43
N LEU N 388 5.37 54.83 72.09
CA LEU N 388 5.04 53.55 71.50
C LEU N 388 5.41 52.49 72.53
N MET N 389 4.42 51.98 73.25
CA MET N 389 4.68 51.04 74.30
C MET N 389 3.79 49.81 74.17
N ALA N 390 4.11 48.79 74.96
CA ALA N 390 3.35 47.56 74.99
C ALA N 390 3.55 46.88 76.33
N ILE N 391 2.53 46.11 76.74
CA ILE N 391 2.61 45.25 77.90
C ILE N 391 2.32 43.83 77.41
N GLU N 392 3.30 42.95 77.58
CA GLU N 392 3.13 41.54 77.23
C GLU N 392 2.71 40.78 78.48
N PHE N 393 1.65 39.99 78.36
CA PHE N 393 1.12 39.24 79.48
C PHE N 393 1.54 37.78 79.40
N VAL N 394 1.14 37.01 80.40
CA VAL N 394 1.50 35.59 80.48
C VAL N 394 0.72 34.77 79.45
N ASP N 395 -0.59 35.01 79.36
CA ASP N 395 -1.43 34.37 78.36
C ASP N 395 -2.08 35.37 77.43
N ASN N 396 -2.81 34.87 76.47
CA ASN N 396 -3.65 35.72 75.61
C ASN N 396 -4.95 36.09 76.33
N GLU N 397 -5.51 35.14 77.06
CA GLU N 397 -6.69 35.38 77.87
C GLU N 397 -6.45 36.48 78.89
N ILE N 398 -5.25 36.52 79.48
CA ILE N 398 -4.91 37.52 80.46
C ILE N 398 -4.92 38.93 79.84
N GLY N 399 -4.18 39.11 78.76
CA GLY N 399 -4.20 40.37 78.04
C GLY N 399 -5.60 40.73 77.54
N TYR N 400 -6.38 39.74 77.21
CA TYR N 400 -7.78 39.94 76.81
C TYR N 400 -8.56 40.58 77.96
N ASN N 401 -8.49 39.97 79.14
CA ASN N 401 -9.14 40.51 80.32
C ASN N 401 -8.60 41.89 80.68
N PHE N 402 -7.34 42.16 80.36
CA PHE N 402 -6.79 43.50 80.59
C PHE N 402 -7.45 44.52 79.68
N ALA N 403 -7.53 44.22 78.38
CA ALA N 403 -8.21 45.11 77.44
C ALA N 403 -9.65 45.35 77.86
N SER N 404 -10.34 44.29 78.30
CA SER N 404 -11.73 44.41 78.72
C SER N 404 -11.85 45.30 79.96
N GLU N 405 -11.00 45.05 80.96
CA GLU N 405 -11.06 45.80 82.21
C GLU N 405 -10.71 47.27 82.01
N MET N 406 -9.78 47.54 81.08
CA MET N 406 -9.46 48.93 80.75
C MET N 406 -10.62 49.59 79.99
N PHE N 407 -11.29 48.83 79.14
CA PHE N 407 -12.44 49.37 78.42
C PHE N 407 -13.58 49.70 79.38
N ARG N 408 -13.76 48.89 80.40
CA ARG N 408 -14.78 49.15 81.41
C ARG N 408 -14.50 50.43 82.20
N GLN N 409 -13.22 50.72 82.44
CA GLN N 409 -12.82 51.96 83.08
C GLN N 409 -12.65 53.10 82.10
N ARG N 410 -13.18 52.93 80.88
CA ARG N 410 -13.18 53.99 79.87
C ARG N 410 -11.79 54.47 79.51
N VAL N 411 -10.86 53.52 79.41
CA VAL N 411 -9.55 53.75 78.82
C VAL N 411 -9.41 52.81 77.63
N LEU N 412 -9.15 53.37 76.45
CA LEU N 412 -9.10 52.61 75.21
C LEU N 412 -7.71 52.00 75.00
N VAL N 413 -7.68 50.68 74.87
CA VAL N 413 -6.46 49.94 74.51
C VAL N 413 -6.86 48.81 73.56
N ALA N 414 -5.88 48.30 72.83
CA ALA N 414 -6.13 47.20 71.90
C ALA N 414 -4.89 46.34 71.75
N GLY N 415 -5.08 45.14 71.20
CA GLY N 415 -3.99 44.21 70.94
C GLY N 415 -3.17 44.55 69.72
N THR N 416 -2.22 43.67 69.44
CA THR N 416 -1.28 43.83 68.30
C THR N 416 -1.43 42.69 67.31
N LEU N 417 -1.48 43.05 66.03
CA LEU N 417 -1.87 42.09 64.98
C LEU N 417 -0.99 40.84 64.95
N ASN N 418 0.30 41.00 65.22
CA ASN N 418 1.22 39.85 65.17
C ASN N 418 1.53 39.26 66.54
N ASN N 419 0.96 39.81 67.62
CA ASN N 419 1.30 39.33 68.96
C ASN N 419 0.04 39.24 69.79
N ALA N 420 -0.39 38.02 70.11
CA ALA N 420 -1.67 37.81 70.78
C ALA N 420 -1.60 38.02 72.29
N LYS N 421 -0.40 37.96 72.87
CA LYS N 421 -0.24 38.15 74.31
C LYS N 421 0.04 39.61 74.69
N THR N 422 0.20 40.47 73.70
CA THR N 422 0.67 41.84 73.93
C THR N 422 -0.46 42.84 73.69
N ILE N 423 -0.55 43.82 74.59
CA ILE N 423 -1.49 44.93 74.45
C ILE N 423 -0.66 46.19 74.25
N ARG N 424 -0.98 46.96 73.22
CA ARG N 424 -0.22 48.17 72.94
C ARG N 424 -0.80 49.37 73.69
N ILE N 425 0.09 50.26 74.12
CA ILE N 425 -0.28 51.56 74.64
C ILE N 425 0.32 52.60 73.70
N GLU N 426 -0.56 53.27 72.96
CA GLU N 426 -0.15 54.20 71.90
C GLU N 426 -1.04 55.44 71.94
N PRO N 427 -0.99 56.20 73.04
CA PRO N 427 -1.87 57.35 73.18
C PRO N 427 -1.36 58.54 72.37
N PRO N 428 -2.18 59.58 72.17
CA PRO N 428 -1.67 60.76 71.49
C PRO N 428 -0.48 61.37 72.20
N LEU N 429 0.36 62.05 71.44
CA LEU N 429 1.51 62.72 72.04
C LEU N 429 1.09 63.92 72.88
N THR N 430 -0.14 64.38 72.70
CA THR N 430 -0.75 65.48 73.43
C THR N 430 -1.42 65.03 74.72
N LEU N 431 -1.27 63.76 75.10
CA LEU N 431 -1.84 63.26 76.35
C LEU N 431 -1.30 64.07 77.53
N THR N 432 -2.18 64.49 78.42
CA THR N 432 -1.78 65.30 79.55
C THR N 432 -1.27 64.44 80.71
N ILE N 433 -0.49 65.06 81.58
CA ILE N 433 0.07 64.37 82.73
C ILE N 433 -1.01 63.81 83.64
N GLU N 434 -2.08 64.59 83.84
CA GLU N 434 -3.24 64.13 84.59
C GLU N 434 -3.78 62.81 84.00
N GLN N 435 -3.93 62.78 82.68
CA GLN N 435 -4.43 61.57 82.03
C GLN N 435 -3.41 60.45 82.08
N CYS N 436 -2.11 60.79 82.15
CA CYS N 436 -1.09 59.76 82.36
C CYS N 436 -1.29 59.06 83.70
N GLU N 437 -1.44 59.85 84.76
CA GLU N 437 -1.70 59.28 86.07
C GLU N 437 -3.02 58.48 86.08
N LEU N 438 -4.04 59.01 85.40
CA LEU N 438 -5.32 58.32 85.34
C LEU N 438 -5.19 56.96 84.65
N VAL N 439 -4.38 56.89 83.59
CA VAL N 439 -4.25 55.61 82.88
C VAL N 439 -3.39 54.64 83.69
N ILE N 440 -2.40 55.13 84.41
CA ILE N 440 -1.63 54.26 85.30
C ILE N 440 -2.53 53.67 86.40
N LYS N 441 -3.33 54.50 87.02
CA LYS N 441 -4.27 54.00 88.05
C LYS N 441 -5.27 53.01 87.45
N ALA N 442 -5.77 53.32 86.25
CA ALA N 442 -6.68 52.40 85.57
C ALA N 442 -6.03 51.04 85.33
N ALA N 443 -4.76 51.06 84.92
CA ALA N 443 -4.03 49.81 84.74
C ALA N 443 -3.88 49.06 86.07
N ARG N 444 -3.69 49.81 87.16
CA ARG N 444 -3.57 49.17 88.47
C ARG N 444 -4.86 48.45 88.85
N LYS N 445 -5.99 49.14 88.74
CA LYS N 445 -7.27 48.54 89.08
C LYS N 445 -7.57 47.35 88.18
N ALA N 446 -7.22 47.47 86.89
CA ALA N 446 -7.35 46.36 85.96
C ALA N 446 -6.59 45.12 86.45
N LEU N 447 -5.31 45.29 86.73
CA LEU N 447 -4.49 44.16 87.17
C LEU N 447 -5.00 43.57 88.49
N ALA N 448 -5.47 44.43 89.39
CA ALA N 448 -6.04 43.95 90.65
C ALA N 448 -7.26 43.03 90.39
N ALA N 449 -8.19 43.52 89.57
CA ALA N 449 -9.37 42.72 89.24
C ALA N 449 -8.97 41.40 88.57
N MET N 450 -7.95 41.45 87.72
CA MET N 450 -7.52 40.25 87.02
C MET N 450 -6.85 39.25 87.95
N ARG N 451 -6.11 39.74 88.94
CA ARG N 451 -5.53 38.85 89.94
C ARG N 451 -6.62 38.17 90.74
N GLN N 452 -7.62 38.94 91.20
CA GLN N 452 -8.75 38.33 91.88
C GLN N 452 -9.37 37.19 91.01
N GLN N 453 -9.47 37.47 89.70
CA GLN N 453 -10.10 36.50 88.82
C GLN N 453 -9.29 35.22 88.64
N VAL N 454 -8.02 35.38 88.31
CA VAL N 454 -7.14 34.22 88.09
C VAL N 454 -7.02 33.39 89.36
N ALA N 455 -7.00 34.06 90.52
CA ALA N 455 -7.06 33.34 91.80
C ALA N 455 -8.33 32.52 91.87
N PHE N 456 -9.46 33.14 91.51
CA PHE N 456 -10.77 32.46 91.59
C PHE N 456 -10.82 31.19 90.72
N TYR N 457 -10.24 31.28 89.52
CA TYR N 457 -10.20 30.09 88.67
C TYR N 457 -9.24 29.03 89.18
N GLU N 458 -8.04 29.45 89.57
CA GLU N 458 -7.06 28.50 90.10
C GLU N 458 -7.60 27.73 91.30
N ILE N 459 -8.38 28.39 92.14
CA ILE N 459 -9.01 27.65 93.24
C ILE N 459 -10.10 26.76 92.70
N LEU N 460 -10.73 27.11 91.58
CA LEU N 460 -11.82 26.30 91.03
C LEU N 460 -11.38 24.88 90.59
N HIS N 461 -10.13 24.71 90.23
CA HIS N 461 -9.67 23.42 89.70
C HIS N 461 -8.91 22.56 90.71
N LEU N 462 -8.62 23.10 91.91
CA LEU N 462 -7.79 22.40 92.87
C LEU N 462 -8.44 21.06 93.28
N PRO N 463 -7.75 19.92 93.06
CA PRO N 463 -8.40 18.62 93.29
C PRO N 463 -8.36 18.15 94.75
N ASN N 464 -7.26 18.41 95.47
CA ASN N 464 -7.02 17.75 96.75
C ASN N 464 -7.66 18.49 97.92
N LEU N 465 -8.97 18.65 97.84
CA LEU N 465 -9.80 19.29 98.84
C LEU N 465 -11.25 18.98 98.52
N ASN N 466 -12.06 18.85 99.57
CA ASN N 466 -13.44 18.41 99.39
C ASN N 466 -14.28 19.52 98.77
N GLU N 467 -15.54 19.25 98.54
CA GLU N 467 -16.43 20.17 97.84
C GLU N 467 -16.81 21.40 98.68
N GLU N 468 -16.83 21.21 100.01
CA GLU N 468 -17.13 22.31 100.92
C GLU N 468 -15.90 23.15 101.24
N GLN N 469 -14.69 22.53 101.22
CA GLN N 469 -13.47 23.27 101.37
C GLN N 469 -13.27 24.36 100.29
N ARG N 470 -13.76 24.11 99.08
CA ARG N 470 -13.76 25.14 98.07
C ARG N 470 -14.73 26.28 98.44
N ASN N 471 -15.95 25.90 98.76
CA ASN N 471 -17.01 26.88 98.95
C ASN N 471 -16.71 27.86 100.05
N ALA N 472 -16.07 27.38 101.14
CA ALA N 472 -15.60 28.34 102.16
C ALA N 472 -14.62 29.40 101.57
N PHE N 473 -13.75 28.91 100.69
CA PHE N 473 -12.79 29.79 100.04
C PHE N 473 -13.49 30.78 99.09
N ILE N 474 -14.49 30.34 98.35
CA ILE N 474 -15.18 31.20 97.40
C ILE N 474 -15.93 32.33 98.11
N GLN N 475 -16.62 31.93 99.21
CA GLN N 475 -17.22 32.95 100.09
C GLN N 475 -16.18 33.95 100.59
N SER N 476 -15.04 33.44 101.06
CA SER N 476 -13.96 34.32 101.51
C SER N 476 -13.49 35.28 100.39
N LEU N 477 -13.46 34.75 99.15
CA LEU N 477 -13.06 35.53 98.02
C LEU N 477 -14.05 36.68 97.79
N LYS N 478 -15.35 36.37 97.82
CA LYS N 478 -16.38 37.30 97.36
C LYS N 478 -16.64 38.42 98.34
N ASP N 479 -16.90 38.10 99.60
CA ASP N 479 -17.21 39.18 100.56
C ASP N 479 -16.00 39.73 101.22
N ASP N 480 -14.87 39.02 101.15
CA ASP N 480 -13.60 39.53 101.70
C ASP N 480 -12.51 39.56 100.62
N PRO N 481 -12.69 40.42 99.53
CA PRO N 481 -11.62 40.52 98.52
C PRO N 481 -10.43 41.31 99.03
N SER N 482 -10.05 41.09 100.30
CA SER N 482 -8.90 41.72 100.91
C SER N 482 -7.69 40.78 100.82
N GLN N 483 -7.76 39.66 101.51
CA GLN N 483 -6.89 38.50 101.34
C GLN N 483 -7.19 37.83 100.00
N SER N 484 -6.24 37.91 99.08
CA SER N 484 -6.44 37.49 97.68
C SER N 484 -5.30 36.66 97.13
N ALA N 485 -4.13 37.26 96.86
CA ALA N 485 -2.94 36.48 96.50
C ALA N 485 -2.56 35.55 97.67
N ASN N 486 -2.62 36.11 98.88
CA ASN N 486 -2.43 35.37 100.09
C ASN N 486 -3.49 34.30 100.31
N LEU N 487 -4.77 34.58 99.97
CA LEU N 487 -5.80 33.55 100.07
C LEU N 487 -5.54 32.41 99.11
N LEU N 488 -5.18 32.72 97.86
CA LEU N 488 -4.80 31.68 96.92
C LEU N 488 -3.67 30.82 97.51
N ALA N 489 -2.69 31.49 98.10
CA ALA N 489 -1.65 30.80 98.87
C ALA N 489 -2.28 29.82 99.87
N GLU N 490 -3.25 30.28 100.65
CA GLU N 490 -3.93 29.36 101.57
C GLU N 490 -4.48 28.13 100.84
N ALA N 491 -5.19 28.38 99.74
CA ALA N 491 -5.78 27.30 98.96
C ALA N 491 -4.75 26.24 98.58
N LYS N 492 -3.65 26.67 97.96
CA LYS N 492 -2.65 25.71 97.52
C LYS N 492 -1.96 25.06 98.69
N LYS N 493 -1.78 25.76 99.82
CA LYS N 493 -1.17 25.14 100.99
C LYS N 493 -1.99 23.94 101.43
N LEU N 494 -3.31 24.12 101.51
CA LEU N 494 -4.16 23.00 101.94
C LEU N 494 -4.28 21.90 100.87
N ASN N 495 -4.16 22.32 99.59
CA ASN N 495 -4.17 21.36 98.50
C ASN N 495 -2.94 20.46 98.54
N ASP N 496 -1.77 21.04 98.75
CA ASP N 496 -0.54 20.25 98.78
C ASP N 496 -0.44 19.41 100.06
N ALA N 497 -1.12 19.87 101.12
CA ALA N 497 -1.21 19.05 102.35
C ALA N 497 -1.93 17.70 102.05
N GLN N 498 -2.96 17.76 101.23
CA GLN N 498 -3.74 16.56 100.94
C GLN N 498 -3.26 15.87 99.69
N ALA N 499 -2.08 16.19 99.17
CA ALA N 499 -1.57 15.61 97.94
C ALA N 499 -1.23 14.11 98.06
N LYS O 8 14.32 70.82 16.28
CA LYS O 8 12.97 71.05 15.76
C LYS O 8 12.13 71.79 16.77
N GLU O 9 12.74 72.33 17.81
CA GLU O 9 12.15 73.34 18.66
C GLU O 9 11.87 74.66 17.94
N THR O 10 12.44 74.81 16.74
CA THR O 10 12.13 75.91 15.86
C THR O 10 10.63 75.92 15.51
N GLN O 11 10.04 74.75 15.39
CA GLN O 11 8.66 74.61 14.93
C GLN O 11 7.64 75.20 15.91
N GLU O 12 7.76 74.84 17.17
CA GLU O 12 6.88 75.37 18.21
C GLU O 12 6.96 76.88 18.29
N ALA O 13 8.18 77.41 18.30
CA ALA O 13 8.37 78.87 18.39
C ALA O 13 7.70 79.53 17.18
N SER O 14 7.98 79.01 15.98
CA SER O 14 7.43 79.61 14.78
C SER O 14 5.91 79.62 14.76
N TRP O 15 5.30 78.53 15.25
CA TRP O 15 3.83 78.46 15.27
C TRP O 15 3.24 79.38 16.36
N GLU O 16 3.92 79.49 17.49
CA GLU O 16 3.45 80.41 18.53
C GLU O 16 3.53 81.85 18.05
N ILE O 17 4.58 82.18 17.27
CA ILE O 17 4.63 83.50 16.64
C ILE O 17 3.49 83.64 15.62
N PHE O 18 3.19 82.56 14.91
CA PHE O 18 2.21 82.61 13.84
C PHE O 18 0.80 82.90 14.36
N THR O 19 0.45 82.33 15.51
CA THR O 19 -0.90 82.42 16.02
C THR O 19 -1.17 83.65 16.87
N LEU O 20 -0.19 84.53 17.03
CA LEU O 20 -0.41 85.75 17.81
C LEU O 20 -1.53 86.58 17.21
N PRO O 21 -2.61 86.83 17.98
CA PRO O 21 -3.88 87.24 17.33
C PRO O 21 -3.87 88.63 16.73
N ASN O 22 -3.02 89.54 17.22
CA ASN O 22 -3.07 90.92 16.77
C ASN O 22 -2.08 91.27 15.66
N LEU O 23 -1.23 90.33 15.25
CA LEU O 23 -0.32 90.53 14.13
C LEU O 23 -0.98 90.13 12.83
N ASN O 24 -0.64 90.81 11.76
CA ASN O 24 -1.06 90.41 10.43
C ASN O 24 -0.01 89.55 9.78
N GLY O 25 -0.28 89.14 8.54
CA GLY O 25 0.54 88.13 7.86
C GLY O 25 1.94 88.57 7.56
N ARG O 26 2.12 89.82 7.21
CA ARG O 26 3.46 90.34 6.85
C ARG O 26 4.39 90.32 8.05
N GLN O 27 3.87 90.66 9.23
CA GLN O 27 4.69 90.68 10.43
C GLN O 27 5.09 89.28 10.89
N VAL O 28 4.14 88.39 10.98
CA VAL O 28 4.43 87.00 11.32
C VAL O 28 5.37 86.38 10.26
N ALA O 29 5.21 86.82 9.01
CA ALA O 29 6.08 86.34 7.94
C ALA O 29 7.53 86.80 8.15
N ALA O 30 7.70 88.08 8.45
CA ALA O 30 9.03 88.62 8.73
C ALA O 30 9.67 87.84 9.89
N PHE O 31 8.93 87.69 10.98
CA PHE O 31 9.45 86.96 12.14
C PHE O 31 9.82 85.52 11.78
N ILE O 32 8.96 84.84 11.05
CA ILE O 32 9.20 83.42 10.77
C ILE O 32 10.40 83.24 9.87
N SER O 33 10.48 84.02 8.79
CA SER O 33 11.64 83.89 7.88
C SER O 33 12.93 84.26 8.59
N SER O 34 12.93 85.34 9.37
CA SER O 34 14.09 85.68 10.18
C SER O 34 14.43 84.56 11.16
N LEU O 35 13.43 83.79 11.60
CA LEU O 35 13.69 82.66 12.50
C LEU O 35 14.31 81.45 11.76
N LEU O 36 13.82 81.21 10.54
CA LEU O 36 14.33 80.10 9.74
C LEU O 36 15.78 80.35 9.32
N ASP O 37 16.13 81.63 9.09
CA ASP O 37 17.51 81.92 8.73
C ASP O 37 18.49 81.71 9.93
N ASP O 38 18.01 81.96 11.13
CA ASP O 38 18.81 81.79 12.34
C ASP O 38 17.96 81.18 13.43
N PRO O 39 17.85 79.85 13.49
CA PRO O 39 17.04 79.24 14.56
C PRO O 39 17.58 79.48 15.98
N SER O 40 18.89 79.69 16.12
CA SER O 40 19.50 80.01 17.41
C SER O 40 19.06 81.37 18.00
N GLN O 41 17.96 81.91 17.48
CA GLN O 41 17.35 83.12 17.95
C GLN O 41 15.87 82.94 18.29
N SER O 42 15.35 81.71 18.33
CA SER O 42 13.96 81.47 18.55
C SER O 42 13.42 82.20 19.78
N ALA O 43 14.11 82.09 20.90
CA ALA O 43 13.67 82.71 22.15
C ALA O 43 13.61 84.23 22.02
N ASN O 44 14.47 84.81 21.19
CA ASN O 44 14.53 86.26 21.08
C ASN O 44 13.37 86.82 20.26
N LEU O 45 13.24 86.34 19.01
CA LEU O 45 12.15 86.83 18.16
C LEU O 45 10.79 86.56 18.78
N LEU O 46 10.61 85.34 19.30
CA LEU O 46 9.38 85.01 20.01
C LEU O 46 9.07 86.00 21.12
N ALA O 47 10.11 86.50 21.79
CA ALA O 47 9.91 87.58 22.75
C ALA O 47 9.43 88.85 22.05
N GLU O 48 10.25 89.37 21.12
CA GLU O 48 9.93 90.64 20.47
C GLU O 48 8.66 90.54 19.59
N ALA O 49 8.30 89.31 19.21
CA ALA O 49 6.99 89.11 18.60
C ALA O 49 5.88 89.32 19.61
N LYS O 50 5.94 88.61 20.74
CA LYS O 50 4.90 88.72 21.77
C LYS O 50 4.70 90.19 22.19
N LYS O 51 5.82 90.83 22.58
CA LYS O 51 5.79 92.25 22.89
C LYS O 51 5.09 93.05 21.79
N LEU O 52 5.49 92.82 20.54
CA LEU O 52 4.88 93.56 19.44
C LEU O 52 3.37 93.33 19.40
N ASN O 53 2.96 92.05 19.53
CA ASN O 53 1.55 91.72 19.65
C ASN O 53 0.91 92.69 20.68
N GLN O 54 1.47 92.68 21.88
CA GLN O 54 0.96 93.50 22.96
C GLN O 54 0.78 94.95 22.55
N ILE O 55 1.81 95.56 21.96
CA ILE O 55 1.71 96.98 21.65
C ILE O 55 0.63 97.24 20.60
N GLN O 56 0.51 96.32 19.66
CA GLN O 56 -0.59 96.44 18.68
C GLN O 56 -1.96 96.45 19.35
N ALA O 57 -2.12 95.56 20.36
CA ALA O 57 -3.39 95.51 21.07
C ALA O 57 -3.80 96.88 21.66
N PHE O 58 -2.82 97.72 21.94
CA PHE O 58 -3.13 99.04 22.46
C PHE O 58 -3.42 100.05 21.37
N LYS O 59 -2.72 99.91 20.23
CA LYS O 59 -3.00 100.69 19.02
C LYS O 59 -4.52 100.74 18.73
N GLU O 60 -5.19 99.62 18.94
CA GLU O 60 -6.62 99.50 18.75
C GLU O 60 -7.42 100.63 19.44
N ALA O 61 -7.20 100.78 20.75
CA ALA O 61 -7.89 101.84 21.49
C ALA O 61 -7.58 103.20 20.87
N PHE O 62 -6.34 103.41 20.51
CA PHE O 62 -5.94 104.64 19.85
C PHE O 62 -6.73 104.89 18.58
N SER O 63 -6.86 103.86 17.75
CA SER O 63 -7.61 103.96 16.51
C SER O 63 -9.01 104.48 16.80
N LEU O 64 -9.58 104.08 17.93
CA LEU O 64 -10.94 104.52 18.28
C LEU O 64 -11.02 106.03 18.58
N PHE O 65 -9.98 106.59 19.16
CA PHE O 65 -10.03 108.03 19.40
C PHE O 65 -9.56 108.80 18.15
N ASP O 66 -8.65 108.19 17.37
CA ASP O 66 -7.97 108.88 16.26
C ASP O 66 -8.76 108.64 14.96
N LYS O 67 -9.94 109.26 14.91
CA LYS O 67 -10.93 109.00 13.86
C LYS O 67 -10.36 109.19 12.45
N ASP O 68 -9.50 110.18 12.23
CA ASP O 68 -8.94 110.43 10.92
C ASP O 68 -7.62 109.71 10.68
N GLY O 69 -7.15 108.92 11.64
CA GLY O 69 -6.01 108.05 11.45
C GLY O 69 -4.67 108.75 11.21
N ASP O 70 -4.56 110.03 11.59
CA ASP O 70 -3.34 110.76 11.32
C ASP O 70 -2.28 110.61 12.41
N GLY O 71 -2.52 109.73 13.37
CA GLY O 71 -1.53 109.42 14.39
C GLY O 71 -1.51 110.37 15.57
N THR O 72 -2.37 111.39 15.57
CA THR O 72 -2.45 112.31 16.70
C THR O 72 -3.91 112.53 17.06
N ILE O 73 -4.17 112.69 18.36
CA ILE O 73 -5.52 112.89 18.85
C ILE O 73 -5.72 114.36 19.24
N THR O 74 -6.80 114.94 18.75
CA THR O 74 -7.15 116.32 19.01
C THR O 74 -8.24 116.45 20.06
N THR O 75 -8.47 117.67 20.50
CA THR O 75 -9.62 117.99 21.34
C THR O 75 -10.92 117.66 20.62
N LYS O 76 -10.96 117.78 19.30
CA LYS O 76 -12.14 117.42 18.56
C LYS O 76 -12.44 115.91 18.59
N GLU O 77 -11.39 115.11 18.46
CA GLU O 77 -11.55 113.68 18.40
C GLU O 77 -11.83 113.15 19.79
N LEU O 78 -10.97 113.49 20.76
CA LEU O 78 -11.32 113.33 22.17
C LEU O 78 -12.76 113.68 22.39
N GLY O 79 -13.13 114.90 21.97
CA GLY O 79 -14.47 115.42 22.20
C GLY O 79 -15.56 114.49 21.67
N THR O 80 -15.44 114.05 20.44
CA THR O 80 -16.48 113.16 19.90
C THR O 80 -16.49 111.83 20.62
N VAL O 81 -15.38 111.36 21.17
CA VAL O 81 -15.41 110.13 21.96
C VAL O 81 -16.14 110.36 23.29
N MET O 82 -15.74 111.42 24.02
CA MET O 82 -16.44 111.76 25.26
C MET O 82 -17.95 111.94 25.03
N ARG O 83 -18.31 112.67 23.97
CA ARG O 83 -19.69 112.84 23.61
C ARG O 83 -20.34 111.56 23.19
N SER O 84 -19.58 110.62 22.62
CA SER O 84 -20.07 109.26 22.38
C SER O 84 -20.46 108.58 23.69
N LEU O 85 -19.74 108.87 24.77
CA LEU O 85 -20.14 108.31 26.06
C LEU O 85 -21.40 108.86 26.68
N GLY O 86 -22.16 109.71 25.97
CA GLY O 86 -23.27 110.43 26.60
C GLY O 86 -22.84 111.63 27.45
N GLN O 87 -21.56 111.98 27.43
CA GLN O 87 -21.04 113.13 28.11
C GLN O 87 -21.18 114.39 27.25
N ASN O 88 -20.88 115.54 27.81
CA ASN O 88 -20.91 116.79 27.07
C ASN O 88 -19.78 117.71 27.54
N PRO O 89 -18.53 117.38 27.17
CA PRO O 89 -17.41 118.18 27.64
C PRO O 89 -17.32 119.54 26.98
N THR O 90 -16.77 120.50 27.67
CA THR O 90 -16.49 121.80 27.09
C THR O 90 -15.06 121.81 26.54
N GLU O 91 -14.77 122.78 25.68
CA GLU O 91 -13.43 122.97 25.18
C GLU O 91 -12.45 123.27 26.32
N ALA O 92 -12.90 123.94 27.38
CA ALA O 92 -12.08 124.12 28.56
C ALA O 92 -11.76 122.78 29.23
N GLU O 93 -12.79 121.93 29.38
CA GLU O 93 -12.57 120.60 29.97
C GLU O 93 -11.62 119.76 29.12
N LEU O 94 -11.89 119.69 27.83
CA LEU O 94 -11.01 118.92 26.92
C LEU O 94 -9.59 119.47 26.96
N GLN O 95 -9.46 120.78 26.96
CA GLN O 95 -8.15 121.43 27.04
C GLN O 95 -7.41 121.09 28.33
N ASP O 96 -8.14 121.04 29.45
CA ASP O 96 -7.53 120.64 30.71
C ASP O 96 -7.08 119.18 30.66
N MET O 97 -7.94 118.30 30.19
CA MET O 97 -7.59 116.88 30.05
C MET O 97 -6.31 116.71 29.26
N ILE O 98 -6.20 117.37 28.10
CA ILE O 98 -4.98 117.26 27.30
C ILE O 98 -3.79 117.88 28.06
N ASN O 99 -4.00 119.04 28.67
CA ASN O 99 -2.94 119.73 29.38
C ASN O 99 -2.34 118.90 30.52
N GLU O 100 -3.13 117.99 31.09
CA GLU O 100 -2.65 117.22 32.25
C GLU O 100 -1.54 116.23 31.89
N VAL O 101 -1.52 115.75 30.65
CA VAL O 101 -0.54 114.74 30.22
C VAL O 101 0.30 115.22 29.04
N ASP O 102 0.10 116.46 28.58
CA ASP O 102 0.83 117.02 27.46
C ASP O 102 2.30 117.26 27.79
N ALA O 103 3.09 116.17 27.77
CA ALA O 103 4.50 116.25 28.18
C ALA O 103 5.29 117.25 27.35
N ASP O 104 4.97 117.33 26.06
CA ASP O 104 5.74 118.15 25.12
C ASP O 104 5.07 119.49 24.80
N GLY O 105 3.93 119.76 25.42
CA GLY O 105 3.24 121.03 25.24
C GLY O 105 2.86 121.40 23.81
N ASN O 106 2.56 120.40 22.97
CA ASN O 106 2.10 120.69 21.61
C ASN O 106 0.58 120.71 21.48
N GLY O 107 -0.14 120.44 22.57
CA GLY O 107 -1.59 120.59 22.60
C GLY O 107 -2.39 119.41 22.08
N THR O 108 -1.71 118.36 21.62
CA THR O 108 -2.36 117.14 21.14
C THR O 108 -1.77 115.96 21.91
N ILE O 109 -2.41 114.81 21.78
CA ILE O 109 -2.01 113.60 22.48
C ILE O 109 -1.38 112.63 21.52
N ASP O 110 -0.14 112.26 21.77
CA ASP O 110 0.51 111.25 20.96
C ASP O 110 0.29 109.87 21.59
N PHE O 111 1.04 108.88 21.10
CA PHE O 111 0.95 107.51 21.59
C PHE O 111 1.19 107.37 23.10
N PRO O 112 2.39 107.73 23.59
CA PRO O 112 2.62 107.53 25.02
C PRO O 112 1.61 108.29 25.87
N GLU O 113 1.49 109.60 25.68
CA GLU O 113 0.51 110.44 26.40
C GLU O 113 -0.85 109.76 26.50
N PHE O 114 -1.23 108.98 25.51
CA PHE O 114 -2.41 108.11 25.62
C PHE O 114 -2.15 106.97 26.57
N LEU O 115 -0.97 106.36 26.51
CA LEU O 115 -0.63 105.30 27.46
C LEU O 115 -0.64 105.84 28.91
N THR O 116 -0.12 107.04 29.10
CA THR O 116 -0.10 107.75 30.37
C THR O 116 -1.50 108.14 30.81
N MET O 117 -2.38 108.49 29.86
CA MET O 117 -3.75 108.78 30.20
C MET O 117 -4.41 107.55 30.76
N MET O 118 -4.22 106.40 30.10
CA MET O 118 -4.75 105.15 30.64
C MET O 118 -4.10 104.82 31.99
N ALA O 119 -2.82 105.18 32.13
CA ALA O 119 -2.10 104.92 33.37
C ALA O 119 -2.57 105.87 34.48
N ARG O 120 -2.77 107.14 34.13
CA ARG O 120 -3.26 108.12 35.10
C ARG O 120 -4.78 108.06 35.18
N LYS P 8 -15.53 25.20 79.12
CA LYS P 8 -15.17 26.57 78.73
C LYS P 8 -16.28 27.53 79.14
N GLU P 9 -17.51 27.11 78.87
CA GLU P 9 -18.67 27.97 79.15
C GLU P 9 -19.05 27.85 80.60
N THR P 10 -18.78 26.71 81.25
CA THR P 10 -18.95 26.58 82.68
C THR P 10 -18.13 27.63 83.43
N GLN P 11 -16.95 27.95 82.89
CA GLN P 11 -16.09 28.96 83.53
C GLN P 11 -16.66 30.35 83.31
N GLU P 12 -17.01 30.70 82.07
CA GLU P 12 -17.59 32.02 81.80
C GLU P 12 -18.84 32.26 82.64
N ALA P 13 -19.73 31.24 82.69
CA ALA P 13 -20.82 31.26 83.66
C ALA P 13 -20.33 31.50 85.08
N SER P 14 -19.29 30.76 85.47
CA SER P 14 -18.81 30.84 86.87
C SER P 14 -18.36 32.27 87.24
N TRP P 15 -17.76 32.97 86.29
CA TRP P 15 -17.32 34.32 86.57
C TRP P 15 -18.44 35.32 86.48
N GLU P 16 -19.36 35.13 85.52
CA GLU P 16 -20.50 36.04 85.40
C GLU P 16 -21.40 35.96 86.66
N ILE P 17 -21.60 34.77 87.17
CA ILE P 17 -22.33 34.61 88.42
C ILE P 17 -21.50 35.18 89.57
N PHE P 18 -20.17 34.99 89.51
CA PHE P 18 -19.33 35.47 90.61
C PHE P 18 -19.33 36.98 90.75
N THR P 19 -19.37 37.68 89.63
CA THR P 19 -19.25 39.13 89.62
C THR P 19 -20.56 39.87 89.81
N LEU P 20 -21.65 39.15 90.02
CA LEU P 20 -22.96 39.80 90.22
C LEU P 20 -22.84 40.66 91.51
N PRO P 21 -23.15 41.96 91.40
CA PRO P 21 -22.85 42.89 92.47
C PRO P 21 -23.62 42.69 93.79
N ASN P 22 -24.79 42.10 93.74
CA ASN P 22 -25.66 42.08 94.92
C ASN P 22 -25.85 40.69 95.48
N LEU P 23 -24.77 39.94 95.62
CA LEU P 23 -24.81 38.57 96.19
C LEU P 23 -23.63 38.39 97.11
N ASN P 24 -23.81 37.63 98.19
CA ASN P 24 -22.72 37.33 99.08
C ASN P 24 -21.97 36.07 98.61
N GLY P 25 -20.89 35.76 99.32
CA GLY P 25 -20.07 34.63 98.99
C GLY P 25 -20.76 33.28 99.09
N ARG P 26 -21.69 33.13 100.05
CA ARG P 26 -22.31 31.84 100.27
C ARG P 26 -23.18 31.42 99.10
N GLN P 27 -23.95 32.34 98.57
CA GLN P 27 -24.86 32.02 97.47
C GLN P 27 -24.11 31.78 96.17
N VAL P 28 -23.13 32.65 95.86
CA VAL P 28 -22.32 32.42 94.67
C VAL P 28 -21.56 31.10 94.80
N ALA P 29 -21.11 30.77 96.01
CA ALA P 29 -20.38 29.53 96.22
C ALA P 29 -21.26 28.31 96.02
N ALA P 30 -22.46 28.35 96.60
CA ALA P 30 -23.46 27.29 96.39
C ALA P 30 -23.71 27.10 94.91
N PHE P 31 -23.99 28.18 94.20
CA PHE P 31 -24.19 28.11 92.75
C PHE P 31 -22.99 27.52 92.03
N ILE P 32 -21.79 27.99 92.35
CA ILE P 32 -20.55 27.48 91.76
C ILE P 32 -20.46 25.94 91.93
N SER P 33 -20.91 25.45 93.10
CA SER P 33 -21.00 24.02 93.29
C SER P 33 -22.00 23.40 92.30
N SER P 34 -23.19 24.00 92.23
CA SER P 34 -24.23 23.46 91.36
C SER P 34 -23.78 23.46 89.87
N LEU P 35 -22.94 24.41 89.51
CA LEU P 35 -22.47 24.55 88.14
C LEU P 35 -21.33 23.61 87.87
N LEU P 36 -20.45 23.35 88.85
CA LEU P 36 -19.39 22.37 88.63
C LEU P 36 -19.97 20.97 88.52
N ASP P 37 -21.02 20.70 89.27
CA ASP P 37 -21.66 19.39 89.14
C ASP P 37 -22.47 19.29 87.86
N ASP P 38 -22.93 20.41 87.30
CA ASP P 38 -23.77 20.41 86.10
C ASP P 38 -23.32 21.51 85.14
N PRO P 39 -22.38 21.19 84.24
CA PRO P 39 -22.14 22.06 83.10
C PRO P 39 -23.34 22.17 82.13
N SER P 40 -24.32 21.30 82.24
CA SER P 40 -25.47 21.25 81.34
C SER P 40 -26.56 22.22 81.78
N GLN P 41 -26.86 22.28 83.08
CA GLN P 41 -27.82 23.23 83.63
C GLN P 41 -27.18 24.57 83.97
N SER P 42 -26.69 25.21 82.93
CA SER P 42 -25.89 26.46 83.10
C SER P 42 -26.76 27.70 82.92
N ALA P 43 -27.07 28.03 81.67
CA ALA P 43 -27.74 29.28 81.34
C ALA P 43 -29.07 29.50 82.06
N ASN P 44 -29.71 28.43 82.44
CA ASN P 44 -30.91 28.47 83.30
C ASN P 44 -30.57 28.70 84.74
N LEU P 45 -29.62 27.94 85.28
CA LEU P 45 -29.06 28.23 86.61
C LEU P 45 -28.49 29.66 86.62
N LEU P 46 -27.72 29.99 85.60
CA LEU P 46 -27.21 31.35 85.43
C LEU P 46 -28.34 32.38 85.44
N ALA P 47 -29.45 32.06 84.76
CA ALA P 47 -30.56 32.97 84.67
C ALA P 47 -31.21 33.23 86.03
N GLU P 48 -31.54 32.16 86.74
CA GLU P 48 -32.22 32.32 88.03
C GLU P 48 -31.28 32.89 89.07
N ALA P 49 -29.97 32.66 88.93
CA ALA P 49 -29.00 33.32 89.80
C ALA P 49 -28.99 34.85 89.59
N LYS P 50 -28.85 35.25 88.33
CA LYS P 50 -28.94 36.68 88.00
C LYS P 50 -30.24 37.30 88.53
N LYS P 51 -31.37 36.73 88.21
CA LYS P 51 -32.63 37.26 88.75
C LYS P 51 -32.61 37.36 90.24
N LEU P 52 -32.17 36.30 90.92
CA LEU P 52 -31.99 36.36 92.39
C LEU P 52 -31.17 37.60 92.80
N ASN P 53 -30.16 37.89 92.05
CA ASN P 53 -29.45 39.17 92.22
C ASN P 53 -30.38 40.35 92.10
N GLN P 54 -31.25 40.34 91.11
CA GLN P 54 -32.24 41.43 90.95
C GLN P 54 -33.05 41.57 92.28
N ILE P 55 -33.53 40.46 92.84
CA ILE P 55 -34.33 40.54 94.03
C ILE P 55 -33.51 41.08 95.21
N GLN P 56 -32.26 40.63 95.35
CA GLN P 56 -31.41 41.09 96.44
C GLN P 56 -31.21 42.60 96.39
N ALA P 57 -30.87 43.12 95.24
CA ALA P 57 -30.67 44.59 95.11
C ALA P 57 -31.99 45.30 95.38
N PHE P 58 -33.10 44.76 94.91
CA PHE P 58 -34.40 45.31 95.24
C PHE P 58 -34.60 45.34 96.77
N LYS P 59 -34.12 44.33 97.47
CA LYS P 59 -34.19 44.28 98.92
C LYS P 59 -33.50 45.50 99.48
N GLU P 60 -32.26 45.75 99.04
CA GLU P 60 -31.48 46.89 99.56
C GLU P 60 -32.24 48.20 99.34
N ALA P 61 -32.60 48.49 98.09
CA ALA P 61 -33.23 49.78 97.77
C ALA P 61 -34.49 49.99 98.60
N PHE P 62 -35.31 48.92 98.68
CA PHE P 62 -36.51 48.98 99.47
C PHE P 62 -36.22 49.28 100.91
N SER P 63 -35.22 48.59 101.47
CA SER P 63 -34.81 48.88 102.85
C SER P 63 -34.55 50.37 103.06
N LEU P 64 -33.92 51.00 102.07
CA LEU P 64 -33.69 52.44 102.18
C LEU P 64 -34.96 53.25 101.95
N PHE P 65 -36.04 52.60 101.52
CA PHE P 65 -37.31 53.28 101.35
C PHE P 65 -38.26 53.09 102.54
N ASP P 66 -37.95 52.16 103.42
CA ASP P 66 -38.69 51.92 104.70
C ASP P 66 -38.00 52.63 105.89
N LYS P 67 -38.28 53.91 106.09
CA LYS P 67 -37.54 54.75 107.01
C LYS P 67 -37.40 54.20 108.42
N ASP P 68 -38.45 53.58 108.96
CA ASP P 68 -38.36 53.08 110.35
C ASP P 68 -37.94 51.62 110.43
N GLY P 69 -37.67 51.01 109.28
CA GLY P 69 -37.12 49.66 109.23
C GLY P 69 -38.02 48.55 109.72
N ASP P 70 -39.33 48.79 109.79
CA ASP P 70 -40.23 47.79 110.36
C ASP P 70 -40.73 46.77 109.33
N GLY P 71 -40.18 46.81 108.13
CA GLY P 71 -40.52 45.82 107.11
C GLY P 71 -41.78 46.12 106.33
N THR P 72 -42.48 47.21 106.64
CA THR P 72 -43.68 47.57 105.89
C THR P 72 -43.63 49.05 105.58
N ILE P 73 -44.20 49.42 104.44
CA ILE P 73 -44.21 50.80 103.99
C ILE P 73 -45.60 51.40 104.09
N THR P 74 -45.67 52.56 104.72
CA THR P 74 -46.92 53.27 104.92
C THR P 74 -47.04 54.43 103.95
N THR P 75 -48.23 54.99 103.93
CA THR P 75 -48.51 56.20 103.16
C THR P 75 -47.60 57.37 103.57
N LYS P 76 -47.25 57.45 104.83
CA LYS P 76 -46.35 58.54 105.24
C LYS P 76 -44.95 58.31 104.80
N GLU P 77 -44.48 57.08 104.85
CA GLU P 77 -43.11 56.81 104.38
C GLU P 77 -43.01 57.05 102.86
N LEU P 78 -43.97 56.47 102.14
CA LEU P 78 -44.19 56.75 100.74
C LEU P 78 -44.11 58.23 100.54
N GLY P 79 -45.07 58.91 101.14
CA GLY P 79 -45.19 60.36 101.22
C GLY P 79 -43.90 61.06 101.47
N THR P 80 -43.09 60.54 102.40
CA THR P 80 -41.80 61.15 102.66
C THR P 80 -40.92 61.15 101.39
N VAL P 81 -40.84 59.97 100.75
CA VAL P 81 -40.04 59.88 99.54
C VAL P 81 -40.63 60.73 98.39
N MET P 82 -41.92 60.61 98.16
CA MET P 82 -42.59 61.41 97.12
C MET P 82 -42.35 62.90 97.34
N ARG P 83 -42.55 63.37 98.57
CA ARG P 83 -42.29 64.77 98.86
C ARG P 83 -40.80 65.11 98.66
N SER P 84 -39.94 64.17 99.06
CA SER P 84 -38.51 64.38 98.93
C SER P 84 -38.08 64.53 97.49
N LEU P 85 -38.68 63.76 96.59
CA LEU P 85 -38.38 63.90 95.17
C LEU P 85 -39.12 65.09 94.54
N GLY P 86 -39.28 66.18 95.26
CA GLY P 86 -39.86 67.40 94.75
C GLY P 86 -41.37 67.38 94.52
N GLN P 87 -42.03 66.28 94.91
CA GLN P 87 -43.46 66.15 94.67
C GLN P 87 -44.22 66.56 95.93
N ASN P 88 -45.54 66.64 95.81
CA ASN P 88 -46.41 67.00 96.93
C ASN P 88 -47.69 66.17 96.87
N PRO P 89 -47.59 64.88 97.20
CA PRO P 89 -48.78 64.03 97.10
C PRO P 89 -49.80 64.32 98.19
N THR P 90 -51.07 64.05 97.84
CA THR P 90 -52.14 64.17 98.79
C THR P 90 -52.35 62.84 99.51
N GLU P 91 -53.08 62.89 100.62
CA GLU P 91 -53.36 61.64 101.35
C GLU P 91 -54.09 60.62 100.44
N ALA P 92 -55.04 61.14 99.67
CA ALA P 92 -55.82 60.29 98.77
C ALA P 92 -54.96 59.66 97.67
N GLU P 93 -54.01 60.42 97.13
CA GLU P 93 -53.10 59.87 96.11
C GLU P 93 -52.26 58.73 96.67
N LEU P 94 -51.66 58.94 97.84
CA LEU P 94 -50.87 57.89 98.48
C LEU P 94 -51.70 56.64 98.72
N GLN P 95 -52.94 56.85 99.20
CA GLN P 95 -53.83 55.71 99.49
C GLN P 95 -54.20 54.97 98.21
N ASP P 96 -54.45 55.69 97.11
CA ASP P 96 -54.71 55.04 95.83
C ASP P 96 -53.52 54.18 95.39
N MET P 97 -52.32 54.79 95.43
CA MET P 97 -51.10 54.05 95.06
C MET P 97 -51.02 52.72 95.84
N ILE P 98 -51.20 52.76 97.15
CA ILE P 98 -51.10 51.54 97.92
C ILE P 98 -52.23 50.57 97.59
N ASN P 99 -53.44 51.10 97.48
CA ASN P 99 -54.63 50.30 97.15
C ASN P 99 -54.50 49.53 95.85
N GLU P 100 -53.71 50.06 94.89
CA GLU P 100 -53.61 49.41 93.59
C GLU P 100 -52.90 48.04 93.67
N VAL P 101 -52.01 47.87 94.64
CA VAL P 101 -51.20 46.66 94.75
C VAL P 101 -51.38 45.96 96.10
N ASP P 102 -52.24 46.49 96.97
CA ASP P 102 -52.48 45.94 98.30
C ASP P 102 -53.21 44.60 98.21
N ALA P 103 -52.47 43.54 97.89
CA ALA P 103 -53.05 42.22 97.68
C ALA P 103 -53.83 41.72 98.90
N ASP P 104 -53.33 42.03 100.09
CA ASP P 104 -53.89 41.52 101.33
C ASP P 104 -54.79 42.53 102.06
N GLY P 105 -54.97 43.70 101.48
CA GLY P 105 -55.84 44.72 102.06
C GLY P 105 -55.52 45.16 103.47
N ASN P 106 -54.24 45.15 103.86
CA ASN P 106 -53.86 45.66 105.18
C ASN P 106 -53.44 47.14 105.15
N GLY P 107 -53.41 47.76 103.97
CA GLY P 107 -53.18 49.19 103.87
C GLY P 107 -51.74 49.63 103.83
N THR P 108 -50.80 48.69 103.95
CA THR P 108 -49.37 48.97 103.88
C THR P 108 -48.77 48.09 102.79
N ILE P 109 -47.52 48.39 102.44
CA ILE P 109 -46.83 47.69 101.37
C ILE P 109 -45.76 46.80 101.97
N ASP P 110 -45.84 45.51 101.70
CA ASP P 110 -44.78 44.61 102.12
C ASP P 110 -43.76 44.51 100.98
N PHE P 111 -42.86 43.55 101.10
CA PHE P 111 -41.82 43.29 100.12
C PHE P 111 -42.36 43.05 98.69
N PRO P 112 -43.13 41.96 98.49
CA PRO P 112 -43.54 41.66 97.12
C PRO P 112 -44.35 42.82 96.55
N GLU P 113 -45.47 43.20 97.19
CA GLU P 113 -46.33 44.29 96.72
C GLU P 113 -45.54 45.47 96.19
N PHE P 114 -44.40 45.77 96.84
CA PHE P 114 -43.48 46.75 96.28
C PHE P 114 -42.91 46.27 94.95
N LEU P 115 -42.51 44.99 94.89
CA LEU P 115 -42.08 44.48 93.58
C LEU P 115 -43.22 44.58 92.53
N THR P 116 -44.47 44.40 92.98
CA THR P 116 -45.61 44.49 92.10
C THR P 116 -45.90 45.91 91.64
N MET P 117 -45.67 46.87 92.53
CA MET P 117 -45.68 48.28 92.14
C MET P 117 -44.68 48.52 91.00
N MET P 118 -43.48 47.96 91.13
CA MET P 118 -42.50 48.18 90.08
C MET P 118 -42.89 47.49 88.78
N ALA P 119 -43.40 46.27 88.87
CA ALA P 119 -43.85 45.51 87.68
C ALA P 119 -44.96 46.26 86.92
#